data_8UA9
#
_entry.id   8UA9
#
_cell.length_a   1.00
_cell.length_b   1.00
_cell.length_c   1.00
_cell.angle_alpha   90.00
_cell.angle_beta   90.00
_cell.angle_gamma   90.00
#
_symmetry.space_group_name_H-M   'P 1'
#
loop_
_entity.id
_entity.type
_entity.pdbx_description
1 polymer 'Envelope glycoprotein E1'
2 polymer 'Structural polyprotein'
3 polymer 'Structural polyprotein'
4 polymer 'Capsid protein'
5 non-polymer 2-acetamido-2-deoxy-beta-D-glucopyranose
#
loop_
_entity_poly.entity_id
_entity_poly.type
_entity_poly.pdbx_seq_one_letter_code
_entity_poly.pdbx_strand_id
1 'polypeptide(L)'
;YEHTAVMPNKVGIPYKALVERPGYAPVHLQIQLVNTRIIPSTNLEYITCKYKTKVPSPVVKCCGATQCTSKPHPDYQCQV
FSGVYPFMWGGAYCFCDTENTQMSEAYVERSEECSIDHAKAYKVHTGTVQAMVNITYGSVSWRSADVYVNGETPAKIGDA
KLIIGPLSSAWSPFDNKVVVYGHEVYNYDFPEYGTGKAGSFGDLQSRTSTSNDLYANTNLKLQRPQAGIVHTPFTQVPSG
FERWKKDKGAPLNDVAPFGCSIALEPLRAENCAVGSIPISIDIPDAAFTRISETPTVSDLECKITECTYAFDFGGIATVA
YKSSKAGNCPIHSPSGVAVIKENDVTLAESGSFTFHFSTANIHPAFKLQVCTSAVTCKGDCKPPKDHIVDYPAQHTESFT
SAISATAWSWIKVLVGGTSAFIVLGLIATAVVALVLFFHRH
;
A,E,I,M
2 'polypeptide(L)'
;DLDTHFTQYKLARPYIADCPNCGHSRCDSPIAIEEVRGDAHAGVIRIQTSAMFGLKTDGVDLAYMSFMNGKTQKSIKIDN
LHVRTSAPCSLVSHHGYYILAQCPPGDTVTVGFHDGPNRHTCTVAHKVEFRPVGREKYRHPPEHGVELPCNRYTHKRADQ
GHYVEMHQPGLVADHSLLSIHSAKVKITVPSGAQVKYYCKCPDVRKGITSSDHTTTCTDVKQCRAYLIDNKKWVYNSGRL
PRGEGDTFKGKLHVPFVPVKAKCIATLAPEPLVEHKHRTLILHLHPDHPTLLTTRSLGSDANPTRQWIERPTTVNFTVTG
EGLEYTWGNHPPKRVWAQESGEGNPHGWPHEVVVYYYNRYPLTTIIGLCTCVAIIMVSCVTSVWLLCRTRNLCITPYKLA
PNAQVPILLALLCCIKPT
;
B,F,J,N
3 'polypeptide(L)' TVMCVLANITFPCDQPPCMPCCYEKNPHETLTMLEQNYDSRAYDQLLDAAVKCN C,G,K,O
4 'polypeptide(L)'
;MFPYPTLNYPPMAPINPMAYRDPNPPRRRWRPFRPPLAAQIEDLRRSIANLTLKQRAPNPPAGPPAKRKKPAPSLSLRRK
KKRPPPPAKKQKRKPKPGKRQRMCMKLESDKTFPIMLNGQVNGYACVVGGRVFKPLHVEGRIDNEQLAAIKLKKASIYDL
EYGDVPQCMKSDTLQYTSDKPPGFYNWHHGAVQYENNRFTVPRGVGGKGDSGRPILDNKGRVVAIVLGGVNEGSRTALSV
VTWNQKGVTVKDTPEGSEPW
;
D,H,L,P
#
loop_
_chem_comp.id
_chem_comp.type
_chem_comp.name
_chem_comp.formula
NAG D-saccharide, beta linking 2-acetamido-2-deoxy-beta-D-glucopyranose 'C8 H15 N O6'
#
# COMPACT_ATOMS: atom_id res chain seq x y z
N TYR A 1 -48.78 38.68 58.71
CA TYR A 1 -47.54 38.97 59.46
C TYR A 1 -46.29 38.56 58.72
N GLU A 2 -45.40 39.52 58.53
CA GLU A 2 -44.36 39.37 57.54
C GLU A 2 -43.31 38.37 58.05
N HIS A 3 -42.73 37.64 57.12
CA HIS A 3 -41.66 36.69 57.44
C HIS A 3 -40.77 36.51 56.22
N THR A 4 -39.53 36.97 56.31
CA THR A 4 -38.57 36.86 55.22
C THR A 4 -37.67 35.68 55.49
N ALA A 5 -37.18 35.09 54.42
CA ALA A 5 -36.23 34.00 54.55
C ALA A 5 -35.62 33.73 53.19
N VAL A 6 -34.74 32.75 53.14
CA VAL A 6 -34.10 32.33 51.90
C VAL A 6 -34.15 30.82 51.85
N MET A 7 -34.59 30.28 50.73
CA MET A 7 -34.71 28.85 50.55
C MET A 7 -33.98 28.41 49.29
N PRO A 8 -33.51 27.17 49.23
CA PRO A 8 -32.89 26.71 47.99
C PRO A 8 -33.89 26.61 46.87
N ASN A 9 -33.37 26.65 45.65
CA ASN A 9 -34.15 26.56 44.44
C ASN A 9 -34.47 25.13 44.06
N LYS A 10 -34.30 24.18 44.96
CA LYS A 10 -34.62 22.81 44.68
C LYS A 10 -36.12 22.57 44.73
N VAL A 11 -36.61 21.77 43.78
CA VAL A 11 -38.03 21.49 43.66
C VAL A 11 -38.33 20.19 44.38
N GLY A 12 -39.34 20.21 45.24
CA GLY A 12 -39.77 19.05 45.96
C GLY A 12 -39.27 18.93 47.38
N ILE A 13 -38.20 19.65 47.75
CA ILE A 13 -37.70 19.65 49.11
C ILE A 13 -38.39 20.78 49.86
N PRO A 14 -39.25 20.51 50.84
CA PRO A 14 -39.98 21.60 51.48
C PRO A 14 -39.09 22.43 52.38
N TYR A 15 -39.23 23.75 52.25
CA TYR A 15 -38.61 24.68 53.17
C TYR A 15 -39.53 24.86 54.35
N LYS A 16 -39.05 24.55 55.54
CA LYS A 16 -39.82 24.63 56.75
C LYS A 16 -39.28 25.76 57.61
N ALA A 17 -40.16 26.38 58.37
CA ALA A 17 -39.77 27.46 59.26
C ALA A 17 -40.79 27.57 60.37
N LEU A 18 -40.43 28.24 61.43
CA LEU A 18 -41.33 28.52 62.54
C LEU A 18 -41.52 30.03 62.57
N VAL A 19 -42.68 30.49 62.12
CA VAL A 19 -42.99 31.90 62.12
C VAL A 19 -43.36 32.27 63.54
N GLU A 20 -42.53 33.08 64.16
CA GLU A 20 -42.67 33.48 65.55
C GLU A 20 -43.17 34.91 65.61
N ARG A 21 -44.23 35.13 66.38
CA ARG A 21 -44.82 36.43 66.59
C ARG A 21 -44.75 36.73 68.07
N PRO A 22 -44.20 37.87 68.49
CA PRO A 22 -44.16 38.17 69.91
C PRO A 22 -45.54 38.21 70.52
N GLY A 23 -45.72 37.40 71.54
CA GLY A 23 -46.97 37.30 72.24
C GLY A 23 -47.92 36.26 71.74
N TYR A 24 -47.64 35.62 70.60
CA TYR A 24 -48.49 34.56 70.10
C TYR A 24 -47.63 33.33 69.84
N ALA A 25 -48.27 32.17 69.92
CA ALA A 25 -47.57 30.92 69.75
C ALA A 25 -47.04 30.80 68.33
N PRO A 26 -45.93 30.11 68.12
CA PRO A 26 -45.37 30.01 66.78
C PRO A 26 -46.30 29.24 65.86
N VAL A 27 -46.26 29.57 64.58
CA VAL A 27 -47.00 28.84 63.55
C VAL A 27 -46.00 28.19 62.64
N HIS A 28 -46.20 26.92 62.35
CA HIS A 28 -45.31 26.17 61.49
C HIS A 28 -45.60 26.48 60.04
N LEU A 29 -44.57 26.83 59.28
CA LEU A 29 -44.68 27.20 57.88
C LEU A 29 -43.94 26.22 57.02
N GLN A 30 -44.57 25.80 55.93
CA GLN A 30 -43.98 24.88 54.96
C GLN A 30 -44.24 25.42 53.57
N ILE A 31 -43.20 25.88 52.90
CA ILE A 31 -43.26 26.37 51.52
C ILE A 31 -42.48 25.41 50.64
N GLN A 32 -43.13 24.86 49.64
CA GLN A 32 -42.57 23.87 48.74
C GLN A 32 -42.78 24.31 47.31
N LEU A 33 -41.84 24.02 46.45
CA LEU A 33 -41.88 24.40 45.05
C LEU A 33 -42.31 23.20 44.24
N VAL A 34 -43.49 23.27 43.62
CA VAL A 34 -43.90 22.21 42.71
C VAL A 34 -43.08 22.26 41.43
N ASN A 35 -42.89 23.45 40.87
CA ASN A 35 -42.02 23.59 39.70
C ASN A 35 -41.57 25.04 39.58
N THR A 36 -40.50 25.26 38.83
CA THR A 36 -39.96 26.58 38.57
C THR A 36 -39.60 26.68 37.11
N ARG A 37 -40.21 27.63 36.42
CA ARG A 37 -40.11 27.78 34.98
C ARG A 37 -39.33 29.03 34.64
N ILE A 38 -38.21 28.87 33.95
CA ILE A 38 -37.53 30.00 33.33
C ILE A 38 -38.10 30.12 31.94
N ILE A 39 -38.92 31.14 31.70
CA ILE A 39 -39.67 31.25 30.46
C ILE A 39 -39.09 32.42 29.69
N PRO A 40 -38.18 32.22 28.76
CA PRO A 40 -37.53 33.36 28.11
C PRO A 40 -38.35 33.95 26.98
N SER A 41 -37.95 35.15 26.60
CA SER A 41 -38.62 35.92 25.56
C SER A 41 -37.98 35.59 24.22
N THR A 42 -38.70 34.84 23.40
CA THR A 42 -38.23 34.40 22.10
C THR A 42 -38.71 35.34 21.01
N ASN A 43 -37.97 35.37 19.92
CA ASN A 43 -38.34 36.13 18.73
C ASN A 43 -38.01 35.28 17.52
N LEU A 44 -39.04 34.92 16.75
CA LEU A 44 -38.81 34.06 15.60
C LEU A 44 -38.05 34.80 14.53
N GLU A 45 -36.96 34.20 14.07
CA GLU A 45 -36.14 34.75 13.01
C GLU A 45 -36.53 34.19 11.66
N TYR A 46 -36.55 32.87 11.52
CA TYR A 46 -36.99 32.25 10.27
C TYR A 46 -37.39 30.81 10.55
N ILE A 47 -37.82 30.15 9.48
CA ILE A 47 -38.28 28.77 9.50
C ILE A 47 -37.54 28.03 8.40
N THR A 48 -37.04 26.85 8.71
CA THR A 48 -36.35 25.99 7.74
C THR A 48 -37.12 24.70 7.55
N CYS A 49 -37.17 24.23 6.32
CA CYS A 49 -37.74 22.91 6.04
C CYS A 49 -37.21 22.41 4.72
N LYS A 50 -37.62 21.22 4.33
CA LYS A 50 -37.23 20.70 3.05
C LYS A 50 -37.86 21.52 1.94
N TYR A 51 -37.19 21.54 0.80
CA TYR A 51 -37.67 22.26 -0.36
C TYR A 51 -38.35 21.32 -1.32
N LYS A 52 -39.11 21.89 -2.23
CA LYS A 52 -39.68 21.19 -3.36
C LYS A 52 -39.33 22.01 -4.60
N THR A 53 -38.51 21.48 -5.46
CA THR A 53 -38.16 22.16 -6.68
C THR A 53 -39.31 22.02 -7.66
N LYS A 54 -40.14 23.05 -7.75
CA LYS A 54 -41.22 23.04 -8.72
C LYS A 54 -40.67 23.29 -10.10
N VAL A 55 -40.98 22.38 -11.00
CA VAL A 55 -40.49 22.36 -12.37
C VAL A 55 -41.66 22.53 -13.32
N PRO A 56 -41.99 23.74 -13.74
CA PRO A 56 -43.11 23.89 -14.67
C PRO A 56 -42.84 23.25 -16.01
N SER A 57 -43.88 23.20 -16.80
CA SER A 57 -43.83 22.55 -18.09
C SER A 57 -42.89 23.30 -19.03
N PRO A 58 -41.96 22.62 -19.70
CA PRO A 58 -41.08 23.34 -20.60
C PRO A 58 -41.82 23.90 -21.80
N VAL A 59 -41.32 25.03 -22.30
CA VAL A 59 -41.86 25.65 -23.49
C VAL A 59 -41.02 25.16 -24.66
N VAL A 60 -41.60 24.35 -25.54
CA VAL A 60 -40.90 23.89 -26.73
C VAL A 60 -41.39 24.73 -27.89
N LYS A 61 -40.50 25.57 -28.41
CA LYS A 61 -40.75 26.32 -29.64
C LYS A 61 -40.15 25.53 -30.78
N CYS A 62 -40.98 25.23 -31.77
CA CYS A 62 -40.58 24.26 -32.78
C CYS A 62 -39.49 24.79 -33.68
N CYS A 63 -39.73 25.90 -34.36
CA CYS A 63 -38.74 26.48 -35.27
C CYS A 63 -38.36 27.91 -34.91
N GLY A 64 -38.38 28.23 -33.61
CA GLY A 64 -37.98 29.53 -33.16
C GLY A 64 -37.12 29.43 -31.92
N ALA A 65 -36.49 30.53 -31.59
CA ALA A 65 -35.62 30.64 -30.44
C ALA A 65 -36.28 31.63 -29.49
N THR A 66 -36.85 31.10 -28.43
CA THR A 66 -37.42 31.86 -27.33
C THR A 66 -36.39 31.93 -26.22
N GLN A 67 -36.34 33.05 -25.50
CA GLN A 67 -35.26 33.26 -24.54
C GLN A 67 -35.78 33.55 -23.13
N CYS A 68 -34.86 33.42 -22.19
CA CYS A 68 -35.17 33.48 -20.77
C CYS A 68 -35.63 34.85 -20.32
N THR A 69 -36.52 34.84 -19.33
CA THR A 69 -37.05 36.04 -18.73
C THR A 69 -37.07 35.85 -17.21
N SER A 70 -36.21 36.59 -16.53
CA SER A 70 -36.05 36.43 -15.09
C SER A 70 -37.35 36.74 -14.36
N LYS A 71 -37.76 35.81 -13.50
CA LYS A 71 -38.96 35.90 -12.71
C LYS A 71 -38.62 35.98 -11.23
N PRO A 72 -39.44 36.65 -10.43
CA PRO A 72 -39.12 36.82 -9.03
C PRO A 72 -39.29 35.59 -8.13
N HIS A 73 -38.54 34.51 -8.36
CA HIS A 73 -38.76 33.26 -7.64
C HIS A 73 -37.46 32.76 -7.01
N PRO A 74 -37.52 32.09 -5.86
CA PRO A 74 -36.31 31.48 -5.28
C PRO A 74 -35.62 30.46 -6.17
N ASP A 75 -34.35 30.71 -6.49
CA ASP A 75 -33.62 29.86 -7.44
C ASP A 75 -34.36 29.70 -8.75
N TYR A 76 -34.87 30.79 -9.24
CA TYR A 76 -35.42 30.72 -10.58
C TYR A 76 -34.26 30.57 -11.52
N GLN A 77 -34.28 29.48 -12.26
CA GLN A 77 -33.31 29.20 -13.29
C GLN A 77 -34.12 28.93 -14.53
N CYS A 78 -33.72 29.59 -15.62
CA CYS A 78 -34.29 29.39 -16.95
C CYS A 78 -33.17 29.21 -17.96
N GLN A 79 -33.29 28.18 -18.77
CA GLN A 79 -32.30 27.85 -19.78
C GLN A 79 -33.01 27.48 -21.07
N VAL A 80 -32.38 27.79 -22.19
CA VAL A 80 -33.02 27.89 -23.49
C VAL A 80 -32.42 26.83 -24.42
N PHE A 81 -31.98 25.71 -23.85
CA PHE A 81 -31.25 24.66 -24.59
C PHE A 81 -31.84 24.41 -25.97
N SER A 82 -30.95 24.44 -26.97
CA SER A 82 -31.27 24.57 -28.37
C SER A 82 -31.01 23.27 -29.10
N GLY A 83 -31.62 23.15 -30.27
CA GLY A 83 -31.44 21.97 -31.09
C GLY A 83 -31.89 20.69 -30.44
N VAL A 84 -33.01 20.74 -29.74
CA VAL A 84 -33.65 19.58 -29.17
C VAL A 84 -34.78 19.17 -30.08
N TYR A 85 -34.77 17.91 -30.51
CA TYR A 85 -35.78 17.36 -31.40
C TYR A 85 -36.64 16.39 -30.59
N PRO A 86 -37.67 16.87 -29.90
CA PRO A 86 -38.51 15.99 -29.09
C PRO A 86 -39.26 14.93 -29.86
N PHE A 87 -39.23 13.71 -29.35
CA PHE A 87 -40.18 12.69 -29.74
C PHE A 87 -41.02 12.37 -28.52
N MET A 88 -42.32 12.29 -28.72
CA MET A 88 -43.26 11.82 -27.72
C MET A 88 -44.36 11.13 -28.50
N TRP A 89 -45.26 10.45 -27.79
CA TRP A 89 -46.00 9.32 -28.33
C TRP A 89 -46.60 9.54 -29.72
N GLY A 90 -46.95 10.78 -30.07
CA GLY A 90 -47.32 11.05 -31.45
C GLY A 90 -46.11 11.07 -32.37
N GLY A 91 -44.95 11.44 -31.86
CA GLY A 91 -43.70 10.93 -32.39
C GLY A 91 -42.68 11.94 -32.86
N ALA A 92 -43.12 13.02 -33.46
CA ALA A 92 -42.24 13.84 -34.27
C ALA A 92 -42.43 15.31 -33.93
N TYR A 93 -42.51 15.63 -32.65
CA TYR A 93 -43.15 16.82 -32.13
C TYR A 93 -42.90 18.12 -32.91
N CYS A 94 -41.68 18.35 -33.40
CA CYS A 94 -41.40 19.58 -34.13
C CYS A 94 -40.70 19.30 -35.46
N PHE A 95 -40.93 20.19 -36.43
CA PHE A 95 -40.48 19.94 -37.80
C PHE A 95 -38.98 20.06 -38.00
N CYS A 96 -38.41 21.22 -37.73
CA CYS A 96 -36.97 21.40 -37.94
C CYS A 96 -36.11 20.43 -37.17
N ASP A 97 -35.24 19.74 -37.90
CA ASP A 97 -34.32 18.78 -37.29
C ASP A 97 -33.49 19.43 -36.20
N THR A 98 -32.77 20.48 -36.54
CA THR A 98 -31.80 21.06 -35.63
C THR A 98 -32.19 22.41 -35.06
N GLU A 99 -33.00 23.21 -35.75
CA GLU A 99 -33.37 24.53 -35.25
C GLU A 99 -34.64 24.51 -34.41
N ASN A 100 -34.63 23.72 -33.35
CA ASN A 100 -35.70 23.65 -32.36
C ASN A 100 -35.15 24.08 -31.00
N THR A 101 -35.95 24.78 -30.20
CA THR A 101 -35.49 25.15 -28.86
C THR A 101 -36.55 24.86 -27.80
N GLN A 102 -36.06 24.64 -26.58
CA GLN A 102 -36.90 24.37 -25.42
C GLN A 102 -36.42 25.26 -24.28
N MET A 103 -37.37 25.89 -23.60
CA MET A 103 -37.11 26.73 -22.44
C MET A 103 -37.52 25.94 -21.21
N SER A 104 -36.55 25.65 -20.36
CA SER A 104 -36.71 24.82 -19.18
C SER A 104 -36.52 25.71 -17.97
N GLU A 105 -37.51 25.71 -17.07
CA GLU A 105 -37.46 26.58 -15.91
C GLU A 105 -37.80 25.81 -14.64
N ALA A 106 -37.18 26.26 -13.56
CA ALA A 106 -37.22 25.56 -12.28
C ALA A 106 -37.07 26.55 -11.13
N TYR A 107 -37.83 26.36 -10.07
CA TYR A 107 -37.61 27.14 -8.86
C TYR A 107 -38.07 26.41 -7.61
N VAL A 108 -37.38 26.65 -6.52
CA VAL A 108 -37.57 25.94 -5.26
C VAL A 108 -38.63 26.61 -4.39
N GLU A 109 -39.52 25.81 -3.82
CA GLU A 109 -40.58 26.27 -2.94
C GLU A 109 -40.52 25.53 -1.61
N ARG A 110 -41.34 25.97 -0.67
CA ARG A 110 -41.49 25.25 0.58
C ARG A 110 -42.15 23.92 0.32
N SER A 111 -41.67 22.89 0.99
CA SER A 111 -42.26 21.58 0.84
C SER A 111 -43.62 21.54 1.50
N GLU A 112 -44.42 20.55 1.09
CA GLU A 112 -45.71 20.36 1.71
C GLU A 112 -45.61 20.07 3.19
N GLU A 113 -44.50 19.45 3.61
CA GLU A 113 -44.31 19.05 4.99
C GLU A 113 -43.79 20.18 5.85
N CYS A 114 -43.58 21.36 5.29
CA CYS A 114 -43.07 22.47 6.08
C CYS A 114 -44.06 22.90 7.14
N SER A 115 -45.34 22.62 6.94
CA SER A 115 -46.34 23.02 7.90
C SER A 115 -46.44 22.07 9.08
N ILE A 116 -45.80 20.91 8.99
CA ILE A 116 -45.82 19.91 10.05
C ILE A 116 -44.45 19.79 10.70
N ASP A 117 -43.41 19.57 9.90
CA ASP A 117 -42.04 19.55 10.38
C ASP A 117 -41.27 20.73 9.82
N HIS A 118 -40.62 21.45 10.71
CA HIS A 118 -39.79 22.58 10.34
C HIS A 118 -38.98 22.93 11.57
N ALA A 119 -37.88 23.63 11.34
CA ALA A 119 -37.02 24.12 12.40
C ALA A 119 -37.23 25.60 12.55
N LYS A 120 -37.54 26.03 13.77
CA LYS A 120 -37.81 27.43 14.04
C LYS A 120 -36.55 28.04 14.64
N ALA A 121 -36.03 29.05 13.97
CA ALA A 121 -34.88 29.80 14.44
C ALA A 121 -35.36 30.92 15.35
N TYR A 122 -34.81 30.97 16.56
CA TYR A 122 -35.26 31.88 17.59
C TYR A 122 -34.10 32.66 18.16
N LYS A 123 -34.33 33.93 18.46
CA LYS A 123 -33.43 34.73 19.27
C LYS A 123 -34.03 34.90 20.66
N VAL A 124 -33.33 34.37 21.66
CA VAL A 124 -33.79 34.39 23.05
C VAL A 124 -32.98 35.46 23.76
N HIS A 125 -33.61 36.39 24.51
CA HIS A 125 -32.78 37.16 25.44
C HIS A 125 -33.01 36.99 26.93
N THR A 126 -34.22 37.21 27.42
CA THR A 126 -34.46 37.16 28.86
C THR A 126 -35.95 37.15 29.10
N GLY A 127 -36.47 36.26 29.91
CA GLY A 127 -37.87 36.33 30.25
C GLY A 127 -38.17 36.39 31.72
N THR A 128 -39.39 36.01 32.03
CA THR A 128 -39.84 35.88 33.39
C THR A 128 -39.32 34.58 33.96
N VAL A 129 -39.35 34.48 35.27
CA VAL A 129 -39.20 33.23 35.99
C VAL A 129 -40.46 33.03 36.80
N GLN A 130 -41.16 31.93 36.56
CA GLN A 130 -42.41 31.62 37.23
C GLN A 130 -42.27 30.31 37.96
N ALA A 131 -43.10 30.11 38.98
CA ALA A 131 -43.01 28.92 39.79
C ALA A 131 -44.35 28.66 40.46
N MET A 132 -44.67 27.40 40.66
CA MET A 132 -45.85 27.00 41.42
C MET A 132 -45.44 26.64 42.83
N VAL A 133 -46.19 27.12 43.83
CA VAL A 133 -45.80 26.99 45.23
C VAL A 133 -46.97 26.41 46.01
N ASN A 134 -46.64 25.44 46.86
CA ASN A 134 -47.50 24.95 47.92
C ASN A 134 -47.08 25.59 49.22
N ILE A 135 -48.01 26.22 49.93
CA ILE A 135 -47.70 26.70 51.27
C ILE A 135 -48.73 26.17 52.24
N THR A 136 -48.26 25.81 53.43
CA THR A 136 -49.10 25.53 54.57
C THR A 136 -48.59 26.29 55.77
N TYR A 137 -49.53 26.72 56.59
CA TYR A 137 -49.21 27.42 57.81
C TYR A 137 -50.27 27.06 58.83
N GLY A 138 -49.84 26.56 59.97
CA GLY A 138 -50.79 26.14 60.98
C GLY A 138 -51.73 25.08 60.45
N SER A 139 -53.01 25.23 60.79
CA SER A 139 -54.01 24.25 60.41
C SER A 139 -54.53 24.38 59.00
N VAL A 140 -54.19 25.44 58.26
CA VAL A 140 -54.65 25.55 56.88
C VAL A 140 -53.97 24.48 56.05
N SER A 141 -54.73 23.82 55.20
CA SER A 141 -54.17 22.74 54.41
C SER A 141 -53.44 23.32 53.21
N TRP A 142 -52.96 22.44 52.33
CA TRP A 142 -52.12 22.85 51.22
C TRP A 142 -52.91 23.73 50.26
N ARG A 143 -52.24 24.71 49.65
CA ARG A 143 -52.89 25.76 48.87
C ARG A 143 -52.50 25.80 47.40
N SER A 144 -51.24 25.56 47.04
CA SER A 144 -50.88 25.24 45.65
C SER A 144 -51.29 26.28 44.61
N ALA A 145 -50.75 27.49 44.73
CA ALA A 145 -51.00 28.55 43.76
C ALA A 145 -49.72 29.01 43.06
N ASP A 146 -49.88 29.64 41.90
CA ASP A 146 -48.77 29.97 41.01
C ASP A 146 -48.33 31.41 41.15
N VAL A 147 -47.01 31.64 41.09
CA VAL A 147 -46.37 32.91 41.41
C VAL A 147 -45.33 33.25 40.37
N TYR A 148 -44.97 34.53 40.33
CA TYR A 148 -43.89 35.04 39.50
C TYR A 148 -42.69 35.33 40.38
N VAL A 149 -41.53 34.81 39.99
CA VAL A 149 -40.30 35.03 40.72
C VAL A 149 -39.66 36.30 40.14
N ASN A 150 -40.06 37.44 40.66
CA ASN A 150 -39.40 38.70 40.39
C ASN A 150 -39.09 39.49 41.64
N GLY A 151 -39.58 39.08 42.79
CA GLY A 151 -39.34 39.80 44.00
C GLY A 151 -40.26 40.96 44.25
N GLU A 152 -41.23 41.20 43.38
CA GLU A 152 -42.13 42.32 43.52
C GLU A 152 -43.60 42.00 43.34
N THR A 153 -43.97 40.81 42.89
CA THR A 153 -45.36 40.55 42.53
C THR A 153 -46.01 39.76 43.64
N PRO A 154 -46.92 40.35 44.41
CA PRO A 154 -47.61 39.57 45.43
C PRO A 154 -48.41 38.45 44.82
N ALA A 155 -48.50 37.35 45.55
CA ALA A 155 -49.36 36.25 45.18
C ALA A 155 -50.22 35.87 46.37
N LYS A 156 -51.51 35.83 46.14
CA LYS A 156 -52.49 35.52 47.17
C LYS A 156 -52.70 34.03 47.19
N ILE A 157 -51.95 33.34 48.04
CA ILE A 157 -52.07 31.91 48.22
C ILE A 157 -52.96 31.71 49.42
N GLY A 158 -54.20 31.31 49.20
CA GLY A 158 -55.14 31.25 50.29
C GLY A 158 -55.36 32.62 50.85
N ASP A 159 -54.89 32.86 52.07
CA ASP A 159 -54.95 34.17 52.69
C ASP A 159 -53.57 34.74 53.01
N ALA A 160 -52.50 34.14 52.50
CA ALA A 160 -51.16 34.65 52.72
C ALA A 160 -50.64 35.28 51.43
N LYS A 161 -49.87 36.34 51.58
CA LYS A 161 -49.25 37.04 50.47
C LYS A 161 -47.80 36.63 50.36
N LEU A 162 -47.44 36.05 49.23
CA LEU A 162 -46.09 35.58 48.98
C LEU A 162 -45.46 36.52 47.96
N ILE A 163 -44.34 37.10 48.33
CA ILE A 163 -43.49 37.81 47.40
C ILE A 163 -42.22 37.00 47.32
N ILE A 164 -42.16 36.15 46.35
CA ILE A 164 -41.07 35.25 46.15
C ILE A 164 -40.04 35.91 45.23
N GLY A 165 -38.81 35.43 45.28
CA GLY A 165 -37.81 35.81 44.32
C GLY A 165 -37.03 37.03 44.73
N PRO A 166 -36.12 37.49 43.88
CA PRO A 166 -35.67 36.99 42.59
C PRO A 166 -34.70 35.86 42.69
N LEU A 167 -34.51 35.08 41.64
CA LEU A 167 -33.51 34.03 41.67
C LEU A 167 -32.14 34.65 41.84
N SER A 168 -31.33 34.04 42.69
CA SER A 168 -30.00 34.57 42.94
C SER A 168 -29.13 34.49 41.70
N SER A 169 -29.26 33.42 40.94
CA SER A 169 -28.43 33.18 39.76
C SER A 169 -29.24 33.45 38.51
N ALA A 170 -28.67 34.22 37.60
CA ALA A 170 -29.33 34.59 36.36
C ALA A 170 -29.07 33.59 35.27
N TRP A 171 -28.72 32.38 35.63
CA TRP A 171 -28.35 31.36 34.66
C TRP A 171 -29.60 30.89 33.92
N SER A 172 -29.44 30.69 32.62
CA SER A 172 -30.50 30.17 31.78
C SER A 172 -29.85 29.21 30.80
N PRO A 173 -30.42 28.04 30.58
CA PRO A 173 -29.76 27.07 29.71
C PRO A 173 -29.68 27.48 28.27
N PHE A 174 -30.52 28.40 27.82
CA PHE A 174 -30.54 28.79 26.43
C PHE A 174 -29.54 29.89 26.18
N ASP A 175 -28.86 29.80 25.05
CA ASP A 175 -28.01 30.88 24.57
C ASP A 175 -28.85 31.80 23.71
N ASN A 176 -28.17 32.73 23.04
CA ASN A 176 -28.86 33.78 22.32
C ASN A 176 -29.70 33.20 21.20
N LYS A 177 -29.16 32.25 20.48
CA LYS A 177 -29.79 31.67 19.31
C LYS A 177 -30.12 30.22 19.58
N VAL A 178 -31.38 29.84 19.36
CA VAL A 178 -31.81 28.46 19.52
C VAL A 178 -32.60 28.05 18.29
N VAL A 179 -32.70 26.74 18.12
CA VAL A 179 -33.48 26.13 17.06
C VAL A 179 -34.42 25.13 17.70
N VAL A 180 -35.70 25.29 17.43
CA VAL A 180 -36.73 24.42 17.99
C VAL A 180 -37.19 23.49 16.88
N TYR A 181 -37.09 22.19 17.11
CA TYR A 181 -37.56 21.19 16.17
C TYR A 181 -38.42 20.17 16.90
N GLY A 182 -39.70 20.16 16.61
CA GLY A 182 -40.59 19.26 17.31
C GLY A 182 -40.62 19.60 18.77
N HIS A 183 -40.25 18.64 19.60
CA HIS A 183 -40.16 18.84 21.04
C HIS A 183 -38.73 19.03 21.51
N GLU A 184 -37.77 19.05 20.60
CA GLU A 184 -36.37 19.25 20.93
C GLU A 184 -35.96 20.71 20.76
N VAL A 185 -34.99 21.14 21.55
CA VAL A 185 -34.42 22.47 21.50
C VAL A 185 -32.91 22.32 21.38
N TYR A 186 -32.31 23.10 20.48
CA TYR A 186 -30.87 23.08 20.27
C TYR A 186 -30.32 24.49 20.38
N ASN A 187 -29.10 24.58 20.89
CA ASN A 187 -28.35 25.82 20.90
C ASN A 187 -27.48 25.85 19.66
N TYR A 188 -28.09 26.23 18.55
CA TYR A 188 -27.43 26.27 17.26
C TYR A 188 -27.23 27.72 16.88
N ASP A 189 -26.01 28.05 16.47
CA ASP A 189 -25.69 29.39 16.01
C ASP A 189 -26.10 29.49 14.55
N PHE A 190 -27.38 29.64 14.34
CA PHE A 190 -27.92 29.53 12.99
C PHE A 190 -27.52 30.71 12.13
N PRO A 191 -27.40 30.52 10.82
CA PRO A 191 -26.99 31.61 9.96
C PRO A 191 -28.03 32.70 9.92
N GLU A 192 -27.57 33.93 9.70
CA GLU A 192 -28.50 35.04 9.66
C GLU A 192 -29.42 34.88 8.47
N TYR A 193 -30.52 35.60 8.48
CA TYR A 193 -31.46 35.50 7.37
C TYR A 193 -30.78 35.93 6.08
N GLY A 194 -30.95 35.12 5.05
CA GLY A 194 -30.33 35.43 3.79
C GLY A 194 -28.89 34.99 3.64
N THR A 195 -28.35 34.26 4.60
CA THR A 195 -26.94 33.88 4.58
C THR A 195 -26.72 32.40 4.36
N GLY A 196 -27.72 31.57 4.58
CA GLY A 196 -27.56 30.14 4.58
C GLY A 196 -26.91 29.55 3.35
N LYS A 197 -25.96 28.66 3.57
CA LYS A 197 -25.23 28.04 2.47
C LYS A 197 -26.14 27.01 1.80
N ALA A 198 -25.61 26.36 0.79
CA ALA A 198 -26.38 25.46 -0.05
C ALA A 198 -26.14 24.07 0.50
N GLY A 199 -26.95 23.70 1.47
CA GLY A 199 -27.04 22.34 1.91
C GLY A 199 -26.63 22.09 3.33
N SER A 200 -26.24 23.08 4.12
CA SER A 200 -25.87 22.79 5.51
C SER A 200 -27.02 22.92 6.49
N PHE A 201 -27.64 24.09 6.55
CA PHE A 201 -28.83 24.35 7.34
C PHE A 201 -29.29 25.74 6.96
N GLY A 202 -30.58 25.96 7.00
CA GLY A 202 -31.08 27.23 6.55
C GLY A 202 -30.76 27.50 5.11
N ASP A 203 -30.68 26.46 4.30
CA ASP A 203 -30.58 26.69 2.87
C ASP A 203 -31.88 27.26 2.35
N LEU A 204 -32.99 26.86 2.96
CA LEU A 204 -34.32 27.40 2.71
C LEU A 204 -34.79 28.05 3.99
N GLN A 205 -34.94 29.36 3.98
CA GLN A 205 -35.34 30.13 5.15
C GLN A 205 -36.55 30.95 4.82
N SER A 206 -37.60 30.84 5.63
CA SER A 206 -38.82 31.61 5.49
C SER A 206 -39.09 32.32 6.79
N ARG A 207 -39.45 33.60 6.70
CA ARG A 207 -39.65 34.38 7.91
C ARG A 207 -40.80 33.83 8.73
N THR A 208 -41.87 33.43 8.07
CA THR A 208 -43.00 32.77 8.71
C THR A 208 -43.31 31.51 7.93
N SER A 209 -44.23 30.71 8.45
CA SER A 209 -44.63 29.52 7.73
C SER A 209 -45.49 29.83 6.52
N THR A 210 -46.00 31.05 6.40
CA THR A 210 -46.83 31.47 5.27
C THR A 210 -46.23 32.65 4.51
N SER A 211 -44.94 32.87 4.66
CA SER A 211 -44.27 33.98 4.01
C SER A 211 -44.11 33.69 2.51
N ASN A 212 -43.75 34.73 1.77
CA ASN A 212 -43.57 34.65 0.33
C ASN A 212 -42.14 34.99 -0.12
N ASP A 213 -41.30 35.53 0.74
CA ASP A 213 -39.94 35.85 0.35
C ASP A 213 -39.15 34.57 0.09
N LEU A 214 -39.09 33.68 1.06
CA LEU A 214 -38.54 32.35 0.87
C LEU A 214 -37.15 32.34 0.26
N TYR A 215 -36.21 32.91 0.97
CA TYR A 215 -34.84 32.82 0.50
C TYR A 215 -34.45 31.36 0.44
N ALA A 216 -33.79 31.00 -0.64
CA ALA A 216 -33.47 29.62 -0.93
C ALA A 216 -32.25 29.66 -1.82
N ASN A 217 -31.17 29.12 -1.33
CA ASN A 217 -29.90 29.00 -2.03
C ASN A 217 -29.57 27.52 -2.08
N THR A 218 -29.88 26.85 -3.18
CA THR A 218 -29.62 25.41 -3.26
C THR A 218 -29.00 25.01 -4.58
N ASN A 219 -28.34 25.93 -5.26
CA ASN A 219 -27.43 25.61 -6.34
C ASN A 219 -28.15 24.90 -7.47
N LEU A 220 -29.38 25.31 -7.70
CA LEU A 220 -30.17 24.75 -8.77
C LEU A 220 -29.52 25.05 -10.11
N LYS A 221 -29.13 24.00 -10.81
CA LYS A 221 -28.63 24.11 -12.15
C LYS A 221 -29.46 23.20 -13.04
N LEU A 222 -30.00 23.76 -14.10
CA LEU A 222 -30.70 22.97 -15.10
C LEU A 222 -29.69 22.29 -16.00
N GLN A 223 -30.01 21.08 -16.43
CA GLN A 223 -29.18 20.29 -17.32
C GLN A 223 -29.90 20.13 -18.63
N ARG A 224 -29.14 19.84 -19.65
CA ARG A 224 -29.68 19.75 -20.99
C ARG A 224 -30.58 18.54 -21.10
N PRO A 225 -31.76 18.65 -21.69
CA PRO A 225 -32.60 17.47 -21.84
C PRO A 225 -31.94 16.41 -22.68
N GLN A 226 -32.25 15.16 -22.36
CA GLN A 226 -31.76 14.03 -23.12
C GLN A 226 -32.26 14.10 -24.55
N ALA A 227 -31.50 13.50 -25.46
CA ALA A 227 -31.84 13.52 -26.86
C ALA A 227 -33.23 12.94 -27.08
N GLY A 228 -34.10 13.73 -27.68
CA GLY A 228 -35.40 13.26 -28.09
C GLY A 228 -36.46 13.20 -27.02
N ILE A 229 -36.15 13.53 -25.77
CA ILE A 229 -37.10 13.43 -24.67
C ILE A 229 -37.53 14.81 -24.20
N VAL A 230 -38.83 14.97 -23.95
CA VAL A 230 -39.38 16.19 -23.37
C VAL A 230 -39.35 16.03 -21.86
N HIS A 231 -38.27 16.49 -21.23
CA HIS A 231 -38.29 16.65 -19.80
C HIS A 231 -37.40 17.80 -19.38
N THR A 232 -37.48 18.15 -18.11
CA THR A 232 -36.72 19.24 -17.52
C THR A 232 -35.74 18.71 -16.48
N PRO A 233 -34.63 18.11 -16.91
CA PRO A 233 -33.63 17.68 -15.92
C PRO A 233 -33.06 18.87 -15.16
N PHE A 234 -32.69 18.61 -13.91
CA PHE A 234 -32.06 19.62 -13.08
C PHE A 234 -31.18 18.95 -12.06
N THR A 235 -30.26 19.72 -11.51
CA THR A 235 -29.34 19.27 -10.48
C THR A 235 -29.38 20.24 -9.32
N GLN A 236 -29.33 19.71 -8.10
CA GLN A 236 -29.53 20.50 -6.90
C GLN A 236 -28.76 19.87 -5.76
N VAL A 237 -28.33 20.67 -4.81
CA VAL A 237 -27.70 20.11 -3.60
C VAL A 237 -28.79 19.56 -2.68
N PRO A 238 -28.65 18.36 -2.14
CA PRO A 238 -29.70 17.84 -1.26
C PRO A 238 -29.93 18.72 -0.05
N SER A 239 -31.16 18.67 0.45
CA SER A 239 -31.65 19.60 1.45
C SER A 239 -30.78 19.59 2.69
N GLY A 240 -30.41 20.78 3.13
CA GLY A 240 -29.62 20.87 4.33
C GLY A 240 -30.41 20.63 5.57
N PHE A 241 -31.73 20.70 5.48
CA PHE A 241 -32.57 20.36 6.61
C PHE A 241 -32.39 18.91 6.99
N GLU A 242 -32.42 18.00 6.02
CA GLU A 242 -32.23 16.59 6.37
C GLU A 242 -30.81 16.27 6.75
N ARG A 243 -29.83 16.95 6.18
CA ARG A 243 -28.47 16.75 6.63
C ARG A 243 -28.35 17.17 8.07
N TRP A 244 -29.00 18.26 8.43
CA TRP A 244 -29.04 18.68 9.81
C TRP A 244 -29.78 17.66 10.67
N LYS A 245 -30.87 17.11 10.16
CA LYS A 245 -31.65 16.19 10.95
C LYS A 245 -30.86 14.95 11.31
N LYS A 246 -30.02 14.48 10.38
CA LYS A 246 -29.22 13.31 10.69
C LYS A 246 -27.81 13.63 11.14
N ASP A 247 -27.44 14.91 11.27
CA ASP A 247 -26.19 15.29 11.90
C ASP A 247 -26.36 16.08 13.18
N LYS A 248 -27.58 16.38 13.62
CA LYS A 248 -27.74 17.16 14.83
C LYS A 248 -27.31 16.34 16.02
N GLY A 249 -26.40 16.89 16.82
CA GLY A 249 -25.80 16.07 17.85
C GLY A 249 -26.71 15.65 18.99
N ALA A 250 -27.16 16.62 19.75
CA ALA A 250 -27.77 16.34 21.04
C ALA A 250 -28.67 17.51 21.43
N PRO A 251 -29.92 17.32 21.79
CA PRO A 251 -30.73 18.47 22.17
C PRO A 251 -30.28 19.02 23.51
N LEU A 252 -30.84 20.18 23.84
CA LEU A 252 -30.69 20.75 25.16
C LEU A 252 -31.50 20.01 26.20
N ASN A 253 -32.40 19.13 25.81
CA ASN A 253 -33.12 18.30 26.75
C ASN A 253 -32.21 17.29 27.43
N ASP A 254 -31.09 16.95 26.80
CA ASP A 254 -30.10 16.03 27.33
C ASP A 254 -28.85 16.73 27.83
N VAL A 255 -28.33 17.68 27.07
CA VAL A 255 -27.14 18.42 27.48
C VAL A 255 -27.38 19.22 28.75
N ALA A 256 -28.57 19.78 28.92
CA ALA A 256 -28.90 20.79 29.94
C ALA A 256 -28.34 20.58 31.34
N PRO A 257 -27.54 21.50 31.88
CA PRO A 257 -27.13 21.38 33.28
C PRO A 257 -28.27 21.54 34.26
N PHE A 258 -28.02 21.07 35.47
CA PHE A 258 -28.89 21.20 36.63
C PHE A 258 -30.19 20.44 36.54
N GLY A 259 -30.37 19.59 35.54
CA GLY A 259 -31.63 18.87 35.44
C GLY A 259 -32.76 19.75 34.98
N CYS A 260 -32.47 20.64 34.05
CA CYS A 260 -33.51 21.39 33.37
C CYS A 260 -34.28 20.47 32.44
N SER A 261 -35.60 20.53 32.52
CA SER A 261 -36.46 19.86 31.58
C SER A 261 -37.03 20.93 30.67
N ILE A 262 -36.79 20.81 29.36
CA ILE A 262 -37.19 21.84 28.43
C ILE A 262 -38.56 21.48 27.89
N ALA A 263 -39.52 22.37 28.11
CA ALA A 263 -40.84 22.27 27.52
C ALA A 263 -41.02 23.38 26.51
N LEU A 264 -41.99 23.22 25.60
CA LEU A 264 -41.98 23.99 24.37
C LEU A 264 -43.24 24.78 24.01
N GLU A 265 -44.21 24.96 24.90
CA GLU A 265 -45.33 25.83 24.62
C GLU A 265 -45.79 26.50 25.91
N PRO A 266 -45.15 27.59 26.33
CA PRO A 266 -44.05 28.33 25.70
C PRO A 266 -42.72 27.66 25.91
N LEU A 267 -41.67 28.15 25.27
CA LEU A 267 -40.35 27.61 25.49
C LEU A 267 -39.93 27.94 26.90
N ARG A 268 -39.67 26.92 27.70
CA ARG A 268 -39.19 27.18 29.05
C ARG A 268 -38.31 26.04 29.50
N ALA A 269 -37.51 26.33 30.51
CA ALA A 269 -36.65 25.37 31.16
C ALA A 269 -37.14 25.23 32.58
N GLU A 270 -37.50 24.02 32.98
CA GLU A 270 -38.19 23.81 34.22
C GLU A 270 -37.32 23.01 35.18
N ASN A 271 -37.56 23.23 36.46
CA ASN A 271 -36.95 22.47 37.53
C ASN A 271 -35.44 22.45 37.41
N CYS A 272 -34.85 23.65 37.45
CA CYS A 272 -33.41 23.81 37.35
C CYS A 272 -32.94 24.24 38.72
N ALA A 273 -32.18 23.36 39.37
CA ALA A 273 -31.81 23.50 40.77
C ALA A 273 -30.54 24.34 40.89
N VAL A 274 -30.68 25.65 40.72
CA VAL A 274 -29.55 26.55 40.71
C VAL A 274 -29.89 27.76 41.56
N GLY A 275 -28.99 28.11 42.46
CA GLY A 275 -29.14 29.28 43.29
C GLY A 275 -30.17 29.14 44.38
N SER A 276 -30.59 30.28 44.91
CA SER A 276 -31.53 30.36 46.02
C SER A 276 -32.58 31.42 45.74
N ILE A 277 -33.70 31.28 46.43
CA ILE A 277 -34.88 32.11 46.26
C ILE A 277 -35.16 32.82 47.58
N PRO A 278 -35.06 34.14 47.66
CA PRO A 278 -35.67 34.83 48.78
C PRO A 278 -37.16 34.67 48.76
N ILE A 279 -37.75 34.67 49.94
CA ILE A 279 -39.18 34.54 50.13
C ILE A 279 -39.62 35.51 51.19
N SER A 280 -40.86 35.96 51.09
CA SER A 280 -41.45 36.87 52.05
C SER A 280 -42.94 36.56 52.13
N ILE A 281 -43.35 35.80 53.13
CA ILE A 281 -44.75 35.45 53.33
C ILE A 281 -45.38 36.38 54.35
N ASP A 282 -46.69 36.55 54.27
CA ASP A 282 -47.46 37.38 55.20
C ASP A 282 -48.62 36.52 55.69
N ILE A 283 -48.41 35.78 56.77
CA ILE A 283 -49.46 34.92 57.32
C ILE A 283 -50.56 35.78 57.92
N PRO A 284 -51.84 35.46 57.72
CA PRO A 284 -52.89 36.28 58.34
C PRO A 284 -52.91 36.12 59.85
N ASP A 285 -53.43 37.13 60.52
CA ASP A 285 -53.41 37.12 61.97
C ASP A 285 -54.40 36.16 62.58
N ALA A 286 -55.35 35.67 61.80
CA ALA A 286 -56.25 34.64 62.28
C ALA A 286 -55.54 33.33 62.49
N ALA A 287 -54.47 33.09 61.74
CA ALA A 287 -53.74 31.83 61.87
C ALA A 287 -53.10 31.69 63.24
N PHE A 288 -52.50 32.76 63.75
CA PHE A 288 -51.86 32.71 65.05
C PHE A 288 -52.87 32.54 66.15
N THR A 289 -52.48 31.84 67.21
CA THR A 289 -53.30 31.73 68.41
C THR A 289 -52.54 32.27 69.61
N ARG A 290 -53.29 32.89 70.51
CA ARG A 290 -52.71 33.66 71.60
C ARG A 290 -51.91 32.76 72.52
N ILE A 291 -50.81 33.27 73.03
CA ILE A 291 -49.86 32.44 73.75
C ILE A 291 -50.39 31.84 75.04
N SER A 292 -51.42 32.42 75.63
CA SER A 292 -51.99 31.81 76.83
C SER A 292 -52.83 30.58 76.50
N GLU A 293 -53.43 30.53 75.32
CA GLU A 293 -54.29 29.41 74.96
C GLU A 293 -53.49 28.27 74.32
N THR A 294 -52.17 28.22 74.51
CA THR A 294 -51.31 27.19 73.95
C THR A 294 -50.51 26.56 75.07
N PRO A 295 -50.19 25.27 74.96
CA PRO A 295 -49.54 24.59 76.08
C PRO A 295 -48.14 25.10 76.32
N THR A 296 -47.69 24.98 77.58
CA THR A 296 -46.33 25.28 77.94
C THR A 296 -45.65 23.97 78.28
N VAL A 297 -44.64 23.63 77.49
CA VAL A 297 -44.01 22.31 77.50
C VAL A 297 -42.71 22.41 78.27
N SER A 298 -42.54 21.50 79.22
CA SER A 298 -41.43 21.56 80.16
C SER A 298 -40.76 20.21 80.30
N ASP A 299 -39.65 20.21 81.03
CA ASP A 299 -38.91 19.01 81.42
C ASP A 299 -38.58 18.15 80.20
N LEU A 300 -38.10 18.83 79.17
CA LEU A 300 -37.85 18.23 77.86
C LEU A 300 -36.56 17.43 77.88
N GLU A 301 -36.62 16.17 77.45
CA GLU A 301 -35.42 15.33 77.41
C GLU A 301 -35.45 14.43 76.19
N CYS A 302 -34.49 14.63 75.27
CA CYS A 302 -34.48 13.97 73.98
C CYS A 302 -33.42 12.87 73.90
N LYS A 303 -33.82 11.72 73.36
CA LYS A 303 -32.98 10.55 73.22
C LYS A 303 -33.02 10.08 71.79
N ILE A 304 -31.86 9.91 71.18
CA ILE A 304 -31.78 9.48 69.80
C ILE A 304 -31.80 7.95 69.80
N THR A 305 -32.83 7.40 69.19
CA THR A 305 -32.95 6.00 68.88
C THR A 305 -32.22 5.84 67.57
N GLU A 306 -32.32 4.70 66.93
CA GLU A 306 -31.45 4.33 65.82
C GLU A 306 -31.45 5.38 64.72
N CYS A 307 -30.26 5.70 64.24
CA CYS A 307 -30.09 6.74 63.23
C CYS A 307 -29.09 6.30 62.19
N THR A 308 -29.27 6.81 60.99
CA THR A 308 -28.41 6.50 59.86
C THR A 308 -28.55 7.60 58.84
N TYR A 309 -27.42 8.03 58.28
CA TYR A 309 -27.42 9.15 57.35
C TYR A 309 -27.76 8.72 55.93
N ALA A 310 -28.95 8.18 55.78
CA ALA A 310 -29.48 7.87 54.47
C ALA A 310 -30.12 9.10 53.88
N PHE A 311 -30.44 9.03 52.60
CA PHE A 311 -31.04 10.19 51.94
C PHE A 311 -32.46 10.41 52.41
N ASP A 312 -33.16 9.38 52.80
CA ASP A 312 -34.52 9.52 53.27
C ASP A 312 -34.47 9.77 54.76
N PHE A 313 -35.64 9.76 55.40
CA PHE A 313 -35.73 10.08 56.81
C PHE A 313 -35.23 8.91 57.63
N GLY A 314 -33.91 8.82 57.73
CA GLY A 314 -33.22 7.72 58.37
C GLY A 314 -32.80 7.91 59.80
N GLY A 315 -33.59 8.59 60.60
CA GLY A 315 -33.28 8.82 61.98
C GLY A 315 -34.52 8.87 62.84
N ILE A 316 -34.55 8.22 63.99
CA ILE A 316 -35.70 8.27 64.89
C ILE A 316 -35.23 8.73 66.25
N ALA A 317 -35.96 9.67 66.83
CA ALA A 317 -35.68 10.16 68.17
C ALA A 317 -36.97 10.22 68.97
N THR A 318 -36.85 10.14 70.30
CA THR A 318 -37.97 10.25 71.20
C THR A 318 -37.68 11.28 72.28
N VAL A 319 -38.64 12.15 72.57
CA VAL A 319 -38.51 13.19 73.59
C VAL A 319 -39.60 13.01 74.63
N ALA A 320 -39.21 13.00 75.93
CA ALA A 320 -40.18 13.09 77.03
C ALA A 320 -40.49 14.54 77.37
N TYR A 321 -41.79 14.82 77.58
CA TYR A 321 -42.32 16.16 77.32
C TYR A 321 -43.27 16.74 78.37
N LYS A 322 -43.05 16.54 79.68
CA LYS A 322 -44.09 16.90 80.67
C LYS A 322 -44.67 18.30 80.49
N SER A 323 -45.98 18.33 80.24
CA SER A 323 -46.68 19.49 79.68
C SER A 323 -47.71 20.04 80.66
N SER A 324 -48.44 21.07 80.21
CA SER A 324 -49.51 21.67 80.98
C SER A 324 -50.88 21.16 80.55
N LYS A 325 -51.22 21.27 79.28
CA LYS A 325 -52.47 20.77 78.75
C LYS A 325 -52.17 19.95 77.50
N ALA A 326 -53.20 19.34 76.95
CA ALA A 326 -53.07 18.43 75.83
C ALA A 326 -53.51 19.12 74.55
N GLY A 327 -52.76 18.89 73.47
CA GLY A 327 -53.17 19.42 72.19
C GLY A 327 -52.06 19.28 71.17
N ASN A 328 -52.30 19.88 70.01
CA ASN A 328 -51.31 19.82 68.95
C ASN A 328 -50.31 20.94 69.15
N CYS A 329 -49.06 20.65 68.81
CA CYS A 329 -48.02 21.61 68.95
C CYS A 329 -46.87 21.47 67.95
N PRO A 330 -46.38 22.54 67.33
CA PRO A 330 -45.39 22.38 66.26
C PRO A 330 -44.00 21.97 66.74
N ILE A 331 -43.21 21.45 65.80
CA ILE A 331 -41.81 21.11 66.03
C ILE A 331 -40.98 21.57 64.85
N HIS A 332 -39.79 22.09 65.12
CA HIS A 332 -38.88 22.53 64.06
C HIS A 332 -37.45 22.38 64.55
N SER A 333 -36.54 22.11 63.61
CA SER A 333 -35.11 22.02 63.88
C SER A 333 -34.37 23.10 63.10
N PRO A 334 -34.04 24.24 63.70
CA PRO A 334 -33.49 25.34 62.90
C PRO A 334 -32.04 25.19 62.54
N SER A 335 -31.33 24.25 63.15
CA SER A 335 -29.88 24.19 62.98
C SER A 335 -29.49 23.93 61.52
N GLY A 336 -30.34 23.25 60.77
CA GLY A 336 -30.01 22.95 59.41
C GLY A 336 -29.17 21.71 59.21
N VAL A 337 -28.81 21.01 60.28
CA VAL A 337 -28.19 19.71 60.17
C VAL A 337 -29.19 18.56 60.20
N ALA A 338 -30.42 18.79 60.62
CA ALA A 338 -31.44 17.76 60.62
C ALA A 338 -32.73 18.34 60.05
N VAL A 339 -33.46 17.53 59.29
CA VAL A 339 -34.74 17.90 58.71
C VAL A 339 -35.79 17.01 59.35
N ILE A 340 -36.74 17.60 60.02
CA ILE A 340 -37.78 16.88 60.73
C ILE A 340 -38.89 16.49 59.78
N LYS A 341 -39.36 15.25 59.88
CA LYS A 341 -40.43 14.82 58.98
C LYS A 341 -41.76 15.48 59.34
N GLU A 342 -42.14 15.43 60.61
CA GLU A 342 -43.46 15.90 61.02
C GLU A 342 -43.43 17.33 61.48
N ASN A 343 -44.57 17.98 61.30
CA ASN A 343 -44.75 19.39 61.56
C ASN A 343 -45.29 19.66 62.95
N ASP A 344 -46.29 18.91 63.37
CA ASP A 344 -46.89 19.04 64.69
C ASP A 344 -46.89 17.69 65.36
N VAL A 345 -47.00 17.72 66.68
CA VAL A 345 -47.11 16.52 67.49
C VAL A 345 -48.27 16.71 68.44
N THR A 346 -49.01 15.64 68.68
CA THR A 346 -50.09 15.68 69.65
C THR A 346 -49.50 15.32 71.00
N LEU A 347 -49.78 16.14 71.99
CA LEU A 347 -49.19 16.04 73.31
C LEU A 347 -50.30 15.76 74.30
N ALA A 348 -50.07 14.79 75.16
CA ALA A 348 -50.90 14.49 76.31
C ALA A 348 -50.31 15.20 77.51
N GLU A 349 -50.86 14.93 78.69
CA GLU A 349 -50.46 15.66 79.88
C GLU A 349 -49.00 15.41 80.19
N SER A 350 -48.55 14.17 80.02
CA SER A 350 -47.14 13.83 80.07
C SER A 350 -46.94 12.52 79.34
N GLY A 351 -45.69 12.22 79.04
CA GLY A 351 -45.38 11.02 78.28
C GLY A 351 -44.15 11.26 77.40
N SER A 352 -44.22 10.74 76.17
CA SER A 352 -43.13 10.86 75.22
C SER A 352 -43.69 10.83 73.81
N PHE A 353 -43.02 11.53 72.89
CA PHE A 353 -43.38 11.54 71.47
C PHE A 353 -42.17 11.23 70.63
N THR A 354 -42.42 10.61 69.48
CA THR A 354 -41.37 10.18 68.55
C THR A 354 -41.40 11.01 67.28
N PHE A 355 -40.23 11.41 66.80
CA PHE A 355 -40.11 12.11 65.52
C PHE A 355 -39.00 11.51 64.67
N HIS A 356 -39.24 11.47 63.36
CA HIS A 356 -38.24 11.06 62.39
C HIS A 356 -37.49 12.25 61.84
N PHE A 357 -36.26 12.03 61.41
CA PHE A 357 -35.44 13.11 60.87
C PHE A 357 -34.40 12.56 59.92
N SER A 358 -33.90 13.43 59.05
CA SER A 358 -32.90 13.10 58.05
C SER A 358 -31.68 13.95 58.25
N THR A 359 -30.50 13.37 58.03
CA THR A 359 -29.27 14.07 58.29
C THR A 359 -28.17 13.50 57.42
N ALA A 360 -27.10 14.27 57.31
CA ALA A 360 -25.87 13.85 56.69
C ALA A 360 -24.74 13.73 57.67
N ASN A 361 -24.90 14.25 58.88
CA ASN A 361 -23.84 14.20 59.86
C ASN A 361 -23.73 12.80 60.44
N ILE A 362 -22.50 12.38 60.73
CA ILE A 362 -22.34 11.21 61.57
C ILE A 362 -22.92 11.47 62.94
N HIS A 363 -22.64 12.65 63.47
CA HIS A 363 -23.15 13.08 64.77
C HIS A 363 -24.11 14.24 64.55
N PRO A 364 -25.39 14.00 64.50
CA PRO A 364 -26.33 15.12 64.46
C PRO A 364 -26.52 15.69 65.85
N ALA A 365 -26.03 16.90 66.04
CA ALA A 365 -26.25 17.66 67.26
C ALA A 365 -27.10 18.84 66.84
N PHE A 366 -28.40 18.75 67.11
CA PHE A 366 -29.37 19.70 66.61
C PHE A 366 -30.35 20.07 67.69
N LYS A 367 -30.85 21.29 67.62
CA LYS A 367 -31.82 21.80 68.56
C LYS A 367 -33.19 21.62 67.94
N LEU A 368 -34.09 21.02 68.69
CA LEU A 368 -35.46 20.83 68.28
C LEU A 368 -36.29 21.76 69.13
N GLN A 369 -37.07 22.59 68.48
CA GLN A 369 -37.94 23.54 69.14
C GLN A 369 -39.31 22.92 69.15
N VAL A 370 -39.73 22.42 70.30
CA VAL A 370 -41.07 21.96 70.47
C VAL A 370 -41.84 23.07 71.15
N CYS A 371 -42.94 23.42 70.53
CA CYS A 371 -43.87 24.44 70.90
C CYS A 371 -43.07 25.72 71.10
N THR A 372 -42.70 26.08 72.33
CA THR A 372 -41.89 27.25 72.61
C THR A 372 -40.50 26.91 73.10
N SER A 373 -40.39 25.95 74.01
CA SER A 373 -39.11 25.56 74.57
C SER A 373 -38.35 24.68 73.59
N ALA A 374 -37.05 24.52 73.85
CA ALA A 374 -36.17 23.81 72.94
C ALA A 374 -35.35 22.77 73.70
N VAL A 375 -35.03 21.70 72.99
CA VAL A 375 -34.29 20.56 73.53
C VAL A 375 -33.19 20.19 72.56
N THR A 376 -32.02 19.91 73.07
CA THR A 376 -30.91 19.53 72.20
C THR A 376 -30.84 18.01 72.08
N CYS A 377 -30.79 17.53 70.84
CA CYS A 377 -30.69 16.11 70.53
C CYS A 377 -29.34 15.87 69.89
N LYS A 378 -28.62 14.88 70.42
CA LYS A 378 -27.28 14.59 70.01
C LYS A 378 -27.18 13.09 69.85
N GLY A 379 -26.28 12.61 68.99
CA GLY A 379 -26.19 11.17 68.82
C GLY A 379 -25.10 10.76 67.88
N ASP A 380 -25.14 9.47 67.52
CA ASP A 380 -24.25 8.87 66.53
C ASP A 380 -25.10 8.24 65.44
N CYS A 381 -24.60 8.25 64.21
CA CYS A 381 -25.34 7.72 63.07
C CYS A 381 -24.48 6.82 62.21
N LYS A 382 -25.08 5.82 61.66
CA LYS A 382 -24.48 4.72 60.94
C LYS A 382 -24.54 4.96 59.43
N PRO A 383 -23.64 4.40 58.62
CA PRO A 383 -23.71 4.60 57.18
C PRO A 383 -24.95 3.96 56.58
N PRO A 384 -25.50 4.52 55.51
CA PRO A 384 -26.55 3.79 54.76
C PRO A 384 -25.99 2.68 53.91
N LYS A 385 -26.71 1.56 53.86
CA LYS A 385 -26.22 0.41 53.11
C LYS A 385 -26.44 0.56 51.61
N ASP A 386 -27.54 1.16 51.20
CA ASP A 386 -27.91 1.26 49.79
C ASP A 386 -26.98 2.19 49.04
N HIS A 387 -26.47 1.75 47.90
CA HIS A 387 -25.51 2.57 47.19
C HIS A 387 -26.19 3.65 46.37
N ILE A 388 -27.14 3.28 45.53
CA ILE A 388 -27.84 4.22 44.67
C ILE A 388 -29.33 4.14 44.98
N VAL A 389 -29.92 5.30 45.22
CA VAL A 389 -31.34 5.45 45.49
C VAL A 389 -31.96 6.30 44.39
N ASP A 390 -33.28 6.27 44.31
CA ASP A 390 -34.03 6.94 43.24
C ASP A 390 -34.68 8.23 43.67
N TYR A 391 -34.33 8.78 44.82
CA TYR A 391 -34.88 10.04 45.31
C TYR A 391 -33.74 10.95 45.77
N PRO A 392 -33.90 12.25 45.66
CA PRO A 392 -32.81 13.16 46.05
C PRO A 392 -32.73 13.30 47.56
N ALA A 393 -31.61 13.84 48.00
CA ALA A 393 -31.34 13.97 49.41
C ALA A 393 -32.28 15.00 50.03
N GLN A 394 -32.73 14.70 51.23
CA GLN A 394 -33.62 15.57 51.98
C GLN A 394 -32.87 16.52 52.90
N HIS A 395 -31.54 16.53 52.83
CA HIS A 395 -30.69 17.31 53.70
C HIS A 395 -29.59 17.92 52.84
N THR A 396 -28.74 18.73 53.45
CA THR A 396 -27.61 19.35 52.78
C THR A 396 -26.34 19.06 53.56
N GLU A 397 -25.30 18.63 52.88
CA GLU A 397 -24.04 18.41 53.56
C GLU A 397 -23.39 19.75 53.91
N SER A 398 -22.46 19.72 54.87
CA SER A 398 -21.89 20.96 55.37
C SER A 398 -20.38 20.96 55.58
N PHE A 399 -19.63 20.00 55.06
CA PHE A 399 -18.16 19.97 55.02
C PHE A 399 -17.57 19.65 56.40
N THR A 400 -18.41 19.53 57.44
CA THR A 400 -18.06 18.91 58.69
C THR A 400 -18.89 17.65 58.91
N SER A 401 -19.89 17.41 58.06
CA SER A 401 -20.84 16.33 58.21
C SER A 401 -20.22 14.94 58.24
N ALA A 402 -18.96 14.77 57.88
CA ALA A 402 -18.39 13.44 57.87
C ALA A 402 -17.23 13.28 58.82
N ILE A 403 -16.79 14.36 59.46
CA ILE A 403 -15.57 14.35 60.27
C ILE A 403 -15.57 13.22 61.28
N SER A 404 -16.61 13.15 62.10
CA SER A 404 -16.71 12.15 63.16
C SER A 404 -15.84 12.48 64.36
N ALA A 405 -16.21 11.94 65.52
CA ALA A 405 -15.49 12.23 66.75
C ALA A 405 -14.05 11.76 66.67
N THR A 406 -13.83 10.57 66.14
CA THR A 406 -12.48 10.03 66.12
C THR A 406 -11.56 10.85 65.24
N ALA A 407 -12.00 11.19 64.04
CA ALA A 407 -11.14 12.00 63.20
C ALA A 407 -11.05 13.42 63.73
N TRP A 408 -12.04 13.88 64.49
CA TRP A 408 -11.91 15.16 65.14
C TRP A 408 -10.75 15.09 66.11
N SER A 409 -10.84 14.15 67.04
CA SER A 409 -9.79 13.92 68.02
C SER A 409 -8.43 13.80 67.37
N TRP A 410 -8.34 13.12 66.23
CA TRP A 410 -7.05 13.01 65.56
C TRP A 410 -6.56 14.36 65.10
N ILE A 411 -7.39 15.11 64.38
CA ILE A 411 -6.97 16.44 63.92
C ILE A 411 -6.61 17.32 65.10
N LYS A 412 -7.32 17.19 66.21
CA LYS A 412 -6.99 17.93 67.41
C LYS A 412 -5.59 17.55 67.88
N VAL A 413 -5.40 16.27 68.19
CA VAL A 413 -4.12 15.79 68.68
C VAL A 413 -2.98 16.21 67.76
N LEU A 414 -3.19 16.16 66.45
CA LEU A 414 -2.12 16.59 65.54
C LEU A 414 -1.80 18.07 65.67
N VAL A 415 -2.82 18.91 65.51
CA VAL A 415 -2.61 20.36 65.59
C VAL A 415 -2.05 20.74 66.95
N GLY A 416 -2.62 20.19 68.01
CA GLY A 416 -2.17 20.50 69.35
C GLY A 416 -0.78 19.98 69.61
N GLY A 417 -0.45 18.81 69.07
CA GLY A 417 0.88 18.27 69.23
C GLY A 417 1.91 19.19 68.63
N THR A 418 1.70 19.60 67.39
CA THR A 418 2.66 20.51 66.78
C THR A 418 2.64 21.87 67.47
N SER A 419 1.48 22.37 67.85
CA SER A 419 1.43 23.63 68.59
C SER A 419 2.22 23.53 69.88
N ALA A 420 2.00 22.46 70.65
CA ALA A 420 2.69 22.29 71.90
C ALA A 420 4.19 22.17 71.68
N PHE A 421 4.57 21.51 70.59
CA PHE A 421 5.98 21.35 70.29
C PHE A 421 6.62 22.70 70.00
N ILE A 422 5.97 23.49 69.14
CA ILE A 422 6.52 24.79 68.75
C ILE A 422 6.52 25.74 69.94
N VAL A 423 5.48 25.72 70.77
CA VAL A 423 5.48 26.66 71.87
C VAL A 423 6.49 26.23 72.92
N LEU A 424 6.71 24.93 73.07
CA LEU A 424 7.75 24.48 73.97
C LEU A 424 9.11 24.92 73.46
N GLY A 425 9.31 24.87 72.16
CA GLY A 425 10.56 25.36 71.60
C GLY A 425 10.76 26.85 71.80
N LEU A 426 9.69 27.63 71.62
CA LEU A 426 9.79 29.06 71.83
C LEU A 426 10.05 29.38 73.28
N ILE A 427 9.41 28.65 74.20
CA ILE A 427 9.69 28.92 75.59
C ILE A 427 11.12 28.51 75.91
N ALA A 428 11.65 27.52 75.20
CA ALA A 428 13.05 27.16 75.43
C ALA A 428 14.00 28.27 74.99
N THR A 429 13.72 28.91 73.84
CA THR A 429 14.55 30.03 73.43
C THR A 429 14.41 31.19 74.42
N ALA A 430 13.20 31.45 74.89
CA ALA A 430 13.05 32.54 75.84
C ALA A 430 13.83 32.24 77.11
N VAL A 431 13.83 30.99 77.56
CA VAL A 431 14.55 30.68 78.78
C VAL A 431 16.05 30.87 78.59
N VAL A 432 16.60 30.54 77.41
CA VAL A 432 18.04 30.74 77.24
C VAL A 432 18.38 32.23 77.22
N ALA A 433 17.56 33.04 76.56
CA ALA A 433 17.82 34.46 76.57
C ALA A 433 17.78 34.98 78.00
N LEU A 434 16.81 34.53 78.78
CA LEU A 434 16.68 35.04 80.13
C LEU A 434 17.86 34.63 80.98
N VAL A 435 18.36 33.40 80.83
CA VAL A 435 19.48 33.01 81.67
C VAL A 435 20.74 33.78 81.30
N LEU A 436 20.96 34.09 80.03
CA LEU A 436 22.14 34.91 79.72
C LEU A 436 21.99 36.33 80.29
N PHE A 437 20.80 36.91 80.19
CA PHE A 437 20.61 38.24 80.78
C PHE A 437 20.76 38.19 82.29
N PHE A 438 20.23 37.17 82.93
CA PHE A 438 20.40 37.03 84.36
C PHE A 438 21.82 36.68 84.73
N HIS A 439 22.63 36.18 83.80
CA HIS A 439 24.07 36.25 84.03
C HIS A 439 24.52 37.70 84.10
N ARG A 440 24.02 38.59 83.22
CA ARG A 440 24.43 40.01 83.30
C ARG A 440 23.84 40.74 84.51
N HIS A 441 22.51 40.80 84.62
CA HIS A 441 21.83 41.47 85.75
C HIS A 441 21.31 40.47 86.78
N ASP B 1 -67.93 14.74 1.70
CA ASP B 1 -66.53 14.59 2.17
C ASP B 1 -65.67 13.88 1.13
N LEU B 2 -65.78 12.56 1.06
CA LEU B 2 -65.12 11.80 0.01
C LEU B 2 -65.74 12.12 -1.35
N ASP B 3 -67.07 12.15 -1.40
CA ASP B 3 -67.78 12.42 -2.66
C ASP B 3 -67.37 13.75 -3.27
N THR B 4 -67.33 14.82 -2.47
CA THR B 4 -67.06 16.14 -3.03
C THR B 4 -65.65 16.21 -3.62
N HIS B 5 -64.65 15.82 -2.84
CA HIS B 5 -63.29 15.88 -3.35
C HIS B 5 -63.09 14.97 -4.54
N PHE B 6 -63.73 13.81 -4.56
CA PHE B 6 -63.56 12.93 -5.72
C PHE B 6 -64.26 13.46 -6.97
N THR B 7 -65.47 14.02 -6.83
CA THR B 7 -66.10 14.66 -7.98
C THR B 7 -65.21 15.75 -8.53
N GLN B 8 -64.52 16.47 -7.66
CA GLN B 8 -63.71 17.61 -8.12
C GLN B 8 -62.72 17.25 -9.21
N TYR B 9 -62.32 15.99 -9.32
CA TYR B 9 -61.34 15.55 -10.30
C TYR B 9 -61.87 15.39 -11.73
N LYS B 10 -63.17 15.60 -11.99
CA LYS B 10 -63.66 15.62 -13.38
C LYS B 10 -62.77 16.46 -14.27
N LEU B 11 -62.47 17.68 -13.83
CA LEU B 11 -61.65 18.60 -14.62
C LEU B 11 -60.32 17.98 -15.04
N ALA B 12 -59.79 17.07 -14.25
CA ALA B 12 -58.52 16.40 -14.52
C ALA B 12 -58.65 15.34 -15.59
N ARG B 13 -57.54 15.04 -16.25
CA ARG B 13 -57.44 13.93 -17.21
C ARG B 13 -56.03 13.34 -17.15
N PRO B 14 -55.89 12.02 -17.26
CA PRO B 14 -54.54 11.45 -17.31
C PRO B 14 -53.77 11.92 -18.52
N TYR B 15 -52.48 11.60 -18.52
CA TYR B 15 -51.63 11.97 -19.64
C TYR B 15 -50.55 10.93 -19.79
N ILE B 16 -49.94 10.92 -20.98
CA ILE B 16 -48.82 10.04 -21.28
C ILE B 16 -47.55 10.87 -21.18
N ALA B 17 -46.66 10.44 -20.31
CA ALA B 17 -45.45 11.17 -19.97
C ALA B 17 -44.26 10.25 -20.04
N ASP B 18 -43.11 10.81 -20.36
CA ASP B 18 -41.91 10.02 -20.52
C ASP B 18 -41.51 9.43 -19.19
N CYS B 19 -41.08 8.17 -19.21
CA CYS B 19 -40.60 7.56 -18.00
C CYS B 19 -39.43 6.62 -18.26
N PRO B 20 -38.40 6.63 -17.40
CA PRO B 20 -37.11 6.07 -17.80
C PRO B 20 -37.07 4.57 -18.02
N ASN B 21 -37.66 3.82 -17.10
CA ASN B 21 -37.67 2.37 -17.13
C ASN B 21 -39.10 1.89 -17.25
N CYS B 22 -39.47 1.46 -18.44
CA CYS B 22 -40.78 0.90 -18.71
C CYS B 22 -40.78 -0.61 -18.61
N GLY B 23 -39.68 -1.20 -18.16
CA GLY B 23 -39.38 -2.57 -18.50
C GLY B 23 -38.28 -2.62 -19.53
N HIS B 24 -38.66 -2.95 -20.76
CA HIS B 24 -37.73 -3.06 -21.87
C HIS B 24 -36.77 -1.86 -21.93
N SER B 25 -37.31 -0.66 -22.06
CA SER B 25 -36.49 0.53 -22.27
C SER B 25 -37.28 1.75 -21.80
N ARG B 26 -36.80 2.94 -22.12
CA ARG B 26 -37.43 4.19 -21.73
C ARG B 26 -38.61 4.48 -22.65
N CYS B 27 -39.75 4.88 -22.07
CA CYS B 27 -40.99 4.88 -22.84
C CYS B 27 -41.67 6.23 -22.66
N ASP B 28 -42.85 6.32 -23.24
CA ASP B 28 -43.88 7.29 -22.89
C ASP B 28 -45.02 6.51 -22.26
N SER B 29 -45.13 6.54 -20.92
CA SER B 29 -46.03 5.66 -20.20
C SER B 29 -47.28 6.38 -19.74
N PRO B 30 -48.40 5.67 -19.58
CA PRO B 30 -49.57 6.25 -18.92
C PRO B 30 -49.53 6.22 -17.41
N ILE B 31 -48.47 5.69 -16.82
CA ILE B 31 -48.32 5.59 -15.37
C ILE B 31 -47.04 6.28 -14.94
N ALA B 32 -46.58 7.26 -15.71
CA ALA B 32 -45.31 7.88 -15.43
C ALA B 32 -45.32 8.51 -14.04
N ILE B 33 -44.28 8.21 -13.26
CA ILE B 33 -44.19 8.70 -11.90
C ILE B 33 -43.61 10.11 -11.94
N GLU B 34 -44.38 11.07 -11.46
CA GLU B 34 -43.93 12.44 -11.44
C GLU B 34 -43.09 12.72 -10.21
N GLU B 35 -43.53 12.28 -9.06
CA GLU B 35 -42.88 12.61 -7.81
C GLU B 35 -43.19 11.51 -6.81
N VAL B 36 -42.19 11.14 -6.03
CA VAL B 36 -42.37 10.30 -4.85
C VAL B 36 -41.95 11.12 -3.65
N ARG B 37 -42.83 11.17 -2.66
CA ARG B 37 -42.59 11.84 -1.40
C ARG B 37 -42.42 10.78 -0.32
N GLY B 38 -41.27 10.79 0.32
CA GLY B 38 -40.90 9.79 1.29
C GLY B 38 -40.30 10.32 2.56
N ASP B 39 -40.71 11.50 2.98
CA ASP B 39 -40.22 12.13 4.19
C ASP B 39 -41.17 11.94 5.35
N ALA B 40 -42.16 11.05 5.22
CA ALA B 40 -42.97 10.66 6.35
C ALA B 40 -42.29 9.54 7.11
N HIS B 41 -42.89 9.17 8.23
CA HIS B 41 -42.38 8.15 9.11
C HIS B 41 -43.00 6.81 8.77
N ALA B 42 -42.41 5.75 9.33
CA ALA B 42 -42.98 4.42 9.25
C ALA B 42 -43.13 3.92 7.82
N GLY B 43 -42.33 4.43 6.90
CA GLY B 43 -42.31 3.89 5.56
C GLY B 43 -43.59 4.05 4.78
N VAL B 44 -44.25 5.19 4.90
CA VAL B 44 -45.40 5.54 4.09
C VAL B 44 -44.95 6.57 3.07
N ILE B 45 -45.26 6.32 1.81
CA ILE B 45 -44.81 7.18 0.72
C ILE B 45 -46.00 7.51 -0.17
N ARG B 46 -45.90 8.63 -0.85
CA ARG B 46 -46.94 9.12 -1.75
C ARG B 46 -46.36 9.26 -3.13
N ILE B 47 -46.92 8.53 -4.08
CA ILE B 47 -46.47 8.53 -5.47
C ILE B 47 -47.51 9.24 -6.30
N GLN B 48 -47.09 10.30 -6.97
CA GLN B 48 -47.91 10.98 -7.95
C GLN B 48 -47.61 10.41 -9.32
N THR B 49 -48.63 9.91 -9.98
CA THR B 49 -48.51 9.30 -11.28
C THR B 49 -49.30 10.10 -12.29
N SER B 50 -49.26 9.65 -13.53
CA SER B 50 -49.95 10.30 -14.64
C SER B 50 -51.31 9.69 -14.90
N ALA B 51 -51.75 8.75 -14.08
CA ALA B 51 -53.01 8.06 -14.27
C ALA B 51 -53.97 8.41 -13.15
N MET B 52 -55.22 8.67 -13.50
CA MET B 52 -56.23 8.93 -12.52
C MET B 52 -56.64 7.64 -11.85
N PHE B 53 -56.86 7.71 -10.54
CA PHE B 53 -57.36 6.59 -9.77
C PHE B 53 -58.67 6.97 -9.13
N GLY B 54 -59.61 6.03 -9.13
CA GLY B 54 -60.88 6.28 -8.52
C GLY B 54 -61.83 7.11 -9.35
N LEU B 55 -61.48 7.36 -10.61
CA LEU B 55 -62.33 8.08 -11.55
C LEU B 55 -62.71 7.17 -12.70
N LYS B 56 -63.89 7.43 -13.22
CA LYS B 56 -64.43 6.86 -14.44
C LYS B 56 -64.68 8.01 -15.39
N THR B 57 -64.53 7.74 -16.70
CA THR B 57 -64.67 8.78 -17.71
C THR B 57 -65.96 9.58 -17.56
N ASP B 58 -67.01 8.99 -16.98
CA ASP B 58 -68.27 9.68 -16.71
C ASP B 58 -68.45 10.09 -15.26
N GLY B 59 -67.81 9.40 -14.31
CA GLY B 59 -68.10 9.63 -12.92
C GLY B 59 -67.01 9.12 -12.01
N VAL B 60 -67.28 9.13 -10.71
CA VAL B 60 -66.39 8.58 -9.71
C VAL B 60 -66.89 7.19 -9.29
N ASP B 61 -65.96 6.28 -9.10
CA ASP B 61 -66.25 5.00 -8.44
C ASP B 61 -64.90 4.46 -8.00
N LEU B 62 -64.73 4.19 -6.70
CA LEU B 62 -63.39 3.86 -6.24
C LEU B 62 -63.05 2.39 -6.45
N ALA B 63 -63.18 1.90 -7.66
CA ALA B 63 -62.52 0.68 -8.08
C ALA B 63 -61.95 0.83 -9.48
N TYR B 64 -62.02 2.01 -10.07
CA TYR B 64 -61.70 2.20 -11.47
C TYR B 64 -60.58 3.21 -11.58
N MET B 65 -59.58 2.88 -12.39
CA MET B 65 -58.58 3.81 -12.83
C MET B 65 -58.86 4.22 -14.27
N SER B 66 -58.36 5.37 -14.62
CA SER B 66 -58.49 5.94 -15.93
C SER B 66 -57.11 6.35 -16.40
N PHE B 67 -56.79 6.03 -17.64
CA PHE B 67 -55.50 6.38 -18.18
C PHE B 67 -55.63 6.48 -19.68
N MET B 68 -54.70 7.21 -20.29
CA MET B 68 -54.73 7.42 -21.73
C MET B 68 -54.04 6.29 -22.45
N ASN B 69 -54.79 5.60 -23.32
CA ASN B 69 -54.26 4.71 -24.34
C ASN B 69 -54.08 5.43 -25.68
N GLY B 70 -53.27 6.49 -25.68
CA GLY B 70 -53.15 7.31 -26.87
C GLY B 70 -53.85 8.62 -26.67
N LYS B 71 -54.96 8.80 -27.39
CA LYS B 71 -55.88 9.90 -27.18
C LYS B 71 -57.26 9.39 -26.73
N THR B 72 -57.33 8.16 -26.24
CA THR B 72 -58.60 7.51 -25.98
C THR B 72 -59.16 7.78 -24.59
N GLN B 73 -58.31 7.94 -23.58
CA GLN B 73 -58.76 8.19 -22.21
C GLN B 73 -59.67 7.06 -21.74
N LYS B 74 -59.11 5.87 -21.68
CA LYS B 74 -59.86 4.66 -21.38
C LYS B 74 -59.80 4.34 -19.89
N SER B 75 -60.90 3.76 -19.39
CA SER B 75 -61.09 3.47 -17.98
C SER B 75 -61.21 1.97 -17.75
N ILE B 76 -60.48 1.46 -16.76
CA ILE B 76 -60.52 0.05 -16.41
C ILE B 76 -60.72 -0.13 -14.92
N LYS B 77 -61.11 -1.33 -14.55
CA LYS B 77 -61.09 -1.80 -13.17
C LYS B 77 -59.66 -1.98 -12.71
N ILE B 78 -59.41 -1.70 -11.43
CA ILE B 78 -58.05 -1.78 -10.94
C ILE B 78 -57.66 -3.26 -10.92
N ASP B 79 -56.79 -3.67 -11.84
CA ASP B 79 -56.56 -5.10 -11.98
C ASP B 79 -55.56 -5.62 -10.95
N ASN B 80 -54.33 -5.09 -10.96
CA ASN B 80 -53.39 -5.30 -9.88
C ASN B 80 -53.02 -4.03 -9.15
N LEU B 81 -52.63 -3.01 -9.90
CA LEU B 81 -52.11 -1.75 -9.37
C LEU B 81 -51.04 -2.01 -8.33
N HIS B 82 -49.97 -2.67 -8.77
CA HIS B 82 -48.90 -2.98 -7.85
C HIS B 82 -47.93 -1.81 -7.74
N VAL B 83 -47.52 -1.54 -6.50
CA VAL B 83 -46.48 -0.59 -6.17
C VAL B 83 -45.41 -1.37 -5.43
N ARG B 84 -44.15 -1.21 -5.84
CA ARG B 84 -43.08 -2.04 -5.33
C ARG B 84 -41.80 -1.23 -5.26
N THR B 85 -41.14 -1.18 -4.10
CA THR B 85 -39.82 -0.56 -4.02
C THR B 85 -38.67 -1.54 -4.18
N SER B 86 -38.62 -2.52 -3.30
CA SER B 86 -37.82 -3.72 -3.44
C SER B 86 -38.62 -4.97 -3.16
N ALA B 87 -39.73 -4.85 -2.47
CA ALA B 87 -40.77 -5.84 -2.29
C ALA B 87 -42.08 -5.11 -2.54
N PRO B 88 -43.16 -5.83 -2.81
CA PRO B 88 -44.43 -5.15 -3.03
C PRO B 88 -44.86 -4.32 -1.83
N CYS B 89 -45.47 -3.18 -2.13
CA CYS B 89 -45.99 -2.28 -1.12
C CYS B 89 -47.48 -2.50 -0.94
N SER B 90 -47.99 -2.01 0.16
CA SER B 90 -49.40 -2.13 0.52
C SER B 90 -50.11 -0.83 0.16
N LEU B 91 -51.03 -0.91 -0.78
CA LEU B 91 -51.71 0.27 -1.27
C LEU B 91 -52.68 0.75 -0.22
N VAL B 92 -52.29 1.79 0.52
CA VAL B 92 -53.18 2.35 1.52
C VAL B 92 -54.34 3.05 0.85
N SER B 93 -54.08 3.81 -0.19
CA SER B 93 -55.16 4.53 -0.84
C SER B 93 -54.74 4.93 -2.24
N HIS B 94 -55.72 5.31 -3.05
CA HIS B 94 -55.43 5.89 -4.35
C HIS B 94 -56.51 6.89 -4.66
N HIS B 95 -56.10 8.11 -4.95
CA HIS B 95 -57.02 9.22 -5.12
C HIS B 95 -56.39 10.16 -6.13
N GLY B 96 -57.14 10.47 -7.18
CA GLY B 96 -56.62 11.38 -8.17
C GLY B 96 -55.38 10.85 -8.82
N TYR B 97 -54.40 11.73 -9.04
CA TYR B 97 -53.13 11.30 -9.58
C TYR B 97 -52.31 10.51 -8.59
N TYR B 98 -52.67 10.49 -7.31
CA TYR B 98 -51.78 10.08 -6.26
C TYR B 98 -52.18 8.71 -5.74
N ILE B 99 -51.19 7.95 -5.29
CA ILE B 99 -51.42 6.72 -4.55
C ILE B 99 -50.54 6.76 -3.32
N LEU B 100 -51.08 6.28 -2.22
CA LEU B 100 -50.43 6.26 -0.93
C LEU B 100 -50.17 4.82 -0.58
N ALA B 101 -48.92 4.49 -0.32
CA ALA B 101 -48.53 3.10 -0.12
C ALA B 101 -47.51 2.99 0.98
N GLN B 102 -47.57 1.88 1.71
CA GLN B 102 -46.57 1.53 2.71
C GLN B 102 -45.51 0.65 2.07
N CYS B 103 -44.27 1.09 2.09
CA CYS B 103 -43.21 0.47 1.31
C CYS B 103 -42.01 0.11 2.17
N PRO B 104 -41.33 -1.00 1.87
CA PRO B 104 -40.07 -1.28 2.52
C PRO B 104 -38.98 -0.36 2.02
N PRO B 105 -37.87 -0.24 2.72
CA PRO B 105 -36.76 0.55 2.20
C PRO B 105 -36.29 -0.01 0.86
N GLY B 106 -35.94 0.89 -0.05
CA GLY B 106 -35.53 0.44 -1.36
C GLY B 106 -34.84 1.57 -2.09
N ASP B 107 -34.36 1.27 -3.29
CA ASP B 107 -33.65 2.21 -4.12
C ASP B 107 -34.38 2.53 -5.41
N THR B 108 -35.54 1.95 -5.65
CA THR B 108 -36.38 2.22 -6.80
C THR B 108 -37.81 2.31 -6.31
N VAL B 109 -38.67 2.92 -7.12
CA VAL B 109 -40.11 2.88 -6.89
C VAL B 109 -40.78 2.55 -8.21
N THR B 110 -41.50 1.43 -8.25
CA THR B 110 -42.17 0.96 -9.46
C THR B 110 -43.66 0.94 -9.25
N VAL B 111 -44.40 1.48 -10.21
CA VAL B 111 -45.86 1.46 -10.21
C VAL B 111 -46.32 0.84 -11.50
N GLY B 112 -47.28 -0.07 -11.42
CA GLY B 112 -47.73 -0.71 -12.64
C GLY B 112 -49.13 -1.26 -12.53
N PHE B 113 -49.68 -1.62 -13.69
CA PHE B 113 -51.04 -2.13 -13.74
C PHE B 113 -51.27 -2.92 -15.02
N HIS B 114 -52.32 -3.74 -14.97
CA HIS B 114 -52.69 -4.65 -16.03
C HIS B 114 -53.95 -4.15 -16.72
N ASP B 115 -53.91 -4.02 -18.03
CA ASP B 115 -55.09 -3.87 -18.87
C ASP B 115 -55.19 -5.14 -19.71
N GLY B 116 -55.90 -6.12 -19.18
CA GLY B 116 -56.00 -7.42 -19.80
C GLY B 116 -54.63 -8.02 -20.04
N PRO B 117 -54.29 -8.36 -21.29
CA PRO B 117 -52.95 -8.91 -21.53
C PRO B 117 -51.83 -7.92 -21.31
N ASN B 118 -52.10 -6.62 -21.42
CA ASN B 118 -51.05 -5.61 -21.47
C ASN B 118 -50.65 -5.18 -20.07
N ARG B 119 -49.35 -4.96 -19.88
CA ARG B 119 -48.80 -4.56 -18.59
C ARG B 119 -48.07 -3.25 -18.79
N HIS B 120 -48.50 -2.23 -18.05
CA HIS B 120 -47.91 -0.90 -18.08
C HIS B 120 -47.24 -0.65 -16.75
N THR B 121 -45.92 -0.47 -16.79
CA THR B 121 -45.09 -0.41 -15.60
C THR B 121 -44.08 0.73 -15.72
N CYS B 122 -43.79 1.40 -14.61
CA CYS B 122 -42.79 2.46 -14.63
C CYS B 122 -42.02 2.49 -13.33
N THR B 123 -40.69 2.42 -13.45
CA THR B 123 -39.74 2.35 -12.35
C THR B 123 -38.86 3.61 -12.35
N VAL B 124 -38.92 4.37 -11.27
CA VAL B 124 -38.07 5.53 -11.04
C VAL B 124 -37.05 5.15 -10.00
N ALA B 125 -36.05 6.00 -9.80
CA ALA B 125 -34.88 5.68 -9.01
C ALA B 125 -34.81 6.53 -7.75
N HIS B 126 -35.96 6.92 -7.25
CA HIS B 126 -36.08 7.51 -5.93
C HIS B 126 -35.77 6.49 -4.86
N LYS B 127 -34.85 6.83 -3.96
CA LYS B 127 -34.49 5.96 -2.85
C LYS B 127 -35.41 6.21 -1.68
N VAL B 128 -36.02 5.16 -1.17
CA VAL B 128 -36.98 5.24 -0.07
C VAL B 128 -36.26 4.76 1.18
N GLU B 129 -36.22 5.61 2.19
CA GLU B 129 -35.62 5.30 3.47
C GLU B 129 -36.73 5.05 4.47
N PHE B 130 -36.60 4.01 5.26
CA PHE B 130 -37.49 3.82 6.37
C PHE B 130 -37.04 4.72 7.49
N ARG B 131 -37.98 5.46 8.06
CA ARG B 131 -37.70 6.47 9.06
C ARG B 131 -38.31 6.08 10.39
N PRO B 132 -37.57 5.43 11.29
CA PRO B 132 -38.11 5.19 12.61
C PRO B 132 -38.38 6.48 13.34
N VAL B 133 -39.41 6.46 14.16
CA VAL B 133 -39.71 7.56 15.08
C VAL B 133 -39.24 7.14 16.45
N GLY B 134 -38.43 7.99 17.07
CA GLY B 134 -38.00 7.78 18.43
C GLY B 134 -36.51 7.58 18.52
N ARG B 135 -36.11 6.82 19.53
CA ARG B 135 -34.70 6.59 19.83
C ARG B 135 -34.30 5.13 19.65
N GLU B 136 -35.06 4.37 18.88
CA GLU B 136 -34.70 3.01 18.52
C GLU B 136 -34.86 2.84 17.02
N LYS B 137 -33.85 2.29 16.38
CA LYS B 137 -33.87 2.13 14.94
C LYS B 137 -34.47 0.77 14.62
N TYR B 138 -35.78 0.71 14.67
CA TYR B 138 -36.50 -0.44 14.21
C TYR B 138 -36.73 -0.35 12.71
N ARG B 139 -36.81 -1.50 12.04
CA ARG B 139 -36.96 -1.51 10.60
C ARG B 139 -38.40 -1.69 10.13
N HIS B 140 -39.26 -2.26 10.94
CA HIS B 140 -40.67 -2.46 10.63
C HIS B 140 -41.47 -2.01 11.84
N PRO B 141 -42.64 -1.40 11.68
CA PRO B 141 -43.31 -0.85 12.84
C PRO B 141 -43.73 -1.94 13.81
N PRO B 142 -43.44 -1.76 15.10
CA PRO B 142 -43.71 -2.81 16.07
C PRO B 142 -45.18 -2.95 16.38
N GLU B 143 -45.52 -4.08 16.98
CA GLU B 143 -46.90 -4.31 17.35
C GLU B 143 -47.25 -3.65 18.67
N HIS B 144 -46.29 -3.49 19.57
CA HIS B 144 -46.49 -2.81 20.83
C HIS B 144 -45.38 -1.79 20.98
N GLY B 145 -45.43 -1.02 22.06
CA GLY B 145 -44.42 -0.04 22.31
C GLY B 145 -44.96 1.23 22.93
N VAL B 146 -44.55 2.36 22.37
CA VAL B 146 -44.97 3.67 22.86
C VAL B 146 -45.53 4.45 21.69
N GLU B 147 -46.64 5.12 21.90
CA GLU B 147 -47.21 5.99 20.90
C GLU B 147 -46.48 7.32 20.94
N LEU B 148 -45.72 7.61 19.90
CA LEU B 148 -44.98 8.84 19.79
C LEU B 148 -45.49 9.69 18.63
N PRO B 149 -45.42 11.02 18.73
CA PRO B 149 -45.79 11.86 17.59
C PRO B 149 -44.92 11.61 16.38
N CYS B 150 -45.53 11.72 15.22
CA CYS B 150 -44.87 11.34 13.98
C CYS B 150 -45.61 11.96 12.81
N ASN B 151 -44.92 12.00 11.67
CA ASN B 151 -45.45 12.60 10.46
C ASN B 151 -45.96 11.50 9.55
N ARG B 152 -47.23 11.57 9.18
CA ARG B 152 -47.86 10.59 8.33
C ARG B 152 -48.71 11.30 7.31
N TYR B 153 -48.94 10.65 6.19
CA TYR B 153 -49.82 11.21 5.18
C TYR B 153 -51.24 10.84 5.54
N THR B 154 -52.12 11.83 5.59
CA THR B 154 -53.50 11.58 5.93
C THR B 154 -54.13 10.75 4.84
N HIS B 155 -55.18 10.00 5.19
CA HIS B 155 -55.75 9.07 4.23
C HIS B 155 -57.09 9.47 3.69
N LYS B 156 -57.77 10.46 4.26
CA LYS B 156 -58.85 11.12 3.54
C LYS B 156 -58.59 12.57 3.20
N ARG B 157 -58.26 13.39 4.20
CA ARG B 157 -58.23 14.83 3.98
C ARG B 157 -57.65 15.51 5.21
N ALA B 158 -57.03 16.65 4.98
CA ALA B 158 -57.03 17.78 5.90
C ALA B 158 -57.88 18.88 5.29
N ASP B 159 -58.71 19.53 6.10
CA ASP B 159 -59.54 20.64 5.61
C ASP B 159 -58.68 21.91 5.51
N GLN B 160 -57.66 21.78 4.66
CA GLN B 160 -56.48 22.62 4.55
C GLN B 160 -56.33 23.04 3.08
N GLY B 161 -55.22 23.67 2.75
CA GLY B 161 -55.09 24.55 1.61
C GLY B 161 -53.90 24.16 0.77
N HIS B 162 -53.59 22.86 0.74
CA HIS B 162 -52.53 22.32 -0.08
C HIS B 162 -53.10 22.03 -1.46
N TYR B 163 -52.52 22.62 -2.49
CA TYR B 163 -53.06 22.60 -3.84
C TYR B 163 -52.02 22.10 -4.83
N VAL B 164 -52.50 21.44 -5.87
CA VAL B 164 -51.67 20.96 -6.96
C VAL B 164 -52.00 21.78 -8.18
N GLU B 165 -50.96 22.28 -8.83
CA GLU B 165 -51.10 23.23 -9.91
C GLU B 165 -51.40 22.49 -11.20
N MET B 166 -52.44 22.92 -11.92
CA MET B 166 -52.79 22.30 -13.20
C MET B 166 -52.93 23.36 -14.26
N HIS B 167 -52.76 22.92 -15.51
CA HIS B 167 -52.82 23.78 -16.67
C HIS B 167 -53.48 23.02 -17.80
N GLN B 168 -54.05 23.75 -18.73
CA GLN B 168 -54.65 23.11 -19.88
C GLN B 168 -53.57 22.50 -20.76
N PRO B 169 -53.78 21.30 -21.29
CA PRO B 169 -52.73 20.69 -22.09
C PRO B 169 -52.39 21.52 -23.30
N GLY B 170 -51.14 21.47 -23.69
CA GLY B 170 -50.71 22.26 -24.81
C GLY B 170 -51.06 21.53 -26.08
N LEU B 171 -50.13 21.53 -27.03
CA LEU B 171 -50.37 20.94 -28.35
C LEU B 171 -50.02 19.46 -28.27
N VAL B 172 -50.99 18.65 -27.87
CA VAL B 172 -50.80 17.21 -27.85
C VAL B 172 -50.60 16.71 -29.26
N ALA B 173 -49.46 16.09 -29.52
CA ALA B 173 -49.08 15.72 -30.87
C ALA B 173 -49.58 14.33 -31.24
N ASP B 174 -50.06 14.19 -32.47
CA ASP B 174 -50.50 12.89 -32.95
C ASP B 174 -50.35 12.85 -34.46
N HIS B 175 -49.79 11.75 -34.97
CA HIS B 175 -49.68 11.48 -36.39
C HIS B 175 -50.76 10.57 -36.91
N SER B 176 -51.55 9.97 -36.03
CA SER B 176 -52.70 9.19 -36.48
C SER B 176 -53.79 10.07 -37.03
N LEU B 177 -53.75 11.37 -36.75
CA LEU B 177 -54.67 12.31 -37.37
C LEU B 177 -54.30 12.60 -38.82
N LEU B 178 -53.09 12.27 -39.21
CA LEU B 178 -52.60 12.43 -40.57
C LEU B 178 -52.77 11.15 -41.35
N SER B 179 -53.22 11.29 -42.59
CA SER B 179 -53.38 10.15 -43.49
C SER B 179 -52.96 10.58 -44.88
N ILE B 180 -52.80 9.61 -45.77
CA ILE B 180 -52.60 9.89 -47.19
C ILE B 180 -53.94 9.63 -47.86
N HIS B 181 -54.36 10.56 -48.71
CA HIS B 181 -55.67 10.50 -49.33
C HIS B 181 -55.52 11.02 -50.74
N SER B 182 -56.00 10.27 -51.72
CA SER B 182 -55.74 10.60 -53.12
C SER B 182 -54.23 10.62 -53.32
N ALA B 183 -53.65 11.80 -53.50
CA ALA B 183 -52.20 11.98 -53.54
C ALA B 183 -51.72 12.96 -52.48
N LYS B 184 -52.63 13.64 -51.80
CA LYS B 184 -52.32 14.65 -50.82
C LYS B 184 -52.45 14.05 -49.42
N VAL B 185 -52.30 14.86 -48.38
CA VAL B 185 -52.41 14.39 -47.00
C VAL B 185 -53.66 14.97 -46.37
N LYS B 186 -54.25 14.18 -45.49
CA LYS B 186 -55.56 14.45 -44.92
C LYS B 186 -55.42 14.59 -43.41
N ILE B 187 -56.04 15.63 -42.87
CA ILE B 187 -56.14 15.87 -41.44
C ILE B 187 -57.59 15.59 -41.07
N THR B 188 -57.81 14.66 -40.17
CA THR B 188 -59.14 14.35 -39.65
C THR B 188 -59.24 14.78 -38.19
N VAL B 189 -60.17 15.68 -37.88
CA VAL B 189 -60.44 16.01 -36.48
C VAL B 189 -61.29 14.88 -35.91
N PRO B 190 -60.91 14.23 -34.80
CA PRO B 190 -61.72 13.09 -34.37
C PRO B 190 -63.17 13.43 -33.99
N SER B 191 -63.36 14.39 -33.10
CA SER B 191 -64.69 14.90 -32.80
C SER B 191 -64.56 16.22 -32.06
N GLY B 192 -65.21 17.27 -32.56
CA GLY B 192 -65.36 18.52 -31.84
C GLY B 192 -64.10 19.07 -31.20
N ALA B 193 -62.94 18.74 -31.76
CA ALA B 193 -61.65 19.09 -31.21
C ALA B 193 -60.81 19.68 -32.32
N GLN B 194 -60.20 20.82 -32.07
CA GLN B 194 -59.44 21.45 -33.13
C GLN B 194 -58.08 20.81 -33.25
N VAL B 195 -57.47 21.00 -34.40
CA VAL B 195 -56.16 20.44 -34.71
C VAL B 195 -55.33 21.52 -35.39
N LYS B 196 -54.13 21.72 -34.90
CA LYS B 196 -53.18 22.64 -35.49
C LYS B 196 -52.30 21.85 -36.43
N TYR B 197 -52.25 22.24 -37.68
CA TYR B 197 -51.39 21.60 -38.66
C TYR B 197 -50.27 22.57 -38.99
N TYR B 198 -49.08 22.03 -39.13
CA TYR B 198 -47.92 22.75 -39.63
C TYR B 198 -47.31 21.85 -40.70
N CYS B 199 -47.46 22.23 -41.97
CA CYS B 199 -46.98 21.44 -43.10
C CYS B 199 -45.99 22.25 -43.93
N LYS B 200 -44.70 21.98 -43.76
CA LYS B 200 -43.66 22.53 -44.61
C LYS B 200 -43.28 21.57 -45.73
N CYS B 201 -44.21 21.29 -46.63
CA CYS B 201 -43.80 21.04 -48.01
C CYS B 201 -43.68 22.35 -48.75
N PRO B 202 -42.71 22.51 -49.60
CA PRO B 202 -41.72 23.57 -49.41
C PRO B 202 -42.28 24.89 -48.92
N ASP B 203 -43.44 25.32 -49.39
CA ASP B 203 -44.06 26.47 -48.77
C ASP B 203 -44.46 26.14 -47.33
N VAL B 204 -44.23 27.08 -46.43
CA VAL B 204 -44.62 26.88 -45.04
C VAL B 204 -46.11 27.13 -44.94
N ARG B 205 -46.86 26.09 -44.60
CA ARG B 205 -48.31 26.15 -44.46
C ARG B 205 -48.65 25.81 -43.03
N LYS B 206 -49.66 26.48 -42.49
CA LYS B 206 -50.00 26.26 -41.10
C LYS B 206 -51.41 26.75 -40.85
N GLY B 207 -52.00 26.25 -39.78
CA GLY B 207 -53.26 26.79 -39.35
C GLY B 207 -53.91 25.93 -38.29
N ILE B 208 -55.10 26.36 -37.91
CA ILE B 208 -55.93 25.68 -36.92
C ILE B 208 -57.24 25.36 -37.60
N THR B 209 -57.64 24.10 -37.56
CA THR B 209 -58.84 23.65 -38.24
C THR B 209 -59.70 22.88 -37.26
N SER B 210 -61.00 23.16 -37.30
CA SER B 210 -61.97 22.39 -36.54
C SER B 210 -62.67 21.34 -37.38
N SER B 211 -62.23 21.14 -38.63
CA SER B 211 -62.85 20.16 -39.51
C SER B 211 -61.78 19.61 -40.45
N ASP B 212 -62.16 18.57 -41.19
CA ASP B 212 -61.23 17.91 -42.08
C ASP B 212 -60.72 18.88 -43.13
N HIS B 213 -59.43 18.81 -43.44
CA HIS B 213 -58.87 19.74 -44.40
C HIS B 213 -57.64 19.12 -45.03
N THR B 214 -57.75 18.79 -46.32
CA THR B 214 -56.60 18.36 -47.10
C THR B 214 -55.63 19.52 -47.29
N THR B 215 -54.35 19.26 -47.09
CA THR B 215 -53.33 20.31 -47.08
C THR B 215 -52.42 20.24 -48.29
N THR B 216 -52.88 19.67 -49.39
CA THR B 216 -52.01 19.40 -50.53
C THR B 216 -50.88 18.53 -49.98
N CYS B 217 -49.63 18.89 -50.17
CA CYS B 217 -48.46 18.18 -49.65
C CYS B 217 -48.38 16.77 -50.21
N THR B 218 -47.21 16.16 -50.09
CA THR B 218 -46.94 14.89 -50.75
C THR B 218 -46.77 13.73 -49.79
N ASP B 219 -45.88 13.86 -48.82
CA ASP B 219 -45.59 12.78 -47.89
C ASP B 219 -46.31 13.02 -46.58
N VAL B 220 -46.52 11.94 -45.82
CA VAL B 220 -47.06 12.12 -44.49
C VAL B 220 -46.04 12.80 -43.59
N LYS B 221 -44.75 12.56 -43.80
CA LYS B 221 -43.76 13.28 -43.02
C LYS B 221 -43.45 14.64 -43.61
N GLN B 222 -44.45 15.46 -43.85
CA GLN B 222 -44.23 16.89 -43.96
C GLN B 222 -45.30 17.72 -43.26
N CYS B 223 -46.24 17.12 -42.56
CA CYS B 223 -47.53 17.75 -42.25
C CYS B 223 -47.89 17.64 -40.77
N ARG B 224 -46.94 17.90 -39.87
CA ARG B 224 -47.12 17.60 -38.44
C ARG B 224 -48.36 18.22 -37.85
N ALA B 225 -49.20 17.40 -37.24
CA ALA B 225 -50.48 17.85 -36.69
C ALA B 225 -50.51 17.62 -35.20
N TYR B 226 -51.17 18.54 -34.50
CA TYR B 226 -51.24 18.55 -33.06
C TYR B 226 -52.70 18.68 -32.65
N LEU B 227 -53.19 17.73 -31.87
CA LEU B 227 -54.52 17.85 -31.30
C LEU B 227 -54.49 18.91 -30.23
N ILE B 228 -55.40 19.88 -30.33
CA ILE B 228 -55.58 20.89 -29.29
C ILE B 228 -56.92 20.59 -28.65
N ASP B 229 -56.88 20.14 -27.41
CA ASP B 229 -58.07 19.85 -26.63
C ASP B 229 -57.97 20.68 -25.36
N ASN B 230 -59.02 21.46 -25.08
CA ASN B 230 -59.05 22.33 -23.93
C ASN B 230 -60.22 22.04 -22.99
N LYS B 231 -60.74 20.82 -23.00
CA LYS B 231 -61.84 20.48 -22.11
C LYS B 231 -61.40 19.88 -20.79
N LYS B 232 -60.13 19.47 -20.68
CA LYS B 232 -59.59 18.91 -19.46
C LYS B 232 -58.36 19.69 -19.03
N TRP B 233 -57.87 19.35 -17.85
CA TRP B 233 -56.67 19.88 -17.25
C TRP B 233 -55.66 18.76 -17.08
N VAL B 234 -54.40 19.12 -17.04
CA VAL B 234 -53.32 18.19 -16.78
C VAL B 234 -52.41 18.81 -15.74
N TYR B 235 -51.75 17.97 -14.98
CA TYR B 235 -50.78 18.43 -14.01
C TYR B 235 -49.66 19.18 -14.71
N ASN B 236 -49.19 20.23 -14.07
CA ASN B 236 -48.22 21.13 -14.68
C ASN B 236 -46.88 20.43 -14.62
N SER B 237 -46.74 19.39 -15.43
CA SER B 237 -45.66 18.44 -15.34
C SER B 237 -44.47 18.92 -16.12
N GLY B 238 -43.29 18.63 -15.61
CA GLY B 238 -42.10 18.94 -16.35
C GLY B 238 -41.87 18.07 -17.56
N ARG B 239 -42.61 16.98 -17.70
CA ARG B 239 -42.48 16.08 -18.82
C ARG B 239 -43.53 16.31 -19.89
N LEU B 240 -44.34 17.34 -19.78
CA LEU B 240 -45.36 17.66 -20.75
C LEU B 240 -45.06 19.02 -21.37
N PRO B 241 -45.03 19.16 -22.70
CA PRO B 241 -44.76 20.46 -23.29
C PRO B 241 -45.86 21.47 -23.04
N ARG B 242 -45.49 22.73 -23.21
CA ARG B 242 -46.38 23.88 -23.13
C ARG B 242 -45.99 24.82 -24.25
N GLY B 243 -46.88 25.74 -24.61
CA GLY B 243 -46.62 26.64 -25.71
C GLY B 243 -46.12 27.99 -25.23
N GLU B 244 -45.91 28.89 -26.19
CA GLU B 244 -45.16 30.09 -25.87
C GLU B 244 -45.92 31.03 -24.96
N GLY B 245 -47.25 31.13 -25.13
CA GLY B 245 -48.02 32.12 -24.40
C GLY B 245 -48.98 31.61 -23.34
N ASP B 246 -49.07 30.30 -23.14
CA ASP B 246 -49.97 29.79 -22.12
C ASP B 246 -49.34 30.03 -20.75
N THR B 247 -50.04 30.78 -19.88
CA THR B 247 -49.69 30.82 -18.47
C THR B 247 -50.85 30.56 -17.52
N PHE B 248 -51.99 30.10 -18.01
CA PHE B 248 -53.15 29.96 -17.13
C PHE B 248 -53.02 28.71 -16.25
N LYS B 249 -53.31 28.87 -14.96
CA LYS B 249 -53.14 27.82 -13.98
C LYS B 249 -54.47 27.25 -13.51
N GLY B 250 -54.43 26.07 -12.85
CA GLY B 250 -55.64 25.42 -12.38
C GLY B 250 -55.92 25.05 -10.92
N LYS B 251 -54.91 24.88 -10.08
CA LYS B 251 -55.09 24.84 -8.63
C LYS B 251 -56.11 23.82 -8.12
N LEU B 252 -55.87 22.53 -8.35
CA LEU B 252 -56.72 21.51 -7.74
C LEU B 252 -56.18 21.04 -6.39
N HIS B 253 -57.09 20.56 -5.55
CA HIS B 253 -56.74 20.05 -4.22
C HIS B 253 -55.90 18.79 -4.30
N VAL B 254 -54.96 18.66 -3.39
CA VAL B 254 -54.14 17.46 -3.27
C VAL B 254 -54.72 16.59 -2.16
N PRO B 255 -55.01 15.32 -2.40
CA PRO B 255 -55.33 14.43 -1.31
C PRO B 255 -54.04 13.94 -0.67
N PHE B 256 -54.19 13.41 0.53
CA PHE B 256 -53.07 12.87 1.28
C PHE B 256 -52.02 13.92 1.57
N VAL B 257 -52.47 14.99 2.21
CA VAL B 257 -51.59 16.01 2.73
C VAL B 257 -50.86 15.48 3.96
N PRO B 258 -49.69 16.00 4.31
CA PRO B 258 -49.05 15.59 5.55
C PRO B 258 -49.84 16.00 6.78
N VAL B 259 -49.69 15.21 7.83
CA VAL B 259 -50.38 15.43 9.09
C VAL B 259 -49.54 14.83 10.19
N LYS B 260 -49.79 15.26 11.42
CA LYS B 260 -49.13 14.73 12.59
C LYS B 260 -50.05 13.74 13.30
N ALA B 261 -49.55 12.54 13.50
CA ALA B 261 -50.30 11.44 14.06
C ALA B 261 -49.40 10.76 15.06
N LYS B 262 -49.81 9.60 15.57
CA LYS B 262 -49.07 8.89 16.61
C LYS B 262 -48.73 7.50 16.12
N CYS B 263 -47.45 7.24 15.91
CA CYS B 263 -46.98 5.91 15.54
C CYS B 263 -46.37 5.19 16.74
N ILE B 264 -46.47 3.88 16.71
CA ILE B 264 -45.91 3.04 17.77
C ILE B 264 -44.44 2.83 17.49
N ALA B 265 -43.61 3.08 18.49
CA ALA B 265 -42.18 2.90 18.46
C ALA B 265 -41.79 1.83 19.45
N THR B 266 -40.67 1.15 19.20
CA THR B 266 -40.27 0.03 20.01
C THR B 266 -39.90 0.49 21.41
N LEU B 267 -40.04 -0.41 22.37
CA LEU B 267 -39.56 -0.22 23.73
C LEU B 267 -38.54 -1.31 24.03
N ALA B 268 -37.30 -0.92 24.23
CA ALA B 268 -36.23 -1.87 24.43
C ALA B 268 -36.38 -2.59 25.75
N PRO B 269 -35.84 -3.79 25.87
CA PRO B 269 -35.89 -4.49 27.15
C PRO B 269 -35.23 -3.68 28.25
N GLU B 270 -35.81 -3.74 29.44
CA GLU B 270 -35.34 -2.91 30.52
C GLU B 270 -33.92 -3.33 30.88
N PRO B 271 -33.00 -2.40 31.09
CA PRO B 271 -31.65 -2.79 31.45
C PRO B 271 -31.59 -3.41 32.83
N LEU B 272 -30.66 -4.33 33.00
CA LEU B 272 -30.37 -4.85 34.34
C LEU B 272 -29.46 -3.86 35.05
N VAL B 273 -29.88 -3.43 36.22
CA VAL B 273 -29.22 -2.36 36.96
C VAL B 273 -28.57 -2.94 38.20
N GLU B 274 -27.26 -2.76 38.32
CA GLU B 274 -26.49 -3.11 39.50
C GLU B 274 -25.87 -1.84 40.05
N HIS B 275 -25.72 -1.78 41.36
CA HIS B 275 -25.23 -0.62 42.06
C HIS B 275 -23.93 -0.97 42.75
N LYS B 276 -22.88 -0.21 42.46
CA LYS B 276 -21.66 -0.18 43.24
C LYS B 276 -21.53 1.19 43.86
N HIS B 277 -20.57 1.35 44.75
CA HIS B 277 -20.38 2.63 45.41
C HIS B 277 -20.12 3.71 44.38
N ARG B 278 -21.04 4.65 44.28
CA ARG B 278 -20.93 5.76 43.35
C ARG B 278 -20.82 5.27 41.92
N THR B 279 -21.45 4.14 41.60
CA THR B 279 -21.42 3.62 40.25
C THR B 279 -22.71 2.90 39.92
N LEU B 280 -23.19 3.11 38.69
CA LEU B 280 -24.38 2.46 38.17
C LEU B 280 -23.96 1.61 36.99
N ILE B 281 -24.11 0.30 37.12
CA ILE B 281 -23.73 -0.66 36.12
C ILE B 281 -24.99 -1.11 35.41
N LEU B 282 -25.10 -0.81 34.13
CA LEU B 282 -26.28 -1.09 33.34
C LEU B 282 -25.91 -2.10 32.28
N HIS B 283 -26.65 -3.20 32.26
CA HIS B 283 -26.52 -4.22 31.23
C HIS B 283 -27.65 -4.00 30.26
N LEU B 284 -27.30 -3.82 29.00
CA LEU B 284 -28.21 -3.43 27.94
C LEU B 284 -28.22 -4.51 26.90
N HIS B 285 -29.43 -4.99 26.57
CA HIS B 285 -29.64 -6.05 25.58
C HIS B 285 -30.66 -5.53 24.58
N PRO B 286 -30.26 -4.67 23.67
CA PRO B 286 -31.21 -4.10 22.72
C PRO B 286 -31.59 -5.07 21.62
N ASP B 287 -32.85 -5.00 21.20
CA ASP B 287 -33.26 -5.72 20.01
C ASP B 287 -32.78 -5.05 18.74
N HIS B 288 -32.86 -3.72 18.68
CA HIS B 288 -32.43 -2.90 17.57
C HIS B 288 -31.54 -1.80 18.13
N PRO B 289 -30.73 -1.16 17.30
CA PRO B 289 -29.89 -0.07 17.81
C PRO B 289 -30.67 0.98 18.58
N THR B 290 -30.29 1.12 19.85
CA THR B 290 -31.00 1.91 20.83
C THR B 290 -30.09 2.99 21.38
N LEU B 291 -30.64 4.16 21.60
CA LEU B 291 -29.90 5.31 22.08
C LEU B 291 -29.91 5.35 23.59
N LEU B 292 -28.73 5.53 24.17
CA LEU B 292 -28.56 5.68 25.61
C LEU B 292 -27.91 7.03 25.85
N THR B 293 -28.53 7.84 26.68
CA THR B 293 -28.06 9.18 26.98
C THR B 293 -28.03 9.38 28.47
N THR B 294 -26.96 10.00 28.97
CA THR B 294 -26.83 10.29 30.38
C THR B 294 -26.37 11.72 30.57
N ARG B 295 -26.81 12.30 31.68
CA ARG B 295 -26.31 13.60 32.10
C ARG B 295 -26.39 13.70 33.62
N SER B 296 -25.45 14.42 34.20
CA SER B 296 -25.41 14.65 35.63
C SER B 296 -26.25 15.87 35.97
N LEU B 297 -26.89 15.82 37.12
CA LEU B 297 -27.80 16.87 37.54
C LEU B 297 -27.10 17.99 38.29
N GLY B 298 -25.80 18.13 38.13
CA GLY B 298 -25.04 19.19 38.75
C GLY B 298 -24.65 20.27 37.78
N SER B 299 -23.65 21.05 38.18
CA SER B 299 -23.24 22.21 37.37
C SER B 299 -22.75 21.79 36.01
N ASP B 300 -21.95 20.74 35.93
CA ASP B 300 -21.38 20.26 34.68
C ASP B 300 -22.25 19.08 34.29
N ALA B 301 -22.86 19.15 33.11
CA ALA B 301 -23.73 18.07 32.68
C ALA B 301 -22.94 16.80 32.46
N ASN B 302 -21.76 16.91 31.87
CA ASN B 302 -21.00 15.76 31.39
C ASN B 302 -21.86 14.82 30.55
N PRO B 303 -22.50 15.34 29.50
CA PRO B 303 -23.41 14.51 28.72
C PRO B 303 -22.69 13.41 27.98
N THR B 304 -23.34 12.25 27.89
CA THR B 304 -22.84 11.12 27.12
C THR B 304 -23.98 10.58 26.29
N ARG B 305 -23.73 10.37 25.00
CA ARG B 305 -24.72 9.85 24.06
C ARG B 305 -24.11 8.70 23.26
N GLN B 306 -24.79 7.55 23.25
CA GLN B 306 -24.26 6.33 22.68
C GLN B 306 -25.34 5.54 21.96
N TRP B 307 -24.97 4.88 20.87
CA TRP B 307 -25.86 3.98 20.13
C TRP B 307 -25.43 2.56 20.38
N ILE B 308 -26.20 1.85 21.20
CA ILE B 308 -25.89 0.47 21.56
C ILE B 308 -26.62 -0.43 20.59
N GLU B 309 -25.86 -1.26 19.86
CA GLU B 309 -26.41 -2.23 18.94
C GLU B 309 -26.18 -3.67 19.39
N ARG B 310 -25.21 -3.90 20.24
CA ARG B 310 -24.81 -5.20 20.75
C ARG B 310 -24.99 -5.19 22.26
N PRO B 311 -25.13 -6.35 22.90
CA PRO B 311 -25.27 -6.33 24.35
C PRO B 311 -24.01 -5.79 25.02
N THR B 312 -24.20 -4.79 25.87
CA THR B 312 -23.08 -4.03 26.42
C THR B 312 -23.32 -3.78 27.91
N THR B 313 -22.23 -3.61 28.64
CA THR B 313 -22.27 -3.11 30.01
C THR B 313 -21.65 -1.72 30.04
N VAL B 314 -22.34 -0.78 30.66
CA VAL B 314 -21.87 0.60 30.81
C VAL B 314 -21.92 0.98 32.28
N ASN B 315 -20.95 1.76 32.72
CA ASN B 315 -20.57 1.89 34.12
C ASN B 315 -20.56 3.34 34.55
N PHE B 316 -21.60 4.07 34.18
CA PHE B 316 -21.78 5.47 34.53
C PHE B 316 -21.48 5.76 35.99
N THR B 317 -20.81 6.89 36.23
CA THR B 317 -20.45 7.31 37.58
C THR B 317 -21.52 8.23 38.13
N VAL B 318 -22.23 7.76 39.12
CA VAL B 318 -23.27 8.53 39.79
C VAL B 318 -22.66 9.23 40.98
N THR B 319 -22.86 10.54 41.06
CA THR B 319 -22.39 11.32 42.18
C THR B 319 -23.55 11.63 43.10
N GLY B 320 -23.28 12.39 44.15
CA GLY B 320 -24.34 12.81 45.03
C GLY B 320 -25.26 13.83 44.42
N GLU B 321 -24.77 14.57 43.42
CA GLU B 321 -25.60 15.55 42.75
C GLU B 321 -26.66 14.89 41.89
N GLY B 322 -26.39 13.69 41.39
CA GLY B 322 -27.37 12.92 40.67
C GLY B 322 -26.91 12.60 39.26
N LEU B 323 -27.64 11.65 38.68
CA LEU B 323 -27.50 11.28 37.28
C LEU B 323 -28.88 11.05 36.73
N GLU B 324 -29.02 11.21 35.42
CA GLU B 324 -30.25 10.94 34.71
C GLU B 324 -29.89 10.20 33.44
N TYR B 325 -30.45 9.01 33.24
CA TYR B 325 -30.19 8.21 32.07
C TYR B 325 -31.50 7.86 31.38
N THR B 326 -31.52 8.02 30.05
CA THR B 326 -32.59 7.57 29.18
C THR B 326 -32.09 6.45 28.31
N TRP B 327 -32.82 5.34 28.31
CA TRP B 327 -32.51 4.16 27.54
C TRP B 327 -33.63 3.98 26.53
N GLY B 328 -33.36 4.34 25.30
CA GLY B 328 -34.33 4.16 24.26
C GLY B 328 -35.52 5.05 24.48
N ASN B 329 -36.70 4.54 24.16
CA ASN B 329 -37.93 5.27 24.30
C ASN B 329 -38.49 5.21 25.71
N HIS B 330 -37.74 4.69 26.66
CA HIS B 330 -38.15 4.70 28.03
C HIS B 330 -38.08 6.11 28.61
N PRO B 331 -38.92 6.44 29.59
CA PRO B 331 -38.84 7.76 30.19
C PRO B 331 -37.51 7.95 30.91
N PRO B 332 -37.00 9.17 30.96
CA PRO B 332 -35.74 9.38 31.69
C PRO B 332 -35.85 8.99 33.15
N LYS B 333 -34.80 8.35 33.65
CA LYS B 333 -34.74 7.84 35.01
C LYS B 333 -33.59 8.49 35.75
N ARG B 334 -33.86 9.03 36.93
CA ARG B 334 -32.88 9.76 37.71
C ARG B 334 -32.48 8.96 38.93
N VAL B 335 -31.18 8.90 39.19
CA VAL B 335 -30.60 8.15 40.29
C VAL B 335 -29.67 9.06 41.07
N TRP B 336 -29.47 8.74 42.35
CA TRP B 336 -28.56 9.48 43.23
C TRP B 336 -27.74 8.51 44.03
N ALA B 337 -26.48 8.85 44.26
CA ALA B 337 -25.53 7.99 44.95
C ALA B 337 -25.47 8.40 46.41
N GLN B 338 -25.58 7.44 47.30
CA GLN B 338 -25.56 7.70 48.72
C GLN B 338 -24.13 7.61 49.23
N GLU B 339 -23.92 7.98 50.49
CA GLU B 339 -22.62 7.90 51.12
C GLU B 339 -22.36 6.52 51.70
N SER B 340 -22.48 5.51 50.87
CA SER B 340 -22.39 4.13 51.29
C SER B 340 -20.99 3.57 51.16
N GLY B 341 -19.98 4.43 51.19
CA GLY B 341 -18.63 3.96 50.94
C GLY B 341 -18.16 3.00 52.02
N GLU B 342 -17.27 2.11 51.62
CA GLU B 342 -16.66 1.19 52.55
C GLU B 342 -15.69 1.94 53.45
N GLY B 343 -15.27 1.27 54.51
CA GLY B 343 -14.43 1.87 55.50
C GLY B 343 -15.20 2.15 56.78
N ASN B 344 -14.48 2.17 57.89
CA ASN B 344 -15.07 2.25 59.21
C ASN B 344 -14.48 3.48 59.89
N PRO B 345 -15.17 4.61 59.95
CA PRO B 345 -14.75 5.68 60.85
C PRO B 345 -15.05 5.24 62.27
N HIS B 346 -14.57 6.01 63.23
CA HIS B 346 -14.55 5.62 64.64
C HIS B 346 -13.59 4.49 64.95
N GLY B 347 -12.80 4.04 63.99
CA GLY B 347 -11.91 2.90 64.22
C GLY B 347 -10.44 3.21 64.16
N TRP B 348 -9.66 2.22 63.74
CA TRP B 348 -8.22 2.37 63.70
C TRP B 348 -7.82 3.30 62.55
N PRO B 349 -6.62 3.88 62.61
CA PRO B 349 -6.26 4.92 61.63
C PRO B 349 -6.34 4.49 60.18
N HIS B 350 -5.99 3.24 59.87
CA HIS B 350 -6.14 2.77 58.51
C HIS B 350 -7.61 2.74 58.11
N GLU B 351 -8.48 2.35 59.04
CA GLU B 351 -9.90 2.34 58.75
C GLU B 351 -10.42 3.74 58.48
N VAL B 352 -10.00 4.72 59.28
CA VAL B 352 -10.39 6.11 59.08
C VAL B 352 -9.92 6.59 57.71
N VAL B 353 -8.69 6.24 57.35
CA VAL B 353 -8.13 6.69 56.08
C VAL B 353 -8.94 6.12 54.94
N VAL B 354 -9.29 4.84 55.01
CA VAL B 354 -10.00 4.24 53.87
C VAL B 354 -11.41 4.80 53.79
N TYR B 355 -12.06 5.05 54.92
CA TYR B 355 -13.39 5.64 54.85
C TYR B 355 -13.34 7.00 54.17
N TYR B 356 -12.39 7.84 54.56
CA TYR B 356 -12.32 9.17 53.97
C TYR B 356 -11.71 9.18 52.58
N TYR B 357 -11.06 8.10 52.18
CA TYR B 357 -10.56 8.02 50.82
C TYR B 357 -11.62 7.53 49.87
N ASN B 358 -12.53 6.72 50.37
CA ASN B 358 -13.68 6.35 49.56
C ASN B 358 -14.67 7.50 49.48
N ARG B 359 -14.87 8.21 50.58
CA ARG B 359 -15.83 9.31 50.58
C ARG B 359 -15.33 10.46 49.72
N TYR B 360 -14.04 10.81 49.82
CA TYR B 360 -13.48 12.01 49.20
C TYR B 360 -12.11 11.64 48.63
N PRO B 361 -12.04 11.22 47.37
CA PRO B 361 -10.79 10.64 46.88
C PRO B 361 -9.61 11.58 46.82
N LEU B 362 -9.81 12.88 46.59
CA LEU B 362 -8.70 13.80 46.35
C LEU B 362 -8.80 15.03 47.24
N THR B 363 -9.36 14.85 48.43
CA THR B 363 -9.22 15.81 49.51
C THR B 363 -8.81 15.06 50.77
N THR B 364 -8.51 13.78 50.65
CA THR B 364 -7.73 13.06 51.63
C THR B 364 -6.27 12.95 51.19
N ILE B 365 -6.00 12.55 49.95
CA ILE B 365 -4.64 12.65 49.43
C ILE B 365 -4.06 14.03 49.72
N ILE B 366 -4.79 15.09 49.36
CA ILE B 366 -4.34 16.44 49.67
C ILE B 366 -4.23 16.65 51.17
N GLY B 367 -5.10 16.01 51.94
CA GLY B 367 -5.25 16.29 53.34
C GLY B 367 -4.12 15.67 54.11
N LEU B 368 -4.02 14.34 54.03
CA LEU B 368 -2.84 13.63 54.46
C LEU B 368 -1.55 14.30 53.99
N CYS B 369 -1.43 14.62 52.70
CA CYS B 369 -0.14 15.06 52.20
C CYS B 369 0.25 16.42 52.74
N THR B 370 -0.72 17.27 53.07
CA THR B 370 -0.45 18.63 53.52
C THR B 370 -0.67 18.79 55.01
N CYS B 371 -1.12 17.74 55.68
CA CYS B 371 -1.08 17.60 57.12
C CYS B 371 0.08 16.73 57.57
N VAL B 372 0.78 16.09 56.64
CA VAL B 372 1.98 15.35 56.93
C VAL B 372 3.22 16.12 56.53
N ALA B 373 3.23 16.74 55.35
CA ALA B 373 4.35 17.60 55.04
C ALA B 373 4.41 18.78 56.00
N ILE B 374 3.26 19.37 56.34
CA ILE B 374 3.28 20.50 57.24
C ILE B 374 3.76 20.11 58.63
N ILE B 375 3.28 18.97 59.16
CA ILE B 375 3.76 18.58 60.49
C ILE B 375 5.22 18.19 60.44
N MET B 376 5.68 17.62 59.34
CA MET B 376 7.10 17.32 59.21
C MET B 376 7.93 18.60 59.22
N VAL B 377 7.49 19.61 58.48
CA VAL B 377 8.22 20.88 58.44
C VAL B 377 8.25 21.53 59.81
N SER B 378 7.10 21.55 60.48
CA SER B 378 7.06 22.11 61.82
C SER B 378 7.93 21.31 62.78
N CYS B 379 7.93 19.99 62.63
CA CYS B 379 8.72 19.16 63.51
C CYS B 379 10.20 19.41 63.36
N VAL B 380 10.68 19.51 62.11
CA VAL B 380 12.11 19.76 61.93
C VAL B 380 12.47 21.17 62.35
N THR B 381 11.57 22.13 62.15
CA THR B 381 11.85 23.46 62.64
C THR B 381 11.96 23.47 64.15
N SER B 382 11.05 22.80 64.84
CA SER B 382 11.15 22.73 66.29
C SER B 382 12.38 22.00 66.73
N VAL B 383 12.78 20.97 65.98
CA VAL B 383 13.99 20.25 66.32
C VAL B 383 15.20 21.14 66.18
N TRP B 384 15.25 21.93 65.11
CA TRP B 384 16.38 22.83 64.92
C TRP B 384 16.40 23.88 66.00
N LEU B 385 15.25 24.36 66.39
CA LEU B 385 15.20 25.32 67.47
C LEU B 385 15.71 24.69 68.76
N LEU B 386 15.32 23.44 69.01
CA LEU B 386 15.79 22.76 70.22
C LEU B 386 17.29 22.53 70.16
N CYS B 387 17.80 22.19 68.98
CA CYS B 387 19.24 22.01 68.83
C CYS B 387 19.98 23.31 69.08
N ARG B 388 19.46 24.41 68.54
CA ARG B 388 20.14 25.68 68.71
C ARG B 388 20.16 26.08 70.16
N THR B 389 19.05 25.90 70.86
CA THR B 389 19.07 26.24 72.27
C THR B 389 19.94 25.29 73.05
N ARG B 390 20.07 24.04 72.64
CA ARG B 390 21.04 23.20 73.32
C ARG B 390 22.45 23.74 73.14
N ASN B 391 22.78 24.12 71.90
CA ASN B 391 24.13 24.60 71.62
C ASN B 391 24.40 25.80 72.49
N LEU B 392 23.44 26.71 72.58
CA LEU B 392 23.63 27.87 73.43
C LEU B 392 23.72 27.47 74.89
N CYS B 393 22.96 26.47 75.31
CA CYS B 393 22.97 26.13 76.73
C CYS B 393 24.31 25.56 77.13
N ILE B 394 24.88 24.70 76.29
CA ILE B 394 26.10 24.02 76.67
C ILE B 394 27.36 24.76 76.30
N THR B 395 27.34 25.63 75.28
CA THR B 395 28.59 26.22 74.83
C THR B 395 29.28 27.08 75.88
N PRO B 396 28.61 27.81 76.77
CA PRO B 396 29.38 28.44 77.83
C PRO B 396 30.09 27.48 78.73
N TYR B 397 29.38 26.52 79.29
CA TYR B 397 30.04 25.56 80.15
C TYR B 397 31.04 24.75 79.38
N LYS B 398 30.73 24.49 78.12
CA LYS B 398 31.61 23.75 77.23
C LYS B 398 32.94 24.45 77.10
N LEU B 399 32.95 25.75 77.18
CA LEU B 399 34.19 26.50 77.17
C LEU B 399 34.90 26.63 78.51
N ALA B 400 34.31 26.23 79.63
CA ALA B 400 34.93 26.40 80.95
C ALA B 400 35.19 25.06 81.60
N PRO B 401 36.37 24.49 81.43
CA PRO B 401 36.69 23.23 82.06
C PRO B 401 36.43 23.13 83.53
N ASN B 402 36.42 24.24 84.23
CA ASN B 402 36.23 24.22 85.68
C ASN B 402 34.97 25.00 85.95
N ALA B 403 33.96 24.31 86.46
CA ALA B 403 32.73 24.93 86.86
C ALA B 403 31.93 23.88 87.58
N GLN B 404 30.96 24.32 88.35
CA GLN B 404 29.96 23.43 88.91
C GLN B 404 28.79 23.56 87.97
N VAL B 405 28.67 22.60 87.05
CA VAL B 405 27.58 22.60 86.09
C VAL B 405 26.31 22.41 86.89
N PRO B 406 25.39 23.36 86.92
CA PRO B 406 24.18 23.16 87.72
C PRO B 406 23.35 22.02 87.18
N ILE B 407 23.21 20.95 87.97
CA ILE B 407 22.86 19.64 87.45
C ILE B 407 21.47 19.61 86.82
N LEU B 408 20.63 20.60 87.11
CA LEU B 408 19.36 20.67 86.40
C LEU B 408 19.61 21.03 84.93
N LEU B 409 20.60 21.89 84.70
CA LEU B 409 20.96 22.24 83.33
C LEU B 409 21.83 21.17 82.72
N ALA B 410 22.65 20.51 83.53
CA ALA B 410 23.45 19.42 83.01
C ALA B 410 22.56 18.31 82.50
N LEU B 411 21.49 18.00 83.24
CA LEU B 411 20.54 17.00 82.76
C LEU B 411 19.74 17.50 81.55
N LEU B 412 19.05 18.64 81.70
CA LEU B 412 18.09 19.07 80.67
C LEU B 412 18.71 19.20 79.28
N CYS B 413 19.96 19.60 79.19
CA CYS B 413 20.75 19.52 77.97
C CYS B 413 21.64 18.31 78.05
N CYS B 414 22.22 17.89 76.93
CA CYS B 414 23.24 16.85 77.01
C CYS B 414 24.55 17.49 77.46
N ILE B 415 25.07 17.03 78.59
CA ILE B 415 26.21 17.64 79.28
C ILE B 415 26.90 16.55 80.08
N LYS B 416 28.23 16.57 80.08
CA LYS B 416 29.04 15.55 80.76
C LYS B 416 29.65 16.22 81.98
N PRO B 417 28.95 16.26 83.13
CA PRO B 417 29.35 17.20 84.18
C PRO B 417 30.63 16.83 84.89
N THR B 418 31.01 17.64 85.87
CA THR B 418 32.14 17.34 86.73
C THR B 418 31.69 16.40 87.83
N THR C 1 -68.53 39.80 1.49
CA THR C 1 -68.48 38.60 0.65
C THR C 1 -67.44 38.81 -0.45
N VAL C 2 -66.95 37.69 -0.98
CA VAL C 2 -65.87 37.64 -1.95
C VAL C 2 -66.43 37.64 -3.35
N MET C 3 -65.76 38.36 -4.26
CA MET C 3 -66.13 38.44 -5.66
C MET C 3 -65.13 37.65 -6.49
N CYS C 4 -65.62 37.01 -7.56
CA CYS C 4 -64.78 36.38 -8.56
C CYS C 4 -65.26 36.69 -9.96
N VAL C 5 -64.31 36.64 -10.89
CA VAL C 5 -64.34 37.33 -12.17
C VAL C 5 -64.31 36.31 -13.28
N LEU C 6 -65.22 36.44 -14.24
CA LEU C 6 -65.25 35.65 -15.46
C LEU C 6 -65.39 36.63 -16.62
N ALA C 7 -64.31 36.81 -17.38
CA ALA C 7 -64.26 37.82 -18.44
C ALA C 7 -64.49 39.16 -17.75
N ASN C 8 -65.45 39.97 -18.18
CA ASN C 8 -65.83 41.19 -17.46
C ASN C 8 -66.94 40.97 -16.45
N ILE C 9 -67.56 39.79 -16.45
CA ILE C 9 -68.61 39.49 -15.49
C ILE C 9 -67.97 39.31 -14.12
N THR C 10 -68.64 39.83 -13.10
CA THR C 10 -68.21 39.69 -11.71
C THR C 10 -69.39 39.16 -10.92
N PHE C 11 -69.16 38.12 -10.13
CA PHE C 11 -70.21 37.50 -9.35
C PHE C 11 -69.68 37.07 -7.98
N PRO C 12 -70.54 36.96 -6.96
CA PRO C 12 -70.10 36.26 -5.76
C PRO C 12 -69.69 34.84 -6.08
N CYS C 13 -68.57 34.41 -5.51
CA CYS C 13 -67.96 33.15 -5.90
C CYS C 13 -68.81 31.95 -5.56
N ASP C 14 -69.47 31.95 -4.41
CA ASP C 14 -70.17 30.76 -4.00
C ASP C 14 -71.36 30.47 -4.90
N GLN C 15 -71.82 31.45 -5.68
CA GLN C 15 -72.97 31.32 -6.57
C GLN C 15 -72.59 31.75 -7.98
N PRO C 16 -71.74 30.98 -8.65
CA PRO C 16 -71.39 31.31 -10.03
C PRO C 16 -72.62 31.20 -10.92
N PRO C 17 -72.54 31.65 -12.19
CA PRO C 17 -73.76 31.75 -12.99
C PRO C 17 -74.55 30.47 -13.16
N CYS C 18 -73.96 29.39 -13.65
CA CYS C 18 -74.62 28.09 -13.51
C CYS C 18 -74.65 27.75 -12.02
N MET C 19 -75.81 27.55 -11.42
CA MET C 19 -75.78 26.61 -10.30
C MET C 19 -75.75 25.12 -10.65
N PRO C 20 -76.66 24.62 -11.54
CA PRO C 20 -76.91 23.16 -11.57
C PRO C 20 -75.72 22.24 -11.83
N CYS C 21 -75.08 22.48 -12.96
CA CYS C 21 -73.82 21.88 -13.38
C CYS C 21 -73.20 22.93 -14.27
N CYS C 22 -71.92 23.24 -14.10
CA CYS C 22 -71.27 24.13 -15.05
C CYS C 22 -70.02 23.50 -15.62
N TYR C 23 -70.00 22.18 -15.69
CA TYR C 23 -68.93 21.44 -16.33
C TYR C 23 -69.44 20.63 -17.50
N GLU C 24 -70.65 20.10 -17.42
CA GLU C 24 -71.21 19.43 -18.59
C GLU C 24 -71.64 20.46 -19.62
N LYS C 25 -72.19 21.58 -19.17
CA LYS C 25 -72.66 22.59 -20.11
C LYS C 25 -71.53 23.12 -20.99
N ASN C 26 -70.52 23.73 -20.38
CA ASN C 26 -69.35 24.24 -21.11
C ASN C 26 -68.09 23.96 -20.33
N PRO C 27 -67.44 22.80 -20.57
CA PRO C 27 -66.20 22.54 -19.82
C PRO C 27 -65.09 23.56 -20.00
N HIS C 28 -64.89 24.09 -21.21
CA HIS C 28 -63.83 25.05 -21.42
C HIS C 28 -64.09 26.33 -20.64
N GLU C 29 -65.34 26.78 -20.61
CA GLU C 29 -65.71 27.96 -19.85
C GLU C 29 -65.51 27.71 -18.36
N THR C 30 -65.87 26.52 -17.88
CA THR C 30 -65.70 26.21 -16.47
C THR C 30 -64.24 26.28 -16.08
N LEU C 31 -63.38 25.69 -16.91
CA LEU C 31 -61.97 25.70 -16.59
C LEU C 31 -61.45 27.13 -16.63
N THR C 32 -61.80 27.87 -17.68
CA THR C 32 -61.33 29.24 -17.81
C THR C 32 -61.73 30.07 -16.60
N MET C 33 -62.97 29.91 -16.13
CA MET C 33 -63.36 30.71 -14.98
C MET C 33 -62.51 30.34 -13.79
N LEU C 34 -62.17 29.04 -13.66
CA LEU C 34 -61.32 28.67 -12.53
C LEU C 34 -59.91 29.21 -12.70
N GLU C 35 -59.45 29.35 -13.94
CA GLU C 35 -58.10 29.81 -14.18
C GLU C 35 -57.97 31.30 -13.88
N GLN C 36 -58.99 32.08 -14.23
CA GLN C 36 -58.92 33.52 -13.98
C GLN C 36 -58.89 33.83 -12.50
N ASN C 37 -59.42 32.94 -11.66
CA ASN C 37 -59.55 33.13 -10.23
C ASN C 37 -58.50 32.38 -9.42
N TYR C 38 -57.30 32.24 -9.99
CA TYR C 38 -56.26 31.45 -9.34
C TYR C 38 -55.88 32.03 -7.99
N ASP C 39 -55.74 33.34 -7.92
CA ASP C 39 -55.26 34.00 -6.71
C ASP C 39 -56.38 34.36 -5.74
N SER C 40 -57.62 34.01 -6.01
CA SER C 40 -58.71 34.43 -5.14
C SER C 40 -58.59 33.73 -3.79
N ARG C 41 -58.89 34.46 -2.73
CA ARG C 41 -58.77 33.91 -1.39
C ARG C 41 -59.82 32.84 -1.12
N ALA C 42 -60.92 32.83 -1.87
CA ALA C 42 -62.01 31.89 -1.65
C ALA C 42 -62.18 30.94 -2.84
N TYR C 43 -61.07 30.50 -3.42
CA TYR C 43 -61.16 29.70 -4.63
C TYR C 43 -61.82 28.35 -4.38
N ASP C 44 -61.74 27.83 -3.17
CA ASP C 44 -62.35 26.54 -2.90
C ASP C 44 -63.85 26.57 -3.10
N GLN C 45 -64.49 27.70 -2.80
CA GLN C 45 -65.93 27.80 -2.98
C GLN C 45 -66.29 27.70 -4.44
N LEU C 46 -65.49 28.34 -5.28
CA LEU C 46 -65.71 28.26 -6.70
C LEU C 46 -65.54 26.83 -7.18
N LEU C 47 -64.46 26.16 -6.74
CA LEU C 47 -64.26 24.79 -7.20
C LEU C 47 -65.40 23.87 -6.78
N ASP C 48 -65.96 24.09 -5.59
CA ASP C 48 -67.09 23.28 -5.16
C ASP C 48 -68.32 23.56 -6.01
N ALA C 49 -68.58 24.83 -6.32
CA ALA C 49 -69.75 25.14 -7.10
C ALA C 49 -69.61 24.59 -8.51
N ALA C 50 -68.46 24.82 -9.14
CA ALA C 50 -68.26 24.36 -10.51
C ALA C 50 -68.37 22.85 -10.61
N VAL C 51 -67.74 22.12 -9.69
CA VAL C 51 -67.77 20.67 -9.79
C VAL C 51 -69.10 20.06 -9.37
N LYS C 52 -69.98 20.84 -8.75
CA LYS C 52 -71.26 20.32 -8.27
C LYS C 52 -72.15 19.95 -9.44
N CYS C 53 -72.49 18.66 -9.56
CA CYS C 53 -73.44 18.25 -10.58
C CYS C 53 -74.14 16.98 -10.12
N ASN C 54 -75.40 17.12 -9.71
CA ASN C 54 -76.23 15.97 -9.34
C ASN C 54 -77.01 15.48 -10.55
N ASP D 110 56.58 31.40 71.28
CA ASP D 110 55.37 31.67 72.06
C ASP D 110 54.30 30.62 71.74
N LYS D 111 53.26 30.58 72.59
CA LYS D 111 52.19 29.61 72.46
C LYS D 111 50.94 30.19 71.82
N THR D 112 50.95 31.46 71.45
CA THR D 112 49.87 32.14 70.75
C THR D 112 50.31 32.36 69.32
N PHE D 113 49.42 32.11 68.38
CA PHE D 113 49.84 32.02 67.01
C PHE D 113 49.19 33.14 66.19
N PRO D 114 49.94 33.83 65.34
CA PRO D 114 49.35 34.90 64.55
C PRO D 114 48.64 34.34 63.33
N ILE D 115 47.31 34.49 63.28
CA ILE D 115 46.61 34.08 62.08
C ILE D 115 47.04 34.94 60.92
N MET D 116 47.29 34.32 59.78
CA MET D 116 47.87 34.98 58.63
C MET D 116 46.83 35.07 57.54
N LEU D 117 46.79 36.21 56.88
CA LEU D 117 45.93 36.46 55.73
C LEU D 117 46.82 37.09 54.67
N ASN D 118 47.09 36.32 53.61
CA ASN D 118 47.91 36.77 52.49
C ASN D 118 49.26 37.30 52.98
N GLY D 119 49.82 36.65 53.99
CA GLY D 119 51.13 36.99 54.49
C GLY D 119 51.21 38.07 55.54
N GLN D 120 50.08 38.55 56.09
CA GLN D 120 50.15 39.47 57.20
C GLN D 120 49.18 39.05 58.29
N VAL D 121 49.53 39.40 59.51
CA VAL D 121 48.83 38.91 60.69
C VAL D 121 47.59 39.75 60.91
N ASN D 122 46.46 39.09 61.16
CA ASN D 122 45.26 39.81 61.52
C ASN D 122 44.77 39.58 62.94
N GLY D 123 45.26 38.56 63.60
CA GLY D 123 44.77 38.28 64.94
C GLY D 123 45.55 37.14 65.54
N TYR D 124 45.19 36.81 66.77
CA TYR D 124 45.90 35.81 67.51
C TYR D 124 44.97 34.70 67.94
N ALA D 125 45.48 33.48 67.83
CA ALA D 125 44.82 32.27 68.30
C ALA D 125 45.53 31.81 69.54
N CYS D 126 44.77 31.57 70.59
CA CYS D 126 45.31 31.19 71.88
C CYS D 126 44.80 29.80 72.21
N VAL D 127 45.66 28.96 72.71
CA VAL D 127 45.26 27.64 73.14
C VAL D 127 44.97 27.70 74.63
N VAL D 128 43.81 27.22 75.04
CA VAL D 128 43.52 27.02 76.45
C VAL D 128 42.78 25.71 76.63
N GLY D 129 43.05 25.03 77.73
CA GLY D 129 42.40 23.79 78.09
C GLY D 129 42.21 22.82 76.93
N GLY D 130 43.22 22.68 76.09
CA GLY D 130 43.18 21.69 75.03
C GLY D 130 42.49 22.17 73.78
N ARG D 131 42.11 23.44 73.75
CA ARG D 131 41.22 24.01 72.74
C ARG D 131 41.79 25.30 72.19
N VAL D 132 42.16 25.28 70.91
CA VAL D 132 42.41 26.52 70.21
C VAL D 132 41.15 27.35 70.29
N PHE D 133 41.32 28.60 70.67
CA PHE D 133 40.32 29.64 70.65
C PHE D 133 40.81 30.70 69.68
N LYS D 134 39.94 31.18 68.80
CA LYS D 134 40.31 32.29 67.94
C LYS D 134 39.09 33.18 67.71
N PRO D 135 39.23 34.52 67.71
CA PRO D 135 38.04 35.35 67.46
C PRO D 135 37.46 35.02 66.10
N LEU D 136 36.12 34.97 66.06
CA LEU D 136 35.49 34.42 64.88
C LEU D 136 35.80 35.23 63.63
N HIS D 137 35.75 36.56 63.75
CA HIS D 137 35.88 37.43 62.57
C HIS D 137 37.24 37.38 61.92
N VAL D 138 38.32 37.26 62.69
CA VAL D 138 39.64 37.32 62.07
C VAL D 138 39.84 36.09 61.24
N GLU D 139 40.22 36.28 60.00
CA GLU D 139 40.17 35.22 59.02
C GLU D 139 41.57 34.94 58.49
N GLY D 140 41.79 33.72 58.05
CA GLY D 140 43.03 33.35 57.45
C GLY D 140 43.34 31.89 57.72
N ARG D 141 44.63 31.60 57.76
CA ARG D 141 45.15 30.25 57.99
C ARG D 141 46.04 30.29 59.23
N ILE D 142 45.83 29.33 60.14
CA ILE D 142 46.55 29.34 61.41
C ILE D 142 48.05 29.17 61.17
N ASP D 143 48.85 29.79 62.03
CA ASP D 143 50.25 29.97 61.64
C ASP D 143 51.14 28.78 61.96
N ASN D 144 50.61 27.75 62.62
CA ASN D 144 51.31 26.50 62.90
C ASN D 144 50.56 25.37 62.21
N GLU D 145 51.22 24.72 61.27
CA GLU D 145 50.55 23.76 60.39
C GLU D 145 49.73 22.72 61.15
N GLN D 146 50.28 22.16 62.24
CA GLN D 146 49.55 21.15 63.00
C GLN D 146 48.24 21.69 63.54
N LEU D 147 48.22 22.96 63.91
CA LEU D 147 46.99 23.62 64.32
C LEU D 147 46.11 23.94 63.15
N ALA D 148 46.71 24.15 61.98
CA ALA D 148 46.00 24.57 60.78
C ALA D 148 44.89 23.63 60.34
N ALA D 149 44.79 22.43 60.90
CA ALA D 149 43.91 21.41 60.35
C ALA D 149 42.61 21.25 61.12
N ILE D 150 42.61 21.48 62.43
CA ILE D 150 41.45 21.12 63.24
C ILE D 150 40.25 21.96 62.82
N LYS D 151 39.12 21.30 62.62
CA LYS D 151 37.91 21.90 62.04
C LYS D 151 37.25 22.80 63.07
N LEU D 152 37.23 24.10 62.79
CA LEU D 152 36.77 25.06 63.78
C LEU D 152 35.27 24.97 63.98
N LYS D 153 34.85 24.92 65.23
CA LYS D 153 33.44 24.98 65.61
C LYS D 153 33.14 26.37 66.14
N LYS D 154 32.27 27.08 65.45
CA LYS D 154 32.06 28.49 65.74
C LYS D 154 30.99 28.69 66.78
N ALA D 155 31.03 29.85 67.43
CA ALA D 155 29.97 30.25 68.35
C ALA D 155 29.91 31.76 68.32
N SER D 156 28.88 32.28 67.70
CA SER D 156 28.78 33.71 67.52
C SER D 156 28.41 34.44 68.79
N ILE D 157 27.77 33.79 69.74
CA ILE D 157 27.34 34.50 70.93
C ILE D 157 28.54 35.04 71.70
N TYR D 158 29.68 34.39 71.56
CA TYR D 158 30.95 34.87 72.06
C TYR D 158 31.94 35.17 70.95
N ASP D 159 31.53 35.01 69.70
CA ASP D 159 32.30 35.33 68.50
C ASP D 159 33.67 34.67 68.53
N LEU D 160 33.67 33.38 68.83
CA LEU D 160 34.89 32.62 69.01
C LEU D 160 34.76 31.29 68.31
N GLU D 161 35.87 30.81 67.78
CA GLU D 161 35.98 29.57 67.05
C GLU D 161 36.85 28.61 67.85
N TYR D 162 36.31 27.43 68.12
CA TYR D 162 36.97 26.43 68.94
C TYR D 162 37.55 25.34 68.07
N GLY D 163 38.62 24.73 68.55
CA GLY D 163 39.00 23.42 68.09
C GLY D 163 39.86 22.64 69.06
N ASP D 164 39.48 21.39 69.32
CA ASP D 164 40.23 20.51 70.22
C ASP D 164 41.61 20.20 69.66
N VAL D 165 42.66 20.61 70.37
CA VAL D 165 44.03 20.45 69.88
C VAL D 165 44.43 18.98 69.96
N PRO D 166 45.35 18.50 69.13
CA PRO D 166 45.79 17.11 69.25
C PRO D 166 46.38 16.83 70.62
N GLN D 167 46.44 15.54 70.96
CA GLN D 167 46.89 15.15 72.29
C GLN D 167 48.31 15.59 72.57
N CYS D 168 49.16 15.62 71.54
CA CYS D 168 50.57 15.90 71.77
C CYS D 168 50.81 17.30 72.34
N MET D 169 49.82 18.21 72.30
CA MET D 169 49.88 19.44 73.06
C MET D 169 48.80 19.54 74.13
N LYS D 170 48.10 18.45 74.43
CA LYS D 170 47.06 18.51 75.47
C LYS D 170 47.63 18.85 76.83
N SER D 171 48.90 18.56 77.06
CA SER D 171 49.59 18.96 78.28
C SER D 171 50.36 20.26 78.10
N ASP D 172 50.25 20.88 76.92
CA ASP D 172 51.01 22.06 76.53
C ASP D 172 50.00 23.17 76.21
N THR D 173 48.98 23.30 77.05
CA THR D 173 47.90 24.27 76.87
C THR D 173 47.84 25.24 78.05
N LEU D 174 47.70 26.52 77.73
CA LEU D 174 47.65 27.55 78.75
C LEU D 174 46.45 27.32 79.65
N GLN D 175 46.58 27.74 80.89
CA GLN D 175 45.53 27.58 81.89
C GLN D 175 44.57 28.76 81.83
N TYR D 176 43.57 28.74 82.70
CA TYR D 176 42.74 29.91 82.89
C TYR D 176 42.17 29.90 84.28
N THR D 177 41.60 31.02 84.66
CA THR D 177 41.09 31.20 86.00
C THR D 177 39.93 32.17 86.00
N SER D 178 39.02 31.97 86.93
CA SER D 178 37.93 32.89 87.17
C SER D 178 38.15 33.75 88.39
N ASP D 179 39.28 33.60 89.09
CA ASP D 179 39.56 34.40 90.27
C ASP D 179 40.41 35.58 89.84
N LYS D 180 39.81 36.77 89.81
CA LYS D 180 40.48 38.02 89.46
C LYS D 180 40.17 39.10 90.48
N PRO D 181 40.98 39.30 91.51
CA PRO D 181 40.90 40.54 92.24
C PRO D 181 41.36 41.75 91.45
N PRO D 182 40.74 42.91 91.66
CA PRO D 182 41.03 44.07 90.80
C PRO D 182 42.49 44.48 90.89
N GLY D 183 43.05 44.87 89.76
CA GLY D 183 44.48 45.14 89.76
C GLY D 183 45.08 44.96 88.39
N PHE D 184 46.41 44.90 88.38
CA PHE D 184 47.21 44.85 87.17
C PHE D 184 47.38 43.42 86.68
N TYR D 185 47.09 43.20 85.41
CA TYR D 185 47.29 41.92 84.76
C TYR D 185 48.15 42.17 83.53
N ASN D 186 49.25 41.44 83.41
CA ASN D 186 50.15 41.68 82.30
C ASN D 186 49.49 41.28 81.00
N TRP D 187 50.15 41.61 79.91
CA TRP D 187 49.60 41.36 78.60
C TRP D 187 50.69 41.59 77.58
N HIS D 188 50.57 40.95 76.42
CA HIS D 188 51.62 41.00 75.41
C HIS D 188 52.15 42.40 75.17
N HIS D 189 51.27 43.31 74.85
CA HIS D 189 51.63 44.64 74.43
C HIS D 189 51.83 45.58 75.60
N GLY D 190 51.73 45.11 76.83
CA GLY D 190 51.99 45.93 77.98
C GLY D 190 51.14 45.46 79.13
N ALA D 191 51.04 46.30 80.15
CA ALA D 191 50.25 45.98 81.32
C ALA D 191 48.82 46.45 81.12
N VAL D 192 47.87 45.67 81.62
CA VAL D 192 46.48 46.06 81.63
C VAL D 192 46.03 46.14 83.08
N GLN D 193 44.99 46.91 83.29
CA GLN D 193 44.37 47.08 84.59
C GLN D 193 42.93 46.60 84.47
N TYR D 194 42.46 45.89 85.48
CA TYR D 194 41.07 45.48 85.59
C TYR D 194 40.50 46.14 86.85
N GLU D 195 39.64 47.14 86.67
CA GLU D 195 39.11 47.94 87.76
C GLU D 195 37.64 48.19 87.50
N ASN D 196 36.84 48.14 88.58
CA ASN D 196 35.41 48.37 88.51
C ASN D 196 34.73 47.44 87.52
N ASN D 197 35.25 46.24 87.42
CA ASN D 197 34.71 45.21 86.56
C ASN D 197 34.70 45.71 85.15
N ARG D 198 35.77 46.35 84.77
CA ARG D 198 35.96 46.78 83.41
C ARG D 198 37.43 46.60 83.22
N PHE D 199 37.85 46.11 82.07
CA PHE D 199 39.27 45.98 81.80
C PHE D 199 39.62 47.19 80.99
N THR D 200 40.66 47.91 81.42
CA THR D 200 41.19 49.04 80.69
C THR D 200 42.70 48.94 80.56
N VAL D 201 43.19 49.50 79.47
CA VAL D 201 44.56 49.36 78.98
C VAL D 201 45.01 50.76 78.66
N PRO D 202 46.25 51.16 78.91
CA PRO D 202 46.56 52.57 78.70
C PRO D 202 46.52 52.95 77.24
N ARG D 203 46.22 54.23 77.03
CA ARG D 203 45.68 54.76 75.79
C ARG D 203 46.61 54.51 74.62
N GLY D 204 46.04 54.35 73.44
CA GLY D 204 46.81 54.25 72.24
C GLY D 204 47.49 52.92 72.04
N VAL D 205 47.51 52.06 73.06
CA VAL D 205 48.08 50.73 72.97
C VAL D 205 46.98 49.78 72.55
N GLY D 206 47.13 49.16 71.39
CA GLY D 206 46.11 48.27 70.90
C GLY D 206 45.46 48.76 69.62
N GLY D 207 44.91 47.79 68.88
CA GLY D 207 44.31 48.08 67.58
C GLY D 207 44.08 46.79 66.82
N LYS D 208 44.15 46.89 65.50
CA LYS D 208 44.05 45.71 64.65
C LYS D 208 45.14 44.71 64.95
N GLY D 209 44.75 43.53 65.44
CA GLY D 209 45.63 42.39 65.60
C GLY D 209 45.72 41.89 67.03
N ASP D 210 45.55 42.78 68.01
CA ASP D 210 45.73 42.40 69.40
C ASP D 210 44.52 41.69 69.98
N SER D 211 43.45 41.51 69.21
CA SER D 211 42.36 40.68 69.67
C SER D 211 42.84 39.25 69.78
N GLY D 212 42.40 38.57 70.81
CA GLY D 212 42.67 37.16 70.88
C GLY D 212 44.00 36.79 71.50
N ARG D 213 44.81 37.75 71.83
CA ARG D 213 45.97 37.49 72.64
C ARG D 213 45.56 37.38 74.09
N PRO D 214 46.13 36.48 74.85
CA PRO D 214 45.67 36.28 76.22
C PRO D 214 46.01 37.47 77.07
N ILE D 215 45.24 37.67 78.12
CA ILE D 215 45.54 38.65 79.14
C ILE D 215 45.86 37.84 80.38
N LEU D 216 47.12 37.86 80.76
CA LEU D 216 47.71 36.98 81.75
C LEU D 216 47.76 37.67 83.10
N ASP D 217 47.86 36.87 84.12
CA ASP D 217 48.01 37.36 85.47
C ASP D 217 49.48 37.47 85.84
N ASN D 218 49.71 37.73 87.12
CA ASN D 218 51.04 37.61 87.70
C ASN D 218 51.41 36.16 87.94
N LYS D 219 50.44 35.30 88.20
CA LYS D 219 50.74 33.89 88.39
C LYS D 219 50.87 33.13 87.08
N GLY D 220 50.69 33.80 85.95
CA GLY D 220 50.84 33.18 84.66
C GLY D 220 49.55 32.67 84.06
N ARG D 221 48.42 32.88 84.73
CA ARG D 221 47.14 32.35 84.29
C ARG D 221 46.36 33.35 83.45
N VAL D 222 45.63 32.84 82.46
CA VAL D 222 44.80 33.65 81.57
C VAL D 222 43.50 34.01 82.27
N VAL D 223 43.16 35.29 82.23
CA VAL D 223 41.88 35.79 82.73
C VAL D 223 41.01 36.35 81.64
N ALA D 224 41.53 36.52 80.44
CA ALA D 224 40.68 37.17 79.48
C ALA D 224 41.30 37.05 78.13
N ILE D 225 40.45 37.07 77.12
CA ILE D 225 40.88 37.09 75.74
C ILE D 225 40.12 38.23 75.09
N VAL D 226 40.85 39.19 74.56
CA VAL D 226 40.28 40.47 74.17
C VAL D 226 39.83 40.46 72.74
N LEU D 227 38.79 41.24 72.48
CA LEU D 227 38.24 41.42 71.16
C LEU D 227 38.15 42.86 70.68
N GLY D 228 38.39 43.86 71.53
CA GLY D 228 38.31 45.22 71.03
C GLY D 228 38.57 46.25 72.10
N GLY D 229 38.37 47.53 71.75
CA GLY D 229 38.59 48.61 72.69
C GLY D 229 37.91 49.93 72.35
N VAL D 230 37.70 50.74 73.39
CA VAL D 230 37.14 52.10 73.23
C VAL D 230 37.90 53.08 74.11
N ASN D 231 38.25 54.22 73.54
CA ASN D 231 39.00 55.24 74.25
C ASN D 231 38.14 55.97 75.27
N GLU D 232 38.57 56.01 76.52
CA GLU D 232 37.97 56.88 77.55
C GLU D 232 39.16 57.56 78.19
N GLY D 233 39.36 58.82 77.83
CA GLY D 233 40.42 59.57 78.43
C GLY D 233 41.73 58.86 78.20
N SER D 234 42.51 58.82 79.22
CA SER D 234 43.84 58.33 79.11
C SER D 234 43.89 56.86 78.95
N ARG D 235 42.80 56.10 78.80
CA ARG D 235 42.91 54.66 78.68
C ARG D 235 41.92 54.20 77.63
N THR D 236 41.75 52.88 77.57
CA THR D 236 40.93 52.26 76.54
C THR D 236 40.31 51.04 77.17
N ALA D 237 38.99 50.97 77.15
CA ALA D 237 38.25 49.92 77.81
C ALA D 237 38.12 48.75 76.85
N LEU D 238 38.40 47.54 77.32
CA LEU D 238 38.60 46.38 76.45
C LEU D 238 37.37 45.49 76.39
N SER D 239 36.97 45.15 75.16
CA SER D 239 35.96 44.17 74.88
C SER D 239 36.59 42.80 74.91
N VAL D 240 36.13 41.92 75.80
CA VAL D 240 36.87 40.73 76.19
C VAL D 240 35.94 39.55 76.47
N VAL D 241 36.53 38.37 76.69
CA VAL D 241 35.83 37.17 77.18
C VAL D 241 36.35 36.83 78.56
N THR D 242 35.50 37.00 79.57
CA THR D 242 35.82 36.74 80.96
C THR D 242 34.97 35.60 81.47
N TRP D 243 35.54 34.87 82.39
CA TRP D 243 34.89 33.78 83.08
C TRP D 243 34.37 34.30 84.41
N ASN D 244 33.06 34.46 84.52
CA ASN D 244 32.50 35.27 85.59
C ASN D 244 32.71 34.59 86.94
N GLN D 245 32.27 35.28 88.00
CA GLN D 245 32.48 34.80 89.37
C GLN D 245 31.97 33.39 89.63
N LYS D 246 31.03 32.88 88.84
CA LYS D 246 30.70 31.46 88.84
C LYS D 246 31.40 30.70 87.73
N GLY D 247 32.23 31.36 86.94
CA GLY D 247 33.08 30.72 85.98
C GLY D 247 32.50 30.52 84.61
N VAL D 248 31.23 30.84 84.42
CA VAL D 248 30.59 30.62 83.14
C VAL D 248 31.20 31.57 82.12
N THR D 249 31.56 31.07 80.95
CA THR D 249 32.24 31.93 80.00
C THR D 249 31.28 32.99 79.47
N VAL D 250 31.76 34.22 79.33
CA VAL D 250 30.88 35.33 79.01
C VAL D 250 31.66 36.45 78.38
N LYS D 251 31.10 37.04 77.33
CA LYS D 251 31.69 38.25 76.76
C LYS D 251 31.29 39.45 77.59
N ASP D 252 32.27 40.17 78.08
CA ASP D 252 32.11 41.43 78.79
C ASP D 252 32.73 42.51 77.92
N THR D 253 31.88 43.41 77.42
CA THR D 253 32.25 44.32 76.35
C THR D 253 31.82 45.74 76.71
N PRO D 254 32.72 46.73 76.66
CA PRO D 254 32.29 48.09 76.93
C PRO D 254 31.36 48.57 75.84
N GLU D 255 30.62 49.62 76.15
CA GLU D 255 29.68 50.17 75.18
C GLU D 255 30.44 50.73 74.01
N GLY D 256 29.92 50.50 72.81
CA GLY D 256 30.55 51.07 71.64
C GLY D 256 31.86 50.45 71.26
N SER D 257 32.21 49.31 71.82
CA SER D 257 33.47 48.71 71.43
C SER D 257 33.36 48.07 70.07
N GLU D 258 34.45 48.16 69.36
CA GLU D 258 34.52 47.91 67.94
C GLU D 258 35.22 46.59 67.66
N PRO D 259 35.01 46.00 66.49
CA PRO D 259 35.80 44.82 66.14
C PRO D 259 37.25 45.19 65.88
N TRP D 260 38.14 44.62 66.68
CA TRP D 260 39.53 44.47 66.32
C TRP D 260 39.67 43.16 65.57
N TYR E 1 7.83 -64.90 27.08
CA TYR E 1 9.04 -64.30 27.69
C TYR E 1 8.88 -62.81 27.78
N GLU E 2 9.11 -62.25 28.96
CA GLU E 2 8.83 -60.85 29.18
C GLU E 2 9.82 -59.96 28.47
N HIS E 3 9.35 -58.78 28.10
CA HIS E 3 10.19 -57.77 27.50
C HIS E 3 9.60 -56.43 27.87
N THR E 4 10.32 -55.68 28.68
CA THR E 4 9.92 -54.36 29.12
C THR E 4 10.59 -53.30 28.29
N ALA E 5 9.93 -52.17 28.14
CA ALA E 5 10.51 -51.07 27.39
C ALA E 5 9.69 -49.83 27.65
N VAL E 6 10.09 -48.75 27.01
CA VAL E 6 9.37 -47.48 27.05
C VAL E 6 9.32 -46.96 25.63
N MET E 7 8.14 -46.55 25.18
CA MET E 7 7.99 -46.09 23.81
C MET E 7 7.35 -44.71 23.80
N PRO E 8 7.61 -43.91 22.78
CA PRO E 8 6.96 -42.61 22.71
C PRO E 8 5.46 -42.75 22.48
N ASN E 9 4.74 -41.71 22.87
CA ASN E 9 3.30 -41.65 22.72
C ASN E 9 2.87 -41.21 21.34
N LYS E 10 3.75 -41.23 20.37
CA LYS E 10 3.39 -40.82 19.03
C LYS E 10 2.60 -41.91 18.35
N VAL E 11 1.57 -41.51 17.62
CA VAL E 11 0.66 -42.41 16.94
C VAL E 11 1.14 -42.54 15.50
N GLY E 12 1.28 -43.77 15.05
CA GLY E 12 1.72 -44.05 13.71
C GLY E 12 3.19 -44.42 13.59
N ILE E 13 4.01 -44.07 14.57
CA ILE E 13 5.43 -44.37 14.55
C ILE E 13 5.62 -45.73 15.22
N PRO E 14 6.02 -46.77 14.51
CA PRO E 14 6.19 -48.06 15.17
C PRO E 14 7.41 -48.10 16.06
N TYR E 15 7.23 -48.65 17.24
CA TYR E 15 8.32 -48.96 18.14
C TYR E 15 8.83 -50.34 17.78
N LYS E 16 10.10 -50.43 17.44
CA LYS E 16 10.72 -51.68 17.05
C LYS E 16 11.70 -52.11 18.12
N ALA E 17 11.86 -53.41 18.29
CA ALA E 17 12.79 -53.93 19.26
C ALA E 17 13.18 -55.34 18.87
N LEU E 18 14.27 -55.81 19.44
CA LEU E 18 14.76 -57.17 19.28
C LEU E 18 14.67 -57.83 20.64
N VAL E 19 13.70 -58.71 20.83
CA VAL E 19 13.60 -59.48 22.05
C VAL E 19 14.65 -60.58 21.99
N GLU E 20 15.65 -60.48 22.87
CA GLU E 20 16.73 -61.45 22.95
C GLU E 20 16.50 -62.32 24.17
N ARG E 21 16.54 -63.62 23.95
CA ARG E 21 16.33 -64.61 24.97
C ARG E 21 17.59 -65.46 25.03
N PRO E 22 18.20 -65.64 26.20
CA PRO E 22 19.39 -66.48 26.26
C PRO E 22 19.09 -67.88 25.77
N GLY E 23 19.85 -68.30 24.77
CA GLY E 23 19.69 -69.61 24.17
C GLY E 23 18.85 -69.66 22.93
N TYR E 24 18.10 -68.60 22.61
CA TYR E 24 17.27 -68.58 21.42
C TYR E 24 17.62 -67.39 20.54
N ALA E 25 17.33 -67.54 19.27
CA ALA E 25 17.52 -66.48 18.31
C ALA E 25 16.57 -65.33 18.60
N PRO E 26 16.99 -64.09 18.37
CA PRO E 26 16.13 -62.96 18.70
C PRO E 26 14.87 -62.96 17.85
N VAL E 27 13.82 -62.35 18.37
CA VAL E 27 12.59 -62.13 17.61
C VAL E 27 12.35 -60.65 17.50
N HIS E 28 12.01 -60.20 16.32
CA HIS E 28 11.72 -58.80 16.08
C HIS E 28 10.33 -58.49 16.55
N LEU E 29 10.19 -57.48 17.39
CA LEU E 29 8.89 -57.04 17.87
C LEU E 29 8.63 -55.65 17.35
N GLN E 30 7.40 -55.41 16.93
CA GLN E 30 6.99 -54.11 16.39
C GLN E 30 5.64 -53.76 17.00
N ILE E 31 5.63 -52.79 17.91
CA ILE E 31 4.41 -52.33 18.57
C ILE E 31 4.14 -50.92 18.12
N GLN E 32 2.96 -50.70 17.57
CA GLN E 32 2.57 -49.42 17.02
C GLN E 32 1.23 -49.03 17.59
N LEU E 33 1.01 -47.74 17.74
CA LEU E 33 -0.21 -47.20 18.31
C LEU E 33 -1.10 -46.70 17.20
N VAL E 34 -2.26 -47.31 17.03
CA VAL E 34 -3.20 -46.80 16.04
C VAL E 34 -3.86 -45.53 16.55
N ASN E 35 -4.27 -45.52 17.81
CA ASN E 35 -4.83 -44.31 18.40
C ASN E 35 -4.75 -44.43 19.91
N THR E 36 -4.84 -43.28 20.57
CA THR E 36 -4.80 -43.20 22.02
C THR E 36 -5.87 -42.22 22.46
N ARG E 37 -6.80 -42.70 23.28
CA ARG E 37 -7.97 -41.96 23.69
C ARG E 37 -7.88 -41.62 25.18
N ILE E 38 -7.86 -40.33 25.51
CA ILE E 38 -8.05 -39.87 26.87
C ILE E 38 -9.54 -39.63 27.05
N ILE E 39 -10.21 -40.53 27.76
CA ILE E 39 -11.67 -40.55 27.85
C ILE E 39 -12.07 -40.12 29.25
N PRO E 40 -12.29 -38.84 29.51
CA PRO E 40 -12.64 -38.40 30.85
C PRO E 40 -13.99 -38.89 31.33
N SER E 41 -14.15 -38.80 32.64
CA SER E 41 -15.40 -39.13 33.32
C SER E 41 -16.18 -37.84 33.51
N THR E 42 -17.27 -37.70 32.75
CA THR E 42 -18.11 -36.52 32.78
C THR E 42 -19.28 -36.71 33.72
N ASN E 43 -19.78 -35.58 34.20
CA ASN E 43 -20.99 -35.52 35.01
C ASN E 43 -21.76 -34.35 34.47
N LEU E 44 -22.91 -34.60 33.89
CA LEU E 44 -23.77 -33.56 33.36
C LEU E 44 -24.36 -32.71 34.47
N GLU E 45 -24.23 -31.39 34.34
CA GLU E 45 -24.90 -30.48 35.27
C GLU E 45 -26.19 -29.95 34.68
N TYR E 46 -26.18 -29.39 33.47
CA TYR E 46 -27.42 -28.91 32.90
C TYR E 46 -27.31 -28.75 31.40
N ILE E 47 -28.40 -28.28 30.80
CA ILE E 47 -28.61 -28.17 29.37
C ILE E 47 -29.14 -26.77 29.13
N THR E 48 -28.58 -26.08 28.16
CA THR E 48 -28.99 -24.74 27.78
C THR E 48 -29.52 -24.75 26.36
N CYS E 49 -30.59 -24.01 26.13
CA CYS E 49 -31.13 -23.89 24.80
C CYS E 49 -31.91 -22.58 24.68
N LYS E 50 -32.44 -22.33 23.49
CA LYS E 50 -33.32 -21.20 23.29
C LYS E 50 -34.58 -21.37 24.10
N TYR E 51 -35.16 -20.25 24.49
CA TYR E 51 -36.38 -20.22 25.25
C TYR E 51 -37.58 -19.98 24.35
N LYS E 52 -38.75 -20.35 24.86
CA LYS E 52 -40.03 -20.06 24.24
C LYS E 52 -40.92 -19.39 25.27
N THR E 53 -41.24 -18.13 25.08
CA THR E 53 -42.15 -17.44 25.98
C THR E 53 -43.57 -17.87 25.68
N LYS E 54 -44.06 -18.85 26.41
CA LYS E 54 -45.46 -19.24 26.35
C LYS E 54 -46.33 -18.13 26.92
N VAL E 55 -47.24 -17.63 26.10
CA VAL E 55 -48.18 -16.59 26.48
C VAL E 55 -49.57 -17.17 26.39
N PRO E 56 -50.16 -17.59 27.50
CA PRO E 56 -51.54 -18.07 27.44
C PRO E 56 -52.50 -16.94 27.15
N SER E 57 -53.73 -17.33 26.91
CA SER E 57 -54.76 -16.37 26.56
C SER E 57 -55.06 -15.44 27.72
N PRO E 58 -55.11 -14.13 27.52
CA PRO E 58 -55.44 -13.25 28.63
C PRO E 58 -56.88 -13.42 29.09
N VAL E 59 -57.10 -13.20 30.38
CA VAL E 59 -58.41 -13.26 30.99
C VAL E 59 -58.98 -11.87 31.03
N VAL E 60 -60.03 -11.60 30.24
CA VAL E 60 -60.69 -10.31 30.23
C VAL E 60 -61.97 -10.41 31.04
N LYS E 61 -62.01 -9.76 32.20
CA LYS E 61 -63.23 -9.57 32.99
C LYS E 61 -63.86 -8.23 32.69
N CYS E 62 -65.14 -8.25 32.31
CA CYS E 62 -65.81 -7.03 31.83
C CYS E 62 -66.01 -5.98 32.91
N CYS E 63 -66.69 -6.30 34.00
CA CYS E 63 -67.03 -5.29 35.00
C CYS E 63 -66.42 -5.63 36.35
N GLY E 64 -65.27 -6.30 36.31
CA GLY E 64 -64.68 -6.84 37.50
C GLY E 64 -63.18 -6.61 37.52
N ALA E 65 -62.61 -6.84 38.69
CA ALA E 65 -61.18 -6.89 38.89
C ALA E 65 -60.85 -8.31 39.31
N THR E 66 -60.27 -9.08 38.40
CA THR E 66 -59.71 -10.39 38.71
C THR E 66 -58.23 -10.19 38.94
N GLN E 67 -57.65 -10.96 39.86
CA GLN E 67 -56.32 -10.65 40.36
C GLN E 67 -55.37 -11.83 40.21
N CYS E 68 -54.09 -11.49 40.25
CA CYS E 68 -53.02 -12.45 40.01
C CYS E 68 -52.93 -13.51 41.10
N THR E 69 -52.53 -14.70 40.66
CA THR E 69 -52.28 -15.84 41.53
C THR E 69 -51.00 -16.47 41.03
N SER E 70 -49.94 -16.36 41.83
CA SER E 70 -48.62 -16.84 41.44
C SER E 70 -48.66 -18.33 41.19
N LYS E 71 -48.14 -18.75 40.02
CA LYS E 71 -48.14 -20.13 39.62
C LYS E 71 -46.71 -20.65 39.54
N PRO E 72 -46.50 -21.91 39.82
CA PRO E 72 -45.14 -22.43 39.93
C PRO E 72 -44.42 -22.58 38.60
N HIS E 73 -44.17 -21.51 37.87
CA HIS E 73 -43.75 -21.61 36.49
C HIS E 73 -42.46 -20.82 36.28
N PRO E 74 -41.57 -21.29 35.39
CA PRO E 74 -40.33 -20.56 35.15
C PRO E 74 -40.53 -19.13 34.67
N ASP E 75 -40.00 -18.20 35.43
CA ASP E 75 -40.06 -16.79 35.10
C ASP E 75 -41.49 -16.35 34.83
N TYR E 76 -42.39 -16.82 35.68
CA TYR E 76 -43.81 -16.53 35.58
C TYR E 76 -44.12 -15.10 35.92
N GLN E 77 -44.79 -14.41 35.02
CA GLN E 77 -45.20 -13.04 35.24
C GLN E 77 -46.68 -12.90 34.95
N CYS E 78 -47.42 -12.34 35.90
CA CYS E 78 -48.84 -12.04 35.76
C CYS E 78 -49.10 -10.59 36.14
N GLN E 79 -49.82 -9.88 35.28
CA GLN E 79 -50.16 -8.48 35.50
C GLN E 79 -51.59 -8.22 35.05
N VAL E 80 -52.21 -7.26 35.72
CA VAL E 80 -53.66 -7.18 35.89
C VAL E 80 -54.27 -5.94 35.25
N PHE E 81 -53.66 -5.45 34.17
CA PHE E 81 -53.90 -4.12 33.58
C PHE E 81 -55.37 -3.74 33.55
N SER E 82 -55.66 -2.54 34.06
CA SER E 82 -57.00 -2.05 34.31
C SER E 82 -57.34 -0.94 33.33
N GLY E 83 -58.63 -0.72 33.12
CA GLY E 83 -59.05 0.26 32.15
C GLY E 83 -58.88 -0.12 30.69
N VAL E 84 -59.08 -1.39 30.36
CA VAL E 84 -58.95 -1.87 28.99
C VAL E 84 -60.31 -1.93 28.35
N TYR E 85 -60.49 -1.28 27.20
CA TYR E 85 -61.73 -1.43 26.46
C TYR E 85 -61.41 -2.25 25.22
N PRO E 86 -61.40 -3.58 25.32
CA PRO E 86 -61.10 -4.43 24.18
C PRO E 86 -62.07 -4.33 23.01
N PHE E 87 -61.50 -4.27 21.82
CA PHE E 87 -62.20 -4.35 20.54
C PHE E 87 -61.84 -5.64 19.83
N MET E 88 -62.82 -6.33 19.27
CA MET E 88 -62.62 -7.54 18.51
C MET E 88 -63.57 -7.56 17.33
N TRP E 89 -63.41 -8.54 16.45
CA TRP E 89 -64.20 -8.61 15.20
C TRP E 89 -65.68 -8.38 15.39
N GLY E 90 -66.23 -8.78 16.54
CA GLY E 90 -67.62 -8.46 16.83
C GLY E 90 -67.80 -7.05 17.30
N GLY E 91 -66.77 -6.48 17.91
CA GLY E 91 -66.63 -5.04 17.99
C GLY E 91 -66.48 -4.42 19.36
N ALA E 92 -67.18 -4.91 20.36
CA ALA E 92 -67.40 -4.11 21.55
C ALA E 92 -67.14 -4.88 22.80
N TYR E 93 -66.03 -5.62 22.84
CA TYR E 93 -65.91 -6.85 23.62
C TYR E 93 -66.51 -6.80 25.01
N CYS E 94 -66.36 -5.70 25.74
CA CYS E 94 -66.88 -5.64 27.09
C CYS E 94 -67.67 -4.36 27.26
N PHE E 95 -68.71 -4.41 28.10
CA PHE E 95 -69.63 -3.28 28.19
C PHE E 95 -69.01 -2.08 28.88
N CYS E 96 -68.59 -2.28 30.11
CA CYS E 96 -68.18 -1.21 31.01
C CYS E 96 -67.03 -0.42 30.38
N ASP E 97 -67.23 0.88 30.21
CA ASP E 97 -66.26 1.70 29.50
C ASP E 97 -64.87 1.61 30.14
N THR E 98 -64.76 1.94 31.44
CA THR E 98 -63.48 1.94 32.12
C THR E 98 -63.26 0.82 33.14
N GLU E 99 -64.28 0.29 33.80
CA GLU E 99 -64.07 -0.72 34.83
C GLU E 99 -63.91 -2.13 34.24
N ASN E 100 -62.92 -2.27 33.38
CA ASN E 100 -62.56 -3.52 32.72
C ASN E 100 -61.17 -3.95 33.13
N THR E 101 -60.95 -5.25 33.24
CA THR E 101 -59.66 -5.76 33.64
C THR E 101 -59.21 -6.85 32.69
N GLN E 102 -57.91 -6.88 32.43
CA GLN E 102 -57.26 -7.90 31.62
C GLN E 102 -56.10 -8.46 32.40
N MET E 103 -56.06 -9.77 32.54
CA MET E 103 -54.98 -10.44 33.24
C MET E 103 -54.16 -11.14 32.18
N SER E 104 -52.94 -10.70 32.03
CA SER E 104 -51.97 -11.24 31.09
C SER E 104 -50.93 -12.01 31.86
N GLU E 105 -50.62 -13.21 31.39
CA GLU E 105 -49.61 -14.04 32.01
C GLU E 105 -48.68 -14.59 30.96
N ALA E 106 -47.44 -14.82 31.38
CA ALA E 106 -46.39 -15.27 30.48
C ALA E 106 -45.35 -16.06 31.24
N TYR E 107 -44.84 -17.12 30.64
CA TYR E 107 -43.82 -17.92 31.30
C TYR E 107 -42.93 -18.62 30.29
N VAL E 108 -41.69 -18.78 30.66
CA VAL E 108 -40.65 -19.28 29.76
C VAL E 108 -40.60 -20.79 29.81
N GLU E 109 -40.52 -21.41 28.64
CA GLU E 109 -40.32 -22.84 28.47
C GLU E 109 -39.09 -23.10 27.61
N ARG E 110 -38.73 -24.37 27.52
CA ARG E 110 -37.78 -24.82 26.53
C ARG E 110 -38.36 -24.69 25.14
N SER E 111 -37.54 -24.26 24.20
CA SER E 111 -37.99 -24.22 22.82
C SER E 111 -38.11 -25.62 22.28
N GLU E 112 -38.86 -25.76 21.20
CA GLU E 112 -39.06 -27.07 20.58
C GLU E 112 -37.75 -27.63 20.09
N GLU E 113 -36.81 -26.76 19.73
CA GLU E 113 -35.53 -27.16 19.19
C GLU E 113 -34.54 -27.54 20.27
N CYS E 114 -34.92 -27.45 21.54
CA CYS E 114 -34.01 -27.82 22.61
C CYS E 114 -33.64 -29.29 22.59
N SER E 115 -34.48 -30.12 21.99
CA SER E 115 -34.17 -31.54 21.92
C SER E 115 -33.20 -31.89 20.81
N ILE E 116 -32.92 -30.95 19.91
CA ILE E 116 -32.03 -31.17 18.78
C ILE E 116 -30.75 -30.37 18.93
N ASP E 117 -30.85 -29.07 19.16
CA ASP E 117 -29.69 -28.25 19.47
C ASP E 117 -29.79 -27.76 20.89
N HIS E 118 -28.72 -27.98 21.64
CA HIS E 118 -28.60 -27.55 23.01
C HIS E 118 -27.15 -27.72 23.40
N ALA E 119 -26.76 -27.01 24.43
CA ALA E 119 -25.42 -27.05 24.98
C ALA E 119 -25.46 -27.84 26.26
N LYS E 120 -24.63 -28.85 26.37
CA LYS E 120 -24.56 -29.66 27.58
C LYS E 120 -23.38 -29.16 28.39
N ALA E 121 -23.65 -28.71 29.60
CA ALA E 121 -22.64 -28.29 30.55
C ALA E 121 -22.15 -29.48 31.35
N TYR E 122 -20.84 -29.67 31.37
CA TYR E 122 -20.21 -30.87 31.90
C TYR E 122 -19.12 -30.50 32.89
N LYS E 123 -19.02 -31.29 33.95
CA LYS E 123 -17.88 -31.28 34.85
C LYS E 123 -17.06 -32.52 34.56
N VAL E 124 -15.81 -32.34 34.17
CA VAL E 124 -14.90 -33.42 33.81
C VAL E 124 -13.92 -33.57 34.95
N HIS E 125 -13.64 -34.80 35.43
CA HIS E 125 -12.51 -34.94 36.34
C HIS E 125 -11.32 -35.75 35.86
N THR E 126 -11.50 -37.00 35.46
CA THR E 126 -10.37 -37.84 35.10
C THR E 126 -10.96 -39.13 34.57
N GLY E 127 -10.20 -39.86 33.77
CA GLY E 127 -10.78 -41.02 33.14
C GLY E 127 -9.76 -42.03 32.72
N THR E 128 -10.29 -43.09 32.15
CA THR E 128 -9.48 -44.11 31.51
C THR E 128 -8.77 -43.52 30.30
N VAL E 129 -7.58 -44.04 30.05
CA VAL E 129 -6.86 -43.81 28.81
C VAL E 129 -6.76 -45.15 28.10
N GLN E 130 -7.35 -45.22 26.90
CA GLN E 130 -7.39 -46.43 26.10
C GLN E 130 -6.73 -46.18 24.76
N ALA E 131 -6.29 -47.25 24.12
CA ALA E 131 -5.53 -47.14 22.89
C ALA E 131 -5.65 -48.43 22.11
N MET E 132 -5.63 -48.34 20.80
CA MET E 132 -5.60 -49.51 19.93
C MET E 132 -4.16 -49.73 19.49
N VAL E 133 -3.69 -50.97 19.59
CA VAL E 133 -2.28 -51.28 19.36
C VAL E 133 -2.16 -52.38 18.33
N ASN E 134 -1.16 -52.24 17.48
CA ASN E 134 -0.77 -53.19 16.48
C ASN E 134 0.50 -53.85 16.93
N ILE E 135 0.54 -55.17 17.01
CA ILE E 135 1.78 -55.84 17.33
C ILE E 135 2.07 -56.88 16.27
N THR E 136 3.34 -57.00 15.95
CA THR E 136 3.89 -58.10 15.17
C THR E 136 5.14 -58.63 15.83
N TYR E 137 5.33 -59.93 15.73
CA TYR E 137 6.50 -60.56 16.30
C TYR E 137 6.80 -61.83 15.54
N GLY E 138 8.00 -61.88 14.98
CA GLY E 138 8.38 -63.01 14.18
C GLY E 138 7.49 -63.12 12.96
N SER E 139 7.08 -64.34 12.67
CA SER E 139 6.23 -64.58 11.52
C SER E 139 4.77 -64.27 11.77
N VAL E 140 4.38 -64.00 13.02
CA VAL E 140 3.01 -63.64 13.30
C VAL E 140 2.68 -62.31 12.67
N SER E 141 1.55 -62.25 11.99
CA SER E 141 1.12 -61.02 11.34
C SER E 141 0.53 -60.05 12.36
N TRP E 142 0.02 -58.93 11.87
CA TRP E 142 -0.55 -57.91 12.72
C TRP E 142 -1.79 -58.42 13.43
N ARG E 143 -1.97 -58.01 14.70
CA ARG E 143 -3.13 -58.38 15.50
C ARG E 143 -4.09 -57.25 15.84
N SER E 144 -3.62 -56.02 16.09
CA SER E 144 -4.51 -54.85 16.14
C SER E 144 -5.63 -54.93 17.17
N ALA E 145 -5.29 -55.04 18.45
CA ALA E 145 -6.29 -55.14 19.51
C ALA E 145 -6.24 -53.94 20.48
N ASP E 146 -7.41 -53.67 21.08
CA ASP E 146 -7.65 -52.48 21.90
C ASP E 146 -7.34 -52.76 23.37
N VAL E 147 -6.63 -51.84 24.01
CA VAL E 147 -6.11 -52.00 25.36
C VAL E 147 -6.44 -50.79 26.21
N TYR E 148 -6.25 -50.98 27.51
CA TYR E 148 -6.35 -49.95 28.53
C TYR E 148 -4.96 -49.54 29.00
N VAL E 149 -4.65 -48.26 28.93
CA VAL E 149 -3.36 -47.76 29.37
C VAL E 149 -3.50 -47.44 30.85
N ASN E 150 -3.27 -48.44 31.69
CA ASN E 150 -3.14 -48.24 33.12
C ASN E 150 -1.97 -48.94 33.76
N GLY E 151 -1.29 -49.84 33.07
CA GLY E 151 -0.16 -50.50 33.63
C GLY E 151 -0.47 -51.69 34.48
N GLU E 152 -1.72 -52.10 34.55
CA GLU E 152 -2.10 -53.27 35.29
C GLU E 152 -3.02 -54.20 34.55
N THR E 153 -3.55 -53.81 33.41
CA THR E 153 -4.56 -54.62 32.74
C THR E 153 -3.92 -55.36 31.60
N PRO E 154 -3.73 -56.67 31.67
CA PRO E 154 -3.25 -57.40 30.52
C PRO E 154 -4.24 -57.32 29.38
N ALA E 155 -3.70 -57.33 28.17
CA ALA E 155 -4.49 -57.42 26.97
C ALA E 155 -3.94 -58.55 26.12
N LYS E 156 -4.82 -59.46 25.74
CA LYS E 156 -4.46 -60.66 24.99
C LYS E 156 -4.54 -60.33 23.52
N ILE E 157 -3.42 -59.94 22.95
CA ILE E 157 -3.31 -59.59 21.54
C ILE E 157 -2.80 -60.84 20.85
N GLY E 158 -3.67 -61.54 20.15
CA GLY E 158 -3.28 -62.80 19.60
C GLY E 158 -2.92 -63.78 20.69
N ASP E 159 -1.64 -64.11 20.80
CA ASP E 159 -1.13 -65.00 21.82
C ASP E 159 -0.12 -64.32 22.72
N ALA E 160 0.01 -63.00 22.63
CA ALA E 160 0.91 -62.23 23.46
C ALA E 160 0.11 -61.40 24.45
N LYS E 161 0.67 -61.24 25.65
CA LYS E 161 0.07 -60.41 26.67
C LYS E 161 0.80 -59.08 26.76
N LEU E 162 0.08 -58.02 26.51
CA LEU E 162 0.61 -56.66 26.54
C LEU E 162 0.06 -55.95 27.75
N ILE E 163 0.95 -55.41 28.58
CA ILE E 163 0.54 -54.57 29.68
C ILE E 163 1.09 -53.19 29.37
N ILE E 164 0.26 -52.38 28.75
CA ILE E 164 0.63 -51.05 28.31
C ILE E 164 0.57 -50.09 29.49
N GLY E 165 1.70 -49.50 29.80
CA GLY E 165 1.95 -48.87 31.08
C GLY E 165 1.65 -47.41 31.06
N PRO E 166 1.24 -46.85 32.21
CA PRO E 166 0.50 -45.60 32.19
C PRO E 166 1.28 -44.47 31.55
N LEU E 167 0.53 -43.48 31.11
CA LEU E 167 1.13 -42.34 30.47
C LEU E 167 1.99 -41.59 31.46
N SER E 168 3.13 -41.13 31.00
CA SER E 168 4.02 -40.37 31.86
C SER E 168 3.36 -39.08 32.28
N SER E 169 2.67 -38.44 31.35
CA SER E 169 2.01 -37.16 31.59
C SER E 169 0.53 -37.40 31.82
N ALA E 170 0.00 -36.77 32.86
CA ALA E 170 -1.42 -36.82 33.18
C ALA E 170 -2.18 -35.67 32.55
N TRP E 171 -1.62 -35.07 31.50
CA TRP E 171 -2.21 -33.93 30.83
C TRP E 171 -3.44 -34.34 30.08
N SER E 172 -4.47 -33.51 30.13
CA SER E 172 -5.73 -33.71 29.47
C SER E 172 -6.18 -32.36 28.94
N PRO E 173 -6.66 -32.29 27.69
CA PRO E 173 -6.97 -30.98 27.11
C PRO E 173 -8.11 -30.29 27.79
N PHE E 174 -8.96 -31.01 28.48
CA PHE E 174 -10.15 -30.47 29.10
C PHE E 174 -9.82 -29.94 30.48
N ASP E 175 -10.40 -28.79 30.80
CA ASP E 175 -10.38 -28.32 32.16
C ASP E 175 -11.60 -28.89 32.88
N ASN E 176 -11.85 -28.40 34.08
CA ASN E 176 -12.87 -28.99 34.93
C ASN E 176 -14.23 -28.85 34.29
N LYS E 177 -14.51 -27.70 33.72
CA LYS E 177 -15.82 -27.39 33.16
C LYS E 177 -15.73 -27.24 31.66
N VAL E 178 -16.57 -27.97 30.95
CA VAL E 178 -16.66 -27.91 29.50
C VAL E 178 -18.11 -27.76 29.09
N VAL E 179 -18.30 -27.30 27.87
CA VAL E 179 -19.60 -27.17 27.24
C VAL E 179 -19.53 -27.89 25.90
N VAL E 180 -20.45 -28.83 25.68
CA VAL E 180 -20.51 -29.59 24.44
C VAL E 180 -21.68 -29.07 23.64
N TYR E 181 -21.43 -28.63 22.42
CA TYR E 181 -22.48 -28.18 21.51
C TYR E 181 -22.29 -28.84 20.17
N GLY E 182 -23.21 -29.70 19.80
CA GLY E 182 -23.04 -30.41 18.55
C GLY E 182 -21.83 -31.28 18.62
N HIS E 183 -20.91 -31.07 17.68
CA HIS E 183 -19.64 -31.77 17.64
C HIS E 183 -18.50 -30.94 18.19
N GLU E 184 -18.75 -29.74 18.69
CA GLU E 184 -17.73 -28.90 19.29
C GLU E 184 -17.71 -29.02 20.79
N VAL E 185 -16.52 -28.82 21.37
CA VAL E 185 -16.30 -28.80 22.81
C VAL E 185 -15.57 -27.52 23.18
N TYR E 186 -16.05 -26.84 24.21
CA TYR E 186 -15.55 -25.56 24.69
C TYR E 186 -15.12 -25.67 26.13
N ASN E 187 -14.03 -25.02 26.48
CA ASN E 187 -13.59 -24.98 27.87
C ASN E 187 -14.15 -23.70 28.49
N TYR E 188 -15.42 -23.77 28.84
CA TYR E 188 -16.21 -22.67 29.36
C TYR E 188 -16.47 -22.87 30.84
N ASP E 189 -16.21 -21.83 31.62
CA ASP E 189 -16.52 -21.80 33.05
C ASP E 189 -17.99 -21.41 33.20
N PHE E 190 -18.85 -22.38 32.95
CA PHE E 190 -20.27 -22.10 32.90
C PHE E 190 -20.80 -21.71 34.28
N PRO E 191 -21.85 -20.90 34.35
CA PRO E 191 -22.45 -20.62 35.65
C PRO E 191 -23.04 -21.87 36.27
N GLU E 192 -23.06 -21.89 37.59
CA GLU E 192 -23.70 -22.98 38.28
C GLU E 192 -25.20 -22.89 38.07
N TYR E 193 -25.89 -23.97 38.38
CA TYR E 193 -27.32 -24.01 38.23
C TYR E 193 -27.98 -22.99 39.12
N GLY E 194 -28.85 -22.18 38.55
CA GLY E 194 -29.53 -21.16 39.29
C GLY E 194 -28.76 -19.88 39.43
N THR E 195 -27.69 -19.69 38.67
CA THR E 195 -26.90 -18.49 38.71
C THR E 195 -26.95 -17.71 37.41
N GLY E 196 -27.38 -18.33 36.32
CA GLY E 196 -27.31 -17.72 35.00
C GLY E 196 -27.90 -16.34 34.87
N LYS E 197 -27.13 -15.44 34.28
CA LYS E 197 -27.59 -14.07 34.15
C LYS E 197 -28.64 -14.00 33.06
N ALA E 198 -29.15 -12.79 32.81
CA ALA E 198 -30.24 -12.60 31.87
C ALA E 198 -29.63 -12.23 30.54
N GLY E 199 -29.26 -13.26 29.80
CA GLY E 199 -28.87 -13.12 28.42
C GLY E 199 -27.46 -13.51 28.11
N SER E 200 -26.61 -13.97 29.04
CA SER E 200 -25.25 -14.33 28.65
C SER E 200 -25.08 -15.80 28.26
N PHE E 201 -25.39 -16.72 29.17
CA PHE E 201 -25.39 -18.14 28.91
C PHE E 201 -26.00 -18.77 30.14
N GLY E 202 -26.68 -19.88 29.96
CA GLY E 202 -27.33 -20.42 31.11
C GLY E 202 -28.48 -19.58 31.56
N ASP E 203 -29.04 -18.78 30.66
CA ASP E 203 -30.23 -18.02 31.04
C ASP E 203 -31.40 -18.96 31.19
N LEU E 204 -31.41 -20.03 30.42
CA LEU E 204 -32.36 -21.13 30.54
C LEU E 204 -31.54 -22.38 30.79
N GLN E 205 -31.65 -22.95 31.98
CA GLN E 205 -30.89 -24.11 32.39
C GLN E 205 -31.82 -25.21 32.86
N SER E 206 -31.67 -26.40 32.29
CA SER E 206 -32.43 -27.57 32.65
C SER E 206 -31.49 -28.73 32.96
N ARG E 207 -31.77 -29.45 34.04
CA ARG E 207 -30.88 -30.50 34.48
C ARG E 207 -30.75 -31.60 33.46
N THR E 208 -31.86 -31.98 32.85
CA THR E 208 -31.88 -32.96 31.78
C THR E 208 -32.69 -32.41 30.63
N SER E 209 -32.72 -33.13 29.53
CA SER E 209 -33.48 -32.68 28.38
C SER E 209 -34.97 -32.85 28.56
N THR E 210 -35.42 -33.58 29.59
CA THR E 210 -36.84 -33.76 29.87
C THR E 210 -37.22 -33.30 31.28
N SER E 211 -36.38 -32.51 31.93
CA SER E 211 -36.64 -32.07 33.28
C SER E 211 -37.83 -31.10 33.30
N ASN E 212 -38.32 -30.83 34.51
CA ASN E 212 -39.45 -29.95 34.73
C ASN E 212 -39.12 -28.74 35.57
N ASP E 213 -37.95 -28.69 36.22
CA ASP E 213 -37.55 -27.51 36.97
C ASP E 213 -37.37 -26.29 36.07
N LEU E 214 -36.48 -26.40 35.09
CA LEU E 214 -36.28 -25.42 34.04
C LEU E 214 -36.05 -24.01 34.59
N TYR E 215 -34.97 -23.85 35.34
CA TYR E 215 -34.63 -22.52 35.81
C TYR E 215 -34.41 -21.61 34.62
N ALA E 216 -35.03 -20.44 34.65
CA ALA E 216 -34.99 -19.52 33.53
C ALA E 216 -35.07 -18.10 34.06
N ASN E 217 -34.05 -17.32 33.74
CA ASN E 217 -33.93 -15.92 34.12
C ASN E 217 -33.77 -15.11 32.85
N THR E 218 -34.85 -14.49 32.40
CA THR E 218 -34.86 -13.74 31.16
C THR E 218 -35.32 -12.30 31.32
N ASN E 219 -35.62 -11.85 32.53
CA ASN E 219 -36.05 -10.48 32.76
C ASN E 219 -37.38 -10.19 32.07
N LEU E 220 -38.28 -11.16 32.05
CA LEU E 220 -39.51 -11.02 31.31
C LEU E 220 -40.46 -10.09 32.05
N LYS E 221 -40.81 -8.98 31.40
CA LYS E 221 -41.77 -8.00 31.91
C LYS E 221 -42.97 -7.92 30.97
N LEU E 222 -44.16 -8.09 31.53
CA LEU E 222 -45.38 -7.87 30.78
C LEU E 222 -45.68 -6.39 30.63
N GLN E 223 -46.14 -6.00 29.45
CA GLN E 223 -46.42 -4.61 29.12
C GLN E 223 -47.89 -4.39 28.86
N ARG E 224 -48.31 -3.14 28.99
CA ARG E 224 -49.72 -2.78 28.85
C ARG E 224 -50.23 -3.05 27.44
N PRO E 225 -51.37 -3.71 27.26
CA PRO E 225 -51.91 -3.86 25.92
C PRO E 225 -52.25 -2.52 25.30
N GLN E 226 -52.09 -2.45 23.98
CA GLN E 226 -52.48 -1.26 23.25
C GLN E 226 -53.99 -1.10 23.29
N ALA E 227 -54.43 0.15 23.28
CA ALA E 227 -55.85 0.46 23.27
C ALA E 227 -56.60 -0.29 22.19
N GLY E 228 -57.63 -1.01 22.61
CA GLY E 228 -58.47 -1.73 21.69
C GLY E 228 -58.06 -3.17 21.48
N ILE E 229 -56.76 -3.39 21.37
CA ILE E 229 -56.22 -4.69 21.00
C ILE E 229 -56.26 -5.62 22.21
N VAL E 230 -56.80 -6.81 22.00
CA VAL E 230 -56.66 -7.92 22.95
C VAL E 230 -55.39 -8.66 22.54
N HIS E 231 -54.26 -8.21 23.07
CA HIS E 231 -53.02 -8.94 22.93
C HIS E 231 -52.20 -8.78 24.19
N THR E 232 -51.21 -9.62 24.33
CA THR E 232 -50.41 -9.74 25.53
C THR E 232 -48.97 -9.31 25.26
N PRO E 233 -48.69 -8.03 25.12
CA PRO E 233 -47.33 -7.60 24.87
C PRO E 233 -46.41 -7.88 26.04
N PHE E 234 -45.16 -8.20 25.72
CA PHE E 234 -44.17 -8.47 26.73
C PHE E 234 -42.80 -8.13 26.18
N THR E 235 -41.87 -7.89 27.10
CA THR E 235 -40.50 -7.54 26.77
C THR E 235 -39.58 -8.49 27.50
N GLN E 236 -38.50 -8.89 26.84
CA GLN E 236 -37.65 -9.96 27.32
C GLN E 236 -36.24 -9.71 26.82
N VAL E 237 -35.27 -10.17 27.57
CA VAL E 237 -33.88 -10.07 27.11
C VAL E 237 -33.65 -11.14 26.06
N PRO E 238 -33.05 -10.83 24.90
CA PRO E 238 -32.83 -11.88 23.91
C PRO E 238 -31.97 -13.01 24.45
N SER E 239 -32.22 -14.20 23.90
CA SER E 239 -31.64 -15.43 24.42
C SER E 239 -30.13 -15.37 24.46
N GLY E 240 -29.56 -15.74 25.60
CA GLY E 240 -28.13 -15.81 25.72
C GLY E 240 -27.53 -17.00 25.03
N PHE E 241 -28.34 -18.00 24.71
CA PHE E 241 -27.85 -19.11 23.92
C PHE E 241 -27.42 -18.63 22.55
N GLU E 242 -28.23 -17.81 21.89
CA GLU E 242 -27.83 -17.38 20.55
C GLU E 242 -26.70 -16.37 20.62
N ARG E 243 -26.65 -15.59 21.68
CA ARG E 243 -25.54 -14.67 21.85
C ARG E 243 -24.26 -15.45 22.03
N TRP E 244 -24.33 -16.55 22.77
CA TRP E 244 -23.18 -17.41 22.90
C TRP E 244 -22.80 -18.04 21.57
N LYS E 245 -23.79 -18.47 20.80
CA LYS E 245 -23.48 -19.14 19.54
C LYS E 245 -22.77 -18.20 18.58
N LYS E 246 -23.13 -16.92 18.58
CA LYS E 246 -22.45 -16.00 17.68
C LYS E 246 -21.34 -15.20 18.35
N ASP E 247 -21.03 -15.43 19.63
CA ASP E 247 -19.81 -14.93 20.23
C ASP E 247 -18.84 -16.01 20.69
N LYS E 248 -19.18 -17.29 20.53
CA LYS E 248 -18.30 -18.31 21.06
C LYS E 248 -17.02 -18.34 20.24
N GLY E 249 -15.88 -18.23 20.92
CA GLY E 249 -14.68 -17.94 20.18
C GLY E 249 -14.14 -19.03 19.28
N ALA E 250 -13.70 -20.11 19.89
CA ALA E 250 -12.98 -21.15 19.17
C ALA E 250 -13.10 -22.44 19.94
N PRO E 251 -13.50 -23.56 19.35
CA PRO E 251 -13.63 -24.76 20.15
C PRO E 251 -12.27 -25.30 20.55
N LEU E 252 -12.31 -26.29 21.44
CA LEU E 252 -11.11 -27.01 21.80
C LEU E 252 -10.64 -27.95 20.71
N ASN E 253 -11.45 -28.18 19.68
CA ASN E 253 -11.01 -29.01 18.57
C ASN E 253 -9.92 -28.32 17.77
N ASP E 254 -9.85 -27.00 17.85
CA ASP E 254 -8.86 -26.18 17.17
C ASP E 254 -7.78 -25.68 18.12
N VAL E 255 -8.17 -25.19 19.29
CA VAL E 255 -7.20 -24.68 20.26
C VAL E 255 -6.25 -25.79 20.73
N ALA E 256 -6.74 -27.00 20.90
CA ALA E 256 -6.10 -28.10 21.63
C ALA E 256 -4.61 -28.33 21.41
N PRO E 257 -3.77 -28.27 22.45
CA PRO E 257 -2.36 -28.59 22.26
C PRO E 257 -2.12 -30.05 21.92
N PHE E 258 -0.94 -30.30 21.37
CA PHE E 258 -0.42 -31.62 21.01
C PHE E 258 -1.16 -32.31 19.87
N GLY E 259 -2.06 -31.61 19.20
CA GLY E 259 -2.77 -32.21 18.09
C GLY E 259 -3.80 -33.20 18.57
N CYS E 260 -4.45 -32.89 19.67
CA CYS E 260 -5.58 -33.67 20.15
C CYS E 260 -6.78 -33.47 19.26
N SER E 261 -7.41 -34.56 18.85
CA SER E 261 -8.64 -34.53 18.08
C SER E 261 -9.78 -34.89 19.01
N ILE E 262 -10.75 -34.01 19.16
CA ILE E 262 -11.80 -34.19 20.15
C ILE E 262 -12.97 -34.90 19.49
N ALA E 263 -13.33 -36.06 20.01
CA ALA E 263 -14.52 -36.78 19.60
C ALA E 263 -15.54 -36.78 20.71
N LEU E 264 -16.81 -37.04 20.35
CA LEU E 264 -17.94 -36.71 21.21
C LEU E 264 -18.99 -37.79 21.45
N GLU E 265 -18.84 -38.96 20.91
CA GLU E 265 -19.28 -40.10 21.69
C GLU E 265 -18.03 -40.59 22.36
N PRO E 266 -18.11 -41.27 23.43
CA PRO E 266 -17.97 -40.54 24.68
C PRO E 266 -16.76 -39.63 24.67
N LEU E 267 -16.78 -38.64 25.52
CA LEU E 267 -16.07 -37.41 25.23
C LEU E 267 -14.61 -37.67 25.43
N ARG E 268 -13.83 -37.57 24.35
CA ARG E 268 -12.47 -38.07 24.39
C ARG E 268 -11.57 -37.22 23.53
N ALA E 269 -10.31 -37.28 23.89
CA ALA E 269 -9.23 -36.55 23.25
C ALA E 269 -8.32 -37.59 22.63
N GLU E 270 -8.15 -37.54 21.33
CA GLU E 270 -7.55 -38.64 20.62
C GLU E 270 -6.20 -38.18 20.10
N ASN E 271 -5.28 -39.13 19.99
CA ASN E 271 -4.04 -38.93 19.28
C ASN E 271 -3.26 -37.73 19.79
N CYS E 272 -2.95 -37.74 21.09
CA CYS E 272 -2.28 -36.63 21.74
C CYS E 272 -0.85 -37.05 22.06
N ALA E 273 0.10 -36.37 21.45
CA ALA E 273 1.50 -36.78 21.43
C ALA E 273 2.23 -36.15 22.61
N VAL E 274 2.00 -36.70 23.79
CA VAL E 274 2.57 -36.20 25.03
C VAL E 274 3.10 -37.37 25.84
N GLY E 275 4.36 -37.26 26.28
CA GLY E 275 4.94 -38.23 27.18
C GLY E 275 5.34 -39.54 26.54
N SER E 276 5.54 -40.54 27.40
CA SER E 276 5.94 -41.88 27.00
C SER E 276 5.08 -42.93 27.69
N ILE E 277 5.04 -44.12 27.09
CA ILE E 277 4.22 -45.25 27.52
C ILE E 277 5.14 -46.41 27.86
N PRO E 278 5.27 -46.81 29.12
CA PRO E 278 5.92 -48.09 29.39
C PRO E 278 5.14 -49.22 28.77
N ILE E 279 5.86 -50.27 28.37
CA ILE E 279 5.24 -51.44 27.78
C ILE E 279 5.89 -52.68 28.36
N SER E 280 5.12 -53.75 28.41
CA SER E 280 5.63 -55.02 28.90
C SER E 280 4.92 -56.13 28.15
N ILE E 281 5.58 -56.66 27.12
CA ILE E 281 5.02 -57.74 26.33
C ILE E 281 5.54 -59.08 26.82
N ASP E 282 4.77 -60.13 26.58
CA ASP E 282 5.13 -61.49 26.94
C ASP E 282 4.95 -62.32 25.68
N ILE E 283 5.99 -62.42 24.87
CA ILE E 283 5.93 -63.19 23.63
C ILE E 283 5.84 -64.67 23.97
N PRO E 284 5.00 -65.46 23.30
CA PRO E 284 4.95 -66.88 23.63
C PRO E 284 6.22 -67.57 23.21
N ASP E 285 6.52 -68.68 23.89
CA ASP E 285 7.75 -69.39 23.64
C ASP E 285 7.75 -70.14 22.32
N ALA E 286 6.59 -70.33 21.70
CA ALA E 286 6.58 -71.01 20.42
C ALA E 286 7.22 -70.16 19.34
N ALA E 287 7.20 -68.85 19.49
CA ALA E 287 7.81 -67.98 18.50
C ALA E 287 9.31 -68.18 18.42
N PHE E 288 9.97 -68.29 19.57
CA PHE E 288 11.41 -68.34 19.59
C PHE E 288 11.91 -69.63 18.94
N THR E 289 13.06 -69.54 18.28
CA THR E 289 13.75 -70.69 17.70
C THR E 289 15.15 -70.81 18.28
N ARG E 290 15.58 -72.04 18.50
CA ARG E 290 16.87 -72.31 19.13
C ARG E 290 18.01 -71.71 18.33
N ILE E 291 18.99 -71.16 19.04
CA ILE E 291 20.10 -70.50 18.37
C ILE E 291 20.88 -71.43 17.47
N SER E 292 20.80 -72.74 17.69
CA SER E 292 21.56 -73.64 16.85
C SER E 292 20.95 -73.81 15.48
N GLU E 293 19.64 -73.61 15.35
CA GLU E 293 18.94 -73.76 14.09
C GLU E 293 18.91 -72.49 13.25
N THR E 294 19.72 -71.49 13.55
CA THR E 294 19.65 -70.20 12.88
C THR E 294 20.98 -69.84 12.24
N PRO E 295 20.97 -69.10 11.13
CA PRO E 295 22.23 -68.75 10.48
C PRO E 295 23.13 -67.93 11.37
N THR E 296 24.44 -68.12 11.22
CA THR E 296 25.43 -67.29 11.89
C THR E 296 26.10 -66.41 10.86
N VAL E 297 26.07 -65.12 11.09
CA VAL E 297 26.46 -64.11 10.13
C VAL E 297 27.82 -63.57 10.53
N SER E 298 28.76 -63.58 9.60
CA SER E 298 30.10 -63.11 9.84
C SER E 298 30.52 -62.15 8.74
N ASP E 299 31.68 -61.54 8.94
CA ASP E 299 32.30 -60.67 7.96
C ASP E 299 31.36 -59.56 7.50
N LEU E 300 30.68 -58.95 8.44
CA LEU E 300 29.75 -57.89 8.10
C LEU E 300 30.50 -56.61 7.77
N GLU E 301 30.17 -56.01 6.63
CA GLU E 301 30.81 -54.77 6.23
C GLU E 301 29.74 -53.89 5.60
N CYS E 302 29.40 -52.81 6.28
CA CYS E 302 28.32 -51.92 5.86
C CYS E 302 28.87 -50.67 5.23
N LYS E 303 28.29 -50.28 4.11
CA LYS E 303 28.62 -49.06 3.41
C LYS E 303 27.34 -48.28 3.22
N ILE E 304 27.35 -47.03 3.64
CA ILE E 304 26.19 -46.17 3.48
C ILE E 304 26.29 -45.59 2.08
N THR E 305 25.30 -45.89 1.28
CA THR E 305 25.08 -45.28 -0.02
C THR E 305 24.32 -44.00 0.27
N GLU E 306 23.81 -43.34 -0.75
CA GLU E 306 23.19 -42.03 -0.62
C GLU E 306 22.26 -41.92 0.57
N CYS E 307 22.48 -40.90 1.39
CA CYS E 307 21.65 -40.63 2.56
C CYS E 307 21.34 -39.16 2.67
N THR E 308 20.21 -38.87 3.30
CA THR E 308 19.75 -37.51 3.52
C THR E 308 18.75 -37.53 4.66
N TYR E 309 18.90 -36.58 5.59
CA TYR E 309 18.08 -36.56 6.79
C TYR E 309 16.69 -35.97 6.52
N ALA E 310 15.96 -36.63 5.64
CA ALA E 310 14.58 -36.28 5.43
C ALA E 310 13.72 -36.99 6.45
N PHE E 311 12.46 -36.57 6.51
CA PHE E 311 11.55 -37.19 7.46
C PHE E 311 11.21 -38.60 7.05
N ASP E 312 11.25 -38.89 5.77
CA ASP E 312 10.95 -40.23 5.32
C ASP E 312 12.25 -41.02 5.31
N PHE E 313 12.23 -42.22 4.77
CA PHE E 313 13.39 -43.09 4.82
C PHE E 313 14.39 -42.65 3.78
N GLY E 314 15.15 -41.63 4.14
CA GLY E 314 16.09 -41.01 3.23
C GLY E 314 17.51 -41.50 3.37
N GLY E 315 17.69 -42.78 3.64
CA GLY E 315 19.02 -43.33 3.69
C GLY E 315 19.05 -44.75 3.22
N ILE E 316 20.02 -45.10 2.39
CA ILE E 316 20.17 -46.44 1.86
C ILE E 316 21.56 -46.94 2.17
N ALA E 317 21.65 -48.15 2.67
CA ALA E 317 22.90 -48.77 3.02
C ALA E 317 22.91 -50.18 2.45
N THR E 318 24.12 -50.68 2.24
CA THR E 318 24.32 -52.04 1.77
C THR E 318 25.32 -52.71 2.68
N VAL E 319 25.04 -53.95 3.09
CA VAL E 319 25.88 -54.71 3.98
C VAL E 319 26.29 -55.99 3.28
N ALA E 320 27.60 -56.27 3.25
CA ALA E 320 28.09 -57.58 2.81
C ALA E 320 28.12 -58.51 4.00
N TYR E 321 27.62 -59.74 3.81
CA TYR E 321 27.10 -60.53 4.92
C TYR E 321 27.52 -61.98 4.93
N LYS E 322 28.76 -62.32 4.56
CA LYS E 322 29.12 -63.74 4.36
C LYS E 322 28.69 -64.63 5.51
N SER E 323 27.82 -65.59 5.21
CA SER E 323 27.00 -66.27 6.21
C SER E 323 27.32 -67.75 6.27
N SER E 324 26.58 -68.46 7.11
CA SER E 324 26.77 -69.88 7.31
C SER E 324 25.77 -70.74 6.53
N LYS E 325 24.49 -70.49 6.73
CA LYS E 325 23.42 -71.13 6.00
C LYS E 325 22.48 -70.04 5.52
N ALA E 326 21.49 -70.41 4.73
CA ALA E 326 20.59 -69.45 4.13
C ALA E 326 19.24 -69.45 4.82
N GLY E 327 18.70 -68.27 5.03
CA GLY E 327 17.33 -68.15 5.49
C GLY E 327 17.03 -66.73 5.90
N ASN E 328 15.85 -66.54 6.46
CA ASN E 328 15.43 -65.22 6.88
C ASN E 328 15.99 -64.98 8.25
N CYS E 329 16.46 -63.75 8.49
CA CYS E 329 16.83 -63.38 9.85
C CYS E 329 16.81 -61.86 10.08
N PRO E 330 16.44 -61.41 11.29
CA PRO E 330 16.10 -60.00 11.54
C PRO E 330 17.26 -59.02 11.59
N ILE E 331 16.91 -57.72 11.43
CA ILE E 331 17.85 -56.62 11.62
C ILE E 331 17.18 -55.52 12.43
N HIS E 332 17.96 -54.89 13.30
CA HIS E 332 17.49 -53.82 14.16
C HIS E 332 18.66 -52.91 14.51
N SER E 333 18.38 -51.62 14.68
CA SER E 333 19.39 -50.60 14.98
C SER E 333 19.08 -49.97 16.33
N PRO E 334 19.64 -50.48 17.43
CA PRO E 334 19.17 -50.05 18.75
C PRO E 334 19.48 -48.63 19.11
N SER E 335 20.46 -47.99 18.45
CA SER E 335 21.02 -46.75 18.98
C SER E 335 19.99 -45.65 19.15
N GLY E 336 18.97 -45.64 18.32
CA GLY E 336 18.01 -44.56 18.32
C GLY E 336 18.41 -43.40 17.46
N VAL E 337 19.57 -43.46 16.82
CA VAL E 337 20.00 -42.43 15.89
C VAL E 337 19.54 -42.71 14.46
N ALA E 338 19.22 -43.95 14.14
CA ALA E 338 18.68 -44.35 12.84
C ALA E 338 17.52 -45.28 13.06
N VAL E 339 16.50 -45.17 12.22
CA VAL E 339 15.32 -46.02 12.28
C VAL E 339 15.28 -46.85 11.01
N ILE E 340 15.34 -48.16 11.17
CA ILE E 340 15.39 -49.07 10.03
C ILE E 340 13.99 -49.33 9.50
N LYS E 341 13.85 -49.29 8.18
CA LYS E 341 12.55 -49.52 7.58
C LYS E 341 12.16 -50.98 7.66
N GLU E 342 13.05 -51.88 7.28
CA GLU E 342 12.71 -53.29 7.16
C GLU E 342 13.08 -54.07 8.40
N ASN E 343 12.31 -55.11 8.63
CA ASN E 343 12.36 -55.95 9.81
C ASN E 343 13.29 -57.14 9.63
N ASP E 344 13.24 -57.77 8.47
CA ASP E 344 13.99 -58.96 8.19
C ASP E 344 14.76 -58.81 6.90
N VAL E 345 15.78 -59.65 6.75
CA VAL E 345 16.48 -59.77 5.48
C VAL E 345 16.66 -61.24 5.22
N THR E 346 16.54 -61.63 3.96
CA THR E 346 16.76 -63.02 3.60
C THR E 346 18.20 -63.15 3.17
N LEU E 347 18.89 -64.13 3.72
CA LEU E 347 20.31 -64.31 3.54
C LEU E 347 20.57 -65.57 2.72
N ALA E 348 21.53 -65.46 1.82
CA ALA E 348 22.08 -66.57 1.10
C ALA E 348 23.41 -66.92 1.76
N GLU E 349 24.14 -67.85 1.16
CA GLU E 349 25.41 -68.24 1.75
C GLU E 349 26.34 -67.05 1.86
N SER E 350 26.35 -66.20 0.85
CA SER E 350 27.13 -64.97 0.88
C SER E 350 26.58 -64.02 -0.16
N GLY E 351 26.89 -62.75 -0.01
CA GLY E 351 26.42 -61.74 -0.92
C GLY E 351 26.29 -60.40 -0.19
N SER E 352 25.21 -59.68 -0.49
CA SER E 352 24.94 -58.40 0.14
C SER E 352 23.44 -58.17 0.21
N PHE E 353 23.00 -57.41 1.21
CA PHE E 353 21.61 -56.98 1.32
C PHE E 353 21.56 -55.48 1.54
N THR E 354 20.49 -54.86 1.05
CA THR E 354 20.30 -53.42 1.13
C THR E 354 19.17 -53.11 2.09
N PHE E 355 19.38 -52.10 2.93
CA PHE E 355 18.33 -51.68 3.87
C PHE E 355 18.18 -50.17 3.84
N HIS E 356 16.94 -49.71 3.96
CA HIS E 356 16.61 -48.30 4.10
C HIS E 356 16.52 -47.89 5.56
N PHE E 357 16.78 -46.62 5.82
CA PHE E 357 16.73 -46.10 7.16
C PHE E 357 16.45 -44.61 7.14
N SER E 358 15.96 -44.09 8.27
CA SER E 358 15.66 -42.68 8.44
C SER E 358 16.48 -42.14 9.60
N THR E 359 16.95 -40.91 9.46
CA THR E 359 17.86 -40.35 10.44
C THR E 359 17.76 -38.84 10.42
N ALA E 360 18.26 -38.23 11.47
CA ALA E 360 18.39 -36.78 11.53
C ALA E 360 19.82 -36.32 11.55
N ASN E 361 20.77 -37.21 11.76
CA ASN E 361 22.14 -36.79 11.90
C ASN E 361 22.76 -36.43 10.56
N ILE E 362 23.64 -35.45 10.59
CA ILE E 362 24.49 -35.22 9.43
C ILE E 362 25.36 -36.43 9.19
N HIS E 363 25.94 -36.99 10.27
CA HIS E 363 26.75 -38.19 10.23
C HIS E 363 26.05 -39.28 11.02
N PRO E 364 25.22 -40.05 10.42
CA PRO E 364 24.62 -41.16 11.16
C PRO E 364 25.64 -42.24 11.44
N ALA E 365 26.01 -42.39 12.70
CA ALA E 365 26.92 -43.43 13.13
C ALA E 365 26.10 -44.34 14.02
N PHE E 366 25.65 -45.45 13.46
CA PHE E 366 24.74 -46.35 14.15
C PHE E 366 25.19 -47.77 14.01
N LYS E 367 24.85 -48.56 15.01
CA LYS E 367 25.14 -49.98 15.03
C LYS E 367 23.91 -50.68 14.55
N LEU E 368 24.08 -51.55 13.57
CA LEU E 368 22.99 -52.34 13.04
C LEU E 368 23.24 -53.74 13.53
N GLN E 369 22.25 -54.29 14.19
CA GLN E 369 22.33 -55.58 14.80
C GLN E 369 21.61 -56.49 13.86
N VAL E 370 22.36 -57.30 13.15
CA VAL E 370 21.76 -58.28 12.25
C VAL E 370 21.85 -59.61 12.94
N CYS E 371 20.69 -60.20 13.12
CA CYS E 371 20.53 -61.60 13.43
C CYS E 371 21.15 -61.76 14.81
N THR E 372 22.40 -62.20 14.94
CA THR E 372 23.10 -62.11 16.22
C THR E 372 24.25 -61.11 16.21
N SER E 373 25.09 -61.13 15.18
CA SER E 373 26.24 -60.25 15.10
C SER E 373 25.84 -58.84 14.71
N ALA E 374 26.74 -57.90 14.93
CA ALA E 374 26.48 -56.48 14.73
C ALA E 374 27.57 -55.82 13.92
N VAL E 375 27.17 -54.79 13.16
CA VAL E 375 28.04 -54.06 12.25
C VAL E 375 27.84 -52.57 12.46
N THR E 376 28.91 -51.81 12.49
CA THR E 376 28.83 -50.36 12.64
C THR E 376 28.81 -49.67 11.28
N CYS E 377 27.83 -48.79 11.07
CA CYS E 377 27.67 -48.01 9.85
C CYS E 377 27.85 -46.54 10.14
N LYS E 378 28.69 -45.86 9.37
CA LYS E 378 28.84 -44.42 9.47
C LYS E 378 28.96 -43.85 8.07
N GLY E 379 28.62 -42.57 7.95
CA GLY E 379 28.62 -41.93 6.65
C GLY E 379 28.27 -40.47 6.78
N ASP E 380 27.93 -39.86 5.65
CA ASP E 380 27.57 -38.46 5.58
C ASP E 380 26.18 -38.34 4.98
N CYS E 381 25.40 -37.37 5.43
CA CYS E 381 24.05 -37.16 4.92
C CYS E 381 23.79 -35.71 4.56
N LYS E 382 23.02 -35.54 3.51
CA LYS E 382 22.73 -34.31 2.80
C LYS E 382 21.41 -33.70 3.25
N PRO E 383 21.22 -32.39 3.16
CA PRO E 383 19.95 -31.82 3.53
C PRO E 383 18.84 -32.29 2.61
N PRO E 384 17.60 -32.41 3.10
CA PRO E 384 16.47 -32.61 2.21
C PRO E 384 16.09 -31.34 1.49
N LYS E 385 15.73 -31.46 0.21
CA LYS E 385 15.38 -30.27 -0.54
C LYS E 385 13.98 -29.76 -0.22
N ASP E 386 13.04 -30.66 0.05
CA ASP E 386 11.66 -30.27 0.31
C ASP E 386 11.54 -29.54 1.64
N HIS E 387 10.86 -28.40 1.63
CA HIS E 387 10.75 -27.59 2.83
C HIS E 387 9.67 -28.12 3.76
N ILE E 388 8.46 -28.29 3.26
CA ILE E 388 7.32 -28.71 4.06
C ILE E 388 6.79 -30.00 3.47
N VAL E 389 6.62 -30.99 4.34
CA VAL E 389 6.11 -32.30 3.96
C VAL E 389 4.81 -32.55 4.68
N ASP E 390 4.08 -33.55 4.22
CA ASP E 390 2.77 -33.90 4.74
C ASP E 390 2.77 -35.11 5.64
N TYR E 391 3.93 -35.59 6.08
CA TYR E 391 4.04 -36.73 6.97
C TYR E 391 4.96 -36.39 8.13
N PRO E 392 4.76 -36.98 9.29
CA PRO E 392 5.60 -36.64 10.42
C PRO E 392 6.96 -37.33 10.33
N ALA E 393 7.89 -36.84 11.15
CA ALA E 393 9.22 -37.40 11.13
C ALA E 393 9.21 -38.80 11.67
N GLN E 394 10.03 -39.66 11.09
CA GLN E 394 10.15 -41.04 11.51
C GLN E 394 11.29 -41.27 12.49
N HIS E 395 11.99 -40.22 12.89
CA HIS E 395 13.15 -40.29 13.75
C HIS E 395 13.01 -39.25 14.84
N THR E 396 14.00 -39.18 15.72
CA THR E 396 14.06 -38.15 16.75
C THR E 396 15.39 -37.42 16.70
N GLU E 397 15.35 -36.10 16.83
CA GLU E 397 16.58 -35.34 16.97
C GLU E 397 17.11 -35.53 18.39
N SER E 398 18.40 -35.19 18.57
CA SER E 398 19.03 -35.39 19.88
C SER E 398 19.91 -34.24 20.33
N PHE E 399 19.79 -33.07 19.72
CA PHE E 399 20.51 -31.83 20.05
C PHE E 399 21.99 -31.90 19.69
N THR E 400 22.47 -33.03 19.18
CA THR E 400 23.80 -33.19 18.64
C THR E 400 23.76 -33.64 17.19
N SER E 401 22.57 -33.88 16.63
CA SER E 401 22.41 -34.46 15.32
C SER E 401 22.80 -33.50 14.21
N ALA E 402 23.06 -32.25 14.50
CA ALA E 402 23.31 -31.27 13.47
C ALA E 402 24.72 -30.70 13.55
N ILE E 403 25.49 -31.05 14.58
CA ILE E 403 26.77 -30.40 14.83
C ILE E 403 27.71 -30.57 13.64
N SER E 404 27.86 -31.78 13.13
CA SER E 404 28.69 -32.05 11.96
C SER E 404 30.18 -31.88 12.22
N ALA E 405 30.99 -32.57 11.41
CA ALA E 405 32.43 -32.67 11.64
C ALA E 405 33.11 -31.32 11.69
N THR E 406 32.77 -30.42 10.78
CA THR E 406 33.44 -29.13 10.74
C THR E 406 33.16 -28.34 12.01
N ALA E 407 31.89 -28.29 12.42
CA ALA E 407 31.57 -27.53 13.61
C ALA E 407 32.11 -28.20 14.85
N TRP E 408 32.23 -29.52 14.82
CA TRP E 408 32.84 -30.22 15.94
C TRP E 408 34.29 -29.80 16.05
N SER E 409 34.99 -29.82 14.93
CA SER E 409 36.40 -29.46 14.94
C SER E 409 36.57 -28.00 15.31
N TRP E 410 35.69 -27.14 14.88
CA TRP E 410 35.80 -25.74 15.26
C TRP E 410 35.61 -25.55 16.75
N ILE E 411 34.54 -26.12 17.32
CA ILE E 411 34.33 -25.93 18.76
C ILE E 411 35.45 -26.58 19.54
N LYS E 412 36.01 -27.67 19.03
CA LYS E 412 37.14 -28.29 19.68
C LYS E 412 38.34 -27.35 19.67
N VAL E 413 38.72 -26.87 18.48
CA VAL E 413 39.84 -25.93 18.40
C VAL E 413 39.63 -24.71 19.28
N LEU E 414 38.40 -24.25 19.41
CA LEU E 414 38.13 -23.12 20.30
C LEU E 414 38.35 -23.49 21.76
N VAL E 415 37.67 -24.54 22.23
CA VAL E 415 37.78 -24.94 23.63
C VAL E 415 39.21 -25.30 23.96
N GLY E 416 39.86 -26.07 23.10
CA GLY E 416 41.24 -26.43 23.32
C GLY E 416 42.16 -25.24 23.28
N GLY E 417 41.87 -24.25 22.43
CA GLY E 417 42.67 -23.05 22.41
C GLY E 417 42.59 -22.32 23.73
N THR E 418 41.38 -22.15 24.25
CA THR E 418 41.23 -21.43 25.50
C THR E 418 41.88 -22.21 26.64
N SER E 419 41.68 -23.52 26.65
CA SER E 419 42.28 -24.36 27.68
C SER E 419 43.78 -24.27 27.61
N ALA E 420 44.34 -24.37 26.42
CA ALA E 420 45.79 -24.36 26.27
C ALA E 420 46.35 -23.02 26.69
N PHE E 421 45.71 -21.92 26.33
CA PHE E 421 46.22 -20.63 26.74
C PHE E 421 46.21 -20.48 28.26
N ILE E 422 45.13 -20.91 28.90
CA ILE E 422 45.04 -20.77 30.35
C ILE E 422 46.03 -21.69 31.03
N VAL E 423 46.22 -22.88 30.52
CA VAL E 423 47.13 -23.80 31.16
C VAL E 423 48.55 -23.33 30.92
N LEU E 424 48.83 -22.72 29.78
CA LEU E 424 50.14 -22.16 29.56
C LEU E 424 50.40 -21.05 30.55
N GLY E 425 49.40 -20.22 30.81
CA GLY E 425 49.58 -19.20 31.82
C GLY E 425 49.85 -19.77 33.20
N LEU E 426 49.12 -20.82 33.58
CA LEU E 426 49.30 -21.35 34.92
C LEU E 426 50.65 -22.03 35.05
N ILE E 427 51.10 -22.71 34.01
CA ILE E 427 52.42 -23.30 34.08
C ILE E 427 53.49 -22.22 34.08
N ALA E 428 53.25 -21.09 33.42
CA ALA E 428 54.19 -19.99 33.51
C ALA E 428 54.27 -19.44 34.92
N THR E 429 53.13 -19.31 35.59
CA THR E 429 53.15 -18.83 36.96
C THR E 429 53.93 -19.77 37.85
N ALA E 430 53.72 -21.06 37.69
CA ALA E 430 54.50 -21.99 38.48
C ALA E 430 55.98 -21.87 38.18
N VAL E 431 56.35 -21.71 36.90
CA VAL E 431 57.77 -21.65 36.58
C VAL E 431 58.42 -20.42 37.20
N VAL E 432 57.72 -19.28 37.21
CA VAL E 432 58.30 -18.11 37.84
C VAL E 432 58.46 -18.33 39.33
N ALA E 433 57.46 -18.91 39.98
CA ALA E 433 57.60 -19.13 41.41
C ALA E 433 58.80 -20.01 41.68
N LEU E 434 58.97 -21.06 40.90
CA LEU E 434 60.08 -21.96 41.16
C LEU E 434 61.41 -21.28 40.90
N VAL E 435 61.52 -20.47 39.85
CA VAL E 435 62.82 -19.87 39.58
C VAL E 435 63.15 -18.84 40.65
N LEU E 436 62.15 -18.13 41.16
CA LEU E 436 62.47 -17.19 42.24
C LEU E 436 62.90 -17.92 43.50
N PHE E 437 62.23 -19.02 43.82
CA PHE E 437 62.62 -19.79 44.99
C PHE E 437 64.05 -20.31 44.85
N PHE E 438 64.41 -20.79 43.67
CA PHE E 438 65.80 -21.14 43.42
C PHE E 438 66.73 -19.93 43.40
N HIS E 439 66.22 -18.74 43.11
CA HIS E 439 67.09 -17.58 43.12
C HIS E 439 67.56 -17.32 44.53
N ARG E 440 66.66 -17.23 45.48
CA ARG E 440 67.13 -16.99 46.84
C ARG E 440 67.79 -18.24 47.38
N HIS E 441 67.06 -19.35 47.41
CA HIS E 441 67.54 -20.57 48.03
C HIS E 441 68.28 -21.44 47.03
N ASP F 1 -50.91 -42.29 8.60
CA ASP F 1 -49.72 -41.39 8.73
C ASP F 1 -50.12 -39.93 8.48
N LEU F 2 -50.13 -39.52 7.21
CA LEU F 2 -50.56 -38.16 6.88
C LEU F 2 -52.06 -38.01 7.10
N ASP F 3 -52.82 -39.03 6.68
CA ASP F 3 -54.26 -39.02 6.86
C ASP F 3 -54.65 -38.92 8.32
N THR F 4 -53.99 -39.68 9.20
CA THR F 4 -54.45 -39.69 10.59
C THR F 4 -54.15 -38.38 11.31
N HIS F 5 -53.04 -37.72 11.00
CA HIS F 5 -52.80 -36.41 11.60
C HIS F 5 -53.67 -35.32 11.01
N PHE F 6 -54.13 -35.50 9.77
CA PHE F 6 -54.99 -34.48 9.21
C PHE F 6 -56.41 -34.66 9.72
N THR F 7 -56.83 -35.92 9.84
CA THR F 7 -58.03 -36.27 10.58
C THR F 7 -57.99 -35.65 11.97
N GLN F 8 -56.85 -35.78 12.61
CA GLN F 8 -56.65 -35.33 13.98
C GLN F 8 -56.81 -33.83 14.12
N TYR F 9 -56.57 -33.07 13.05
CA TYR F 9 -56.70 -31.63 13.21
C TYR F 9 -58.14 -31.16 13.08
N LYS F 10 -59.08 -32.05 12.74
CA LYS F 10 -60.48 -31.66 12.55
C LYS F 10 -61.13 -31.07 13.79
N LEU F 11 -60.57 -31.27 14.97
CA LEU F 11 -61.16 -30.68 16.16
C LEU F 11 -60.87 -29.19 16.29
N ALA F 12 -59.89 -28.69 15.55
CA ALA F 12 -59.40 -27.32 15.66
C ALA F 12 -60.04 -26.45 14.60
N ARG F 13 -60.52 -25.29 15.01
CA ARG F 13 -61.09 -24.32 14.08
C ARG F 13 -60.18 -23.11 13.92
N PRO F 14 -60.18 -22.46 12.76
CA PRO F 14 -59.51 -21.18 12.64
C PRO F 14 -60.14 -20.13 13.53
N TYR F 15 -59.48 -18.98 13.61
CA TYR F 15 -59.97 -17.90 14.43
C TYR F 15 -59.52 -16.59 13.84
N ILE F 16 -60.19 -15.51 14.23
CA ILE F 16 -59.84 -14.16 13.82
C ILE F 16 -59.10 -13.51 14.96
N ALA F 17 -57.86 -13.13 14.72
CA ALA F 17 -56.97 -12.62 15.75
C ALA F 17 -56.36 -11.31 15.28
N ASP F 18 -56.02 -10.46 16.23
CA ASP F 18 -55.48 -9.15 15.90
C ASP F 18 -54.13 -9.25 15.24
N CYS F 19 -53.91 -8.45 14.19
CA CYS F 19 -52.67 -8.45 13.46
C CYS F 19 -52.21 -7.02 13.22
N PRO F 20 -50.90 -6.76 13.37
CA PRO F 20 -50.41 -5.37 13.28
C PRO F 20 -50.62 -4.70 11.96
N ASN F 21 -50.18 -5.33 10.89
CA ASN F 21 -50.19 -4.78 9.55
C ASN F 21 -51.07 -5.64 8.67
N CYS F 22 -52.23 -5.14 8.31
CA CYS F 22 -53.13 -5.81 7.41
C CYS F 22 -53.07 -5.24 6.01
N GLY F 23 -52.05 -4.43 5.72
CA GLY F 23 -52.11 -3.53 4.58
C GLY F 23 -52.33 -2.13 5.07
N HIS F 24 -53.55 -1.64 4.84
CA HIS F 24 -53.96 -0.31 5.25
C HIS F 24 -53.59 -0.05 6.71
N SER F 25 -54.07 -0.87 7.63
CA SER F 25 -54.01 -0.57 9.04
C SER F 25 -53.90 -1.88 9.81
N ARG F 26 -54.11 -1.80 11.12
CA ARG F 26 -54.04 -2.93 12.02
C ARG F 26 -55.45 -3.45 12.20
N CYS F 27 -55.68 -4.73 11.90
CA CYS F 27 -57.02 -5.25 12.10
C CYS F 27 -57.00 -6.67 12.59
N ASP F 28 -58.19 -7.14 12.93
CA ASP F 28 -58.46 -8.54 13.21
C ASP F 28 -58.52 -9.30 11.90
N SER F 29 -57.64 -10.28 11.74
CA SER F 29 -57.41 -10.94 10.48
C SER F 29 -57.60 -12.44 10.63
N PRO F 30 -58.15 -13.11 9.62
CA PRO F 30 -58.19 -14.58 9.64
C PRO F 30 -56.85 -15.26 9.53
N ILE F 31 -55.79 -14.55 9.15
CA ILE F 31 -54.50 -15.16 8.85
C ILE F 31 -53.43 -14.62 9.79
N ALA F 32 -53.84 -14.25 10.99
CA ALA F 32 -52.94 -13.65 11.97
C ALA F 32 -51.77 -14.56 12.27
N ILE F 33 -50.56 -14.01 12.19
CA ILE F 33 -49.36 -14.78 12.47
C ILE F 33 -49.14 -14.79 13.97
N GLU F 34 -49.16 -15.97 14.56
CA GLU F 34 -48.97 -16.14 15.98
C GLU F 34 -47.50 -16.20 16.32
N GLU F 35 -46.74 -16.97 15.54
CA GLU F 35 -45.34 -17.22 15.83
C GLU F 35 -44.65 -17.55 14.53
N VAL F 36 -43.45 -17.02 14.37
CA VAL F 36 -42.53 -17.44 13.34
C VAL F 36 -41.33 -18.01 14.05
N ARG F 37 -40.96 -19.21 13.67
CA ARG F 37 -39.79 -19.90 14.19
C ARG F 37 -38.76 -19.94 13.08
N GLY F 38 -37.59 -19.37 13.33
CA GLY F 38 -36.60 -19.20 12.29
C GLY F 38 -35.21 -19.58 12.72
N ASP F 39 -35.10 -20.54 13.62
CA ASP F 39 -33.82 -20.98 14.14
C ASP F 39 -33.30 -22.25 13.47
N ALA F 40 -33.90 -22.66 12.36
CA ALA F 40 -33.34 -23.74 11.57
C ALA F 40 -32.30 -23.16 10.62
N HIS F 41 -31.63 -24.03 9.89
CA HIS F 41 -30.60 -23.61 8.97
C HIS F 41 -31.18 -23.44 7.58
N ALA F 42 -30.43 -22.79 6.71
CA ALA F 42 -30.75 -22.67 5.29
C ALA F 42 -32.08 -21.96 5.07
N GLY F 43 -32.47 -21.10 6.00
CA GLY F 43 -33.60 -20.25 5.77
C GLY F 43 -34.93 -20.95 5.62
N VAL F 44 -35.17 -21.95 6.45
CA VAL F 44 -36.46 -22.61 6.54
C VAL F 44 -37.11 -22.14 7.81
N ILE F 45 -38.35 -21.68 7.71
CA ILE F 45 -39.07 -21.11 8.83
C ILE F 45 -40.44 -21.77 8.91
N ARG F 46 -41.00 -21.77 10.12
CA ARG F 46 -42.32 -22.33 10.40
C ARG F 46 -43.18 -21.22 10.97
N ILE F 47 -44.26 -20.91 10.27
CA ILE F 47 -45.17 -19.83 10.61
C ILE F 47 -46.45 -20.47 11.11
N GLN F 48 -46.81 -20.16 12.33
CA GLN F 48 -48.09 -20.56 12.88
C GLN F 48 -49.06 -19.43 12.61
N THR F 49 -50.15 -19.73 11.93
CA THR F 49 -51.14 -18.77 11.55
C THR F 49 -52.44 -19.12 12.23
N SER F 50 -53.44 -18.31 11.98
CA SER F 50 -54.77 -18.51 12.54
C SER F 50 -55.69 -19.25 11.58
N ALA F 51 -55.18 -19.72 10.45
CA ALA F 51 -55.98 -20.39 9.44
C ALA F 51 -55.56 -21.84 9.32
N MET F 52 -56.53 -22.73 9.23
CA MET F 52 -56.25 -24.13 8.99
C MET F 52 -55.90 -24.33 7.54
N PHE F 53 -54.91 -25.18 7.29
CA PHE F 53 -54.51 -25.57 5.96
C PHE F 53 -54.67 -27.06 5.80
N GLY F 54 -55.16 -27.46 4.63
CA GLY F 54 -55.36 -28.86 4.35
C GLY F 54 -56.60 -29.43 4.96
N LEU F 55 -57.47 -28.61 5.53
CA LEU F 55 -58.73 -29.04 6.08
C LEU F 55 -59.87 -28.39 5.33
N LYS F 56 -60.97 -29.13 5.27
CA LYS F 56 -62.27 -28.70 4.80
C LYS F 56 -63.22 -28.83 5.96
N THR F 57 -64.22 -27.94 6.02
CA THR F 57 -65.16 -27.92 7.13
C THR F 57 -65.77 -29.30 7.43
N ASP F 58 -65.85 -30.18 6.43
CA ASP F 58 -66.33 -31.54 6.61
C ASP F 58 -65.22 -32.59 6.64
N GLY F 59 -64.07 -32.34 6.03
CA GLY F 59 -63.06 -33.38 5.91
C GLY F 59 -61.69 -32.82 5.61
N VAL F 60 -60.76 -33.73 5.29
CA VAL F 60 -59.40 -33.36 4.92
C VAL F 60 -59.28 -33.44 3.40
N ASP F 61 -58.56 -32.48 2.82
CA ASP F 61 -58.16 -32.55 1.43
C ASP F 61 -57.01 -31.57 1.31
N LEU F 62 -55.85 -32.02 0.84
CA LEU F 62 -54.71 -31.10 0.89
C LEU F 62 -54.70 -30.16 -0.30
N ALA F 63 -55.79 -29.45 -0.54
CA ALA F 63 -55.80 -28.28 -1.39
C ALA F 63 -56.62 -27.15 -0.80
N TYR F 64 -57.14 -27.31 0.42
CA TYR F 64 -58.13 -26.40 0.98
C TYR F 64 -57.61 -25.79 2.26
N MET F 65 -57.76 -24.48 2.37
CA MET F 65 -57.66 -23.78 3.64
C MET F 65 -59.04 -23.46 4.17
N SER F 66 -59.12 -23.30 5.46
CA SER F 66 -60.34 -22.95 6.16
C SER F 66 -60.05 -21.76 7.06
N PHE F 67 -60.95 -20.78 7.05
CA PHE F 67 -60.73 -19.59 7.84
C PHE F 67 -62.07 -18.94 8.14
N MET F 68 -62.09 -18.13 9.19
CA MET F 68 -63.33 -17.53 9.64
C MET F 68 -63.59 -16.24 8.87
N ASN F 69 -64.73 -16.20 8.17
CA ASN F 69 -65.31 -14.96 7.68
C ASN F 69 -66.33 -14.42 8.68
N GLY F 70 -65.89 -14.17 9.91
CA GLY F 70 -66.83 -13.80 10.94
C GLY F 70 -67.02 -14.96 11.89
N LYS F 71 -68.19 -15.57 11.79
CA LYS F 71 -68.50 -16.83 12.46
C LYS F 71 -68.84 -17.91 11.44
N THR F 72 -68.44 -17.73 10.19
CA THR F 72 -68.89 -18.56 9.08
C THR F 72 -68.05 -19.81 8.86
N GLN F 73 -66.77 -19.82 9.25
CA GLN F 73 -65.88 -20.95 8.99
C GLN F 73 -65.91 -21.41 7.53
N LYS F 74 -65.53 -20.51 6.64
CA LYS F 74 -65.59 -20.82 5.22
C LYS F 74 -64.29 -21.44 4.74
N SER F 75 -64.41 -22.34 3.78
CA SER F 75 -63.32 -23.14 3.23
C SER F 75 -63.13 -22.82 1.76
N ILE F 76 -61.89 -22.55 1.36
CA ILE F 76 -61.57 -22.28 -0.03
C ILE F 76 -60.41 -23.15 -0.48
N LYS F 77 -60.19 -23.17 -1.78
CA LYS F 77 -59.02 -23.72 -2.43
C LYS F 77 -57.87 -22.74 -2.28
N ILE F 78 -56.66 -23.26 -2.15
CA ILE F 78 -55.55 -22.37 -1.80
C ILE F 78 -55.25 -21.56 -3.03
N ASP F 79 -55.65 -20.27 -3.00
CA ASP F 79 -55.58 -19.50 -4.23
C ASP F 79 -54.17 -19.03 -4.54
N ASN F 80 -53.57 -18.25 -3.64
CA ASN F 80 -52.14 -17.97 -3.72
C ASN F 80 -51.36 -18.47 -2.51
N LEU F 81 -51.85 -18.19 -1.30
CA LEU F 81 -51.22 -18.61 -0.06
C LEU F 81 -49.74 -18.30 -0.07
N HIS F 82 -49.41 -17.02 -0.16
CA HIS F 82 -48.02 -16.65 -0.35
C HIS F 82 -47.43 -16.13 0.94
N VAL F 83 -46.17 -16.51 1.13
CA VAL F 83 -45.32 -16.12 2.24
C VAL F 83 -44.18 -15.32 1.65
N ARG F 84 -43.91 -14.15 2.20
CA ARG F 84 -42.76 -13.38 1.73
C ARG F 84 -42.10 -12.63 2.87
N THR F 85 -40.77 -12.72 2.96
CA THR F 85 -40.03 -11.91 3.91
C THR F 85 -39.46 -10.64 3.28
N SER F 86 -38.66 -10.77 2.22
CA SER F 86 -38.29 -9.64 1.36
C SER F 86 -38.48 -9.93 -0.10
N ALA F 87 -38.52 -11.18 -0.49
CA ALA F 87 -38.86 -11.67 -1.81
C ALA F 87 -39.70 -12.89 -1.51
N PRO F 88 -40.51 -13.35 -2.45
CA PRO F 88 -41.47 -14.40 -2.08
C PRO F 88 -40.77 -15.68 -1.70
N CYS F 89 -41.37 -16.36 -0.73
CA CYS F 89 -40.85 -17.60 -0.19
C CYS F 89 -41.52 -18.79 -0.87
N SER F 90 -40.89 -19.94 -0.72
CA SER F 90 -41.33 -21.18 -1.32
C SER F 90 -42.09 -22.00 -0.29
N LEU F 91 -43.37 -22.20 -0.50
CA LEU F 91 -44.17 -22.91 0.48
C LEU F 91 -43.80 -24.38 0.42
N VAL F 92 -42.97 -24.82 1.35
CA VAL F 92 -42.59 -26.22 1.40
C VAL F 92 -43.75 -27.10 1.82
N SER F 93 -44.50 -26.69 2.83
CA SER F 93 -45.66 -27.49 3.23
C SER F 93 -46.60 -26.64 4.05
N HIS F 94 -47.82 -27.13 4.21
CA HIS F 94 -48.82 -26.48 5.02
C HIS F 94 -49.72 -27.52 5.66
N HIS F 95 -49.83 -27.47 6.97
CA HIS F 95 -50.55 -28.47 7.74
C HIS F 95 -51.14 -27.80 8.95
N GLY F 96 -52.45 -27.94 9.14
CA GLY F 96 -53.04 -27.36 10.32
C GLY F 96 -52.85 -25.87 10.35
N TYR F 97 -52.54 -25.35 11.53
CA TYR F 97 -52.26 -23.95 11.69
C TYR F 97 -50.94 -23.52 11.07
N TYR F 98 -50.08 -24.44 10.70
CA TYR F 98 -48.69 -24.16 10.42
C TYR F 98 -48.40 -24.19 8.92
N ILE F 99 -47.45 -23.37 8.50
CA ILE F 99 -46.87 -23.48 7.17
C ILE F 99 -45.35 -23.44 7.31
N LEU F 100 -44.69 -24.25 6.52
CA LEU F 100 -43.25 -24.36 6.49
C LEU F 100 -42.80 -23.83 5.16
N ALA F 101 -41.92 -22.82 5.18
CA ALA F 101 -41.51 -22.14 3.98
C ALA F 101 -40.03 -21.82 4.02
N GLN F 102 -39.41 -21.85 2.85
CA GLN F 102 -38.03 -21.44 2.67
C GLN F 102 -37.99 -19.98 2.26
N CYS F 103 -37.34 -19.14 3.07
CA CYS F 103 -37.43 -17.70 2.91
C CYS F 103 -36.06 -17.06 2.83
N PRO F 104 -35.91 -15.97 2.07
CA PRO F 104 -34.70 -15.18 2.12
C PRO F 104 -34.60 -14.38 3.40
N PRO F 105 -33.41 -13.89 3.75
CA PRO F 105 -33.28 -13.02 4.91
C PRO F 105 -34.14 -11.77 4.78
N GLY F 106 -34.74 -11.37 5.88
CA GLY F 106 -35.61 -10.21 5.84
C GLY F 106 -35.91 -9.68 7.22
N ASP F 107 -36.67 -8.58 7.24
CA ASP F 107 -37.06 -7.87 8.44
C ASP F 107 -38.55 -7.91 8.69
N THR F 108 -39.33 -8.55 7.82
CA THR F 108 -40.75 -8.74 7.99
C THR F 108 -41.07 -10.17 7.60
N VAL F 109 -42.23 -10.67 8.04
CA VAL F 109 -42.81 -11.89 7.50
C VAL F 109 -44.27 -11.62 7.23
N THR F 110 -44.68 -11.73 5.97
CA THR F 110 -46.08 -11.55 5.58
C THR F 110 -46.63 -12.82 4.99
N VAL F 111 -47.82 -13.20 5.42
CA VAL F 111 -48.56 -14.33 4.88
C VAL F 111 -49.92 -13.84 4.45
N GLY F 112 -50.33 -14.26 3.26
CA GLY F 112 -51.59 -13.77 2.73
C GLY F 112 -52.19 -14.70 1.71
N PHE F 113 -53.45 -14.48 1.42
CA PHE F 113 -54.20 -15.35 0.54
C PHE F 113 -55.37 -14.60 -0.05
N HIS F 114 -55.92 -15.17 -1.11
CA HIS F 114 -57.01 -14.60 -1.88
C HIS F 114 -58.25 -15.46 -1.67
N ASP F 115 -59.37 -14.81 -1.36
CA ASP F 115 -60.69 -15.42 -1.38
C ASP F 115 -61.46 -14.62 -2.42
N GLY F 116 -61.41 -15.09 -3.66
CA GLY F 116 -61.98 -14.39 -4.78
C GLY F 116 -61.43 -12.99 -4.91
N PRO F 117 -62.27 -11.96 -4.93
CA PRO F 117 -61.72 -10.60 -4.99
C PRO F 117 -60.94 -10.22 -3.74
N ASN F 118 -61.32 -10.76 -2.58
CA ASN F 118 -60.81 -10.27 -1.31
C ASN F 118 -59.41 -10.79 -1.02
N ARG F 119 -58.56 -9.92 -0.49
CA ARG F 119 -57.18 -10.27 -0.18
C ARG F 119 -56.94 -10.07 1.30
N HIS F 120 -56.55 -11.15 1.97
CA HIS F 120 -56.27 -11.15 3.40
C HIS F 120 -54.79 -11.35 3.63
N THR F 121 -54.14 -10.37 4.23
CA THR F 121 -52.69 -10.32 4.36
C THR F 121 -52.34 -9.91 5.79
N CYS F 122 -51.30 -10.51 6.36
CA CYS F 122 -50.83 -10.11 7.68
C CYS F 122 -49.32 -10.16 7.74
N THR F 123 -48.72 -9.03 8.12
CA THR F 123 -47.29 -8.85 8.28
C THR F 123 -46.91 -8.67 9.73
N VAL F 124 -45.90 -9.39 10.20
CA VAL F 124 -45.30 -9.12 11.50
C VAL F 124 -43.82 -8.81 11.28
N ALA F 125 -43.16 -8.30 12.34
CA ALA F 125 -41.82 -7.78 12.06
C ALA F 125 -40.73 -8.85 12.03
N HIS F 126 -40.50 -9.56 13.12
CA HIS F 126 -39.84 -10.87 13.17
C HIS F 126 -38.64 -11.04 12.25
N LYS F 127 -37.59 -10.23 12.43
CA LYS F 127 -36.45 -10.33 11.53
C LYS F 127 -35.89 -11.75 11.40
N VAL F 128 -35.75 -12.19 10.14
CA VAL F 128 -35.41 -13.54 9.76
C VAL F 128 -33.97 -13.58 9.26
N GLU F 129 -33.15 -14.42 9.88
CA GLU F 129 -31.74 -14.55 9.52
C GLU F 129 -31.53 -15.85 8.79
N PHE F 130 -30.80 -15.78 7.69
CA PHE F 130 -30.31 -16.97 7.02
C PHE F 130 -29.11 -17.48 7.79
N ARG F 131 -29.10 -18.78 8.08
CA ARG F 131 -28.15 -19.37 9.01
C ARG F 131 -27.33 -20.38 8.22
N PRO F 132 -26.17 -20.00 7.71
CA PRO F 132 -25.31 -20.98 7.07
C PRO F 132 -24.86 -22.04 8.05
N VAL F 133 -24.68 -23.24 7.55
CA VAL F 133 -24.08 -24.33 8.31
C VAL F 133 -22.65 -24.48 7.84
N GLY F 134 -21.71 -24.45 8.78
CA GLY F 134 -20.33 -24.75 8.51
C GLY F 134 -19.44 -23.55 8.76
N ARG F 135 -18.35 -23.49 8.03
CA ARG F 135 -17.31 -22.49 8.23
C ARG F 135 -17.16 -21.55 7.04
N GLU F 136 -18.18 -21.45 6.20
CA GLU F 136 -18.31 -20.44 5.15
C GLU F 136 -19.68 -19.81 5.20
N LYS F 137 -19.73 -18.48 5.18
CA LYS F 137 -20.98 -17.75 5.34
C LYS F 137 -21.56 -17.53 3.95
N TYR F 138 -22.19 -18.58 3.44
CA TYR F 138 -22.89 -18.51 2.18
C TYR F 138 -24.31 -17.99 2.38
N ARG F 139 -24.83 -17.31 1.35
CA ARG F 139 -26.12 -16.66 1.47
C ARG F 139 -27.29 -17.46 0.92
N HIS F 140 -27.07 -18.38 0.00
CA HIS F 140 -28.09 -19.23 -0.57
C HIS F 140 -27.51 -20.64 -0.62
N PRO F 141 -28.29 -21.69 -0.39
CA PRO F 141 -27.69 -23.00 -0.28
C PRO F 141 -27.04 -23.43 -1.59
N PRO F 142 -25.81 -23.93 -1.54
CA PRO F 142 -25.11 -24.24 -2.78
C PRO F 142 -25.66 -25.49 -3.44
N GLU F 143 -25.34 -25.63 -4.73
CA GLU F 143 -25.78 -26.81 -5.45
C GLU F 143 -24.87 -27.99 -5.22
N HIS F 144 -23.58 -27.78 -4.97
CA HIS F 144 -22.68 -28.83 -4.55
C HIS F 144 -21.94 -28.38 -3.31
N GLY F 145 -21.13 -29.29 -2.77
CA GLY F 145 -20.36 -29.00 -1.58
C GLY F 145 -20.22 -30.18 -0.67
N VAL F 146 -20.45 -29.99 0.62
CA VAL F 146 -20.25 -31.02 1.64
C VAL F 146 -21.52 -31.15 2.45
N GLU F 147 -21.91 -32.38 2.72
CA GLU F 147 -23.07 -32.63 3.56
C GLU F 147 -22.65 -32.53 5.01
N LEU F 148 -23.14 -31.51 5.70
CA LEU F 148 -22.89 -31.29 7.11
C LEU F 148 -24.20 -31.41 7.89
N PRO F 149 -24.15 -31.86 9.14
CA PRO F 149 -25.35 -31.88 9.97
C PRO F 149 -25.91 -30.49 10.18
N CYS F 150 -27.24 -30.41 10.26
CA CYS F 150 -27.92 -29.15 10.35
C CYS F 150 -29.33 -29.39 10.85
N ASN F 151 -29.94 -28.34 11.36
CA ASN F 151 -31.27 -28.40 11.95
C ASN F 151 -32.27 -27.97 10.90
N ARG F 152 -33.23 -28.83 10.62
CA ARG F 152 -34.24 -28.57 9.62
C ARG F 152 -35.58 -29.00 10.16
N TYR F 153 -36.62 -28.38 9.66
CA TYR F 153 -37.96 -28.75 10.04
C TYR F 153 -38.43 -29.91 9.18
N THR F 154 -38.92 -30.95 9.82
CA THR F 154 -39.43 -32.11 9.12
C THR F 154 -40.73 -31.75 8.43
N HIS F 155 -41.07 -32.54 7.40
CA HIS F 155 -42.41 -32.48 6.84
C HIS F 155 -43.23 -33.72 7.16
N LYS F 156 -42.57 -34.79 7.57
CA LYS F 156 -43.18 -36.02 8.04
C LYS F 156 -43.07 -36.07 9.55
N ARG F 157 -44.15 -36.41 10.23
CA ARG F 157 -44.06 -36.69 11.66
C ARG F 157 -42.93 -37.65 11.96
N ALA F 158 -41.93 -37.23 12.73
CA ALA F 158 -41.14 -38.14 13.54
C ALA F 158 -41.84 -38.35 14.87
N ASP F 159 -42.53 -39.49 15.04
CA ASP F 159 -42.80 -40.14 16.33
C ASP F 159 -43.14 -39.15 17.42
N GLN F 160 -44.14 -38.30 17.18
CA GLN F 160 -44.33 -37.04 17.89
C GLN F 160 -44.26 -37.06 19.41
N GLY F 161 -43.62 -36.02 19.96
CA GLY F 161 -43.86 -35.65 21.34
C GLY F 161 -43.94 -34.15 21.53
N HIS F 162 -43.87 -33.38 20.44
CA HIS F 162 -44.05 -31.93 20.48
C HIS F 162 -45.51 -31.60 20.26
N TYR F 163 -46.10 -30.97 21.27
CA TYR F 163 -47.53 -30.72 21.38
C TYR F 163 -47.84 -29.23 21.39
N VAL F 164 -49.02 -28.86 20.88
CA VAL F 164 -49.54 -27.51 20.96
C VAL F 164 -50.76 -27.48 21.87
N GLU F 165 -50.77 -26.53 22.81
CA GLU F 165 -51.87 -26.37 23.76
C GLU F 165 -53.06 -25.71 23.10
N MET F 166 -54.24 -26.31 23.26
CA MET F 166 -55.47 -25.80 22.66
C MET F 166 -56.52 -25.72 23.76
N HIS F 167 -57.42 -24.74 23.63
CA HIS F 167 -58.54 -24.61 24.55
C HIS F 167 -59.81 -24.32 23.79
N GLN F 168 -60.92 -24.53 24.46
CA GLN F 168 -62.20 -24.20 23.86
C GLN F 168 -62.32 -22.69 23.79
N PRO F 169 -62.80 -22.14 22.68
CA PRO F 169 -62.94 -20.69 22.60
C PRO F 169 -63.82 -20.18 23.72
N GLY F 170 -63.48 -19.01 24.20
CA GLY F 170 -64.20 -18.43 25.30
C GLY F 170 -65.40 -17.74 24.72
N LEU F 171 -65.64 -16.50 25.12
CA LEU F 171 -66.86 -15.80 24.74
C LEU F 171 -66.51 -14.98 23.50
N VAL F 172 -66.67 -15.60 22.34
CA VAL F 172 -66.54 -14.90 21.07
C VAL F 172 -67.61 -13.84 20.98
N ALA F 173 -67.20 -12.59 20.86
CA ALA F 173 -68.13 -11.48 20.85
C ALA F 173 -68.63 -11.22 19.44
N ASP F 174 -69.92 -10.94 19.33
CA ASP F 174 -70.53 -10.61 18.05
C ASP F 174 -71.73 -9.73 18.33
N HIS F 175 -71.87 -8.66 17.56
CA HIS F 175 -73.03 -7.78 17.65
C HIS F 175 -73.99 -7.96 16.49
N SER F 176 -73.70 -8.83 15.55
CA SER F 176 -74.69 -9.21 14.56
C SER F 176 -75.77 -10.10 15.16
N LEU F 177 -75.56 -10.62 16.35
CA LEU F 177 -76.59 -11.38 17.03
C LEU F 177 -77.60 -10.48 17.71
N LEU F 178 -77.32 -9.19 17.80
CA LEU F 178 -78.27 -8.21 18.25
C LEU F 178 -78.95 -7.57 17.07
N SER F 179 -80.24 -7.31 17.22
CA SER F 179 -81.03 -6.62 16.22
C SER F 179 -82.04 -5.78 16.97
N ILE F 180 -82.70 -4.85 16.27
CA ILE F 180 -83.82 -4.11 16.84
C ILE F 180 -85.09 -4.73 16.26
N HIS F 181 -86.06 -4.97 17.13
CA HIS F 181 -87.26 -5.69 16.79
C HIS F 181 -88.39 -5.03 17.55
N SER F 182 -89.42 -4.61 16.82
CA SER F 182 -90.50 -3.86 17.43
C SER F 182 -89.89 -2.57 17.98
N ALA F 183 -89.73 -2.46 19.30
CA ALA F 183 -89.02 -1.36 19.92
C ALA F 183 -87.91 -1.81 20.82
N LYS F 184 -87.81 -3.11 21.11
CA LYS F 184 -86.79 -3.66 21.97
C LYS F 184 -85.70 -4.26 21.10
N VAL F 185 -84.72 -4.91 21.72
CA VAL F 185 -83.63 -5.56 20.97
C VAL F 185 -83.75 -7.07 21.11
N LYS F 186 -83.39 -7.75 20.03
CA LYS F 186 -83.58 -9.18 19.85
C LYS F 186 -82.22 -9.86 19.77
N ILE F 187 -82.06 -10.95 20.51
CA ILE F 187 -80.89 -11.82 20.43
C ILE F 187 -81.33 -13.09 19.72
N THR F 188 -80.71 -13.37 18.59
CA THR F 188 -81.00 -14.56 17.80
C THR F 188 -79.84 -15.54 17.90
N VAL F 189 -80.10 -16.74 18.39
CA VAL F 189 -79.07 -17.78 18.41
C VAL F 189 -78.99 -18.35 17.01
N PRO F 190 -77.82 -18.34 16.34
CA PRO F 190 -77.82 -18.74 14.93
C PRO F 190 -78.34 -20.13 14.64
N SER F 191 -77.74 -21.14 15.27
CA SER F 191 -78.30 -22.48 15.31
C SER F 191 -77.60 -23.26 16.41
N GLY F 192 -78.37 -23.83 17.33
CA GLY F 192 -77.84 -24.72 18.36
C GLY F 192 -76.58 -24.24 19.06
N ALA F 193 -76.43 -22.93 19.21
CA ALA F 193 -75.26 -22.32 19.80
C ALA F 193 -75.71 -21.33 20.84
N GLN F 194 -75.12 -21.40 22.02
CA GLN F 194 -75.63 -20.57 23.10
C GLN F 194 -75.15 -19.14 22.92
N VAL F 195 -75.86 -18.21 23.56
CA VAL F 195 -75.45 -16.81 23.53
C VAL F 195 -75.60 -16.24 24.92
N LYS F 196 -74.56 -15.59 25.39
CA LYS F 196 -74.56 -14.87 26.64
C LYS F 196 -74.86 -13.42 26.34
N TYR F 197 -75.91 -12.88 26.94
CA TYR F 197 -76.23 -11.48 26.80
C TYR F 197 -75.93 -10.77 28.10
N TYR F 198 -75.44 -9.54 27.98
CA TYR F 198 -75.17 -8.64 29.08
C TYR F 198 -75.78 -7.33 28.65
N CYS F 199 -76.94 -7.03 29.20
CA CYS F 199 -77.79 -5.94 28.77
C CYS F 199 -77.92 -4.98 29.93
N LYS F 200 -77.27 -3.84 29.82
CA LYS F 200 -77.44 -2.77 30.80
C LYS F 200 -78.48 -1.78 30.30
N CYS F 201 -79.71 -2.29 30.27
CA CYS F 201 -80.82 -1.43 30.56
C CYS F 201 -80.61 -1.12 32.04
N PRO F 202 -81.10 -0.01 32.56
CA PRO F 202 -80.50 0.52 33.80
C PRO F 202 -80.37 -0.49 34.94
N ASP F 203 -81.30 -1.42 35.10
CA ASP F 203 -81.02 -2.64 35.85
C ASP F 203 -80.10 -3.59 35.08
N VAL F 204 -79.11 -4.15 35.76
CA VAL F 204 -78.13 -5.01 35.11
C VAL F 204 -78.80 -6.33 34.75
N ARG F 205 -78.99 -6.58 33.47
CA ARG F 205 -79.67 -7.77 32.97
C ARG F 205 -78.64 -8.66 32.28
N LYS F 206 -78.77 -9.97 32.45
CA LYS F 206 -77.78 -10.86 31.88
C LYS F 206 -78.30 -12.27 31.88
N GLY F 207 -77.66 -13.11 31.08
CA GLY F 207 -78.05 -14.50 31.05
C GLY F 207 -77.48 -15.23 29.87
N ILE F 208 -77.72 -16.53 29.85
CA ILE F 208 -77.27 -17.43 28.81
C ILE F 208 -78.52 -18.08 28.22
N THR F 209 -78.65 -18.00 26.90
CA THR F 209 -79.85 -18.44 26.21
C THR F 209 -79.47 -19.37 25.08
N SER F 210 -80.24 -20.45 24.94
CA SER F 210 -80.14 -21.32 23.79
C SER F 210 -81.19 -21.05 22.74
N SER F 211 -81.98 -19.98 22.88
CA SER F 211 -83.02 -19.65 21.91
C SER F 211 -83.20 -18.15 21.85
N ASP F 212 -83.99 -17.71 20.87
CA ASP F 212 -84.26 -16.29 20.72
C ASP F 212 -84.95 -15.74 21.93
N HIS F 213 -84.55 -14.53 22.35
CA HIS F 213 -85.10 -13.95 23.57
C HIS F 213 -84.98 -12.44 23.50
N THR F 214 -86.11 -11.75 23.37
CA THR F 214 -86.07 -10.30 23.49
C THR F 214 -85.72 -9.90 24.90
N THR F 215 -84.79 -8.95 25.02
CA THR F 215 -84.15 -8.59 26.28
C THR F 215 -84.53 -7.21 26.78
N THR F 216 -85.70 -6.71 26.40
CA THR F 216 -86.17 -5.31 26.59
C THR F 216 -85.05 -4.38 26.10
N CYS F 217 -84.66 -3.35 26.86
CA CYS F 217 -83.72 -2.33 26.38
C CYS F 217 -84.23 -1.61 25.15
N THR F 218 -83.58 -0.50 24.81
CA THR F 218 -84.02 0.37 23.74
C THR F 218 -83.04 0.37 22.57
N ASP F 219 -81.77 0.64 22.82
CA ASP F 219 -80.80 0.76 21.75
C ASP F 219 -80.03 -0.53 21.60
N VAL F 220 -79.43 -0.70 20.42
CA VAL F 220 -78.63 -1.89 20.23
C VAL F 220 -77.35 -1.84 21.02
N LYS F 221 -76.82 -0.64 21.28
CA LYS F 221 -75.56 -0.54 22.02
C LYS F 221 -75.80 -0.38 23.51
N GLN F 222 -76.56 -1.32 24.05
CA GLN F 222 -76.58 -1.57 25.48
C GLN F 222 -76.52 -3.04 25.82
N CYS F 223 -76.47 -3.93 24.83
CA CYS F 223 -76.95 -5.29 24.94
C CYS F 223 -75.92 -6.30 24.48
N ARG F 224 -74.67 -6.11 24.91
CA ARG F 224 -73.54 -6.85 24.38
C ARG F 224 -73.74 -8.36 24.46
N ALA F 225 -73.62 -9.03 23.33
CA ALA F 225 -73.86 -10.46 23.23
C ALA F 225 -72.61 -11.21 22.79
N TYR F 226 -72.47 -12.42 23.33
CA TYR F 226 -71.28 -13.24 23.17
C TYR F 226 -71.72 -14.62 22.71
N LEU F 227 -71.19 -15.04 21.57
CA LEU F 227 -71.46 -16.37 21.07
C LEU F 227 -70.69 -17.40 21.89
N ILE F 228 -71.37 -18.42 22.40
CA ILE F 228 -70.73 -19.55 23.05
C ILE F 228 -70.93 -20.72 22.12
N ASP F 229 -69.81 -21.14 21.53
CA ASP F 229 -69.66 -22.40 20.83
C ASP F 229 -68.52 -23.12 21.52
N ASN F 230 -68.75 -24.34 21.93
CA ASN F 230 -67.75 -25.16 22.60
C ASN F 230 -67.51 -26.45 21.83
N LYS F 231 -67.76 -26.44 20.54
CA LYS F 231 -67.66 -27.61 19.71
C LYS F 231 -66.30 -27.75 19.04
N LYS F 232 -65.49 -26.71 19.04
CA LYS F 232 -64.20 -26.68 18.37
C LYS F 232 -63.15 -26.24 19.38
N TRP F 233 -61.90 -26.30 18.97
CA TRP F 233 -60.77 -25.82 19.74
C TRP F 233 -60.10 -24.69 19.00
N VAL F 234 -59.43 -23.84 19.75
CA VAL F 234 -58.56 -22.80 19.22
C VAL F 234 -57.26 -22.84 19.99
N TYR F 235 -56.20 -22.40 19.33
CA TYR F 235 -54.88 -22.33 19.93
C TYR F 235 -54.90 -21.37 21.11
N ASN F 236 -54.11 -21.71 22.12
CA ASN F 236 -54.04 -20.93 23.35
C ASN F 236 -53.20 -19.69 23.08
N SER F 237 -53.83 -18.79 22.35
CA SER F 237 -53.17 -17.62 21.80
C SER F 237 -53.31 -16.44 22.75
N GLY F 238 -52.29 -15.61 22.76
CA GLY F 238 -52.35 -14.41 23.55
C GLY F 238 -53.23 -13.35 22.96
N ARG F 239 -53.69 -13.54 21.73
CA ARG F 239 -54.54 -12.59 21.06
C ARG F 239 -56.02 -12.93 21.16
N LEU F 240 -56.39 -13.98 21.90
CA LEU F 240 -57.76 -14.42 22.05
C LEU F 240 -58.19 -14.29 23.51
N PRO F 241 -59.31 -13.65 23.82
CA PRO F 241 -59.76 -13.60 25.21
C PRO F 241 -60.09 -14.96 25.79
N ARG F 242 -60.05 -15.03 27.10
CA ARG F 242 -60.39 -16.20 27.88
C ARG F 242 -61.18 -15.71 29.07
N GLY F 243 -61.86 -16.62 29.77
CA GLY F 243 -62.61 -16.25 30.95
C GLY F 243 -61.99 -16.86 32.20
N GLU F 244 -62.66 -16.61 33.32
CA GLU F 244 -62.04 -16.93 34.60
C GLU F 244 -61.85 -18.43 34.79
N GLY F 245 -62.93 -19.21 34.73
CA GLY F 245 -62.82 -20.66 34.79
C GLY F 245 -62.70 -21.36 33.46
N ASP F 246 -61.73 -21.00 32.63
CA ASP F 246 -61.55 -21.58 31.31
C ASP F 246 -60.22 -22.32 31.21
N THR F 247 -59.83 -23.01 32.30
CA THR F 247 -58.46 -23.50 32.38
C THR F 247 -58.20 -24.69 31.47
N PHE F 248 -59.22 -25.52 31.21
CA PHE F 248 -59.06 -26.81 30.54
C PHE F 248 -58.25 -26.72 29.26
N LYS F 249 -57.19 -27.54 29.13
CA LYS F 249 -56.31 -27.53 27.98
C LYS F 249 -56.70 -28.59 26.95
N GLY F 250 -56.12 -28.51 25.74
CA GLY F 250 -56.40 -29.47 24.68
C GLY F 250 -55.34 -30.33 24.00
N LYS F 251 -54.08 -29.94 24.00
CA LYS F 251 -52.96 -30.84 23.71
C LYS F 251 -53.04 -31.50 22.32
N LEU F 252 -53.04 -30.70 21.26
CA LEU F 252 -52.90 -31.24 19.91
C LEU F 252 -51.45 -31.36 19.46
N HIS F 253 -51.21 -32.24 18.49
CA HIS F 253 -49.90 -32.42 17.88
C HIS F 253 -49.47 -31.23 17.04
N VAL F 254 -48.19 -30.94 17.05
CA VAL F 254 -47.58 -29.93 16.16
C VAL F 254 -46.96 -30.64 14.97
N PRO F 255 -47.28 -30.27 13.74
CA PRO F 255 -46.52 -30.77 12.61
C PRO F 255 -45.24 -29.97 12.44
N PHE F 256 -44.33 -30.54 11.66
CA PHE F 256 -43.08 -29.89 11.34
C PHE F 256 -42.24 -29.61 12.57
N VAL F 257 -41.97 -30.67 13.33
CA VAL F 257 -41.05 -30.57 14.45
C VAL F 257 -39.62 -30.43 13.95
N PRO F 258 -38.71 -29.84 14.70
CA PRO F 258 -37.30 -29.83 14.30
C PRO F 258 -36.69 -31.21 14.29
N VAL F 259 -35.71 -31.38 13.42
CA VAL F 259 -35.01 -32.65 13.24
C VAL F 259 -33.62 -32.31 12.74
N LYS F 260 -32.70 -33.25 12.89
CA LYS F 260 -31.34 -33.09 12.41
C LYS F 260 -31.20 -33.84 11.09
N ALA F 261 -30.76 -33.12 10.08
CA ALA F 261 -30.66 -33.62 8.73
C ALA F 261 -29.33 -33.13 8.21
N LYS F 262 -29.09 -33.29 6.91
CA LYS F 262 -27.80 -32.98 6.32
C LYS F 262 -27.99 -31.98 5.20
N CYS F 263 -27.50 -30.77 5.39
CA CYS F 263 -27.51 -29.72 4.39
C CYS F 263 -26.15 -29.60 3.71
N ILE F 264 -26.17 -29.17 2.46
CA ILE F 264 -24.95 -28.96 1.68
C ILE F 264 -24.40 -27.58 2.03
N ALA F 265 -23.12 -27.54 2.36
CA ALA F 265 -22.37 -26.32 2.63
C ALA F 265 -21.30 -26.15 1.57
N THR F 266 -20.92 -24.91 1.32
CA THR F 266 -20.00 -24.60 0.25
C THR F 266 -18.63 -25.18 0.52
N LEU F 267 -17.89 -25.43 -0.55
CA LEU F 267 -16.49 -25.84 -0.47
C LEU F 267 -15.67 -24.79 -1.20
N ALA F 268 -14.83 -24.09 -0.44
CA ALA F 268 -14.06 -22.98 -0.97
C ALA F 268 -13.02 -23.48 -1.94
N PRO F 269 -12.58 -22.64 -2.88
CA PRO F 269 -11.49 -23.06 -3.75
C PRO F 269 -10.25 -23.42 -2.95
N GLU F 270 -9.57 -24.46 -3.36
CA GLU F 270 -8.45 -24.95 -2.59
C GLU F 270 -7.36 -23.91 -2.58
N PRO F 271 -6.73 -23.61 -1.44
CA PRO F 271 -5.71 -22.59 -1.43
C PRO F 271 -4.49 -23.02 -2.22
N LEU F 272 -3.83 -22.04 -2.82
CA LEU F 272 -2.54 -22.28 -3.45
C LEU F 272 -1.46 -22.27 -2.39
N VAL F 273 -0.67 -23.33 -2.31
CA VAL F 273 0.28 -23.54 -1.23
C VAL F 273 1.68 -23.41 -1.80
N GLU F 274 2.45 -22.48 -1.24
CA GLU F 274 3.86 -22.33 -1.52
C GLU F 274 4.63 -22.53 -0.23
N HIS F 275 5.82 -23.10 -0.35
CA HIS F 275 6.66 -23.46 0.78
C HIS F 275 7.95 -22.67 0.72
N LYS F 276 8.25 -21.96 1.80
CA LYS F 276 9.59 -21.52 2.09
C LYS F 276 10.06 -22.20 3.36
N HIS F 277 11.33 -22.04 3.68
CA HIS F 277 11.92 -22.70 4.81
C HIS F 277 11.19 -22.31 6.08
N ARG F 278 10.52 -23.27 6.70
CA ARG F 278 9.73 -23.06 7.91
C ARG F 278 8.63 -22.05 7.69
N THR F 279 8.08 -21.99 6.48
CA THR F 279 6.93 -21.13 6.23
C THR F 279 6.03 -21.77 5.20
N LEU F 280 4.73 -21.66 5.45
CA LEU F 280 3.68 -22.12 4.57
C LEU F 280 2.92 -20.88 4.16
N ILE F 281 2.98 -20.55 2.88
CA ILE F 281 2.26 -19.42 2.30
C ILE F 281 1.03 -19.95 1.59
N LEU F 282 -0.13 -19.54 2.06
CA LEU F 282 -1.40 -19.98 1.50
C LEU F 282 -2.04 -18.78 0.84
N HIS F 283 -2.39 -18.93 -0.43
CA HIS F 283 -3.14 -17.93 -1.17
C HIS F 283 -4.57 -18.39 -1.20
N LEU F 284 -5.46 -17.55 -0.70
CA LEU F 284 -6.85 -17.87 -0.45
C LEU F 284 -7.69 -16.94 -1.29
N HIS F 285 -8.60 -17.51 -2.07
CA HIS F 285 -9.51 -16.76 -2.92
C HIS F 285 -10.93 -17.20 -2.64
N PRO F 286 -11.52 -16.74 -1.54
CA PRO F 286 -12.83 -17.25 -1.15
C PRO F 286 -13.96 -16.65 -1.96
N ASP F 287 -14.97 -17.47 -2.23
CA ASP F 287 -16.19 -16.96 -2.84
C ASP F 287 -17.04 -16.17 -1.85
N HIS F 288 -17.16 -16.67 -0.63
CA HIS F 288 -17.87 -16.05 0.47
C HIS F 288 -16.94 -16.04 1.66
N PRO F 289 -17.19 -15.20 2.67
CA PRO F 289 -16.32 -15.20 3.86
C PRO F 289 -16.08 -16.57 4.46
N THR F 290 -14.84 -16.99 4.48
CA THR F 290 -14.44 -18.34 4.82
C THR F 290 -13.50 -18.33 6.02
N LEU F 291 -13.68 -19.28 6.92
CA LEU F 291 -12.92 -19.35 8.16
C LEU F 291 -11.64 -20.13 7.92
N LEU F 292 -10.53 -19.57 8.38
CA LEU F 292 -9.23 -20.20 8.34
C LEU F 292 -8.75 -20.31 9.76
N THR F 293 -8.40 -21.52 10.16
CA THR F 293 -7.93 -21.78 11.50
C THR F 293 -6.65 -22.58 11.40
N THR F 294 -5.67 -22.22 12.19
CA THR F 294 -4.41 -22.92 12.24
C THR F 294 -4.03 -23.17 13.68
N ARG F 295 -3.29 -24.24 13.91
CA ARG F 295 -2.73 -24.50 15.21
C ARG F 295 -1.46 -25.32 15.06
N SER F 296 -0.51 -25.09 15.95
CA SER F 296 0.71 -25.85 15.98
C SER F 296 0.50 -27.08 16.82
N LEU F 297 1.10 -28.18 16.40
CA LEU F 297 0.87 -29.46 17.04
C LEU F 297 1.80 -29.71 18.22
N GLY F 298 2.40 -28.67 18.78
CA GLY F 298 3.29 -28.80 19.90
C GLY F 298 2.66 -28.40 21.21
N SER F 299 3.52 -28.07 22.17
CA SER F 299 3.03 -27.76 23.51
C SER F 299 2.18 -26.52 23.52
N ASP F 300 2.58 -25.50 22.78
CA ASP F 300 1.80 -24.28 22.65
C ASP F 300 1.11 -24.40 21.30
N ALA F 301 -0.21 -24.38 21.31
CA ALA F 301 -0.97 -24.45 20.08
C ALA F 301 -0.68 -23.26 19.20
N ASN F 302 -0.58 -22.09 19.79
CA ASN F 302 -0.58 -20.82 19.07
C ASN F 302 -1.73 -20.78 18.06
N PRO F 303 -2.96 -20.94 18.52
CA PRO F 303 -4.07 -20.97 17.58
C PRO F 303 -4.27 -19.63 16.93
N THR F 304 -4.64 -19.68 15.65
CA THR F 304 -5.00 -18.48 14.90
C THR F 304 -6.30 -18.75 14.19
N ARG F 305 -7.25 -17.84 14.32
CA ARG F 305 -8.55 -17.93 13.67
C ARG F 305 -8.78 -16.64 12.90
N GLN F 306 -9.35 -16.76 11.71
CA GLN F 306 -9.44 -15.61 10.80
C GLN F 306 -10.60 -15.82 9.85
N TRP F 307 -11.32 -14.76 9.52
CA TRP F 307 -12.38 -14.79 8.51
C TRP F 307 -11.87 -14.07 7.28
N ILE F 308 -11.49 -14.83 6.27
CA ILE F 308 -10.96 -14.28 5.04
C ILE F 308 -12.14 -14.08 4.08
N GLU F 309 -12.32 -12.84 3.62
CA GLU F 309 -13.39 -12.47 2.71
C GLU F 309 -12.92 -11.97 1.35
N ARG F 310 -11.66 -11.55 1.23
CA ARG F 310 -11.05 -10.96 0.06
C ARG F 310 -9.82 -11.79 -0.27
N PRO F 311 -9.38 -11.83 -1.53
CA PRO F 311 -8.19 -12.63 -1.82
C PRO F 311 -7.01 -12.19 -0.98
N THR F 312 -6.41 -13.16 -0.29
CA THR F 312 -5.42 -12.89 0.74
C THR F 312 -4.28 -13.88 0.64
N THR F 313 -3.11 -13.46 1.09
CA THR F 313 -1.96 -14.33 1.31
C THR F 313 -1.69 -14.38 2.80
N VAL F 314 -1.52 -15.58 3.34
CA VAL F 314 -1.23 -15.73 4.76
C VAL F 314 -0.06 -16.69 4.93
N ASN F 315 0.90 -16.29 5.77
CA ASN F 315 2.16 -17.00 5.96
C ASN F 315 2.23 -17.55 7.37
N PHE F 316 2.03 -18.84 7.54
CA PHE F 316 2.21 -19.50 8.82
C PHE F 316 3.62 -20.02 9.00
N THR F 317 4.18 -19.82 10.17
CA THR F 317 5.39 -20.54 10.53
C THR F 317 5.05 -22.00 10.78
N VAL F 318 5.72 -22.90 10.08
CA VAL F 318 5.63 -24.33 10.30
C VAL F 318 6.93 -24.78 10.91
N THR F 319 6.86 -25.43 12.06
CA THR F 319 8.02 -25.97 12.72
C THR F 319 8.09 -27.48 12.51
N GLY F 320 9.08 -28.10 13.13
CA GLY F 320 9.18 -29.54 13.04
C GLY F 320 8.11 -30.25 13.81
N GLU F 321 7.52 -29.59 14.80
CA GLU F 321 6.45 -30.18 15.57
C GLU F 321 5.18 -30.28 14.77
N GLY F 322 5.00 -29.40 13.80
CA GLY F 322 3.90 -29.47 12.87
C GLY F 322 2.94 -28.31 12.99
N LEU F 323 2.12 -28.18 11.97
CA LEU F 323 1.03 -27.23 11.91
C LEU F 323 -0.16 -27.94 11.30
N GLU F 324 -1.35 -27.47 11.61
CA GLU F 324 -2.59 -28.01 11.11
C GLU F 324 -3.46 -26.84 10.73
N TYR F 325 -3.91 -26.78 9.48
CA TYR F 325 -4.75 -25.70 9.01
C TYR F 325 -6.02 -26.26 8.42
N THR F 326 -7.13 -25.63 8.79
CA THR F 326 -8.43 -25.88 8.19
C THR F 326 -8.86 -24.65 7.43
N TRP F 327 -9.20 -24.83 6.17
CA TRP F 327 -9.65 -23.76 5.28
C TRP F 327 -11.10 -24.02 4.91
N GLY F 328 -12.01 -23.29 5.52
CA GLY F 328 -13.40 -23.48 5.20
C GLY F 328 -13.87 -24.84 5.66
N ASN F 329 -14.74 -25.43 4.87
CA ASN F 329 -15.27 -26.74 5.18
C ASN F 329 -14.37 -27.87 4.73
N HIS F 330 -13.16 -27.57 4.28
CA HIS F 330 -12.23 -28.60 3.92
C HIS F 330 -11.72 -29.30 5.17
N PRO F 331 -11.35 -30.57 5.08
CA PRO F 331 -10.81 -31.26 6.25
C PRO F 331 -9.49 -30.64 6.68
N PRO F 332 -9.17 -30.65 7.98
CA PRO F 332 -7.88 -30.14 8.41
C PRO F 332 -6.71 -30.88 7.76
N LYS F 333 -5.70 -30.12 7.37
CA LYS F 333 -4.52 -30.62 6.69
C LYS F 333 -3.30 -30.28 7.53
N ARG F 334 -2.45 -31.28 7.78
CA ARG F 334 -1.29 -31.13 8.64
C ARG F 334 -0.04 -31.12 7.80
N VAL F 335 0.85 -30.19 8.11
CA VAL F 335 2.10 -30.03 7.42
C VAL F 335 3.20 -29.99 8.45
N TRP F 336 4.41 -30.37 8.04
CA TRP F 336 5.57 -30.45 8.89
C TRP F 336 6.75 -29.82 8.16
N ALA F 337 7.60 -29.12 8.89
CA ALA F 337 8.75 -28.43 8.30
C ALA F 337 10.00 -29.28 8.43
N GLN F 338 10.72 -29.43 7.33
CA GLN F 338 11.97 -30.18 7.36
C GLN F 338 13.14 -29.26 7.65
N GLU F 339 14.31 -29.86 7.84
CA GLU F 339 15.55 -29.16 8.09
C GLU F 339 16.21 -28.77 6.76
N SER F 340 15.46 -28.05 5.94
CA SER F 340 15.89 -27.67 4.60
C SER F 340 16.55 -26.31 4.58
N GLY F 341 17.11 -25.87 5.70
CA GLY F 341 17.62 -24.52 5.77
C GLY F 341 18.78 -24.30 4.84
N GLU F 342 18.91 -23.06 4.39
CA GLU F 342 20.03 -22.68 3.55
C GLU F 342 21.30 -22.67 4.40
N GLY F 343 22.43 -22.60 3.71
CA GLY F 343 23.70 -22.77 4.38
C GLY F 343 24.31 -24.11 4.05
N ASN F 344 25.63 -24.16 4.12
CA ASN F 344 26.41 -25.35 3.81
C ASN F 344 27.24 -25.73 5.01
N PRO F 345 26.86 -26.72 5.82
CA PRO F 345 27.82 -27.29 6.76
C PRO F 345 28.92 -27.96 5.97
N HIS F 346 30.00 -28.30 6.65
CA HIS F 346 31.22 -28.84 6.07
C HIS F 346 32.04 -27.83 5.31
N GLY F 347 31.65 -26.55 5.28
CA GLY F 347 32.41 -25.57 4.53
C GLY F 347 33.08 -24.48 5.34
N TRP F 348 33.12 -23.28 4.78
CA TRP F 348 33.84 -22.19 5.38
C TRP F 348 33.10 -21.71 6.63
N PRO F 349 33.79 -21.01 7.54
CA PRO F 349 33.14 -20.65 8.80
C PRO F 349 31.92 -19.77 8.62
N HIS F 350 31.89 -18.91 7.61
CA HIS F 350 30.69 -18.13 7.40
C HIS F 350 29.57 -19.00 6.83
N GLU F 351 29.91 -20.02 6.04
CA GLU F 351 28.90 -20.96 5.58
C GLU F 351 28.35 -21.78 6.74
N VAL F 352 29.22 -22.19 7.65
CA VAL F 352 28.75 -22.96 8.80
C VAL F 352 27.85 -22.11 9.67
N VAL F 353 28.25 -20.86 9.88
CA VAL F 353 27.46 -19.96 10.71
C VAL F 353 26.09 -19.73 10.08
N VAL F 354 26.04 -19.49 8.77
CA VAL F 354 24.73 -19.23 8.17
C VAL F 354 23.87 -20.49 8.22
N TYR F 355 24.46 -21.67 8.08
CA TYR F 355 23.67 -22.89 8.19
C TYR F 355 23.08 -23.03 9.57
N TYR F 356 23.87 -22.80 10.60
CA TYR F 356 23.37 -22.95 11.96
C TYR F 356 22.49 -21.80 12.40
N TYR F 357 22.51 -20.69 11.68
CA TYR F 357 21.59 -19.61 11.98
C TYR F 357 20.27 -19.85 11.31
N ASN F 358 20.26 -20.51 10.17
CA ASN F 358 18.99 -20.89 9.58
C ASN F 358 18.37 -22.06 10.34
N ARG F 359 19.18 -23.04 10.74
CA ARG F 359 18.64 -24.18 11.46
C ARG F 359 18.18 -23.79 12.85
N TYR F 360 18.96 -22.97 13.55
CA TYR F 360 18.68 -22.61 14.94
C TYR F 360 18.99 -21.15 15.14
N PRO F 361 18.01 -20.25 14.94
CA PRO F 361 18.33 -18.82 14.94
C PRO F 361 18.81 -18.26 16.26
N LEU F 362 18.36 -18.78 17.41
CA LEU F 362 18.59 -18.12 18.69
C LEU F 362 19.17 -19.08 19.72
N THR F 363 19.95 -20.04 19.25
CA THR F 363 20.95 -20.69 20.07
C THR F 363 22.27 -20.74 19.34
N THR F 364 22.39 -20.04 18.22
CA THR F 364 23.65 -19.73 17.58
C THR F 364 24.09 -18.32 17.93
N ILE F 365 23.19 -17.34 17.86
CA ILE F 365 23.50 -16.03 18.43
C ILE F 365 24.05 -16.19 19.84
N ILE F 366 23.35 -16.95 20.68
CA ILE F 366 23.82 -17.21 22.04
C ILE F 366 25.16 -17.93 22.02
N GLY F 367 25.39 -18.73 20.99
CA GLY F 367 26.54 -19.62 20.92
C GLY F 367 27.75 -18.79 20.58
N LEU F 368 27.72 -18.15 19.42
CA LEU F 368 28.66 -17.09 19.08
C LEU F 368 28.92 -16.16 20.25
N CYS F 369 27.87 -15.64 20.89
CA CYS F 369 28.08 -14.61 21.91
C CYS F 369 28.78 -15.16 23.15
N THR F 370 28.60 -16.45 23.45
CA THR F 370 29.14 -17.05 24.65
C THR F 370 30.33 -17.95 24.36
N CYS F 371 30.67 -18.10 23.09
CA CYS F 371 31.92 -18.65 22.60
C CYS F 371 32.88 -17.55 22.17
N VAL F 372 32.40 -16.30 22.12
CA VAL F 372 33.25 -15.14 21.88
C VAL F 372 33.54 -14.40 23.18
N ALA F 373 32.54 -14.18 24.02
CA ALA F 373 32.82 -13.61 25.34
C ALA F 373 33.70 -14.52 26.17
N ILE F 374 33.46 -15.83 26.14
CA ILE F 374 34.30 -16.76 26.88
C ILE F 374 35.75 -16.66 26.43
N ILE F 375 36.00 -16.76 25.12
CA ILE F 375 37.38 -16.74 24.64
C ILE F 375 37.99 -15.39 24.93
N MET F 376 37.21 -14.32 24.89
CA MET F 376 37.77 -13.01 25.23
C MET F 376 38.19 -12.97 26.68
N VAL F 377 37.33 -13.45 27.59
CA VAL F 377 37.67 -13.45 29.01
C VAL F 377 38.89 -14.33 29.28
N SER F 378 38.90 -15.52 28.70
CA SER F 378 40.05 -16.39 28.87
C SER F 378 41.31 -15.77 28.27
N CYS F 379 41.18 -15.13 27.12
CA CYS F 379 42.33 -14.51 26.49
C CYS F 379 42.87 -13.37 27.32
N VAL F 380 42.00 -12.53 27.86
CA VAL F 380 42.50 -11.42 28.67
C VAL F 380 43.13 -11.93 29.95
N THR F 381 42.54 -12.93 30.59
CA THR F 381 43.20 -13.50 31.75
C THR F 381 44.54 -14.10 31.39
N SER F 382 44.62 -14.84 30.30
CA SER F 382 45.89 -15.45 29.93
C SER F 382 46.93 -14.40 29.57
N VAL F 383 46.52 -13.33 28.90
CA VAL F 383 47.44 -12.25 28.60
C VAL F 383 47.91 -11.56 29.86
N TRP F 384 46.99 -11.31 30.79
CA TRP F 384 47.37 -10.64 32.03
C TRP F 384 48.30 -11.51 32.83
N LEU F 385 48.06 -12.80 32.81
CA LEU F 385 48.92 -13.73 33.50
C LEU F 385 50.29 -13.78 32.87
N LEU F 386 50.35 -13.72 31.54
CA LEU F 386 51.64 -13.74 30.86
C LEU F 386 52.38 -12.43 31.08
N CYS F 387 51.67 -11.31 31.18
CA CYS F 387 52.33 -10.07 31.51
C CYS F 387 52.91 -10.13 32.91
N ARG F 388 52.15 -10.68 33.85
CA ARG F 388 52.61 -10.76 35.22
C ARG F 388 53.81 -11.68 35.34
N THR F 389 53.76 -12.82 34.66
CA THR F 389 54.86 -13.76 34.75
C THR F 389 56.11 -13.16 34.11
N ARG F 390 55.93 -12.31 33.10
CA ARG F 390 57.08 -11.62 32.53
C ARG F 390 57.65 -10.61 33.51
N ASN F 391 56.78 -9.83 34.15
CA ASN F 391 57.27 -8.83 35.09
C ASN F 391 58.10 -9.50 36.17
N LEU F 392 57.62 -10.61 36.68
CA LEU F 392 58.40 -11.33 37.67
C LEU F 392 59.69 -11.87 37.09
N CYS F 393 59.67 -12.31 35.83
CA CYS F 393 60.92 -12.82 35.24
C CYS F 393 61.96 -11.73 35.10
N ILE F 394 61.57 -10.58 34.57
CA ILE F 394 62.54 -9.56 34.19
C ILE F 394 62.91 -8.63 35.32
N THR F 395 62.03 -8.40 36.29
CA THR F 395 62.32 -7.47 37.37
C THR F 395 63.61 -7.75 38.11
N PRO F 396 63.96 -8.98 38.47
CA PRO F 396 65.25 -9.17 39.12
C PRO F 396 66.42 -8.73 38.29
N TYR F 397 66.49 -9.16 37.04
CA TYR F 397 67.54 -8.65 36.18
C TYR F 397 67.41 -7.16 35.95
N LYS F 398 66.19 -6.65 35.91
CA LYS F 398 65.99 -5.22 35.70
C LYS F 398 66.64 -4.44 36.81
N LEU F 399 66.58 -4.95 38.04
CA LEU F 399 67.17 -4.28 39.18
C LEU F 399 68.64 -4.60 39.40
N ALA F 400 69.18 -5.61 38.75
CA ALA F 400 70.63 -5.76 38.72
C ALA F 400 71.08 -5.24 37.38
N PRO F 401 71.57 -4.00 37.28
CA PRO F 401 72.17 -3.55 36.03
C PRO F 401 73.24 -4.46 35.54
N ASN F 402 74.02 -5.07 36.42
CA ASN F 402 75.09 -5.94 35.98
C ASN F 402 74.75 -7.34 36.43
N ALA F 403 74.76 -8.25 35.47
CA ALA F 403 74.64 -9.67 35.70
C ALA F 403 74.81 -10.27 34.33
N GLN F 404 75.00 -11.56 34.29
CA GLN F 404 74.94 -12.30 33.05
C GLN F 404 73.53 -12.86 33.01
N VAL F 405 72.76 -12.50 31.99
CA VAL F 405 71.37 -12.93 31.98
C VAL F 405 71.39 -14.38 31.53
N PRO F 406 70.49 -15.20 31.97
CA PRO F 406 70.30 -16.48 31.29
C PRO F 406 69.70 -16.20 29.92
N ILE F 407 70.47 -16.49 28.89
CA ILE F 407 70.13 -16.07 27.53
C ILE F 407 68.84 -16.75 27.10
N LEU F 408 68.57 -17.95 27.60
CA LEU F 408 67.28 -18.56 27.29
C LEU F 408 66.16 -17.78 27.97
N LEU F 409 66.42 -17.21 29.13
CA LEU F 409 65.42 -16.40 29.82
C LEU F 409 65.45 -14.99 29.29
N ALA F 410 66.60 -14.54 28.82
CA ALA F 410 66.67 -13.26 28.15
C ALA F 410 65.85 -13.27 26.89
N LEU F 411 65.94 -14.37 26.13
CA LEU F 411 65.15 -14.51 24.92
C LEU F 411 63.67 -14.67 25.23
N LEU F 412 63.31 -15.71 26.01
CA LEU F 412 61.91 -16.06 26.21
C LEU F 412 61.09 -14.91 26.77
N CYS F 413 61.70 -14.04 27.54
CA CYS F 413 61.12 -12.76 27.96
C CYS F 413 61.75 -11.67 27.12
N CYS F 414 61.18 -10.47 27.16
CA CYS F 414 61.88 -9.36 26.50
C CYS F 414 62.99 -8.87 27.42
N ILE F 415 64.23 -8.93 26.93
CA ILE F 415 65.42 -8.59 27.69
C ILE F 415 66.48 -8.15 26.69
N LYS F 416 67.23 -7.10 27.04
CA LYS F 416 68.21 -6.48 26.15
C LYS F 416 69.60 -6.84 26.66
N PRO F 417 70.15 -8.00 26.27
CA PRO F 417 71.24 -8.59 27.07
C PRO F 417 72.56 -7.86 27.01
N THR F 418 73.55 -8.41 27.71
CA THR F 418 74.80 -7.72 28.01
C THR F 418 75.98 -8.28 27.23
N THR G 1 -51.78 -51.78 30.68
CA THR G 1 -52.62 -50.83 29.99
C THR G 1 -52.73 -49.56 30.81
N VAL G 2 -52.81 -48.41 30.13
CA VAL G 2 -52.94 -47.12 30.78
C VAL G 2 -54.41 -46.79 30.88
N MET G 3 -54.82 -46.19 31.99
CA MET G 3 -56.21 -45.88 32.27
C MET G 3 -56.45 -44.37 32.14
N CYS G 4 -57.59 -44.01 31.56
CA CYS G 4 -58.03 -42.61 31.44
C CYS G 4 -59.46 -42.45 31.91
N VAL G 5 -59.76 -41.22 32.31
CA VAL G 5 -60.94 -40.84 33.08
C VAL G 5 -61.79 -39.89 32.25
N LEU G 6 -63.09 -40.15 32.25
CA LEU G 6 -64.08 -39.27 31.63
C LEU G 6 -65.22 -39.14 32.63
N ALA G 7 -65.28 -37.99 33.30
CA ALA G 7 -66.23 -37.75 34.38
C ALA G 7 -65.92 -38.77 35.45
N ASN G 8 -66.85 -39.63 35.87
CA ASN G 8 -66.60 -40.70 36.81
C ASN G 8 -66.33 -42.03 36.13
N ILE G 9 -66.57 -42.12 34.82
CA ILE G 9 -66.22 -43.32 34.08
C ILE G 9 -64.71 -43.38 33.96
N THR G 10 -64.18 -44.60 34.07
CA THR G 10 -62.77 -44.88 33.89
C THR G 10 -62.66 -46.03 32.91
N PHE G 11 -61.81 -45.87 31.91
CA PHE G 11 -61.79 -46.74 30.76
C PHE G 11 -60.36 -46.93 30.27
N PRO G 12 -60.07 -48.03 29.57
CA PRO G 12 -58.81 -48.13 28.84
C PRO G 12 -58.70 -47.05 27.79
N CYS G 13 -57.55 -46.38 27.78
CA CYS G 13 -57.33 -45.24 26.91
C CYS G 13 -57.44 -45.57 25.43
N ASP G 14 -56.88 -46.71 25.01
CA ASP G 14 -56.89 -46.99 23.59
C ASP G 14 -58.28 -47.23 23.02
N GLN G 15 -59.28 -47.56 23.87
CA GLN G 15 -60.62 -47.96 23.43
C GLN G 15 -61.70 -47.10 24.08
N PRO G 16 -61.88 -45.85 23.63
CA PRO G 16 -62.95 -45.02 24.17
C PRO G 16 -64.32 -45.63 23.93
N PRO G 17 -65.34 -45.12 24.63
CA PRO G 17 -66.65 -45.81 24.58
C PRO G 17 -67.30 -45.83 23.21
N CYS G 18 -67.20 -44.79 22.39
CA CYS G 18 -68.09 -44.79 21.23
C CYS G 18 -67.61 -45.77 20.18
N MET G 19 -66.37 -45.55 19.67
CA MET G 19 -65.55 -46.28 18.69
C MET G 19 -65.74 -45.97 17.20
N PRO G 20 -66.92 -46.09 16.57
CA PRO G 20 -66.98 -45.77 15.14
C PRO G 20 -66.58 -44.33 14.85
N CYS G 21 -67.10 -43.37 15.61
CA CYS G 21 -66.75 -41.97 15.44
C CYS G 21 -67.07 -41.25 16.74
N CYS G 22 -66.06 -40.61 17.33
CA CYS G 22 -66.24 -39.82 18.55
C CYS G 22 -65.91 -38.37 18.29
N TYR G 23 -66.31 -37.81 17.15
CA TYR G 23 -66.46 -36.37 17.08
C TYR G 23 -67.77 -35.94 16.46
N GLU G 24 -68.38 -36.83 15.69
CA GLU G 24 -69.65 -36.54 15.07
C GLU G 24 -70.80 -36.81 16.01
N LYS G 25 -70.71 -37.88 16.80
CA LYS G 25 -71.78 -38.17 17.74
C LYS G 25 -71.95 -37.05 18.75
N ASN G 26 -70.92 -36.76 19.53
CA ASN G 26 -70.97 -35.68 20.51
C ASN G 26 -69.64 -34.94 20.51
N PRO G 27 -69.50 -33.89 19.69
CA PRO G 27 -68.21 -33.19 19.66
C PRO G 27 -67.77 -32.60 20.99
N HIS G 28 -68.69 -32.01 21.75
CA HIS G 28 -68.31 -31.44 23.02
C HIS G 28 -67.80 -32.50 23.99
N GLU G 29 -68.46 -33.66 24.02
CA GLU G 29 -68.04 -34.70 24.96
C GLU G 29 -66.66 -35.23 24.63
N THR G 30 -66.35 -35.44 23.35
CA THR G 30 -65.02 -35.86 22.99
C THR G 30 -63.99 -34.82 23.39
N LEU G 31 -64.27 -33.55 23.14
CA LEU G 31 -63.29 -32.54 23.51
C LEU G 31 -63.08 -32.56 25.01
N THR G 32 -64.17 -32.57 25.79
CA THR G 32 -64.03 -32.48 27.24
C THR G 32 -63.31 -33.70 27.79
N MET G 33 -63.44 -34.84 27.12
CA MET G 33 -62.71 -36.01 27.57
C MET G 33 -61.24 -35.89 27.23
N LEU G 34 -60.93 -35.28 26.09
CA LEU G 34 -59.52 -35.07 25.75
C LEU G 34 -58.88 -34.05 26.68
N GLU G 35 -59.67 -33.10 27.16
CA GLU G 35 -59.13 -32.11 28.09
C GLU G 35 -58.92 -32.72 29.46
N GLN G 36 -59.85 -33.58 29.90
CA GLN G 36 -59.69 -34.21 31.20
C GLN G 36 -58.47 -35.13 31.26
N ASN G 37 -58.02 -35.66 30.13
CA ASN G 37 -56.89 -36.59 30.06
C ASN G 37 -55.63 -35.91 29.52
N TYR G 38 -55.46 -34.64 29.86
CA TYR G 38 -54.32 -33.88 29.37
C TYR G 38 -53.01 -34.50 29.82
N ASP G 39 -52.90 -34.81 31.10
CA ASP G 39 -51.67 -35.28 31.70
C ASP G 39 -51.43 -36.78 31.51
N SER G 40 -52.29 -37.49 30.80
CA SER G 40 -52.12 -38.94 30.68
C SER G 40 -50.87 -39.24 29.88
N ARG G 41 -50.16 -40.28 30.30
CA ARG G 41 -48.95 -40.69 29.59
C ARG G 41 -49.27 -41.28 28.23
N ALA G 42 -50.49 -41.75 28.02
CA ALA G 42 -50.91 -42.38 26.76
C ALA G 42 -51.98 -41.54 26.07
N TYR G 43 -51.83 -40.23 26.12
CA TYR G 43 -52.83 -39.35 25.51
C TYR G 43 -52.88 -39.52 24.00
N ASP G 44 -51.76 -39.89 23.37
CA ASP G 44 -51.75 -39.97 21.92
C ASP G 44 -52.75 -41.01 21.43
N GLN G 45 -52.86 -42.12 22.16
CA GLN G 45 -53.74 -43.20 21.74
C GLN G 45 -55.17 -42.74 21.77
N LEU G 46 -55.52 -41.98 22.79
CA LEU G 46 -56.85 -41.43 22.88
C LEU G 46 -57.10 -40.49 21.72
N LEU G 47 -56.15 -39.60 21.41
CA LEU G 47 -56.41 -38.67 20.32
C LEU G 47 -56.62 -39.37 18.98
N ASP G 48 -55.90 -40.47 18.73
CA ASP G 48 -56.23 -41.26 17.53
C ASP G 48 -57.59 -41.91 17.65
N ALA G 49 -57.92 -42.46 18.81
CA ALA G 49 -59.16 -43.19 18.91
C ALA G 49 -60.35 -42.26 18.74
N ALA G 50 -60.32 -41.12 19.43
CA ALA G 50 -61.38 -40.14 19.31
C ALA G 50 -61.50 -39.63 17.88
N VAL G 51 -60.37 -39.31 17.24
CA VAL G 51 -60.48 -38.71 15.92
C VAL G 51 -60.84 -39.72 14.85
N LYS G 52 -60.75 -41.02 15.15
CA LYS G 52 -60.99 -42.07 14.16
C LYS G 52 -62.44 -42.07 13.70
N CYS G 53 -62.67 -41.81 12.43
CA CYS G 53 -64.02 -41.83 11.88
C CYS G 53 -63.94 -42.15 10.39
N ASN G 54 -64.29 -43.39 10.05
CA ASN G 54 -64.33 -43.83 8.66
C ASN G 54 -65.72 -43.69 8.08
N ASP H 110 75.58 10.61 51.44
CA ASP H 110 74.91 9.33 51.26
C ASP H 110 73.86 9.38 50.15
N LYS H 111 73.37 10.57 49.83
CA LYS H 111 72.38 10.79 48.78
C LYS H 111 71.03 10.15 49.06
N THR H 112 70.80 9.65 50.27
CA THR H 112 69.45 9.20 50.62
C THR H 112 68.58 10.40 50.87
N PHE H 113 67.25 10.19 50.89
CA PHE H 113 66.30 11.28 51.13
C PHE H 113 65.21 10.87 52.12
N PRO H 114 64.87 11.71 53.11
CA PRO H 114 63.75 11.37 54.00
C PRO H 114 62.39 11.48 53.35
N ILE H 115 61.65 10.40 53.19
CA ILE H 115 60.27 10.54 52.74
C ILE H 115 59.44 11.06 53.90
N MET H 116 58.61 12.08 53.66
CA MET H 116 57.72 12.60 54.70
C MET H 116 56.26 12.57 54.30
N LEU H 117 55.41 12.68 55.33
CA LEU H 117 53.98 12.94 55.16
C LEU H 117 53.48 13.55 56.45
N ASN H 118 52.99 14.79 56.39
CA ASN H 118 52.74 15.65 57.55
C ASN H 118 54.03 16.21 58.11
N GLY H 119 55.11 16.19 57.32
CA GLY H 119 56.31 16.90 57.70
C GLY H 119 57.30 16.13 58.54
N GLN H 120 57.09 14.85 58.79
CA GLN H 120 57.99 14.05 59.59
C GLN H 120 58.39 12.85 58.77
N VAL H 121 59.62 12.41 58.96
CA VAL H 121 60.24 11.41 58.10
C VAL H 121 59.70 10.03 58.43
N ASN H 122 59.37 9.25 57.41
CA ASN H 122 58.90 7.88 57.60
C ASN H 122 59.89 6.83 57.16
N GLY H 123 60.83 7.19 56.31
CA GLY H 123 61.81 6.23 55.82
C GLY H 123 62.81 6.99 54.98
N TYR H 124 63.80 6.25 54.47
CA TYR H 124 64.79 6.85 53.61
C TYR H 124 64.79 6.16 52.26
N ALA H 125 64.87 6.98 51.20
CA ALA H 125 64.83 6.56 49.81
C ALA H 125 66.22 6.70 49.19
N CYS H 126 66.69 5.63 48.56
CA CYS H 126 68.07 5.53 48.11
C CYS H 126 68.17 5.44 46.60
N VAL H 127 69.10 6.15 46.00
CA VAL H 127 69.40 6.01 44.58
C VAL H 127 70.56 5.05 44.41
N VAL H 128 70.38 4.04 43.59
CA VAL H 128 71.48 3.19 43.17
C VAL H 128 71.35 2.91 41.69
N GLY H 129 72.50 2.79 41.03
CA GLY H 129 72.61 2.46 39.62
C GLY H 129 71.60 3.15 38.72
N GLY H 130 71.37 4.42 38.98
CA GLY H 130 70.53 5.26 38.15
C GLY H 130 69.06 5.16 38.47
N ARG H 131 68.71 4.48 39.56
CA ARG H 131 67.35 4.09 39.92
C ARG H 131 67.08 4.51 41.36
N VAL H 132 66.14 5.41 41.58
CA VAL H 132 65.58 5.51 42.90
C VAL H 132 65.00 4.17 43.26
N PHE H 133 65.32 3.73 44.46
CA PHE H 133 64.84 2.56 45.16
C PHE H 133 64.15 3.09 46.39
N LYS H 134 62.98 2.55 46.71
CA LYS H 134 62.35 3.05 47.90
C LYS H 134 61.65 1.81 48.44
N PRO H 135 61.69 1.53 49.74
CA PRO H 135 60.92 0.39 50.22
C PRO H 135 59.47 0.61 49.90
N LEU H 136 58.81 -0.44 49.45
CA LEU H 136 57.43 -0.29 49.05
C LEU H 136 56.56 0.12 50.22
N HIS H 137 56.79 -0.48 51.40
CA HIS H 137 55.89 -0.21 52.51
C HIS H 137 55.94 1.23 53.00
N VAL H 138 57.12 1.86 53.03
CA VAL H 138 57.22 3.21 53.56
C VAL H 138 56.50 4.17 52.62
N GLU H 139 55.68 5.03 53.19
CA GLU H 139 54.70 5.78 52.42
C GLU H 139 54.93 7.27 52.57
N GLY H 140 54.52 8.02 51.55
CA GLY H 140 54.45 9.48 51.62
C GLY H 140 55.03 10.23 50.46
N ARG H 141 55.59 11.41 50.77
CA ARG H 141 56.22 12.31 49.81
C ARG H 141 57.74 12.33 50.03
N ILE H 142 58.50 12.12 48.96
CA ILE H 142 59.95 12.26 49.02
C ILE H 142 60.35 13.72 49.15
N ASP H 143 61.48 13.98 49.83
CA ASP H 143 61.83 15.33 50.28
C ASP H 143 62.45 16.20 49.19
N ASN H 144 62.66 15.68 48.00
CA ASN H 144 63.19 16.44 46.90
C ASN H 144 62.13 16.40 45.81
N GLU H 145 61.57 17.57 45.50
CA GLU H 145 60.54 17.68 44.48
C GLU H 145 60.92 16.94 43.21
N GLN H 146 62.17 17.08 42.75
CA GLN H 146 62.56 16.51 41.47
C GLN H 146 62.35 15.00 41.45
N LEU H 147 62.58 14.31 42.57
CA LEU H 147 62.19 12.90 42.62
C LEU H 147 60.70 12.74 42.76
N ALA H 148 60.03 13.71 43.38
CA ALA H 148 58.61 13.59 43.70
C ALA H 148 57.72 13.39 42.48
N ALA H 149 58.23 13.55 41.26
CA ALA H 149 57.42 13.50 40.06
C ALA H 149 57.54 12.19 39.31
N ILE H 150 58.69 11.52 39.38
CA ILE H 150 58.85 10.28 38.62
C ILE H 150 57.89 9.24 39.17
N LYS H 151 57.18 8.57 38.27
CA LYS H 151 56.18 7.60 38.67
C LYS H 151 56.91 6.34 39.12
N LEU H 152 56.77 6.03 40.40
CA LEU H 152 57.40 4.84 40.93
C LEU H 152 56.71 3.60 40.34
N LYS H 153 57.49 2.66 39.84
CA LYS H 153 56.97 1.38 39.36
C LYS H 153 57.26 0.29 40.38
N LYS H 154 56.22 -0.30 40.93
CA LYS H 154 56.33 -1.08 42.16
C LYS H 154 56.66 -2.54 41.90
N ALA H 155 57.19 -3.19 42.92
CA ALA H 155 57.49 -4.61 42.84
C ALA H 155 57.35 -5.16 44.26
N SER H 156 56.25 -5.87 44.49
CA SER H 156 55.96 -6.35 45.83
C SER H 156 56.85 -7.50 46.21
N ILE H 157 57.36 -8.24 45.23
CA ILE H 157 58.15 -9.44 45.52
C ILE H 157 59.40 -9.07 46.29
N TYR H 158 59.88 -7.84 46.14
CA TYR H 158 60.99 -7.33 46.91
C TYR H 158 60.63 -6.13 47.75
N ASP H 159 59.36 -5.75 47.78
CA ASP H 159 58.94 -4.60 48.54
C ASP H 159 59.78 -3.38 48.19
N LEU H 160 59.93 -3.14 46.89
CA LEU H 160 60.60 -1.93 46.44
C LEU H 160 59.80 -1.27 45.35
N GLU H 161 59.90 0.05 45.30
CA GLU H 161 59.34 0.86 44.25
C GLU H 161 60.50 1.48 43.51
N TYR H 162 60.49 1.36 42.20
CA TYR H 162 61.60 1.66 41.33
C TYR H 162 61.34 3.01 40.72
N GLY H 163 62.40 3.66 40.27
CA GLY H 163 62.21 4.70 39.28
C GLY H 163 63.52 5.14 38.70
N ASP H 164 63.66 5.25 37.39
CA ASP H 164 64.96 5.55 36.82
C ASP H 164 65.21 7.03 36.93
N VAL H 165 66.37 7.40 37.50
CA VAL H 165 66.57 8.74 38.01
C VAL H 165 66.62 9.69 36.84
N PRO H 166 66.26 10.96 37.00
CA PRO H 166 66.24 11.85 35.82
C PRO H 166 67.63 12.00 35.25
N GLN H 167 67.65 12.39 33.98
CA GLN H 167 68.89 12.38 33.20
C GLN H 167 70.00 13.16 33.88
N CYS H 168 69.69 14.37 34.31
CA CYS H 168 70.69 15.31 34.82
C CYS H 168 71.47 14.82 36.04
N MET H 169 71.06 13.75 36.74
CA MET H 169 71.81 13.25 37.89
C MET H 169 72.30 11.82 37.70
N LYS H 170 72.21 11.27 36.50
CA LYS H 170 72.41 9.83 36.34
C LYS H 170 73.82 9.38 36.70
N SER H 171 74.80 10.25 36.65
CA SER H 171 76.17 9.94 36.99
C SER H 171 76.52 10.21 38.44
N ASP H 172 75.54 10.59 39.27
CA ASP H 172 75.76 10.94 40.66
C ASP H 172 74.94 10.01 41.53
N THR H 173 74.98 8.74 41.16
CA THR H 173 74.20 7.65 41.72
C THR H 173 75.13 6.59 42.31
N LEU H 174 74.78 6.11 43.50
CA LEU H 174 75.62 5.13 44.17
C LEU H 174 75.72 3.85 43.35
N GLN H 175 76.84 3.18 43.51
CA GLN H 175 77.16 1.96 42.81
C GLN H 175 76.60 0.78 43.58
N TYR H 176 76.80 -0.43 43.07
CA TYR H 176 76.51 -1.60 43.86
C TYR H 176 77.37 -2.75 43.40
N THR H 177 77.36 -3.80 44.20
CA THR H 177 78.13 -4.99 43.95
C THR H 177 77.43 -6.18 44.57
N SER H 178 77.65 -7.33 43.96
CA SER H 178 77.19 -8.59 44.47
C SER H 178 78.31 -9.36 45.14
N ASP H 179 79.51 -8.82 45.20
CA ASP H 179 80.67 -9.51 45.75
C ASP H 179 80.82 -9.13 47.21
N LYS H 180 80.49 -10.06 48.12
CA LYS H 180 80.38 -9.79 49.56
C LYS H 180 81.15 -10.81 50.38
N PRO H 181 82.41 -10.54 50.73
CA PRO H 181 83.07 -11.37 51.72
C PRO H 181 82.44 -11.17 53.09
N PRO H 182 82.37 -12.21 53.91
CA PRO H 182 81.90 -11.99 55.29
C PRO H 182 82.83 -11.04 56.00
N GLY H 183 82.27 -10.17 56.82
CA GLY H 183 83.11 -9.18 57.50
C GLY H 183 82.32 -7.95 57.85
N PHE H 184 83.06 -6.89 58.18
CA PHE H 184 82.46 -5.65 58.64
C PHE H 184 82.16 -4.74 57.46
N TYR H 185 80.93 -4.25 57.42
CA TYR H 185 80.43 -3.39 56.38
C TYR H 185 79.84 -2.17 57.05
N ASN H 186 80.23 -0.98 56.62
CA ASN H 186 79.71 0.17 57.30
C ASN H 186 78.22 0.32 56.98
N TRP H 187 77.58 1.23 57.69
CA TRP H 187 76.17 1.48 57.54
C TRP H 187 75.92 2.77 58.27
N HIS H 188 74.88 3.50 57.84
CA HIS H 188 74.59 4.81 58.41
C HIS H 188 74.71 4.89 59.91
N HIS H 189 73.95 4.05 60.57
CA HIS H 189 73.86 3.98 62.02
C HIS H 189 74.99 3.21 62.67
N GLY H 190 75.98 2.73 61.96
CA GLY H 190 77.06 2.04 62.60
C GLY H 190 77.64 0.98 61.70
N ALA H 191 78.42 0.08 62.30
CA ALA H 191 79.00 -1.03 61.58
C ALA H 191 78.06 -2.23 61.58
N VAL H 192 77.97 -2.88 60.44
CA VAL H 192 77.11 -4.02 60.18
C VAL H 192 77.99 -5.22 59.95
N GLN H 193 77.59 -6.35 60.48
CA GLN H 193 78.38 -7.56 60.38
C GLN H 193 77.69 -8.51 59.42
N TYR H 194 78.44 -9.02 58.46
CA TYR H 194 78.01 -10.11 57.60
C TYR H 194 78.67 -11.37 58.06
N GLU H 195 77.86 -12.26 58.61
CA GLU H 195 78.33 -13.55 59.05
C GLU H 195 77.25 -14.54 58.70
N ASN H 196 77.64 -15.72 58.23
CA ASN H 196 76.71 -16.82 58.02
C ASN H 196 75.54 -16.43 57.12
N ASN H 197 75.82 -15.57 56.15
CA ASN H 197 74.83 -15.13 55.18
C ASN H 197 73.68 -14.44 55.88
N ARG H 198 74.02 -13.62 56.84
CA ARG H 198 73.10 -12.88 57.66
C ARG H 198 73.70 -11.52 57.92
N PHE H 199 72.86 -10.51 57.88
CA PHE H 199 73.23 -9.14 58.19
C PHE H 199 72.83 -8.93 59.62
N THR H 200 73.76 -8.44 60.44
CA THR H 200 73.51 -8.21 61.85
C THR H 200 73.97 -6.82 62.25
N VAL H 201 73.30 -6.27 63.25
CA VAL H 201 73.63 -4.95 63.79
C VAL H 201 73.63 -5.05 65.31
N PRO H 202 74.50 -4.36 66.02
CA PRO H 202 74.46 -4.45 67.47
C PRO H 202 73.17 -3.84 67.97
N ARG H 203 72.71 -4.36 69.11
CA ARG H 203 71.32 -4.35 69.51
C ARG H 203 70.76 -2.94 69.59
N GLY H 204 69.46 -2.85 69.32
CA GLY H 204 68.69 -1.68 69.62
C GLY H 204 68.87 -0.49 68.72
N VAL H 205 69.87 -0.48 67.85
CA VAL H 205 70.09 0.66 66.95
C VAL H 205 69.32 0.41 65.67
N GLY H 206 68.37 1.30 65.40
CA GLY H 206 67.59 1.29 64.18
C GLY H 206 66.16 0.87 64.45
N GLY H 207 65.28 1.28 63.54
CA GLY H 207 63.86 1.08 63.77
C GLY H 207 63.06 1.85 62.77
N LYS H 208 61.84 2.21 63.17
CA LYS H 208 60.91 2.83 62.24
C LYS H 208 61.50 4.13 61.74
N GLY H 209 61.78 4.16 60.43
CA GLY H 209 62.40 5.30 59.76
C GLY H 209 63.71 4.92 59.10
N ASP H 210 64.39 3.92 59.65
CA ASP H 210 65.68 3.43 59.18
C ASP H 210 65.58 2.51 57.98
N SER H 211 64.36 2.19 57.56
CA SER H 211 64.16 1.31 56.41
C SER H 211 64.69 1.96 55.14
N GLY H 212 65.34 1.16 54.31
CA GLY H 212 65.73 1.72 53.04
C GLY H 212 66.95 2.59 53.03
N ARG H 213 67.68 2.68 54.12
CA ARG H 213 69.00 3.30 54.05
C ARG H 213 69.97 2.30 53.44
N PRO H 214 70.88 2.74 52.57
CA PRO H 214 71.81 1.80 51.98
C PRO H 214 72.72 1.23 53.04
N ILE H 215 73.23 0.04 52.79
CA ILE H 215 74.32 -0.52 53.56
C ILE H 215 75.49 -0.63 52.60
N LEU H 216 76.57 0.04 52.96
CA LEU H 216 77.74 0.18 52.12
C LEU H 216 78.84 -0.74 52.62
N ASP H 217 79.73 -1.10 51.72
CA ASP H 217 80.94 -1.81 52.10
C ASP H 217 82.03 -0.79 52.37
N ASN H 218 83.26 -1.23 52.60
CA ASN H 218 84.31 -0.28 52.94
C ASN H 218 84.69 0.56 51.73
N LYS H 219 84.52 0.03 50.52
CA LYS H 219 84.93 0.76 49.34
C LYS H 219 83.91 1.78 48.87
N GLY H 220 82.80 1.93 49.58
CA GLY H 220 81.80 2.91 49.25
C GLY H 220 80.66 2.37 48.42
N ARG H 221 80.66 1.07 48.13
CA ARG H 221 79.66 0.48 47.25
C ARG H 221 78.49 -0.07 48.06
N VAL H 222 77.28 0.05 47.50
CA VAL H 222 76.10 -0.50 48.16
C VAL H 222 76.12 -2.00 48.01
N VAL H 223 75.95 -2.69 49.13
CA VAL H 223 75.84 -4.14 49.13
C VAL H 223 74.46 -4.59 49.56
N ALA H 224 73.63 -3.70 50.06
CA ALA H 224 72.35 -4.10 50.58
C ALA H 224 71.52 -2.86 50.83
N ILE H 225 70.22 -3.03 50.80
CA ILE H 225 69.32 -2.02 51.30
C ILE H 225 68.32 -2.73 52.22
N VAL H 226 68.30 -2.36 53.51
CA VAL H 226 67.56 -3.06 54.54
C VAL H 226 66.16 -2.53 54.66
N LEU H 227 65.25 -3.47 54.96
CA LEU H 227 63.84 -3.25 55.09
C LEU H 227 63.30 -3.61 56.46
N GLY H 228 64.09 -4.24 57.32
CA GLY H 228 63.60 -4.47 58.69
C GLY H 228 64.55 -5.32 59.49
N GLY H 229 64.14 -5.63 60.72
CA GLY H 229 65.02 -6.36 61.61
C GLY H 229 64.32 -7.11 62.71
N VAL H 230 65.00 -8.13 63.22
CA VAL H 230 64.47 -8.98 64.29
C VAL H 230 65.57 -9.24 65.32
N ASN H 231 65.21 -9.11 66.59
CA ASN H 231 66.16 -9.19 67.68
C ASN H 231 66.63 -10.61 67.90
N GLU H 232 67.94 -10.82 67.96
CA GLU H 232 68.52 -12.06 68.47
C GLU H 232 69.59 -11.69 69.48
N GLY H 233 69.26 -11.82 70.76
CA GLY H 233 70.23 -11.52 71.79
C GLY H 233 70.77 -10.13 71.63
N SER H 234 72.08 -10.03 71.70
CA SER H 234 72.80 -8.78 71.69
C SER H 234 72.90 -8.18 70.30
N ARG H 235 72.18 -8.71 69.30
CA ARG H 235 72.23 -8.17 67.96
C ARG H 235 70.84 -8.19 67.37
N THR H 236 70.75 -7.79 66.12
CA THR H 236 69.48 -7.74 65.41
C THR H 236 69.77 -8.06 63.96
N ALA H 237 69.12 -9.08 63.44
CA ALA H 237 69.35 -9.53 62.09
C ALA H 237 68.47 -8.73 61.15
N LEU H 238 69.04 -8.27 60.05
CA LEU H 238 68.38 -7.34 59.14
C LEU H 238 67.80 -8.03 57.92
N SER H 239 66.55 -7.70 57.65
CA SER H 239 65.82 -8.08 56.45
C SER H 239 66.16 -7.10 55.36
N VAL H 240 66.73 -7.60 54.27
CA VAL H 240 67.53 -6.79 53.36
C VAL H 240 67.34 -7.26 51.92
N VAL H 241 67.83 -6.46 50.98
CA VAL H 241 67.85 -6.78 49.54
C VAL H 241 69.28 -7.00 49.15
N THR H 242 69.64 -8.23 48.84
CA THR H 242 70.98 -8.58 48.46
C THR H 242 70.97 -9.05 47.02
N TRP H 243 72.07 -8.80 46.38
CA TRP H 243 72.32 -9.27 45.04
C TRP H 243 73.14 -10.54 45.16
N ASN H 244 72.53 -11.68 44.90
CA ASN H 244 73.11 -12.95 45.28
C ASN H 244 74.36 -13.24 44.45
N GLN H 245 75.02 -14.36 44.75
CA GLN H 245 76.34 -14.67 44.19
C GLN H 245 76.38 -14.65 42.67
N LYS H 246 75.24 -14.78 42.00
CA LYS H 246 75.11 -14.61 40.58
C LYS H 246 74.62 -13.23 40.19
N GLY H 247 74.38 -12.36 41.17
CA GLY H 247 73.97 -11.01 40.92
C GLY H 247 72.49 -10.79 40.73
N VAL H 248 71.69 -11.85 40.70
CA VAL H 248 70.25 -11.66 40.62
C VAL H 248 69.76 -11.07 41.92
N THR H 249 68.92 -10.04 41.83
CA THR H 249 68.41 -9.39 43.02
C THR H 249 67.46 -10.32 43.77
N VAL H 250 67.57 -10.32 45.09
CA VAL H 250 66.84 -11.25 45.92
C VAL H 250 66.66 -10.63 47.29
N LYS H 251 65.49 -10.81 47.87
CA LYS H 251 65.23 -10.34 49.22
C LYS H 251 65.57 -11.46 50.18
N ASP H 252 66.55 -11.22 51.03
CA ASP H 252 66.98 -12.12 52.09
C ASP H 252 66.45 -11.59 53.41
N THR H 253 65.65 -12.39 54.12
CA THR H 253 64.97 -11.89 55.30
C THR H 253 65.01 -12.92 56.42
N PRO H 254 65.54 -12.60 57.60
CA PRO H 254 65.45 -13.55 58.70
C PRO H 254 64.00 -13.69 59.14
N GLU H 255 63.75 -14.80 59.82
CA GLU H 255 62.40 -15.22 60.14
C GLU H 255 61.74 -14.26 61.10
N GLY H 256 60.49 -13.91 60.81
CA GLY H 256 59.76 -13.05 61.69
C GLY H 256 60.22 -11.62 61.74
N SER H 257 60.99 -11.16 60.76
CA SER H 257 61.35 -9.77 60.76
C SER H 257 60.13 -8.92 60.39
N GLU H 258 60.03 -7.76 61.00
CA GLU H 258 58.90 -6.87 60.87
C GLU H 258 59.23 -5.66 60.00
N PRO H 259 58.26 -5.07 59.31
CA PRO H 259 58.55 -3.87 58.51
C PRO H 259 58.81 -2.65 59.37
N TRP H 260 60.03 -2.15 59.32
CA TRP H 260 60.34 -0.83 59.88
C TRP H 260 59.71 0.28 59.07
N TYR I 1 12.95 33.00 -46.13
CA TYR I 1 14.09 33.45 -45.30
C TYR I 1 14.10 32.70 -44.00
N GLU I 2 15.25 32.13 -43.65
CA GLU I 2 15.32 31.26 -42.50
C GLU I 2 15.21 32.07 -41.21
N HIS I 3 14.65 31.45 -40.19
CA HIS I 3 14.56 32.05 -38.87
C HIS I 3 14.56 30.94 -37.83
N THR I 4 15.60 30.86 -37.02
CA THR I 4 15.71 29.85 -35.99
C THR I 4 15.31 30.42 -34.65
N ALA I 5 14.79 29.56 -33.78
CA ALA I 5 14.41 29.99 -32.45
C ALA I 5 14.16 28.75 -31.59
N VAL I 6 13.80 29.00 -30.34
CA VAL I 6 13.40 27.98 -29.38
C VAL I 6 12.16 28.49 -28.69
N MET I 7 11.12 27.67 -28.59
CA MET I 7 9.90 28.08 -27.92
C MET I 7 9.52 27.06 -26.86
N PRO I 8 8.81 27.48 -25.81
CA PRO I 8 8.38 26.51 -24.81
C PRO I 8 7.37 25.54 -25.39
N ASN I 9 7.27 24.39 -24.75
CA ASN I 9 6.36 23.35 -25.18
C ASN I 9 4.94 23.57 -24.66
N LYS I 10 4.61 24.76 -24.19
CA LYS I 10 3.29 25.00 -23.66
C LYS I 10 2.31 25.15 -24.81
N VAL I 11 1.13 24.57 -24.65
CA VAL I 11 0.12 24.50 -25.70
C VAL I 11 -0.86 25.65 -25.52
N GLY I 12 -1.09 26.39 -26.58
CA GLY I 12 -2.02 27.48 -26.58
C GLY I 12 -1.38 28.83 -26.40
N ILE I 13 -0.14 28.85 -25.89
CA ILE I 13 0.57 30.09 -25.61
C ILE I 13 1.36 30.45 -26.86
N PRO I 14 1.05 31.53 -27.57
CA PRO I 14 1.74 31.79 -28.84
C PRO I 14 3.16 32.25 -28.63
N TYR I 15 4.07 31.69 -29.41
CA TYR I 15 5.41 32.20 -29.53
C TYR I 15 5.42 33.27 -30.60
N LYS I 16 5.81 34.48 -30.23
CA LYS I 16 5.88 35.61 -31.13
C LYS I 16 7.32 36.00 -31.39
N ALA I 17 7.58 36.50 -32.58
CA ALA I 17 8.91 36.99 -32.90
C ALA I 17 8.80 37.98 -34.04
N LEU I 18 9.84 38.76 -34.22
CA LEU I 18 9.95 39.70 -35.33
C LEU I 18 11.10 39.26 -36.21
N VAL I 19 10.77 38.68 -37.36
CA VAL I 19 11.77 38.25 -38.30
C VAL I 19 12.28 39.48 -39.03
N GLU I 20 13.53 39.81 -38.79
CA GLU I 20 14.19 40.95 -39.41
C GLU I 20 15.12 40.45 -40.49
N ARG I 21 14.99 41.02 -41.67
CA ARG I 21 15.77 40.68 -42.83
C ARG I 21 16.49 41.94 -43.29
N PRO I 22 17.80 41.92 -43.47
CA PRO I 22 18.51 43.13 -43.87
C PRO I 22 17.98 43.67 -45.19
N GLY I 23 17.56 44.93 -45.15
CA GLY I 23 16.94 45.58 -46.27
C GLY I 23 15.45 45.50 -46.38
N TYR I 24 14.77 44.72 -45.55
CA TYR I 24 13.31 44.68 -45.59
C TYR I 24 12.73 44.94 -44.21
N ALA I 25 11.53 45.47 -44.20
CA ALA I 25 10.86 45.74 -42.94
C ALA I 25 10.58 44.45 -42.21
N PRO I 26 10.57 44.46 -40.88
CA PRO I 26 10.38 43.21 -40.17
C PRO I 26 9.01 42.64 -40.44
N VAL I 27 8.91 41.33 -40.38
CA VAL I 27 7.63 40.64 -40.49
C VAL I 27 7.35 39.94 -39.18
N HIS I 28 6.15 40.11 -38.68
CA HIS I 28 5.74 39.52 -37.41
C HIS I 28 5.42 38.05 -37.61
N LEU I 29 5.99 37.19 -36.79
CA LEU I 29 5.80 35.75 -36.86
C LEU I 29 5.14 35.29 -35.57
N GLN I 30 4.14 34.43 -35.70
CA GLN I 30 3.39 33.88 -34.57
C GLN I 30 3.24 32.40 -34.79
N ILE I 31 3.91 31.60 -33.97
CA ILE I 31 3.82 30.13 -34.02
C ILE I 31 3.15 29.67 -32.73
N GLN I 32 2.06 28.94 -32.86
CA GLN I 32 1.32 28.44 -31.72
C GLN I 32 1.09 26.95 -31.88
N LEU I 33 1.11 26.24 -30.78
CA LEU I 33 0.97 24.79 -30.77
C LEU I 33 -0.45 24.45 -30.37
N VAL I 34 -1.22 23.88 -31.28
CA VAL I 34 -2.55 23.41 -30.95
C VAL I 34 -2.48 22.17 -30.07
N ASN I 35 -1.62 21.21 -30.40
CA ASN I 35 -1.43 20.05 -29.56
C ASN I 35 -0.09 19.42 -29.88
N THR I 36 0.40 18.61 -28.96
CA THR I 36 1.65 17.89 -29.11
C THR I 36 1.44 16.47 -28.60
N ARG I 37 1.64 15.49 -29.46
CA ARG I 37 1.35 14.09 -29.17
C ARG I 37 2.64 13.29 -29.06
N ILE I 38 2.88 12.71 -27.90
CA ILE I 38 3.96 11.74 -27.70
C ILE I 38 3.35 10.37 -27.99
N ILE I 39 3.64 9.82 -29.16
CA ILE I 39 2.93 8.65 -29.65
C ILE I 39 3.87 7.47 -29.59
N PRO I 40 3.86 6.65 -28.53
CA PRO I 40 4.81 5.55 -28.45
C PRO I 40 4.55 4.44 -29.45
N SER I 41 5.59 3.68 -29.69
CA SER I 41 5.54 2.48 -30.53
C SER I 41 5.28 1.27 -29.65
N THR I 42 4.06 0.74 -29.72
CA THR I 42 3.56 -0.32 -28.87
C THR I 42 3.74 -1.67 -29.51
N ASN I 43 3.63 -2.72 -28.69
CA ASN I 43 3.71 -4.08 -29.19
C ASN I 43 2.84 -4.95 -28.30
N LEU I 44 1.71 -5.40 -28.84
CA LEU I 44 0.76 -6.17 -28.05
C LEU I 44 1.36 -7.49 -27.62
N GLU I 45 1.31 -7.76 -26.33
CA GLU I 45 1.85 -8.97 -25.74
C GLU I 45 0.79 -10.03 -25.55
N TYR I 46 -0.31 -9.69 -24.89
CA TYR I 46 -1.45 -10.59 -24.81
C TYR I 46 -2.68 -9.78 -24.44
N ILE I 47 -3.80 -10.48 -24.32
CA ILE I 47 -5.09 -9.91 -23.96
C ILE I 47 -5.66 -10.80 -22.87
N THR I 48 -6.14 -10.19 -21.80
CA THR I 48 -6.73 -10.90 -20.68
C THR I 48 -8.18 -10.49 -20.52
N CYS I 49 -9.03 -11.46 -20.22
CA CYS I 49 -10.44 -11.20 -20.00
C CYS I 49 -10.97 -12.30 -19.10
N LYS I 50 -12.25 -12.23 -18.78
CA LYS I 50 -12.84 -13.26 -17.95
C LYS I 50 -12.83 -14.60 -18.64
N TYR I 51 -12.77 -15.65 -17.85
CA TYR I 51 -12.84 -17.00 -18.35
C TYR I 51 -14.25 -17.54 -18.22
N LYS I 52 -14.52 -18.55 -19.03
CA LYS I 52 -15.76 -19.29 -19.00
C LYS I 52 -15.41 -20.77 -18.88
N THR I 53 -15.75 -21.39 -17.76
CA THR I 53 -15.49 -22.82 -17.61
C THR I 53 -16.52 -23.61 -18.39
N LYS I 54 -16.17 -23.96 -19.62
CA LYS I 54 -16.97 -24.87 -20.41
C LYS I 54 -16.95 -26.27 -19.81
N VAL I 55 -18.11 -26.77 -19.48
CA VAL I 55 -18.30 -28.08 -18.88
C VAL I 55 -19.10 -28.94 -19.85
N PRO I 56 -18.45 -29.79 -20.63
CA PRO I 56 -19.21 -30.65 -21.53
C PRO I 56 -19.98 -31.69 -20.75
N SER I 57 -20.82 -32.39 -21.47
CA SER I 57 -21.71 -33.33 -20.84
C SER I 57 -20.91 -34.49 -20.25
N PRO I 58 -21.14 -34.88 -19.00
CA PRO I 58 -20.42 -36.01 -18.45
C PRO I 58 -20.77 -37.30 -19.14
N VAL I 59 -19.78 -38.19 -19.22
CA VAL I 59 -19.93 -39.51 -19.81
C VAL I 59 -20.24 -40.50 -18.70
N VAL I 60 -21.46 -41.02 -18.64
CA VAL I 60 -21.84 -41.97 -17.61
C VAL I 60 -21.80 -43.38 -18.21
N LYS I 61 -20.94 -44.22 -17.63
CA LYS I 61 -20.73 -45.61 -18.04
C LYS I 61 -21.46 -46.52 -17.06
N CYS I 62 -22.48 -47.21 -17.58
CA CYS I 62 -23.45 -47.87 -16.70
C CYS I 62 -22.84 -48.98 -15.84
N CYS I 63 -22.26 -50.01 -16.46
CA CYS I 63 -21.63 -51.09 -15.71
C CYS I 63 -20.14 -51.22 -16.02
N GLY I 64 -19.50 -50.11 -16.33
CA GLY I 64 -18.16 -50.13 -16.84
C GLY I 64 -17.33 -49.01 -16.23
N ALA I 65 -16.04 -49.11 -16.44
CA ALA I 65 -15.07 -48.10 -16.02
C ALA I 65 -14.46 -47.51 -17.27
N THR I 66 -14.86 -46.30 -17.61
CA THR I 66 -14.32 -45.54 -18.71
C THR I 66 -13.28 -44.61 -18.15
N GLN I 67 -12.20 -44.35 -18.90
CA GLN I 67 -11.01 -43.77 -18.31
C GLN I 67 -10.60 -42.49 -19.02
N CYS I 68 -9.75 -41.74 -18.32
CA CYS I 68 -9.34 -40.39 -18.67
C CYS I 68 -8.51 -40.34 -19.93
N THR I 69 -8.67 -39.25 -20.69
CA THR I 69 -7.85 -39.00 -21.86
C THR I 69 -7.53 -37.50 -21.92
N SER I 70 -6.27 -37.17 -21.69
CA SER I 70 -5.82 -35.79 -21.74
C SER I 70 -6.03 -35.17 -23.11
N LYS I 71 -6.65 -34.00 -23.14
CA LYS I 71 -6.92 -33.26 -24.35
C LYS I 71 -6.15 -31.94 -24.39
N PRO I 72 -5.76 -31.46 -25.57
CA PRO I 72 -4.97 -30.24 -25.65
C PRO I 72 -5.76 -28.98 -25.38
N HIS I 73 -6.30 -28.79 -24.19
CA HIS I 73 -7.27 -27.74 -23.90
C HIS I 73 -6.80 -26.93 -22.70
N PRO I 74 -7.10 -25.63 -22.66
CA PRO I 74 -6.69 -24.81 -21.52
C PRO I 74 -7.26 -25.32 -20.20
N ASP I 75 -6.37 -25.63 -19.28
CA ASP I 75 -6.73 -26.07 -17.92
C ASP I 75 -7.69 -27.25 -17.96
N TYR I 76 -7.43 -28.19 -18.85
CA TYR I 76 -8.30 -29.34 -19.01
C TYR I 76 -8.17 -30.25 -17.82
N GLN I 77 -9.29 -30.53 -17.15
CA GLN I 77 -9.35 -31.49 -16.07
C GLN I 77 -10.41 -32.52 -16.37
N CYS I 78 -10.04 -33.80 -16.31
CA CYS I 78 -10.97 -34.90 -16.45
C CYS I 78 -10.78 -35.85 -15.28
N GLN I 79 -11.88 -36.19 -14.61
CA GLN I 79 -11.90 -37.09 -13.47
C GLN I 79 -12.96 -38.16 -13.67
N VAL I 80 -12.71 -39.32 -13.07
CA VAL I 80 -13.37 -40.58 -13.43
C VAL I 80 -14.28 -41.11 -12.34
N PHE I 81 -14.85 -40.22 -11.51
CA PHE I 81 -15.54 -40.57 -10.27
C PHE I 81 -16.41 -41.82 -10.39
N SER I 82 -16.21 -42.74 -9.46
CA SER I 82 -16.76 -44.09 -9.48
C SER I 82 -17.79 -44.27 -8.40
N GLY I 83 -18.58 -45.33 -8.52
CA GLY I 83 -19.65 -45.59 -7.59
C GLY I 83 -20.77 -44.58 -7.58
N VAL I 84 -21.16 -44.11 -8.75
CA VAL I 84 -22.25 -43.14 -8.93
C VAL I 84 -23.52 -43.85 -9.34
N TYR I 85 -24.60 -43.64 -8.60
CA TYR I 85 -25.90 -44.13 -9.03
C TYR I 85 -26.76 -42.94 -9.43
N PRO I 86 -26.61 -42.43 -10.64
CA PRO I 86 -27.44 -41.32 -11.12
C PRO I 86 -28.93 -41.65 -11.19
N PHE I 87 -29.74 -40.73 -10.69
CA PHE I 87 -31.18 -40.72 -10.90
C PHE I 87 -31.52 -39.48 -11.71
N MET I 88 -32.36 -39.65 -12.70
CA MET I 88 -32.95 -38.53 -13.40
C MET I 88 -34.34 -38.95 -13.83
N TRP I 89 -35.13 -38.02 -14.37
CA TRP I 89 -36.59 -38.09 -14.28
C TRP I 89 -37.18 -39.46 -14.62
N GLY I 90 -36.52 -40.22 -15.49
CA GLY I 90 -36.95 -41.59 -15.74
C GLY I 90 -36.56 -42.49 -14.61
N GLY I 91 -35.48 -42.16 -13.93
CA GLY I 91 -35.30 -42.53 -12.54
C GLY I 91 -34.06 -43.30 -12.20
N ALA I 92 -33.61 -44.20 -13.03
CA ALA I 92 -32.71 -45.23 -12.60
C ALA I 92 -31.55 -45.39 -13.54
N TYR I 93 -30.95 -44.28 -13.96
CA TYR I 93 -30.19 -44.16 -15.22
C TYR I 93 -29.31 -45.36 -15.50
N CYS I 94 -28.66 -45.93 -14.49
CA CYS I 94 -27.92 -47.17 -14.69
C CYS I 94 -28.34 -48.23 -13.69
N PHE I 95 -28.24 -49.50 -14.11
CA PHE I 95 -28.76 -50.60 -13.31
C PHE I 95 -27.86 -50.85 -12.11
N CYS I 96 -26.62 -51.15 -12.40
CA CYS I 96 -25.63 -51.61 -11.44
C CYS I 96 -25.43 -50.61 -10.30
N ASP I 97 -25.70 -51.04 -9.08
CA ASP I 97 -25.65 -50.13 -7.93
C ASP I 97 -24.29 -49.45 -7.80
N THR I 98 -23.22 -50.23 -7.69
CA THR I 98 -21.92 -49.65 -7.35
C THR I 98 -20.89 -49.62 -8.46
N GLU I 99 -20.91 -50.51 -9.46
CA GLU I 99 -19.88 -50.47 -10.51
C GLU I 99 -20.31 -49.57 -11.66
N ASN I 100 -20.55 -48.32 -11.31
CA ASN I 100 -20.95 -47.25 -12.22
C ASN I 100 -19.91 -46.16 -12.23
N THR I 101 -19.67 -45.56 -13.37
CA THR I 101 -18.62 -44.55 -13.49
C THR I 101 -19.15 -43.33 -14.20
N GLN I 102 -18.67 -42.16 -13.81
CA GLN I 102 -19.01 -40.94 -14.49
C GLN I 102 -17.73 -40.18 -14.74
N MET I 103 -17.56 -39.76 -15.97
CA MET I 103 -16.42 -38.99 -16.43
C MET I 103 -16.85 -37.55 -16.51
N SER I 104 -16.25 -36.73 -15.68
CA SER I 104 -16.54 -35.32 -15.59
C SER I 104 -15.36 -34.60 -16.18
N GLU I 105 -15.60 -33.74 -17.16
CA GLU I 105 -14.55 -33.02 -17.83
C GLU I 105 -14.90 -31.55 -17.87
N ALA I 106 -13.89 -30.71 -17.71
CA ALA I 106 -14.07 -29.27 -17.66
C ALA I 106 -12.85 -28.60 -18.25
N TYR I 107 -13.06 -27.48 -18.93
CA TYR I 107 -11.93 -26.70 -19.41
C TYR I 107 -12.31 -25.24 -19.62
N VAL I 108 -11.36 -24.37 -19.31
CA VAL I 108 -11.61 -22.93 -19.32
C VAL I 108 -11.42 -22.39 -20.73
N GLU I 109 -12.25 -21.44 -21.09
CA GLU I 109 -12.30 -20.85 -22.41
C GLU I 109 -12.33 -19.34 -22.24
N ARG I 110 -12.12 -18.65 -23.34
CA ARG I 110 -12.27 -17.21 -23.36
C ARG I 110 -13.74 -16.84 -23.27
N SER I 111 -14.06 -15.85 -22.46
CA SER I 111 -15.46 -15.51 -22.26
C SER I 111 -16.06 -14.90 -23.52
N GLU I 112 -17.38 -14.88 -23.57
CA GLU I 112 -18.05 -14.19 -24.65
C GLU I 112 -17.79 -12.71 -24.62
N GLU I 113 -17.57 -12.15 -23.44
CA GLU I 113 -17.35 -10.72 -23.28
C GLU I 113 -15.93 -10.30 -23.60
N CYS I 114 -15.04 -11.22 -23.97
CA CYS I 114 -13.68 -10.83 -24.30
C CYS I 114 -13.60 -9.98 -25.55
N SER I 115 -14.59 -10.04 -26.42
CA SER I 115 -14.51 -9.27 -27.63
C SER I 115 -14.90 -7.82 -27.43
N ILE I 116 -15.48 -7.49 -26.27
CA ILE I 116 -15.95 -6.15 -25.97
C ILE I 116 -15.11 -5.52 -24.87
N ASP I 117 -14.94 -6.23 -23.75
CA ASP I 117 -14.08 -5.77 -22.66
C ASP I 117 -12.93 -6.74 -22.47
N HIS I 118 -11.73 -6.18 -22.40
CA HIS I 118 -10.53 -6.94 -22.16
C HIS I 118 -9.41 -5.97 -21.87
N ALA I 119 -8.36 -6.47 -21.25
CA ALA I 119 -7.17 -5.71 -20.97
C ALA I 119 -6.07 -6.13 -21.93
N LYS I 120 -5.51 -5.15 -22.62
CA LYS I 120 -4.43 -5.37 -23.57
C LYS I 120 -3.10 -5.05 -22.90
N ALA I 121 -2.22 -6.03 -22.83
CA ALA I 121 -0.87 -5.83 -22.35
C ALA I 121 0.02 -5.41 -23.51
N TYR I 122 0.72 -4.30 -23.33
CA TYR I 122 1.54 -3.66 -24.36
C TYR I 122 2.92 -3.41 -23.82
N LYS I 123 3.94 -3.60 -24.65
CA LYS I 123 5.27 -3.05 -24.39
C LYS I 123 5.49 -1.86 -25.30
N VAL I 124 5.64 -0.67 -24.72
CA VAL I 124 5.96 0.55 -25.46
C VAL I 124 7.43 0.89 -25.25
N HIS I 125 8.17 1.28 -26.32
CA HIS I 125 9.49 1.86 -26.06
C HIS I 125 9.70 3.33 -26.43
N THR I 126 9.45 3.71 -27.68
CA THR I 126 9.66 5.09 -28.10
C THR I 126 9.01 5.29 -29.46
N GLY I 127 8.22 6.32 -29.64
CA GLY I 127 7.69 6.62 -30.95
C GLY I 127 7.98 8.02 -31.40
N THR I 128 7.18 8.47 -32.35
CA THR I 128 7.28 9.80 -32.90
C THR I 128 6.65 10.81 -31.95
N VAL I 129 6.94 12.07 -32.20
CA VAL I 129 6.27 13.19 -31.56
C VAL I 129 5.69 14.04 -32.66
N GLN I 130 4.37 14.19 -32.66
CA GLN I 130 3.63 14.91 -33.67
C GLN I 130 2.93 16.09 -33.02
N ALA I 131 2.64 17.11 -33.83
CA ALA I 131 2.03 18.31 -33.29
C ALA I 131 1.26 18.99 -34.40
N MET I 132 0.24 19.74 -34.04
CA MET I 132 -0.43 20.64 -34.95
C MET I 132 0.03 22.05 -34.62
N VAL I 133 0.43 22.81 -35.63
CA VAL I 133 0.95 24.16 -35.44
C VAL I 133 0.13 25.15 -36.26
N ASN I 134 -0.14 26.29 -35.65
CA ASN I 134 -0.76 27.45 -36.27
C ASN I 134 0.34 28.47 -36.48
N ILE I 135 0.52 28.94 -37.70
CA ILE I 135 1.49 30.00 -37.92
C ILE I 135 0.83 31.12 -38.70
N THR I 136 1.28 32.33 -38.39
CA THR I 136 0.94 33.52 -39.15
C THR I 136 2.18 34.36 -39.33
N TYR I 137 2.27 35.00 -40.48
CA TYR I 137 3.39 35.88 -40.77
C TYR I 137 2.89 37.00 -41.64
N GLY I 138 3.11 38.23 -41.21
CA GLY I 138 2.62 39.36 -41.96
C GLY I 138 1.13 39.29 -42.11
N SER I 139 0.66 39.58 -43.31
CA SER I 139 -0.77 39.59 -43.57
C SER I 139 -1.34 38.21 -43.81
N VAL I 140 -0.52 37.18 -43.95
CA VAL I 140 -1.05 35.83 -44.15
C VAL I 140 -1.78 35.38 -42.90
N SER I 141 -2.96 34.80 -43.10
CA SER I 141 -3.80 34.39 -41.99
C SER I 141 -3.34 33.05 -41.42
N TRP I 142 -4.12 32.54 -40.47
CA TRP I 142 -3.79 31.30 -39.80
C TRP I 142 -3.82 30.12 -40.77
N ARG I 143 -2.92 29.16 -40.57
CA ARG I 143 -2.74 28.04 -41.46
C ARG I 143 -3.00 26.66 -40.87
N SER I 144 -2.62 26.39 -39.62
CA SER I 144 -3.07 25.20 -38.89
C SER I 144 -2.76 23.86 -39.56
N ALA I 145 -1.49 23.56 -39.75
CA ALA I 145 -1.07 22.30 -40.34
C ALA I 145 -0.21 21.46 -39.40
N ASP I 146 -0.17 20.17 -39.70
CA ASP I 146 0.35 19.12 -38.82
C ASP I 146 1.77 18.74 -39.18
N VAL I 147 2.58 18.50 -38.15
CA VAL I 147 4.01 18.36 -38.27
C VAL I 147 4.49 17.17 -37.46
N TYR I 148 5.69 16.71 -37.79
CA TYR I 148 6.40 15.75 -36.97
C TYR I 148 7.53 16.48 -36.26
N VAL I 149 7.60 16.32 -34.95
CA VAL I 149 8.62 16.97 -34.15
C VAL I 149 9.81 16.02 -34.11
N ASN I 150 10.66 16.11 -35.12
CA ASN I 150 11.94 15.40 -35.14
C ASN I 150 13.11 16.28 -35.51
N GLY I 151 12.87 17.51 -35.94
CA GLY I 151 13.94 18.40 -36.30
C GLY I 151 14.48 18.20 -37.68
N GLU I 152 13.91 17.29 -38.47
CA GLU I 152 14.39 17.02 -39.81
C GLU I 152 13.30 16.96 -40.87
N THR I 153 12.02 16.95 -40.50
CA THR I 153 10.96 16.74 -41.47
C THR I 153 10.30 18.07 -41.77
N PRO I 154 10.49 18.65 -42.96
CA PRO I 154 9.80 19.90 -43.26
C PRO I 154 8.30 19.71 -43.28
N ALA I 155 7.59 20.77 -42.93
CA ALA I 155 6.15 20.81 -43.07
C ALA I 155 5.80 22.07 -43.80
N LYS I 156 5.05 21.91 -44.88
CA LYS I 156 4.70 22.98 -45.80
C LYS I 156 3.42 23.61 -45.28
N ILE I 157 3.55 24.65 -44.46
CA ILE I 157 2.40 25.27 -43.83
C ILE I 157 2.09 26.47 -44.71
N GLY I 158 1.05 26.41 -45.50
CA GLY I 158 0.85 27.47 -46.44
C GLY I 158 1.99 27.54 -47.43
N ASP I 159 2.79 28.59 -47.33
CA ASP I 159 3.98 28.77 -48.15
C ASP I 159 5.25 28.82 -47.33
N ALA I 160 5.20 28.51 -46.06
CA ALA I 160 6.37 28.53 -45.18
C ALA I 160 6.77 27.10 -44.88
N LYS I 161 8.07 26.88 -44.77
CA LYS I 161 8.61 25.58 -44.40
C LYS I 161 8.99 25.62 -42.93
N LEU I 162 8.37 24.76 -42.13
CA LEU I 162 8.63 24.66 -40.71
C LEU I 162 9.38 23.36 -40.43
N ILE I 163 10.55 23.47 -39.82
CA ILE I 163 11.29 22.33 -39.30
C ILE I 163 11.29 22.49 -37.79
N ILE I 164 10.34 21.83 -37.15
CA ILE I 164 10.17 21.88 -35.72
C ILE I 164 10.96 20.74 -35.07
N GLY I 165 11.25 20.90 -33.78
CA GLY I 165 11.78 19.85 -32.97
C GLY I 165 13.29 19.76 -32.98
N PRO I 166 13.85 18.77 -32.29
CA PRO I 166 13.24 17.74 -31.46
C PRO I 166 12.97 18.25 -30.06
N LEU I 167 12.10 17.60 -29.30
CA LEU I 167 11.81 18.02 -27.94
C LEU I 167 13.06 17.93 -27.08
N SER I 168 13.27 18.95 -26.24
CA SER I 168 14.47 18.98 -25.42
C SER I 168 14.49 17.83 -24.44
N SER I 169 13.34 17.49 -23.88
CA SER I 169 13.22 16.44 -22.89
C SER I 169 12.59 15.22 -23.53
N ALA I 170 13.21 14.06 -23.32
CA ALA I 170 12.72 12.79 -23.84
C ALA I 170 11.77 12.11 -22.89
N TRP I 171 11.16 12.86 -21.98
CA TRP I 171 10.24 12.29 -21.02
C TRP I 171 8.94 11.86 -21.69
N SER I 172 8.45 10.70 -21.28
CA SER I 172 7.22 10.12 -21.76
C SER I 172 6.51 9.50 -20.57
N PRO I 173 5.20 9.68 -20.41
CA PRO I 173 4.54 9.19 -19.20
C PRO I 173 4.53 7.69 -19.08
N PHE I 174 4.69 6.96 -20.17
CA PHE I 174 4.51 5.52 -20.20
C PHE I 174 5.79 4.83 -19.80
N ASP I 175 5.66 3.79 -19.00
CA ASP I 175 6.80 2.96 -18.67
C ASP I 175 6.91 1.87 -19.73
N ASN I 176 7.79 0.91 -19.51
CA ASN I 176 8.02 -0.12 -20.51
C ASN I 176 6.77 -0.94 -20.77
N LYS I 177 6.06 -1.30 -19.71
CA LYS I 177 4.91 -2.19 -19.78
C LYS I 177 3.68 -1.41 -19.39
N VAL I 178 2.65 -1.41 -20.23
CA VAL I 178 1.39 -0.76 -19.91
C VAL I 178 0.22 -1.70 -20.20
N VAL I 179 -0.92 -1.38 -19.59
CA VAL I 179 -2.15 -2.14 -19.74
C VAL I 179 -3.25 -1.17 -20.15
N VAL I 180 -3.91 -1.46 -21.25
CA VAL I 180 -4.99 -0.65 -21.79
C VAL I 180 -6.29 -1.35 -21.49
N TYR I 181 -7.20 -0.68 -20.80
CA TYR I 181 -8.53 -1.19 -20.53
C TYR I 181 -9.53 -0.12 -20.88
N GLY I 182 -10.31 -0.34 -21.92
CA GLY I 182 -11.23 0.68 -22.36
C GLY I 182 -10.47 1.89 -22.80
N HIS I 183 -10.75 3.02 -22.17
CA HIS I 183 -10.06 4.26 -22.43
C HIS I 183 -9.02 4.60 -21.38
N GLU I 184 -8.79 3.73 -20.41
CA GLU I 184 -7.78 3.95 -19.38
C GLU I 184 -6.49 3.21 -19.74
N VAL I 185 -5.38 3.78 -19.27
CA VAL I 185 -4.05 3.20 -19.46
C VAL I 185 -3.40 3.12 -18.09
N TYR I 186 -2.77 2.00 -17.78
CA TYR I 186 -2.17 1.79 -16.49
C TYR I 186 -0.72 1.39 -16.68
N ASN I 187 0.12 1.81 -15.75
CA ASN I 187 1.52 1.38 -15.73
C ASN I 187 1.61 0.17 -14.82
N TYR I 188 1.25 -0.97 -15.39
CA TYR I 188 1.20 -2.23 -14.68
C TYR I 188 2.36 -3.08 -15.18
N ASP I 189 3.12 -3.64 -14.24
CA ASP I 189 4.18 -4.58 -14.58
C ASP I 189 3.53 -5.94 -14.73
N PHE I 190 2.88 -6.13 -15.87
CA PHE I 190 2.03 -7.29 -16.04
C PHE I 190 2.89 -8.56 -16.14
N PRO I 191 2.37 -9.70 -15.71
CA PRO I 191 3.17 -10.92 -15.82
C PRO I 191 3.38 -11.31 -17.27
N GLU I 192 4.52 -11.91 -17.54
CA GLU I 192 4.79 -12.37 -18.88
C GLU I 192 3.87 -13.49 -19.26
N TYR I 193 3.78 -13.76 -20.57
CA TYR I 193 2.90 -14.80 -21.04
C TYR I 193 3.30 -16.15 -20.46
N GLY I 194 2.31 -16.87 -19.97
CA GLY I 194 2.52 -18.17 -19.40
C GLY I 194 2.98 -18.15 -17.98
N THR I 195 3.01 -16.98 -17.35
CA THR I 195 3.43 -16.85 -15.97
C THR I 195 2.30 -16.48 -15.02
N GLY I 196 1.20 -15.95 -15.53
CA GLY I 196 0.15 -15.39 -14.70
C GLY I 196 -0.39 -16.30 -13.64
N LYS I 197 -0.51 -15.77 -12.43
CA LYS I 197 -0.95 -16.55 -11.29
C LYS I 197 -2.44 -16.79 -11.37
N ALA I 198 -2.97 -17.48 -10.37
CA ALA I 198 -4.35 -17.94 -10.36
C ALA I 198 -5.16 -16.93 -9.57
N GLY I 199 -5.59 -15.89 -10.25
CA GLY I 199 -6.59 -14.99 -9.74
C GLY I 199 -6.14 -13.57 -9.54
N SER I 200 -4.90 -13.18 -9.83
CA SER I 200 -4.52 -11.79 -9.66
C SER I 200 -4.73 -10.96 -10.92
N PHE I 201 -4.09 -11.35 -12.01
CA PHE I 201 -4.21 -10.69 -13.30
C PHE I 201 -3.50 -11.56 -14.29
N GLY I 202 -3.97 -11.56 -15.52
CA GLY I 202 -3.35 -12.42 -16.50
C GLY I 202 -3.45 -13.87 -16.13
N ASP I 203 -4.51 -14.26 -15.42
CA ASP I 203 -4.78 -15.67 -15.23
C ASP I 203 -5.20 -16.32 -16.53
N LEU I 204 -5.88 -15.58 -17.38
CA LEU I 204 -6.26 -16.01 -18.72
C LEU I 204 -5.57 -15.07 -19.68
N GLN I 205 -4.63 -15.60 -20.47
CA GLN I 205 -3.85 -14.78 -21.40
C GLN I 205 -3.99 -15.36 -22.79
N SER I 206 -4.37 -14.52 -23.73
CA SER I 206 -4.47 -14.88 -25.14
C SER I 206 -3.65 -13.88 -25.93
N ARG I 207 -2.85 -14.39 -26.87
CA ARG I 207 -2.00 -13.48 -27.64
C ARG I 207 -2.82 -12.50 -28.43
N THR I 208 -3.89 -12.96 -29.02
CA THR I 208 -4.81 -12.14 -29.78
C THR I 208 -6.21 -12.40 -29.29
N SER I 209 -7.16 -11.61 -29.78
CA SER I 209 -8.53 -11.84 -29.40
C SER I 209 -9.14 -13.07 -30.07
N THR I 210 -8.48 -13.63 -31.09
CA THR I 210 -8.96 -14.80 -31.80
C THR I 210 -7.97 -15.96 -31.75
N SER I 211 -7.04 -15.93 -30.80
CA SER I 211 -6.04 -16.97 -30.69
C SER I 211 -6.65 -18.25 -30.15
N ASN I 212 -5.88 -19.33 -30.25
CA ASN I 212 -6.28 -20.65 -29.80
C ASN I 212 -5.40 -21.22 -28.70
N ASP I 213 -4.25 -20.60 -28.41
CA ASP I 213 -3.39 -21.07 -27.33
C ASP I 213 -4.07 -20.86 -25.98
N LEU I 214 -4.46 -19.63 -25.68
CA LEU I 214 -5.28 -19.29 -24.52
C LEU I 214 -4.78 -19.89 -23.20
N TYR I 215 -3.58 -19.50 -22.81
CA TYR I 215 -3.07 -19.96 -21.54
C TYR I 215 -3.97 -19.51 -20.42
N ALA I 216 -4.26 -20.43 -19.50
CA ALA I 216 -5.26 -20.20 -18.48
C ALA I 216 -4.93 -21.02 -17.25
N ASN I 217 -4.71 -20.35 -16.12
CA ASN I 217 -4.35 -21.02 -14.87
C ASN I 217 -5.32 -20.54 -13.80
N THR I 218 -6.45 -21.24 -13.67
CA THR I 218 -7.51 -20.86 -12.73
C THR I 218 -7.78 -21.91 -11.67
N ASN I 219 -6.89 -22.85 -11.46
CA ASN I 219 -7.05 -23.88 -10.43
C ASN I 219 -8.39 -24.62 -10.55
N LEU I 220 -8.69 -25.08 -11.75
CA LEU I 220 -9.88 -25.90 -11.92
C LEU I 220 -9.67 -27.23 -11.25
N LYS I 221 -10.62 -27.63 -10.42
CA LYS I 221 -10.58 -28.91 -9.75
C LYS I 221 -11.99 -29.48 -9.78
N LEU I 222 -12.19 -30.54 -10.53
CA LEU I 222 -13.49 -31.16 -10.58
C LEU I 222 -13.76 -31.85 -9.27
N GLN I 223 -15.00 -31.78 -8.81
CA GLN I 223 -15.42 -32.36 -7.54
C GLN I 223 -16.36 -33.52 -7.79
N ARG I 224 -16.55 -34.32 -6.77
CA ARG I 224 -17.34 -35.53 -6.89
C ARG I 224 -18.82 -35.18 -7.01
N PRO I 225 -19.54 -35.67 -8.01
CA PRO I 225 -20.95 -35.31 -8.10
C PRO I 225 -21.74 -35.77 -6.89
N GLN I 226 -22.85 -35.08 -6.68
CA GLN I 226 -23.71 -35.40 -5.55
C GLN I 226 -24.43 -36.71 -5.82
N ALA I 227 -24.72 -37.44 -4.75
CA ALA I 227 -25.48 -38.67 -4.85
C ALA I 227 -26.74 -38.48 -5.68
N GLY I 228 -26.88 -39.29 -6.71
CA GLY I 228 -28.07 -39.34 -7.51
C GLY I 228 -28.23 -38.25 -8.53
N ILE I 229 -27.42 -37.21 -8.49
CA ILE I 229 -27.51 -36.07 -9.39
C ILE I 229 -26.50 -36.24 -10.49
N VAL I 230 -26.94 -36.18 -11.74
CA VAL I 230 -26.00 -36.09 -12.85
C VAL I 230 -25.70 -34.61 -13.01
N HIS I 231 -24.50 -34.22 -12.63
CA HIS I 231 -23.98 -32.91 -12.93
C HIS I 231 -22.47 -32.98 -12.83
N THR I 232 -21.82 -31.84 -13.02
CA THR I 232 -20.37 -31.76 -13.05
C THR I 232 -19.92 -30.63 -12.15
N PRO I 233 -19.88 -30.85 -10.85
CA PRO I 233 -19.37 -29.81 -9.96
C PRO I 233 -17.90 -29.54 -10.19
N PHE I 234 -17.52 -28.29 -9.95
CA PHE I 234 -16.12 -27.92 -10.05
C PHE I 234 -15.86 -26.73 -9.15
N THR I 235 -14.61 -26.53 -8.83
CA THR I 235 -14.16 -25.44 -7.99
C THR I 235 -13.04 -24.70 -8.69
N GLN I 236 -13.08 -23.39 -8.64
CA GLN I 236 -12.18 -22.54 -9.41
C GLN I 236 -11.87 -21.29 -8.61
N VAL I 237 -10.70 -20.73 -8.84
CA VAL I 237 -10.36 -19.45 -8.23
C VAL I 237 -11.08 -18.35 -9.00
N PRO I 238 -11.74 -17.39 -8.35
CA PRO I 238 -12.43 -16.35 -9.11
C PRO I 238 -11.51 -15.57 -10.01
N SER I 239 -12.07 -15.08 -11.10
CA SER I 239 -11.32 -14.45 -12.16
C SER I 239 -10.49 -13.28 -11.68
N GLY I 240 -9.23 -13.27 -12.06
CA GLY I 240 -8.35 -12.18 -11.72
C GLY I 240 -8.60 -10.94 -12.53
N PHE I 241 -9.29 -11.06 -13.66
CA PHE I 241 -9.69 -9.87 -14.38
C PHE I 241 -10.63 -9.04 -13.54
N GLU I 242 -11.63 -9.65 -12.92
CA GLU I 242 -12.53 -8.85 -12.11
C GLU I 242 -11.87 -8.39 -10.83
N ARG I 243 -10.95 -9.18 -10.28
CA ARG I 243 -10.23 -8.72 -9.10
C ARG I 243 -9.38 -7.53 -9.43
N TRP I 244 -8.76 -7.54 -10.60
CA TRP I 244 -8.01 -6.39 -11.05
C TRP I 244 -8.94 -5.23 -11.27
N LYS I 245 -10.11 -5.49 -11.83
CA LYS I 245 -11.00 -4.40 -12.18
C LYS I 245 -11.45 -3.63 -10.96
N LYS I 246 -11.70 -4.33 -9.84
CA LYS I 246 -12.06 -3.61 -8.62
C LYS I 246 -10.89 -3.38 -7.67
N ASP I 247 -9.68 -3.78 -8.04
CA ASP I 247 -8.48 -3.43 -7.29
C ASP I 247 -7.51 -2.55 -8.06
N LYS I 248 -7.79 -2.20 -9.31
CA LYS I 248 -6.91 -1.28 -10.00
C LYS I 248 -7.02 0.09 -9.38
N GLY I 249 -5.89 0.65 -8.98
CA GLY I 249 -5.93 1.91 -8.27
C GLY I 249 -6.38 3.13 -9.05
N ALA I 250 -5.59 3.52 -10.03
CA ALA I 250 -5.73 4.82 -10.63
C ALA I 250 -5.12 4.79 -12.03
N PRO I 251 -5.80 5.23 -13.08
CA PRO I 251 -5.18 5.15 -14.39
C PRO I 251 -4.07 6.17 -14.53
N LEU I 252 -3.34 6.04 -15.62
CA LEU I 252 -2.37 7.05 -15.98
C LEU I 252 -3.03 8.31 -16.49
N ASN I 253 -4.33 8.29 -16.77
CA ASN I 253 -5.00 9.48 -17.21
C ASN I 253 -5.10 10.52 -16.11
N ASP I 254 -5.02 10.10 -14.85
CA ASP I 254 -5.11 11.01 -13.72
C ASP I 254 -3.77 11.27 -13.04
N VAL I 255 -2.99 10.22 -12.81
CA VAL I 255 -1.69 10.40 -12.18
C VAL I 255 -0.74 11.23 -13.04
N ALA I 256 -0.80 11.07 -14.37
CA ALA I 256 0.22 11.51 -15.33
C ALA I 256 0.80 12.89 -15.10
N PRO I 257 2.11 13.04 -14.91
CA PRO I 257 2.69 14.36 -14.72
C PRO I 257 2.59 15.25 -15.95
N PHE I 258 2.75 16.54 -15.70
CA PHE I 258 2.81 17.61 -16.69
C PHE I 258 1.51 17.86 -17.42
N GLY I 259 0.42 17.25 -16.99
CA GLY I 259 -0.83 17.44 -17.70
C GLY I 259 -0.89 16.73 -19.01
N CYS I 260 -0.36 15.52 -19.08
CA CYS I 260 -0.56 14.66 -20.24
C CYS I 260 -2.00 14.20 -20.23
N SER I 261 -2.65 14.32 -21.37
CA SER I 261 -3.97 13.73 -21.57
C SER I 261 -3.77 12.51 -22.45
N ILE I 262 -4.16 11.34 -21.96
CA ILE I 262 -3.88 10.10 -22.64
C ILE I 262 -5.05 9.76 -23.54
N ALA I 263 -4.81 9.64 -24.84
CA ALA I 263 -5.76 9.19 -25.83
C ALA I 263 -5.32 7.83 -26.36
N LEU I 264 -6.26 7.08 -26.96
CA LEU I 264 -6.06 5.65 -27.15
C LEU I 264 -6.24 5.09 -28.56
N GLU I 265 -6.29 5.92 -29.61
CA GLU I 265 -6.30 5.41 -30.97
C GLU I 265 -5.58 6.38 -31.87
N PRO I 266 -4.24 6.32 -31.94
CA PRO I 266 -3.31 5.43 -31.25
C PRO I 266 -3.03 5.83 -29.82
N LEU I 267 -2.32 5.01 -29.07
CA LEU I 267 -1.96 5.35 -27.70
C LEU I 267 -1.01 6.52 -27.74
N ARG I 268 -1.40 7.64 -27.13
CA ARG I 268 -0.54 8.80 -27.11
C ARG I 268 -0.82 9.60 -25.85
N ALA I 269 0.14 10.43 -25.52
CA ALA I 269 0.08 11.39 -24.43
C ALA I 269 0.14 12.77 -25.05
N GLU I 270 -0.87 13.58 -24.81
CA GLU I 270 -1.02 14.83 -25.50
C GLU I 270 -0.88 16.00 -24.56
N ASN I 271 -0.40 17.10 -25.12
CA ASN I 271 -0.38 18.40 -24.48
C ASN I 271 0.24 18.35 -23.09
N CYS I 272 1.45 17.84 -23.01
CA CYS I 272 2.24 17.93 -21.78
C CYS I 272 3.48 18.78 -21.98
N ALA I 273 3.47 19.92 -21.30
CA ALA I 273 4.37 21.04 -21.47
C ALA I 273 5.64 20.79 -20.67
N VAL I 274 6.57 20.08 -21.30
CA VAL I 274 7.85 19.75 -20.70
C VAL I 274 8.94 20.01 -21.73
N GLY I 275 9.96 20.73 -21.32
CA GLY I 275 11.07 21.08 -22.18
C GLY I 275 10.72 22.18 -23.15
N SER I 276 11.56 22.29 -24.18
CA SER I 276 11.44 23.31 -25.20
C SER I 276 11.63 22.69 -26.57
N ILE I 277 11.12 23.39 -27.57
CA ILE I 277 11.09 22.91 -28.95
C ILE I 277 11.89 23.86 -29.82
N PRO I 278 13.02 23.46 -30.40
CA PRO I 278 13.61 24.27 -31.44
C PRO I 278 12.69 24.37 -32.65
N ILE I 279 12.77 25.51 -33.32
CA ILE I 279 11.99 25.76 -34.53
C ILE I 279 12.87 26.42 -35.56
N SER I 280 12.55 26.17 -36.83
CA SER I 280 13.25 26.79 -37.95
C SER I 280 12.23 27.01 -39.05
N ILE I 281 11.73 28.22 -39.16
CA ILE I 281 10.75 28.56 -40.19
C ILE I 281 11.46 29.23 -41.35
N ASP I 282 10.87 29.13 -42.55
CA ASP I 282 11.43 29.72 -43.77
C ASP I 282 10.29 30.53 -44.39
N ILE I 283 10.19 31.79 -43.99
CA ILE I 283 9.14 32.69 -44.48
C ILE I 283 9.39 33.00 -45.95
N PRO I 284 8.39 33.01 -46.81
CA PRO I 284 8.65 33.35 -48.21
C PRO I 284 9.02 34.80 -48.37
N ASP I 285 9.75 35.07 -49.45
CA ASP I 285 10.21 36.42 -49.75
C ASP I 285 9.09 37.31 -50.24
N ALA I 286 7.94 36.76 -50.61
CA ALA I 286 6.81 37.60 -50.97
C ALA I 286 6.24 38.33 -49.76
N ALA I 287 6.38 37.77 -48.57
CA ALA I 287 5.85 38.42 -47.39
C ALA I 287 6.56 39.74 -47.14
N PHE I 288 7.87 39.74 -47.29
CA PHE I 288 8.65 40.89 -46.95
C PHE I 288 8.38 42.05 -47.87
N THR I 289 8.46 43.26 -47.33
CA THR I 289 8.35 44.49 -48.09
C THR I 289 9.61 45.31 -47.94
N ARG I 290 10.00 45.98 -49.00
CA ARG I 290 11.26 46.72 -49.02
C ARG I 290 11.19 47.83 -47.98
N ILE I 291 12.32 48.07 -47.33
CA ILE I 291 12.32 48.95 -46.17
C ILE I 291 11.95 50.37 -46.53
N SER I 292 12.09 50.77 -47.78
CA SER I 292 11.75 52.13 -48.16
C SER I 292 10.25 52.35 -48.23
N GLU I 293 9.48 51.32 -48.54
CA GLU I 293 8.04 51.48 -48.73
C GLU I 293 7.26 51.36 -47.43
N THR I 294 7.93 51.46 -46.29
CA THR I 294 7.32 51.25 -44.98
C THR I 294 7.56 52.46 -44.10
N PRO I 295 6.62 52.78 -43.22
CA PRO I 295 6.72 54.03 -42.46
C PRO I 295 7.86 54.03 -41.48
N THR I 296 8.41 55.21 -41.24
CA THR I 296 9.40 55.42 -40.20
C THR I 296 8.74 56.11 -39.02
N VAL I 297 8.89 55.52 -37.86
CA VAL I 297 8.30 56.00 -36.61
C VAL I 297 9.40 56.62 -35.78
N SER I 298 9.17 57.83 -35.30
CA SER I 298 10.14 58.56 -34.50
C SER I 298 9.46 59.18 -33.30
N ASP I 299 10.28 59.70 -32.40
CA ASP I 299 9.81 60.39 -31.20
C ASP I 299 8.87 59.51 -30.37
N LEU I 300 9.25 58.25 -30.22
CA LEU I 300 8.43 57.32 -29.47
C LEU I 300 8.55 57.57 -27.98
N GLU I 301 7.41 57.68 -27.31
CA GLU I 301 7.40 57.90 -25.86
C GLU I 301 6.28 57.09 -25.24
N CYS I 302 6.64 56.14 -24.37
CA CYS I 302 5.71 55.16 -23.82
C CYS I 302 5.38 55.45 -22.38
N LYS I 303 4.10 55.42 -22.05
CA LYS I 303 3.61 55.58 -20.69
C LYS I 303 2.74 54.39 -20.36
N ILE I 304 3.05 53.74 -19.25
CA ILE I 304 2.22 52.64 -18.79
C ILE I 304 1.08 53.25 -17.98
N THR I 305 -0.13 53.05 -18.45
CA THR I 305 -1.36 53.29 -17.72
C THR I 305 -1.57 52.01 -16.96
N GLU I 306 -2.72 51.82 -16.33
CA GLU I 306 -2.87 50.87 -15.24
C GLU I 306 -2.41 49.47 -15.61
N CYS I 307 -1.63 48.88 -14.71
CA CYS I 307 -1.01 47.59 -14.92
C CYS I 307 -1.11 46.75 -13.67
N THR I 308 -1.14 45.44 -13.88
CA THR I 308 -1.28 44.48 -12.79
C THR I 308 -0.77 43.16 -13.31
N TYR I 309 0.00 42.47 -12.47
CA TYR I 309 0.67 41.25 -12.91
C TYR I 309 -0.27 40.06 -12.81
N ALA I 310 -1.36 40.14 -13.55
CA ALA I 310 -2.28 39.03 -13.62
C ALA I 310 -1.83 38.07 -14.69
N PHE I 311 -2.44 36.90 -14.70
CA PHE I 311 -2.13 35.91 -15.71
C PHE I 311 -2.65 36.33 -17.07
N ASP I 312 -3.73 37.09 -17.12
CA ASP I 312 -4.23 37.55 -18.40
C ASP I 312 -3.54 38.87 -18.71
N PHE I 313 -4.00 39.54 -19.75
CA PHE I 313 -3.37 40.77 -20.22
C PHE I 313 -3.76 41.92 -19.32
N GLY I 314 -3.06 42.00 -18.19
CA GLY I 314 -3.33 42.95 -17.16
C GLY I 314 -2.45 44.18 -17.22
N GLY I 315 -2.14 44.65 -18.41
CA GLY I 315 -1.37 45.85 -18.55
C GLY I 315 -1.77 46.61 -19.78
N ILE I 316 -1.93 47.92 -19.67
CA ILE I 316 -2.26 48.79 -20.80
C ILE I 316 -1.20 49.87 -20.83
N ALA I 317 -0.66 50.12 -22.01
CA ALA I 317 0.31 51.16 -22.20
C ALA I 317 -0.07 51.96 -23.44
N THR I 318 0.37 53.22 -23.47
CA THR I 318 0.12 54.10 -24.59
C THR I 318 1.43 54.70 -25.04
N VAL I 319 1.66 54.72 -26.34
CA VAL I 319 2.87 55.24 -26.93
C VAL I 319 2.50 56.38 -27.86
N ALA I 320 3.15 57.53 -27.70
CA ALA I 320 3.03 58.60 -28.68
C ALA I 320 4.06 58.37 -29.76
N TYR I 321 3.65 58.54 -31.02
CA TYR I 321 4.32 57.85 -32.12
C TYR I 321 4.59 58.72 -33.33
N LYS I 322 4.97 59.99 -33.18
CA LYS I 322 5.04 60.89 -34.33
C LYS I 322 5.81 60.30 -35.51
N SER I 323 5.11 60.14 -36.62
CA SER I 323 5.54 59.28 -37.71
C SER I 323 5.79 60.07 -38.98
N SER I 324 6.13 59.35 -40.06
CA SER I 324 6.30 59.94 -41.38
C SER I 324 5.09 59.74 -42.29
N LYS I 325 4.68 58.50 -42.49
CA LYS I 325 3.53 58.17 -43.33
C LYS I 325 2.63 57.22 -42.58
N ALA I 326 1.49 56.91 -43.19
CA ALA I 326 0.45 56.14 -42.53
C ALA I 326 0.44 54.70 -43.02
N GLY I 327 0.24 53.77 -42.10
CA GLY I 327 0.03 52.40 -42.50
C GLY I 327 0.10 51.47 -41.31
N ASN I 328 0.05 50.18 -41.60
CA ASN I 328 0.15 49.17 -40.57
C ASN I 328 1.61 48.90 -40.29
N CYS I 329 1.90 48.59 -39.02
CA CYS I 329 3.22 48.39 -38.62
C CYS I 329 3.31 47.42 -37.44
N PRO I 330 4.19 46.44 -37.44
CA PRO I 330 4.23 45.48 -36.34
C PRO I 330 4.80 46.05 -35.05
N ILE I 331 4.47 45.40 -33.94
CA ILE I 331 5.03 45.73 -32.64
C ILE I 331 5.40 44.44 -31.92
N HIS I 332 6.52 44.45 -31.23
CA HIS I 332 7.00 43.28 -30.52
C HIS I 332 7.81 43.73 -29.31
N SER I 333 7.78 42.93 -28.25
CA SER I 333 8.60 43.14 -27.06
C SER I 333 9.58 41.99 -26.82
N PRO I 334 10.84 42.08 -27.23
CA PRO I 334 11.71 40.90 -27.19
C PRO I 334 12.27 40.55 -25.83
N SER I 335 12.13 41.42 -24.83
CA SER I 335 12.83 41.21 -23.56
C SER I 335 12.37 39.95 -22.86
N GLY I 336 11.13 39.52 -23.06
CA GLY I 336 10.62 38.37 -22.37
C GLY I 336 10.03 38.63 -21.00
N VAL I 337 10.05 39.87 -20.51
CA VAL I 337 9.34 40.22 -19.28
C VAL I 337 7.92 40.70 -19.54
N ALA I 338 7.57 41.03 -20.78
CA ALA I 338 6.20 41.36 -21.14
C ALA I 338 5.83 40.65 -22.43
N VAL I 339 4.58 40.21 -22.50
CA VAL I 339 4.03 39.57 -23.69
C VAL I 339 2.94 40.48 -24.22
N ILE I 340 3.11 40.96 -25.43
CA ILE I 340 2.19 41.90 -26.03
C ILE I 340 1.03 41.16 -26.66
N LYS I 341 -0.18 41.66 -26.43
CA LYS I 341 -1.36 40.99 -26.98
C LYS I 341 -1.46 41.19 -28.49
N GLU I 342 -1.34 42.42 -28.96
CA GLU I 342 -1.56 42.72 -30.36
C GLU I 342 -0.27 42.71 -31.15
N ASN I 343 -0.41 42.37 -32.43
CA ASN I 343 0.69 42.13 -33.33
C ASN I 343 1.07 43.39 -34.10
N ASP I 344 0.07 44.09 -34.63
CA ASP I 344 0.26 45.26 -35.46
C ASP I 344 -0.53 46.43 -34.92
N VAL I 345 -0.11 47.62 -35.30
CA VAL I 345 -0.83 48.86 -35.03
C VAL I 345 -0.96 49.63 -36.31
N THR I 346 -2.10 50.28 -36.48
CA THR I 346 -2.29 51.21 -37.58
C THR I 346 -1.85 52.59 -37.14
N LEU I 347 -1.00 53.22 -37.94
CA LEU I 347 -0.39 54.48 -37.61
C LEU I 347 -0.84 55.53 -38.60
N ALA I 348 -1.24 56.67 -38.08
CA ALA I 348 -1.44 57.89 -38.82
C ALA I 348 -0.16 58.70 -38.72
N GLU I 349 -0.17 59.94 -39.20
CA GLU I 349 1.04 60.74 -39.25
C GLU I 349 1.58 60.98 -37.85
N SER I 350 0.71 61.25 -36.89
CA SER I 350 1.13 61.40 -35.50
C SER I 350 -0.08 61.17 -34.62
N GLY I 351 0.18 60.96 -33.35
CA GLY I 351 -0.86 60.65 -32.41
C GLY I 351 -0.34 59.72 -31.32
N SER I 352 -1.17 58.74 -30.95
CA SER I 352 -0.80 57.78 -29.93
C SER I 352 -1.57 56.49 -30.20
N PHE I 353 -0.96 55.36 -29.84
CA PHE I 353 -1.64 54.06 -29.90
C PHE I 353 -1.50 53.34 -28.57
N THR I 354 -2.51 52.54 -28.25
CA THR I 354 -2.55 51.80 -27.00
C THR I 354 -2.38 50.32 -27.26
N PHE I 355 -1.58 49.65 -26.43
CA PHE I 355 -1.36 48.22 -26.54
C PHE I 355 -1.47 47.55 -25.19
N HIS I 356 -2.04 46.35 -25.18
CA HIS I 356 -2.13 45.52 -23.98
C HIS I 356 -0.96 44.56 -23.88
N PHE I 357 -0.64 44.19 -22.66
CA PHE I 357 0.46 43.28 -22.39
C PHE I 357 0.25 42.58 -21.07
N SER I 358 0.92 41.46 -20.92
CA SER I 358 0.90 40.67 -19.71
C SER I 358 2.30 40.54 -19.16
N THR I 359 2.42 40.56 -17.84
CA THR I 359 3.73 40.54 -17.21
C THR I 359 3.62 39.95 -15.83
N ALA I 360 4.77 39.55 -15.30
CA ALA I 360 4.87 38.99 -13.98
C ALA I 360 5.64 39.91 -13.05
N ASN I 361 6.34 40.91 -13.60
CA ASN I 361 7.16 41.78 -12.80
C ASN I 361 6.32 42.77 -12.01
N ILE I 362 6.77 43.11 -10.80
CA ILE I 362 6.21 44.27 -10.13
C ILE I 362 6.52 45.53 -10.93
N HIS I 363 7.75 45.64 -11.42
CA HIS I 363 8.16 46.73 -12.29
C HIS I 363 8.47 46.19 -13.67
N PRO I 364 7.57 46.23 -14.61
CA PRO I 364 7.91 45.77 -15.95
C PRO I 364 8.70 46.84 -16.68
N ALA I 365 9.96 46.57 -16.92
CA ALA I 365 10.83 47.42 -17.71
C ALA I 365 11.18 46.65 -18.97
N PHE I 366 10.49 46.97 -20.07
CA PHE I 366 10.61 46.21 -21.29
C PHE I 366 10.70 47.13 -22.48
N LYS I 367 11.43 46.65 -23.48
CA LYS I 367 11.66 47.38 -24.70
C LYS I 367 10.64 46.91 -25.73
N LEU I 368 9.96 47.85 -26.35
CA LEU I 368 8.96 47.57 -27.36
C LEU I 368 9.54 48.01 -28.69
N GLN I 369 9.57 47.10 -29.64
CA GLN I 369 10.11 47.35 -30.96
C GLN I 369 8.93 47.65 -31.84
N VAL I 370 8.73 48.90 -32.16
CA VAL I 370 7.74 49.30 -33.15
C VAL I 370 8.45 49.54 -34.46
N CYS I 371 7.95 48.87 -35.48
CA CYS I 371 8.38 48.96 -36.85
C CYS I 371 9.87 48.67 -36.87
N THR I 372 10.75 49.67 -36.87
CA THR I 372 12.18 49.51 -36.69
C THR I 372 12.67 50.06 -35.37
N SER I 373 12.21 51.25 -34.98
CA SER I 373 12.70 51.92 -33.80
C SER I 373 12.09 51.30 -32.55
N ALA I 374 12.68 51.61 -31.41
CA ALA I 374 12.35 50.97 -30.15
C ALA I 374 12.10 52.03 -29.08
N VAL I 375 11.21 51.69 -28.15
CA VAL I 375 10.89 52.54 -27.02
C VAL I 375 10.91 51.71 -25.76
N THR I 376 11.50 52.24 -24.70
CA THR I 376 11.54 51.53 -23.42
C THR I 376 10.35 51.97 -22.57
N CYS I 377 9.61 50.99 -22.06
CA CYS I 377 8.47 51.21 -21.19
C CYS I 377 8.78 50.69 -19.80
N LYS I 378 8.56 51.53 -18.79
CA LYS I 378 8.71 51.14 -17.40
C LYS I 378 7.53 51.65 -16.62
N GLY I 379 7.21 50.96 -15.53
CA GLY I 379 6.09 51.35 -14.71
C GLY I 379 6.00 50.46 -13.50
N ASP I 380 4.89 50.57 -12.79
CA ASP I 380 4.63 49.83 -11.56
C ASP I 380 3.36 49.04 -11.74
N CYS I 381 3.30 47.87 -11.10
CA CYS I 381 2.14 47.00 -11.24
C CYS I 381 1.66 46.49 -9.90
N LYS I 382 0.39 46.35 -9.79
CA LYS I 382 -0.35 45.98 -8.60
C LYS I 382 -0.68 44.49 -8.62
N PRO I 383 -0.85 43.86 -7.46
CA PRO I 383 -1.21 42.45 -7.44
C PRO I 383 -2.58 42.22 -8.05
N PRO I 384 -2.81 41.07 -8.69
CA PRO I 384 -4.17 40.72 -9.08
C PRO I 384 -4.98 40.28 -7.88
N LYS I 385 -6.25 40.67 -7.86
CA LYS I 385 -7.10 40.31 -6.73
C LYS I 385 -7.56 38.87 -6.80
N ASP I 386 -7.83 38.35 -7.99
CA ASP I 386 -8.38 37.01 -8.13
C ASP I 386 -7.36 35.96 -7.74
N HIS I 387 -7.76 35.04 -6.89
CA HIS I 387 -6.83 34.07 -6.34
C HIS I 387 -6.59 32.92 -7.30
N ILE I 388 -7.66 32.29 -7.77
CA ILE I 388 -7.60 31.13 -8.64
C ILE I 388 -8.31 31.47 -9.94
N VAL I 389 -7.63 31.24 -11.05
CA VAL I 389 -8.12 31.57 -12.37
C VAL I 389 -8.28 30.28 -13.16
N ASP I 390 -9.00 30.38 -14.27
CA ASP I 390 -9.28 29.23 -15.11
C ASP I 390 -8.48 29.20 -16.41
N TYR I 391 -7.42 30.00 -16.53
CA TYR I 391 -6.54 29.95 -17.68
C TYR I 391 -5.08 29.95 -17.27
N PRO I 392 -4.21 29.30 -18.04
CA PRO I 392 -2.79 29.32 -17.71
C PRO I 392 -2.22 30.73 -17.79
N ALA I 393 -1.03 30.90 -17.22
CA ALA I 393 -0.36 32.18 -17.27
C ALA I 393 0.21 32.42 -18.66
N GLN I 394 0.16 33.65 -19.10
CA GLN I 394 0.62 34.04 -20.43
C GLN I 394 2.05 34.53 -20.43
N HIS I 395 2.74 34.45 -19.30
CA HIS I 395 4.05 35.01 -19.13
C HIS I 395 4.88 33.99 -18.38
N THR I 396 6.11 34.35 -18.06
CA THR I 396 6.98 33.50 -17.26
C THR I 396 7.66 34.33 -16.20
N GLU I 397 7.73 33.79 -14.98
CA GLU I 397 8.50 34.42 -13.93
C GLU I 397 9.98 34.15 -14.13
N SER I 398 10.82 34.99 -13.49
CA SER I 398 12.26 34.90 -13.71
C SER I 398 13.10 35.00 -12.45
N PHE I 399 12.54 34.87 -11.26
CA PHE I 399 13.22 34.90 -9.95
C PHE I 399 13.61 36.33 -9.57
N THR I 400 13.34 37.31 -10.43
CA THR I 400 13.50 38.72 -10.14
C THR I 400 12.20 39.47 -10.33
N SER I 401 11.13 38.77 -10.74
CA SER I 401 9.86 39.39 -11.04
C SER I 401 9.13 39.92 -9.82
N ALA I 402 9.59 39.61 -8.62
CA ALA I 402 8.90 40.04 -7.42
C ALA I 402 9.69 40.99 -6.55
N ILE I 403 10.97 41.23 -6.87
CA ILE I 403 11.86 41.90 -5.93
C ILE I 403 11.34 43.29 -5.57
N SER I 404 10.98 44.09 -6.57
CA SER I 404 10.43 45.41 -6.34
C SER I 404 11.46 46.38 -5.77
N ALA I 405 11.19 47.68 -5.94
CA ALA I 405 12.20 48.69 -5.68
C ALA I 405 12.60 48.72 -4.22
N THR I 406 11.64 48.58 -3.31
CA THR I 406 11.96 48.66 -1.90
C THR I 406 12.86 47.50 -1.50
N ALA I 407 12.52 46.29 -1.93
CA ALA I 407 13.30 45.16 -1.48
C ALA I 407 14.65 45.17 -2.15
N TRP I 408 14.75 45.71 -3.37
CA TRP I 408 16.05 45.88 -3.98
C TRP I 408 16.89 46.82 -3.14
N SER I 409 16.30 47.91 -2.69
CA SER I 409 17.04 48.88 -1.90
C SER I 409 17.47 48.26 -0.59
N TRP I 410 16.64 47.41 -0.02
CA TRP I 410 17.05 46.71 1.20
C TRP I 410 18.22 45.77 0.96
N ILE I 411 18.15 44.89 -0.05
CA ILE I 411 19.30 44.01 -0.28
C ILE I 411 20.54 44.85 -0.56
N LYS I 412 20.37 45.98 -1.24
CA LYS I 412 21.49 46.89 -1.42
C LYS I 412 22.02 47.35 -0.08
N VAL I 413 21.20 48.01 0.73
CA VAL I 413 21.66 48.53 2.00
C VAL I 413 22.28 47.46 2.88
N LEU I 414 21.73 46.26 2.90
CA LEU I 414 22.31 45.18 3.71
C LEU I 414 23.70 44.76 3.19
N VAL I 415 23.77 44.40 1.91
CA VAL I 415 25.03 43.95 1.31
C VAL I 415 26.07 45.04 1.43
N GLY I 416 25.69 46.27 1.12
CA GLY I 416 26.59 47.39 1.24
C GLY I 416 27.04 47.59 2.66
N GLY I 417 26.14 47.37 3.62
CA GLY I 417 26.51 47.55 5.01
C GLY I 417 27.58 46.57 5.44
N THR I 418 27.38 45.29 5.13
CA THR I 418 28.43 44.33 5.46
C THR I 418 29.71 44.66 4.72
N SER I 419 29.61 44.97 3.43
CA SER I 419 30.80 45.21 2.65
C SER I 419 31.57 46.40 3.17
N ALA I 420 30.86 47.49 3.44
CA ALA I 420 31.53 48.67 3.96
C ALA I 420 32.14 48.40 5.32
N PHE I 421 31.45 47.67 6.19
CA PHE I 421 32.05 47.40 7.49
C PHE I 421 33.33 46.56 7.37
N ILE I 422 33.32 45.53 6.53
CA ILE I 422 34.52 44.72 6.36
C ILE I 422 35.60 45.52 5.68
N VAL I 423 35.25 46.36 4.73
CA VAL I 423 36.28 47.10 4.02
C VAL I 423 36.84 48.18 4.92
N LEU I 424 36.04 48.70 5.84
CA LEU I 424 36.57 49.65 6.80
C LEU I 424 37.48 48.96 7.78
N GLY I 425 37.17 47.73 8.14
CA GLY I 425 38.07 46.98 8.99
C GLY I 425 39.40 46.70 8.33
N LEU I 426 39.38 46.31 7.06
CA LEU I 426 40.63 46.05 6.37
C LEU I 426 41.41 47.33 6.14
N ILE I 427 40.72 48.44 5.89
CA ILE I 427 41.44 49.68 5.73
C ILE I 427 42.01 50.14 7.07
N ALA I 428 41.32 49.84 8.17
CA ALA I 428 41.85 50.17 9.48
C ALA I 428 43.09 49.36 9.79
N THR I 429 43.07 48.08 9.42
CA THR I 429 44.25 47.25 9.61
C THR I 429 45.40 47.79 8.78
N ALA I 430 45.14 48.18 7.56
CA ALA I 430 46.24 48.72 6.78
C ALA I 430 46.78 49.99 7.40
N VAL I 431 45.91 50.85 7.92
CA VAL I 431 46.40 52.10 8.47
C VAL I 431 47.21 51.85 9.73
N VAL I 432 46.81 50.88 10.55
CA VAL I 432 47.59 50.60 11.75
C VAL I 432 48.95 50.07 11.35
N ALA I 433 48.99 49.18 10.36
CA ALA I 433 50.26 48.62 9.96
C ALA I 433 51.19 49.70 9.47
N LEU I 434 50.68 50.63 8.69
CA LEU I 434 51.53 51.67 8.17
C LEU I 434 52.01 52.59 9.28
N VAL I 435 51.15 52.91 10.23
CA VAL I 435 51.59 53.83 11.27
C VAL I 435 52.63 53.19 12.17
N LEU I 436 52.50 51.90 12.45
CA LEU I 436 53.54 51.22 13.22
C LEU I 436 54.85 51.17 12.47
N PHE I 437 54.79 50.85 11.18
CA PHE I 437 56.03 50.76 10.43
C PHE I 437 56.74 52.10 10.39
N PHE I 438 56.00 53.18 10.20
CA PHE I 438 56.68 54.46 10.17
C PHE I 438 57.18 54.87 11.54
N HIS I 439 56.58 54.35 12.61
CA HIS I 439 57.17 54.62 13.92
C HIS I 439 58.53 53.99 13.99
N ARG I 440 58.60 52.70 13.65
CA ARG I 440 59.82 51.96 13.93
C ARG I 440 60.94 52.42 13.02
N HIS I 441 60.74 52.31 11.71
CA HIS I 441 61.73 52.71 10.74
C HIS I 441 61.57 54.18 10.37
N ASP J 1 -34.37 -11.61 -40.57
CA ASP J 1 -33.58 -11.15 -39.40
C ASP J 1 -33.99 -11.91 -38.14
N LEU J 2 -35.08 -11.49 -37.52
CA LEU J 2 -35.63 -12.26 -36.40
C LEU J 2 -36.09 -13.64 -36.88
N ASP J 3 -36.82 -13.68 -38.00
CA ASP J 3 -37.38 -14.93 -38.51
C ASP J 3 -36.31 -15.97 -38.76
N THR J 4 -35.20 -15.60 -39.40
CA THR J 4 -34.19 -16.62 -39.75
C THR J 4 -33.53 -17.20 -38.51
N HIS J 5 -33.18 -16.35 -37.55
CA HIS J 5 -32.49 -16.84 -36.38
C HIS J 5 -33.44 -17.59 -35.46
N PHE J 6 -34.74 -17.29 -35.52
CA PHE J 6 -35.69 -18.05 -34.73
C PHE J 6 -36.07 -19.36 -35.39
N THR J 7 -35.98 -19.40 -36.71
CA THR J 7 -36.21 -20.62 -37.45
C THR J 7 -34.97 -21.48 -37.47
N GLN J 8 -33.88 -21.02 -36.88
CA GLN J 8 -32.72 -21.88 -36.75
C GLN J 8 -32.76 -22.70 -35.48
N TYR J 9 -33.71 -22.41 -34.59
CA TYR J 9 -33.83 -23.09 -33.32
C TYR J 9 -34.85 -24.22 -33.35
N LYS J 10 -35.30 -24.64 -34.54
CA LYS J 10 -36.18 -25.79 -34.61
C LYS J 10 -35.42 -27.10 -34.63
N LEU J 11 -34.10 -27.06 -34.64
CA LEU J 11 -33.29 -28.25 -34.53
C LEU J 11 -33.04 -28.65 -33.09
N ALA J 12 -33.40 -27.80 -32.15
CA ALA J 12 -33.18 -28.01 -30.73
C ALA J 12 -34.49 -28.28 -30.04
N ARG J 13 -34.41 -28.90 -28.88
CA ARG J 13 -35.55 -29.15 -28.04
C ARG J 13 -35.20 -28.80 -26.61
N PRO J 14 -36.17 -28.39 -25.81
CA PRO J 14 -35.89 -28.20 -24.40
C PRO J 14 -35.55 -29.53 -23.74
N TYR J 15 -35.08 -29.47 -22.50
CA TYR J 15 -34.70 -30.67 -21.80
C TYR J 15 -34.94 -30.51 -20.32
N ILE J 16 -35.01 -31.64 -19.63
CA ILE J 16 -35.20 -31.70 -18.20
C ILE J 16 -33.86 -31.97 -17.55
N ALA J 17 -33.41 -31.02 -16.74
CA ALA J 17 -32.10 -31.08 -16.12
C ALA J 17 -32.23 -30.83 -14.63
N ASP J 18 -31.32 -31.43 -13.89
CA ASP J 18 -31.35 -31.32 -12.44
C ASP J 18 -31.15 -29.90 -11.99
N CYS J 19 -31.95 -29.46 -11.02
CA CYS J 19 -31.80 -28.11 -10.51
C CYS J 19 -31.92 -28.06 -9.00
N PRO J 20 -31.09 -27.25 -8.33
CA PRO J 20 -31.00 -27.34 -6.87
C PRO J 20 -32.26 -27.03 -6.09
N ASN J 21 -32.86 -25.89 -6.35
CA ASN J 21 -33.98 -25.36 -5.60
C ASN J 21 -35.19 -25.27 -6.51
N CYS J 22 -36.12 -26.18 -6.33
CA CYS J 22 -37.33 -26.22 -7.13
C CYS J 22 -38.50 -25.60 -6.39
N GLY J 23 -38.28 -25.06 -5.19
CA GLY J 23 -39.32 -24.95 -4.22
C GLY J 23 -39.04 -25.88 -3.06
N HIS J 24 -39.85 -26.93 -2.97
CA HIS J 24 -39.72 -27.92 -1.91
C HIS J 24 -38.28 -28.43 -1.81
N SER J 25 -37.75 -29.01 -2.89
CA SER J 25 -36.45 -29.66 -2.80
C SER J 25 -35.75 -29.54 -4.12
N ARG J 26 -34.67 -30.31 -4.29
CA ARG J 26 -33.93 -30.43 -5.53
C ARG J 26 -34.65 -31.33 -6.51
N CYS J 27 -34.77 -30.89 -7.77
CA CYS J 27 -35.71 -31.55 -8.67
C CYS J 27 -34.98 -31.87 -9.97
N ASP J 28 -35.73 -32.34 -10.93
CA ASP J 28 -35.33 -32.41 -12.33
C ASP J 28 -36.30 -31.50 -13.06
N SER J 29 -35.89 -30.33 -13.34
CA SER J 29 -36.83 -29.31 -13.75
C SER J 29 -36.76 -29.10 -15.26
N PRO J 30 -37.86 -28.65 -15.87
CA PRO J 30 -37.80 -28.22 -17.27
C PRO J 30 -37.32 -26.80 -17.48
N ILE J 31 -36.99 -26.06 -16.43
CA ILE J 31 -36.53 -24.69 -16.55
C ILE J 31 -35.18 -24.54 -15.85
N ALA J 32 -34.42 -25.62 -15.77
CA ALA J 32 -33.17 -25.59 -15.02
C ALA J 32 -32.23 -24.57 -15.61
N ILE J 33 -31.67 -23.73 -14.73
CA ILE J 33 -30.83 -22.62 -15.15
C ILE J 33 -29.41 -23.15 -15.36
N GLU J 34 -28.92 -23.04 -16.58
CA GLU J 34 -27.61 -23.56 -16.92
C GLU J 34 -26.50 -22.58 -16.60
N GLU J 35 -26.68 -21.32 -16.94
CA GLU J 35 -25.66 -20.31 -16.77
C GLU J 35 -26.35 -18.98 -16.66
N VAL J 36 -25.86 -18.14 -15.76
CA VAL J 36 -26.26 -16.75 -15.69
C VAL J 36 -25.03 -15.92 -15.96
N ARG J 37 -25.15 -14.98 -16.90
CA ARG J 37 -24.10 -14.04 -17.23
C ARG J 37 -24.51 -12.67 -16.74
N GLY J 38 -23.71 -12.08 -15.87
CA GLY J 38 -24.08 -10.88 -15.19
C GLY J 38 -22.97 -9.86 -15.17
N ASP J 39 -22.14 -9.86 -16.21
CA ASP J 39 -21.00 -8.96 -16.29
C ASP J 39 -21.29 -7.74 -17.17
N ALA J 40 -22.53 -7.50 -17.53
CA ALA J 40 -22.89 -6.27 -18.21
C ALA J 40 -23.13 -5.17 -17.20
N HIS J 41 -23.36 -3.97 -17.72
CA HIS J 41 -23.63 -2.82 -16.89
C HIS J 41 -25.12 -2.62 -16.74
N ALA J 42 -25.48 -1.77 -15.80
CA ALA J 42 -26.86 -1.38 -15.57
C ALA J 42 -27.74 -2.56 -15.21
N GLY J 43 -27.15 -3.61 -14.65
CA GLY J 43 -27.95 -4.69 -14.13
C GLY J 43 -28.74 -5.47 -15.14
N VAL J 44 -28.16 -5.69 -16.31
CA VAL J 44 -28.77 -6.51 -17.34
C VAL J 44 -28.06 -7.85 -17.36
N ILE J 45 -28.82 -8.93 -17.30
CA ILE J 45 -28.28 -10.27 -17.18
C ILE J 45 -28.91 -11.18 -18.21
N ARG J 46 -28.18 -12.24 -18.57
CA ARG J 46 -28.61 -13.23 -19.55
C ARG J 46 -28.64 -14.60 -18.88
N ILE J 47 -29.81 -15.21 -18.84
CA ILE J 47 -30.03 -16.49 -18.19
C ILE J 47 -30.27 -17.52 -19.26
N GLN J 48 -29.43 -18.55 -19.29
CA GLN J 48 -29.66 -19.71 -20.12
C GLN J 48 -30.39 -20.77 -19.31
N THR J 49 -31.54 -21.19 -19.81
CA THR J 49 -32.39 -22.18 -19.20
C THR J 49 -32.49 -23.38 -20.11
N SER J 50 -33.23 -24.38 -19.65
CA SER J 50 -33.45 -25.61 -20.39
C SER J 50 -34.75 -25.59 -21.18
N ALA J 51 -35.46 -24.48 -21.23
CA ALA J 51 -36.73 -24.41 -21.94
C ALA J 51 -36.60 -23.44 -23.10
N MET J 52 -37.13 -23.83 -24.25
CA MET J 52 -37.16 -22.97 -25.41
C MET J 52 -38.23 -21.91 -25.24
N PHE J 53 -37.91 -20.70 -25.68
CA PHE J 53 -38.82 -19.57 -25.60
C PHE J 53 -39.08 -19.04 -27.00
N GLY J 54 -40.33 -18.70 -27.26
CA GLY J 54 -40.66 -18.19 -28.56
C GLY J 54 -40.83 -19.24 -29.63
N LEU J 55 -40.83 -20.50 -29.26
CA LEU J 55 -40.95 -21.61 -30.18
C LEU J 55 -42.22 -22.40 -29.93
N LYS J 56 -42.74 -22.95 -31.01
CA LYS J 56 -43.85 -23.88 -31.02
C LYS J 56 -43.33 -25.17 -31.61
N THR J 57 -43.88 -26.29 -31.14
CA THR J 57 -43.47 -27.61 -31.62
C THR J 57 -43.48 -27.70 -33.16
N ASP J 58 -44.32 -26.90 -33.82
CA ASP J 58 -44.35 -26.84 -35.28
C ASP J 58 -43.66 -25.62 -35.86
N GLY J 59 -43.56 -24.51 -35.11
CA GLY J 59 -43.11 -23.27 -35.71
C GLY J 59 -42.62 -22.28 -34.68
N VAL J 60 -42.38 -21.05 -35.15
CA VAL J 60 -41.94 -19.95 -34.30
C VAL J 60 -43.13 -19.06 -34.00
N ASP J 61 -43.21 -18.57 -32.77
CA ASP J 61 -44.18 -17.54 -32.41
C ASP J 61 -43.70 -16.90 -31.13
N LEU J 62 -43.51 -15.58 -31.13
CA LEU J 62 -42.97 -14.97 -29.92
C LEU J 62 -44.05 -14.68 -28.90
N ALA J 63 -44.84 -15.66 -28.52
CA ALA J 63 -45.49 -15.65 -27.23
C ALA J 63 -45.46 -17.00 -26.56
N TYR J 64 -44.80 -18.00 -27.14
CA TYR J 64 -44.97 -19.38 -26.77
C TYR J 64 -43.65 -19.94 -26.31
N MET J 65 -43.66 -20.62 -25.18
CA MET J 65 -42.53 -21.38 -24.67
C MET J 65 -42.77 -22.86 -24.92
N SER J 66 -41.69 -23.60 -24.99
CA SER J 66 -41.72 -25.04 -25.15
C SER J 66 -40.84 -25.69 -24.09
N PHE J 67 -41.35 -26.75 -23.48
CA PHE J 67 -40.63 -27.44 -22.43
C PHE J 67 -41.10 -28.88 -22.38
N MET J 68 -40.28 -29.74 -21.80
CA MET J 68 -40.59 -31.15 -21.74
C MET J 68 -41.41 -31.46 -20.50
N ASN J 69 -42.57 -32.06 -20.70
CA ASN J 69 -43.29 -32.76 -19.63
C ASN J 69 -42.97 -34.24 -19.59
N GLY J 70 -41.71 -34.61 -19.43
CA GLY J 70 -41.35 -36.01 -19.63
C GLY J 70 -40.63 -36.16 -20.94
N LYS J 71 -41.34 -36.74 -21.90
CA LYS J 71 -40.89 -36.88 -23.27
C LYS J 71 -41.88 -36.21 -24.22
N THR J 72 -42.71 -35.32 -23.70
CA THR J 72 -43.85 -34.77 -24.42
C THR J 72 -43.46 -33.60 -25.32
N GLN J 73 -42.52 -32.75 -24.92
CA GLN J 73 -42.26 -31.49 -25.61
C GLN J 73 -43.55 -30.69 -25.76
N LYS J 74 -44.13 -30.33 -24.62
CA LYS J 74 -45.37 -29.59 -24.64
C LYS J 74 -45.07 -28.11 -24.70
N SER J 75 -45.92 -27.38 -25.42
CA SER J 75 -45.79 -25.96 -25.67
C SER J 75 -46.96 -25.20 -25.07
N ILE J 76 -46.68 -24.07 -24.44
CA ILE J 76 -47.72 -23.21 -23.90
C ILE J 76 -47.43 -21.76 -24.27
N LYS J 77 -48.43 -20.93 -24.02
CA LYS J 77 -48.32 -19.48 -24.11
C LYS J 77 -47.69 -18.97 -22.83
N ILE J 78 -46.84 -17.96 -22.93
CA ILE J 78 -46.02 -17.60 -21.79
C ILE J 78 -46.97 -17.04 -20.74
N ASP J 79 -47.16 -17.79 -19.66
CA ASP J 79 -48.19 -17.41 -18.70
C ASP J 79 -47.70 -16.30 -17.77
N ASN J 80 -46.64 -16.57 -17.01
CA ASN J 80 -45.91 -15.53 -16.29
C ASN J 80 -44.49 -15.36 -16.76
N LEU J 81 -43.73 -16.45 -16.84
CA LEU J 81 -42.32 -16.43 -17.21
C LEU J 81 -41.56 -15.37 -16.43
N HIS J 82 -41.54 -15.53 -15.12
CA HIS J 82 -40.98 -14.52 -14.26
C HIS J 82 -39.55 -14.86 -13.85
N VAL J 83 -38.72 -13.83 -13.83
CA VAL J 83 -37.34 -13.87 -13.39
C VAL J 83 -37.22 -12.95 -12.19
N ARG J 84 -36.62 -13.43 -11.10
CA ARG J 84 -36.49 -12.62 -9.91
C ARG J 84 -35.18 -12.90 -9.21
N THR J 85 -34.41 -11.85 -8.89
CA THR J 85 -33.26 -12.06 -8.01
C THR J 85 -33.56 -11.80 -6.54
N SER J 86 -34.00 -10.60 -6.23
CA SER J 86 -34.60 -10.26 -4.95
C SER J 86 -35.89 -9.49 -5.09
N ALA J 87 -36.14 -8.88 -6.24
CA ALA J 87 -37.41 -8.34 -6.66
C ALA J 87 -37.60 -8.81 -8.09
N PRO J 88 -38.82 -8.79 -8.60
CA PRO J 88 -39.02 -9.24 -9.98
C PRO J 88 -38.20 -8.42 -10.97
N CYS J 89 -37.71 -9.10 -11.99
CA CYS J 89 -36.94 -8.50 -13.05
C CYS J 89 -37.83 -8.26 -14.26
N SER J 90 -37.34 -7.41 -15.14
CA SER J 90 -38.05 -6.97 -16.33
C SER J 90 -37.58 -7.77 -17.52
N LEU J 91 -38.45 -8.55 -18.11
CA LEU J 91 -38.02 -9.42 -19.20
C LEU J 91 -37.78 -8.55 -20.42
N VAL J 92 -36.50 -8.26 -20.68
CA VAL J 92 -36.16 -7.48 -21.86
C VAL J 92 -36.39 -8.30 -23.12
N SER J 93 -36.00 -9.56 -23.12
CA SER J 93 -36.30 -10.41 -24.26
C SER J 93 -36.19 -11.87 -23.88
N HIS J 94 -36.71 -12.73 -24.74
CA HIS J 94 -36.54 -14.16 -24.59
C HIS J 94 -36.48 -14.81 -25.96
N HIS J 95 -35.42 -15.55 -26.20
CA HIS J 95 -35.15 -16.14 -27.50
C HIS J 95 -34.42 -17.44 -27.27
N GLY J 96 -34.95 -18.53 -27.80
CA GLY J 96 -34.29 -19.79 -27.63
C GLY J 96 -34.19 -20.17 -26.18
N TYR J 97 -33.03 -20.71 -25.82
CA TYR J 97 -32.77 -21.06 -24.44
C TYR J 97 -32.60 -19.85 -23.55
N TYR J 98 -32.44 -18.66 -24.10
CA TYR J 98 -31.92 -17.54 -23.36
C TYR J 98 -33.02 -16.54 -23.03
N ILE J 99 -32.87 -15.87 -21.89
CA ILE J 99 -33.70 -14.74 -21.52
C ILE J 99 -32.81 -13.60 -21.07
N LEU J 100 -33.19 -12.40 -21.45
CA LEU J 100 -32.47 -11.17 -21.16
C LEU J 100 -33.35 -10.37 -20.23
N ALA J 101 -32.82 -10.01 -19.06
CA ALA J 101 -33.62 -9.37 -18.05
C ALA J 101 -32.84 -8.28 -17.36
N GLN J 102 -33.54 -7.22 -16.96
CA GLN J 102 -32.98 -6.20 -16.09
C GLN J 102 -33.30 -6.54 -14.64
N CYS J 103 -32.27 -6.70 -13.82
CA CYS J 103 -32.43 -7.28 -12.49
C CYS J 103 -31.85 -6.40 -11.40
N PRO J 104 -32.46 -6.35 -10.22
CA PRO J 104 -31.80 -5.73 -9.08
C PRO J 104 -30.69 -6.59 -8.51
N PRO J 105 -29.80 -6.02 -7.70
CA PRO J 105 -28.78 -6.83 -7.03
C PRO J 105 -29.40 -7.90 -6.16
N GLY J 106 -28.77 -9.08 -6.16
CA GLY J 106 -29.30 -10.16 -5.36
C GLY J 106 -28.31 -11.28 -5.17
N ASP J 107 -28.73 -12.26 -4.38
CA ASP J 107 -27.94 -13.43 -4.02
C ASP J 107 -28.51 -14.71 -4.58
N THR J 108 -29.63 -14.66 -5.28
CA THR J 108 -30.25 -15.79 -5.95
C THR J 108 -30.70 -15.31 -7.32
N VAL J 109 -30.92 -16.24 -8.23
CA VAL J 109 -31.65 -15.98 -9.47
C VAL J 109 -32.67 -17.08 -9.66
N THR J 110 -33.94 -16.72 -9.69
CA THR J 110 -35.03 -17.67 -9.85
C THR J 110 -35.79 -17.40 -11.14
N VAL J 111 -36.05 -18.46 -11.89
CA VAL J 111 -36.81 -18.39 -13.13
C VAL J 111 -37.96 -19.37 -13.03
N GLY J 112 -39.15 -18.95 -13.43
CA GLY J 112 -40.28 -19.84 -13.30
C GLY J 112 -41.41 -19.51 -14.26
N PHE J 113 -42.34 -20.44 -14.35
CA PHE J 113 -43.46 -20.30 -15.27
C PHE J 113 -44.62 -21.18 -14.84
N HIS J 114 -45.79 -20.83 -15.36
CA HIS J 114 -47.06 -21.48 -15.05
C HIS J 114 -47.54 -22.27 -16.26
N ASP J 115 -47.84 -23.54 -16.05
CA ASP J 115 -48.62 -24.35 -16.97
C ASP J 115 -49.94 -24.66 -16.28
N GLY J 116 -50.93 -23.80 -16.49
CA GLY J 116 -52.20 -23.92 -15.83
C GLY J 116 -52.03 -23.98 -14.33
N PRO J 117 -52.52 -25.04 -13.67
CA PRO J 117 -52.34 -25.12 -12.21
C PRO J 117 -50.90 -25.29 -11.78
N ASN J 118 -50.03 -25.83 -12.64
CA ASN J 118 -48.69 -26.24 -12.23
C ASN J 118 -47.72 -25.07 -12.34
N ARG J 119 -46.81 -24.98 -11.37
CA ARG J 119 -45.80 -23.94 -11.32
C ARG J 119 -44.43 -24.58 -11.28
N HIS J 120 -43.61 -24.28 -12.27
CA HIS J 120 -42.27 -24.81 -12.41
C HIS J 120 -41.27 -23.69 -12.22
N THR J 121 -40.45 -23.79 -11.19
CA THR J 121 -39.60 -22.72 -10.69
C THR J 121 -38.24 -23.28 -10.33
N CYS J 122 -37.17 -22.55 -10.65
CA CYS J 122 -35.81 -22.99 -10.37
C CYS J 122 -34.93 -21.83 -9.94
N THR J 123 -34.31 -21.96 -8.76
CA THR J 123 -33.40 -20.98 -8.18
C THR J 123 -31.96 -21.48 -8.16
N VAL J 124 -31.02 -20.65 -8.59
CA VAL J 124 -29.59 -20.91 -8.40
C VAL J 124 -29.00 -19.76 -7.60
N ALA J 125 -27.76 -19.95 -7.13
CA ALA J 125 -27.27 -19.00 -6.14
C ALA J 125 -26.73 -17.70 -6.74
N HIS J 126 -25.70 -17.76 -7.55
CA HIS J 126 -25.37 -16.75 -8.57
C HIS J 126 -25.52 -15.28 -8.16
N LYS J 127 -24.78 -14.83 -7.15
CA LYS J 127 -24.95 -13.43 -6.73
C LYS J 127 -24.80 -12.48 -7.92
N VAL J 128 -25.79 -11.60 -8.06
CA VAL J 128 -25.92 -10.66 -9.16
C VAL J 128 -25.58 -9.28 -8.64
N GLU J 129 -24.62 -8.64 -9.25
CA GLU J 129 -24.14 -7.34 -8.84
C GLU J 129 -24.61 -6.32 -9.85
N PHE J 130 -25.15 -5.22 -9.35
CA PHE J 130 -25.39 -4.07 -10.19
C PHE J 130 -24.06 -3.38 -10.40
N ARG J 131 -23.75 -3.07 -11.66
CA ARG J 131 -22.43 -2.58 -12.07
C ARG J 131 -22.64 -1.19 -12.65
N PRO J 132 -22.49 -0.14 -11.85
CA PRO J 132 -22.52 1.20 -12.44
C PRO J 132 -21.40 1.42 -13.41
N VAL J 133 -21.68 2.23 -14.42
CA VAL J 133 -20.67 2.71 -15.34
C VAL J 133 -20.34 4.14 -14.98
N GLY J 134 -19.06 4.40 -14.78
CA GLY J 134 -18.54 5.73 -14.56
C GLY J 134 -17.91 5.83 -13.18
N ARG J 135 -17.95 7.05 -12.65
CA ARG J 135 -17.28 7.35 -11.40
C ARG J 135 -18.24 7.73 -10.29
N GLU J 136 -19.51 7.36 -10.40
CA GLU J 136 -20.49 7.50 -9.34
C GLU J 136 -21.22 6.19 -9.17
N LYS J 137 -21.32 5.72 -7.94
CA LYS J 137 -21.93 4.44 -7.65
C LYS J 137 -23.43 4.63 -7.39
N TYR J 138 -24.16 4.76 -8.47
CA TYR J 138 -25.62 4.79 -8.42
C TYR J 138 -26.18 3.39 -8.43
N ARG J 139 -27.34 3.21 -7.80
CA ARG J 139 -27.91 1.88 -7.65
C ARG J 139 -28.96 1.49 -8.69
N HIS J 140 -29.63 2.45 -9.31
CA HIS J 140 -30.61 2.25 -10.36
C HIS J 140 -30.29 3.23 -11.47
N PRO J 141 -30.47 2.91 -12.75
CA PRO J 141 -29.98 3.79 -13.78
C PRO J 141 -30.71 5.13 -13.78
N PRO J 142 -29.97 6.23 -13.85
CA PRO J 142 -30.58 7.55 -13.73
C PRO J 142 -31.37 7.96 -14.96
N GLU J 143 -32.27 8.92 -14.74
CA GLU J 143 -33.11 9.42 -15.82
C GLU J 143 -32.41 10.46 -16.68
N HIS J 144 -31.49 11.23 -16.12
CA HIS J 144 -30.65 12.14 -16.87
C HIS J 144 -29.20 11.88 -16.49
N GLY J 145 -28.29 12.60 -17.13
CA GLY J 145 -26.89 12.52 -16.81
C GLY J 145 -25.99 12.61 -18.01
N VAL J 146 -25.00 11.72 -18.12
CA VAL J 146 -24.08 11.71 -19.23
C VAL J 146 -24.05 10.32 -19.84
N GLU J 147 -24.07 10.28 -21.16
CA GLU J 147 -23.99 9.02 -21.87
C GLU J 147 -22.55 8.56 -21.95
N LEU J 148 -22.23 7.47 -21.25
CA LEU J 148 -20.90 6.90 -21.26
C LEU J 148 -20.93 5.51 -21.90
N PRO J 149 -19.84 5.09 -22.56
CA PRO J 149 -19.77 3.73 -23.09
C PRO J 149 -19.87 2.68 -22.01
N CYS J 150 -20.51 1.57 -22.35
CA CYS J 150 -20.85 0.54 -21.40
C CYS J 150 -21.17 -0.74 -22.13
N ASN J 151 -21.17 -1.83 -21.38
CA ASN J 151 -21.33 -3.16 -21.93
C ASN J 151 -22.76 -3.62 -21.69
N ARG J 152 -23.45 -3.97 -22.76
CA ARG J 152 -24.82 -4.40 -22.69
C ARG J 152 -25.00 -5.59 -23.59
N TYR J 153 -25.98 -6.41 -23.29
CA TYR J 153 -26.37 -7.47 -24.17
C TYR J 153 -27.34 -6.91 -25.19
N THR J 154 -27.06 -7.15 -26.46
CA THR J 154 -27.94 -6.70 -27.50
C THR J 154 -29.26 -7.42 -27.42
N HIS J 155 -30.31 -6.81 -27.97
CA HIS J 155 -31.62 -7.39 -27.81
C HIS J 155 -32.10 -8.15 -29.03
N LYS J 156 -31.51 -7.93 -30.21
CA LYS J 156 -31.80 -8.79 -31.35
C LYS J 156 -30.63 -9.63 -31.83
N ARG J 157 -29.49 -9.01 -32.13
CA ARG J 157 -28.44 -9.74 -32.82
C ARG J 157 -27.17 -8.91 -32.90
N ALA J 158 -26.05 -9.61 -32.88
CA ALA J 158 -24.83 -9.19 -33.56
C ALA J 158 -24.63 -10.07 -34.78
N ASP J 159 -24.27 -9.47 -35.92
CA ASP J 159 -23.92 -10.25 -37.12
C ASP J 159 -22.49 -10.78 -36.97
N GLN J 160 -22.35 -11.60 -35.92
CA GLN J 160 -21.12 -12.04 -35.29
C GLN J 160 -21.14 -13.56 -35.17
N GLY J 161 -20.16 -14.11 -34.47
CA GLY J 161 -19.78 -15.49 -34.57
C GLY J 161 -19.69 -16.14 -33.22
N HIS J 162 -20.54 -15.68 -32.29
CA HIS J 162 -20.64 -16.28 -30.97
C HIS J 162 -21.64 -17.42 -31.05
N TYR J 163 -21.22 -18.62 -30.68
CA TYR J 163 -21.94 -19.85 -30.93
C TYR J 163 -22.10 -20.65 -29.65
N VAL J 164 -23.20 -21.40 -29.56
CA VAL J 164 -23.48 -22.30 -28.44
C VAL J 164 -23.40 -23.72 -28.94
N GLU J 165 -22.68 -24.55 -28.21
CA GLU J 165 -22.44 -25.93 -28.59
C GLU J 165 -23.66 -26.78 -28.31
N MET J 166 -24.05 -27.58 -29.29
CA MET J 166 -25.19 -28.48 -29.16
C MET J 166 -24.77 -29.88 -29.58
N HIS J 167 -25.38 -30.86 -28.93
CA HIS J 167 -25.03 -32.27 -29.09
C HIS J 167 -26.31 -33.08 -29.12
N GLN J 168 -26.20 -34.27 -29.62
CA GLN J 168 -27.35 -35.11 -29.84
C GLN J 168 -27.81 -35.69 -28.52
N PRO J 169 -29.08 -35.58 -28.16
CA PRO J 169 -29.48 -36.10 -26.87
C PRO J 169 -29.47 -37.59 -26.94
N GLY J 170 -28.57 -38.23 -26.26
CA GLY J 170 -28.34 -39.60 -26.62
C GLY J 170 -29.24 -40.41 -25.74
N LEU J 171 -28.70 -41.29 -24.92
CA LEU J 171 -29.54 -42.21 -24.21
C LEU J 171 -30.30 -41.42 -23.14
N VAL J 172 -31.63 -41.40 -23.25
CA VAL J 172 -32.49 -40.68 -22.31
C VAL J 172 -33.33 -41.74 -21.61
N ALA J 173 -33.25 -41.78 -20.30
CA ALA J 173 -33.81 -42.88 -19.54
C ALA J 173 -35.28 -42.62 -19.25
N ASP J 174 -36.08 -43.66 -19.37
CA ASP J 174 -37.49 -43.59 -19.04
C ASP J 174 -37.93 -44.99 -18.64
N HIS J 175 -38.69 -45.07 -17.56
CA HIS J 175 -39.22 -46.33 -17.08
C HIS J 175 -40.71 -46.48 -17.32
N SER J 176 -41.38 -45.43 -17.79
CA SER J 176 -42.72 -45.61 -18.31
C SER J 176 -42.71 -46.48 -19.56
N LEU J 177 -41.57 -46.58 -20.23
CA LEU J 177 -41.44 -47.48 -21.36
C LEU J 177 -41.46 -48.94 -20.97
N LEU J 178 -41.33 -49.26 -19.69
CA LEU J 178 -41.47 -50.61 -19.19
C LEU J 178 -42.86 -50.80 -18.62
N SER J 179 -43.45 -51.96 -18.90
CA SER J 179 -44.72 -52.33 -18.30
C SER J 179 -44.65 -53.82 -18.04
N ILE J 180 -45.58 -54.33 -17.26
CA ILE J 180 -45.69 -55.77 -17.05
C ILE J 180 -46.84 -56.26 -17.90
N HIS J 181 -46.65 -57.41 -18.53
CA HIS J 181 -47.57 -57.93 -19.51
C HIS J 181 -47.52 -59.44 -19.39
N SER J 182 -48.68 -60.05 -19.19
CA SER J 182 -48.75 -61.44 -18.81
C SER J 182 -47.98 -61.60 -17.49
N ALA J 183 -46.78 -62.16 -17.52
CA ALA J 183 -45.90 -62.23 -16.37
C ALA J 183 -44.54 -61.63 -16.64
N LYS J 184 -44.23 -61.28 -17.88
CA LYS J 184 -42.92 -60.79 -18.26
C LYS J 184 -43.02 -59.27 -18.39
N VAL J 185 -41.94 -58.62 -18.83
CA VAL J 185 -41.91 -57.17 -18.97
C VAL J 185 -41.88 -56.81 -20.44
N LYS J 186 -42.55 -55.72 -20.77
CA LYS J 186 -42.77 -55.23 -22.12
C LYS J 186 -42.13 -53.87 -22.27
N ILE J 187 -41.39 -53.68 -23.36
CA ILE J 187 -40.90 -52.38 -23.76
C ILE J 187 -41.70 -51.94 -24.97
N THR J 188 -42.40 -50.83 -24.84
CA THR J 188 -43.24 -50.29 -25.90
C THR J 188 -42.57 -49.05 -26.46
N VAL J 189 -42.34 -49.05 -27.77
CA VAL J 189 -41.69 -47.94 -28.45
C VAL J 189 -42.75 -46.91 -28.79
N PRO J 190 -42.65 -45.66 -28.30
CA PRO J 190 -43.81 -44.75 -28.47
C PRO J 190 -44.15 -44.42 -29.90
N SER J 191 -43.18 -43.96 -30.69
CA SER J 191 -43.32 -43.86 -32.13
C SER J 191 -41.93 -43.73 -32.73
N GLY J 192 -41.56 -44.64 -33.63
CA GLY J 192 -40.38 -44.49 -34.47
C GLY J 192 -39.11 -43.99 -33.81
N ALA J 193 -38.91 -44.36 -32.54
CA ALA J 193 -37.73 -43.96 -31.77
C ALA J 193 -37.13 -45.19 -31.14
N GLN J 194 -35.83 -45.36 -31.26
CA GLN J 194 -35.30 -46.63 -30.83
C GLN J 194 -35.16 -46.62 -29.31
N VAL J 195 -35.06 -47.80 -28.72
CA VAL J 195 -34.97 -47.94 -27.27
C VAL J 195 -33.90 -48.96 -26.96
N LYS J 196 -33.00 -48.61 -26.06
CA LYS J 196 -31.97 -49.51 -25.59
C LYS J 196 -32.51 -50.14 -24.32
N TYR J 197 -32.58 -51.46 -24.28
CA TYR J 197 -32.96 -52.16 -23.07
C TYR J 197 -31.75 -52.87 -22.52
N TYR J 198 -31.62 -52.86 -21.19
CA TYR J 198 -30.60 -53.61 -20.47
C TYR J 198 -31.29 -54.34 -19.33
N CYS J 199 -31.42 -55.66 -19.46
CA CYS J 199 -32.13 -56.50 -18.50
C CYS J 199 -31.17 -57.51 -17.90
N LYS J 200 -30.80 -57.32 -16.63
CA LYS J 200 -30.15 -58.35 -15.83
C LYS J 200 -31.20 -59.14 -15.02
N CYS J 201 -32.16 -59.78 -15.73
CA CYS J 201 -32.58 -61.03 -15.10
C CYS J 201 -31.49 -62.04 -15.41
N PRO J 202 -31.20 -62.99 -14.53
CA PRO J 202 -29.79 -63.22 -14.18
C PRO J 202 -28.79 -63.27 -15.34
N ASP J 203 -29.22 -63.67 -16.53
CA ASP J 203 -28.39 -63.52 -17.71
C ASP J 203 -28.37 -62.07 -18.19
N VAL J 204 -27.22 -61.60 -18.65
CA VAL J 204 -27.14 -60.22 -19.10
C VAL J 204 -27.75 -60.14 -20.48
N ARG J 205 -28.86 -59.42 -20.60
CA ARG J 205 -29.56 -59.24 -21.87
C ARG J 205 -29.57 -57.76 -22.21
N LYS J 206 -29.43 -57.45 -23.49
CA LYS J 206 -29.30 -56.06 -23.89
C LYS J 206 -29.62 -55.96 -25.37
N GLY J 207 -29.96 -54.74 -25.79
CA GLY J 207 -30.10 -54.51 -27.21
C GLY J 207 -30.75 -53.18 -27.50
N ILE J 208 -30.95 -52.94 -28.80
CA ILE J 208 -31.58 -51.74 -29.34
C ILE J 208 -32.75 -52.25 -30.15
N THR J 209 -33.93 -51.74 -29.87
CA THR J 209 -35.14 -52.16 -30.58
C THR J 209 -35.89 -50.95 -31.11
N SER J 210 -36.37 -51.05 -32.34
CA SER J 210 -37.27 -50.07 -32.90
C SER J 210 -38.73 -50.49 -32.83
N SER J 211 -39.04 -51.61 -32.17
CA SER J 211 -40.43 -52.04 -32.03
C SER J 211 -40.58 -52.79 -30.72
N ASP J 212 -41.84 -53.07 -30.36
CA ASP J 212 -42.12 -53.70 -29.08
C ASP J 212 -41.45 -55.06 -29.00
N HIS J 213 -40.85 -55.37 -27.86
CA HIS J 213 -40.16 -56.64 -27.73
C HIS J 213 -40.15 -57.06 -26.27
N THR J 214 -40.89 -58.11 -25.93
CA THR J 214 -40.86 -58.65 -24.57
C THR J 214 -39.50 -59.26 -24.27
N THR J 215 -38.94 -58.92 -23.09
CA THR J 215 -37.58 -59.30 -22.70
C THR J 215 -37.52 -60.38 -21.62
N THR J 216 -38.49 -61.28 -21.55
CA THR J 216 -38.60 -62.33 -20.52
C THR J 216 -38.50 -61.60 -19.17
N CYS J 217 -37.70 -62.10 -18.21
CA CYS J 217 -37.50 -61.45 -16.91
C CYS J 217 -38.80 -61.44 -16.12
N THR J 218 -38.73 -61.09 -14.84
CA THR J 218 -39.89 -61.12 -13.97
C THR J 218 -40.34 -59.76 -13.50
N ASP J 219 -39.45 -58.95 -12.93
CA ASP J 219 -39.83 -57.70 -12.29
C ASP J 219 -39.59 -56.52 -13.23
N VAL J 220 -40.31 -55.44 -12.99
CA VAL J 220 -40.04 -54.24 -13.77
C VAL J 220 -38.70 -53.66 -13.41
N LYS J 221 -38.30 -53.76 -12.13
CA LYS J 221 -37.00 -53.25 -11.74
C LYS J 221 -35.89 -54.25 -12.02
N GLN J 222 -35.77 -54.74 -13.23
CA GLN J 222 -34.52 -55.33 -13.65
C GLN J 222 -34.14 -54.95 -15.07
N CYS J 223 -34.91 -54.08 -15.72
CA CYS J 223 -34.98 -54.04 -17.17
C CYS J 223 -34.82 -52.63 -17.71
N ARG J 224 -33.84 -51.90 -17.20
CA ARG J 224 -33.74 -50.47 -17.47
C ARG J 224 -33.71 -50.16 -18.95
N ALA J 225 -34.62 -49.30 -19.39
CA ALA J 225 -34.78 -48.95 -20.78
C ALA J 225 -34.55 -47.47 -20.99
N TYR J 226 -33.97 -47.13 -22.13
CA TYR J 226 -33.55 -45.80 -22.47
C TYR J 226 -34.13 -45.43 -23.82
N LEU J 227 -34.88 -44.33 -23.88
CA LEU J 227 -35.32 -43.84 -25.17
C LEU J 227 -34.12 -43.21 -25.86
N ILE J 228 -33.84 -43.64 -27.09
CA ILE J 228 -32.89 -42.96 -27.95
C ILE J 228 -33.72 -42.36 -29.08
N ASP J 229 -33.79 -41.03 -29.05
CA ASP J 229 -34.32 -40.22 -30.11
C ASP J 229 -33.21 -39.28 -30.49
N ASN J 230 -32.88 -39.25 -31.77
CA ASN J 230 -31.74 -38.49 -32.29
C ASN J 230 -32.22 -37.49 -33.31
N LYS J 231 -33.47 -37.09 -33.18
CA LYS J 231 -34.13 -36.23 -34.16
C LYS J 231 -34.02 -34.76 -33.81
N LYS J 232 -33.67 -34.43 -32.58
CA LYS J 232 -33.43 -33.08 -32.11
C LYS J 232 -32.02 -32.98 -31.55
N TRP J 233 -31.67 -31.77 -31.14
CA TRP J 233 -30.40 -31.45 -30.53
C TRP J 233 -30.70 -30.89 -29.16
N VAL J 234 -29.69 -30.90 -28.28
CA VAL J 234 -29.80 -30.25 -26.98
C VAL J 234 -28.50 -29.54 -26.68
N TYR J 235 -28.55 -28.66 -25.70
CA TYR J 235 -27.35 -27.93 -25.32
C TYR J 235 -26.40 -28.88 -24.63
N ASN J 236 -25.11 -28.64 -24.82
CA ASN J 236 -24.06 -29.47 -24.27
C ASN J 236 -23.91 -29.14 -22.79
N SER J 237 -24.91 -29.57 -22.03
CA SER J 237 -25.03 -29.22 -20.63
C SER J 237 -24.29 -30.24 -19.79
N GLY J 238 -23.75 -29.76 -18.68
CA GLY J 238 -23.08 -30.62 -17.74
C GLY J 238 -24.02 -31.45 -16.93
N ARG J 239 -25.31 -31.13 -16.96
CA ARG J 239 -26.33 -31.82 -16.21
C ARG J 239 -27.05 -32.87 -17.02
N LEU J 240 -26.63 -33.14 -18.26
CA LEU J 240 -27.24 -34.15 -19.10
C LEU J 240 -26.23 -35.24 -19.41
N PRO J 241 -26.53 -36.52 -19.20
CA PRO J 241 -25.57 -37.57 -19.53
C PRO J 241 -25.28 -37.67 -21.01
N ARG J 242 -24.17 -38.31 -21.30
CA ARG J 242 -23.77 -38.67 -22.66
C ARG J 242 -23.12 -40.03 -22.58
N GLY J 243 -23.00 -40.71 -23.73
CA GLY J 243 -22.42 -42.03 -23.76
C GLY J 243 -20.95 -41.99 -24.14
N GLU J 244 -20.36 -43.18 -24.25
CA GLU J 244 -18.92 -43.25 -24.48
C GLU J 244 -18.55 -42.85 -25.90
N GLY J 245 -19.21 -43.46 -26.87
CA GLY J 245 -18.80 -43.28 -28.25
C GLY J 245 -19.14 -41.99 -28.91
N ASP J 246 -19.85 -41.07 -28.28
CA ASP J 246 -20.38 -39.94 -29.01
C ASP J 246 -19.46 -38.74 -28.86
N THR J 247 -19.21 -38.05 -29.97
CA THR J 247 -18.50 -36.77 -29.92
C THR J 247 -19.12 -35.69 -30.80
N PHE J 248 -20.19 -35.96 -31.53
CA PHE J 248 -20.59 -35.03 -32.58
C PHE J 248 -21.33 -33.86 -31.98
N LYS J 249 -20.84 -32.64 -32.25
CA LYS J 249 -21.38 -31.41 -31.68
C LYS J 249 -21.98 -30.48 -32.74
N GLY J 250 -22.64 -29.41 -32.25
CA GLY J 250 -23.61 -28.67 -33.05
C GLY J 250 -23.55 -27.20 -33.48
N LYS J 251 -22.89 -26.29 -32.75
CA LYS J 251 -22.63 -24.93 -33.24
C LYS J 251 -23.92 -24.19 -33.64
N LEU J 252 -24.80 -23.97 -32.68
CA LEU J 252 -25.94 -23.09 -32.92
C LEU J 252 -25.63 -21.67 -32.47
N HIS J 253 -26.37 -20.71 -33.02
CA HIS J 253 -26.14 -19.31 -32.71
C HIS J 253 -26.66 -18.94 -31.34
N VAL J 254 -25.98 -18.04 -30.66
CA VAL J 254 -26.43 -17.51 -29.39
C VAL J 254 -27.08 -16.16 -29.66
N PRO J 255 -28.29 -15.92 -29.22
CA PRO J 255 -28.84 -14.57 -29.26
C PRO J 255 -28.32 -13.79 -28.06
N PHE J 256 -28.45 -12.48 -28.16
CA PHE J 256 -28.04 -11.59 -27.09
C PHE J 256 -26.54 -11.69 -26.80
N VAL J 257 -25.74 -11.50 -27.84
CA VAL J 257 -24.30 -11.46 -27.63
C VAL J 257 -23.96 -10.14 -26.96
N PRO J 258 -22.87 -10.02 -26.21
CA PRO J 258 -22.47 -8.72 -25.69
C PRO J 258 -22.09 -7.73 -26.77
N VAL J 259 -22.30 -6.45 -26.47
CA VAL J 259 -22.02 -5.35 -27.37
C VAL J 259 -21.74 -4.13 -26.52
N LYS J 260 -21.10 -3.15 -27.14
CA LYS J 260 -20.78 -1.89 -26.49
C LYS J 260 -21.79 -0.85 -26.93
N ALA J 261 -22.43 -0.23 -25.95
CA ALA J 261 -23.53 0.68 -26.14
C ALA J 261 -23.28 1.84 -25.18
N LYS J 262 -24.25 2.73 -25.03
CA LYS J 262 -24.10 3.93 -24.23
C LYS J 262 -25.16 3.97 -23.15
N CYS J 263 -24.74 3.85 -21.90
CA CYS J 263 -25.66 3.98 -20.77
C CYS J 263 -25.55 5.35 -20.15
N ILE J 264 -26.65 5.80 -19.56
CA ILE J 264 -26.69 7.08 -18.88
C ILE J 264 -26.17 6.87 -17.46
N ALA J 265 -25.21 7.70 -17.06
CA ALA J 265 -24.62 7.68 -15.74
C ALA J 265 -24.94 8.98 -15.03
N THR J 266 -24.97 8.93 -13.71
CA THR J 266 -25.34 10.10 -12.95
C THR J 266 -24.29 11.19 -13.09
N LEU J 267 -24.75 12.42 -12.93
CA LEU J 267 -23.90 13.60 -12.94
C LEU J 267 -24.06 14.25 -11.56
N ALA J 268 -22.99 14.27 -10.81
CA ALA J 268 -23.06 14.66 -9.42
C ALA J 268 -23.36 16.14 -9.33
N PRO J 269 -23.93 16.59 -8.22
CA PRO J 269 -24.12 18.03 -8.06
C PRO J 269 -22.79 18.77 -8.13
N GLU J 270 -22.82 19.92 -8.78
CA GLU J 270 -21.62 20.71 -8.97
C GLU J 270 -21.04 21.12 -7.62
N PRO J 271 -19.73 21.05 -7.42
CA PRO J 271 -19.17 21.57 -6.17
C PRO J 271 -19.42 23.06 -6.07
N LEU J 272 -19.50 23.55 -4.85
CA LEU J 272 -19.40 24.98 -4.60
C LEU J 272 -17.94 25.31 -4.39
N VAL J 273 -17.42 26.22 -5.21
CA VAL J 273 -15.99 26.51 -5.24
C VAL J 273 -15.73 27.84 -4.56
N GLU J 274 -14.84 27.82 -3.58
CA GLU J 274 -14.34 29.03 -2.94
C GLU J 274 -12.83 29.07 -3.11
N HIS J 275 -12.30 30.28 -3.23
CA HIS J 275 -10.91 30.50 -3.54
C HIS J 275 -10.28 31.22 -2.36
N LYS J 276 -9.21 30.64 -1.83
CA LYS J 276 -8.33 31.32 -0.92
C LYS J 276 -6.98 31.38 -1.61
N HIS J 277 -6.06 32.13 -1.02
CA HIS J 277 -4.75 32.28 -1.61
C HIS J 277 -4.10 30.92 -1.73
N ARG J 278 -3.88 30.49 -2.97
CA ARG J 278 -3.25 29.21 -3.26
C ARG J 278 -4.04 28.06 -2.66
N THR J 279 -5.35 28.20 -2.59
CA THR J 279 -6.17 27.12 -2.06
C THR J 279 -7.50 27.11 -2.77
N LEU J 280 -7.97 25.92 -3.08
CA LEU J 280 -9.26 25.69 -3.70
C LEU J 280 -10.09 24.89 -2.71
N ILE J 281 -11.15 25.50 -2.22
CA ILE J 281 -12.05 24.90 -1.26
C ILE J 281 -13.27 24.45 -2.02
N LEU J 282 -13.51 23.15 -2.04
CA LEU J 282 -14.63 22.58 -2.78
C LEU J 282 -15.57 22.00 -1.76
N HIS J 283 -16.82 22.42 -1.81
CA HIS J 283 -17.87 21.83 -0.98
C HIS J 283 -18.63 20.88 -1.88
N LEU J 284 -18.67 19.62 -1.47
CA LEU J 284 -19.13 18.52 -2.29
C LEU J 284 -20.32 17.89 -1.61
N HIS J 285 -21.41 17.76 -2.35
CA HIS J 285 -22.69 17.27 -1.85
C HIS J 285 -23.17 16.14 -2.73
N PRO J 286 -22.63 14.95 -2.58
CA PRO J 286 -22.96 13.87 -3.51
C PRO J 286 -24.32 13.27 -3.21
N ASP J 287 -25.03 12.88 -4.27
CA ASP J 287 -26.19 12.02 -4.09
C ASP J 287 -25.79 10.58 -3.80
N HIS J 288 -24.78 10.08 -4.50
CA HIS J 288 -24.26 8.74 -4.39
C HIS J 288 -22.76 8.84 -4.23
N PRO J 289 -22.10 7.79 -3.73
CA PRO J 289 -20.64 7.83 -3.67
C PRO J 289 -19.98 8.20 -4.98
N THR J 290 -19.25 9.31 -4.94
CA THR J 290 -18.71 9.95 -6.12
C THR J 290 -17.20 10.02 -6.00
N LEU J 291 -16.51 9.81 -7.10
CA LEU J 291 -15.06 9.81 -7.11
C LEU J 291 -14.54 11.19 -7.41
N LEU J 292 -13.59 11.63 -6.60
CA LEU J 292 -12.94 12.92 -6.76
C LEU J 292 -11.46 12.66 -6.95
N THR J 293 -10.91 13.18 -8.03
CA THR J 293 -9.51 12.96 -8.35
C THR J 293 -8.88 14.30 -8.68
N THR J 294 -7.69 14.52 -8.15
CA THR J 294 -6.95 15.73 -8.42
C THR J 294 -5.53 15.39 -8.76
N ARG J 295 -4.93 16.24 -9.59
CA ARG J 295 -3.50 16.17 -9.82
C ARG J 295 -2.97 17.54 -10.17
N SER J 296 -1.74 17.81 -9.76
CA SER J 296 -1.07 19.06 -10.08
C SER J 296 -0.39 18.93 -11.41
N LEU J 297 -0.36 20.02 -12.16
CA LEU J 297 0.10 20.04 -13.52
C LEU J 297 1.58 20.30 -13.66
N GLY J 298 2.35 20.06 -12.62
CA GLY J 298 3.78 20.24 -12.65
C GLY J 298 4.52 18.93 -12.73
N SER J 299 5.79 18.96 -12.33
CA SER J 299 6.64 17.79 -12.45
C SER J 299 6.17 16.67 -11.56
N ASP J 300 5.75 16.97 -10.34
CA ASP J 300 5.19 15.98 -9.43
C ASP J 300 3.68 16.13 -9.47
N ALA J 301 3.01 15.06 -9.85
CA ALA J 301 1.56 15.11 -9.95
C ALA J 301 0.91 15.37 -8.62
N ASN J 302 1.42 14.73 -7.57
CA ASN J 302 0.75 14.69 -6.27
C ASN J 302 -0.72 14.30 -6.46
N PRO J 303 -0.98 13.15 -7.06
CA PRO J 303 -2.38 12.81 -7.33
C PRO J 303 -3.09 12.36 -6.07
N THR J 304 -4.35 12.75 -5.96
CA THR J 304 -5.22 12.36 -4.85
C THR J 304 -6.49 11.75 -5.42
N ARG J 305 -6.87 10.59 -4.90
CA ARG J 305 -8.08 9.90 -5.32
C ARG J 305 -8.91 9.60 -4.08
N GLN J 306 -10.19 9.93 -4.13
CA GLN J 306 -11.04 9.87 -2.95
C GLN J 306 -12.44 9.45 -3.35
N TRP J 307 -13.11 8.71 -2.48
CA TRP J 307 -14.51 8.35 -2.64
C TRP J 307 -15.34 9.14 -1.65
N ILE J 308 -16.03 10.16 -2.12
CA ILE J 308 -16.81 11.04 -1.28
C ILE J 308 -18.22 10.49 -1.22
N GLU J 309 -18.69 10.15 -0.01
CA GLU J 309 -20.05 9.66 0.20
C GLU J 309 -20.93 10.60 1.00
N ARG J 310 -20.34 11.55 1.72
CA ARG J 310 -21.01 12.44 2.65
C ARG J 310 -20.68 13.86 2.23
N PRO J 311 -21.51 14.83 2.60
CA PRO J 311 -21.11 16.22 2.38
C PRO J 311 -19.76 16.51 3.00
N THR J 312 -18.85 17.05 2.19
CA THR J 312 -17.48 17.22 2.63
C THR J 312 -16.91 18.49 2.02
N THR J 313 -16.00 19.11 2.75
CA THR J 313 -15.20 20.23 2.24
C THR J 313 -13.77 19.76 2.09
N VAL J 314 -13.18 20.03 0.92
CA VAL J 314 -11.82 19.61 0.61
C VAL J 314 -11.01 20.81 0.13
N ASN J 315 -9.74 20.87 0.51
CA ASN J 315 -8.94 22.10 0.52
C ASN J 315 -7.64 21.95 -0.26
N PHE J 316 -7.72 21.35 -1.45
CA PHE J 316 -6.57 21.19 -2.36
C PHE J 316 -5.74 22.45 -2.49
N THR J 317 -4.41 22.28 -2.51
CA THR J 317 -3.49 23.39 -2.67
C THR J 317 -3.16 23.58 -4.15
N VAL J 318 -3.60 24.69 -4.70
CA VAL J 318 -3.34 25.07 -6.08
C VAL J 318 -2.11 25.96 -6.13
N THR J 319 -1.16 25.59 -6.98
CA THR J 319 0.02 26.39 -7.22
C THR J 319 -0.12 27.12 -8.54
N GLY J 320 0.93 27.84 -8.91
CA GLY J 320 0.96 28.49 -10.20
C GLY J 320 1.10 27.54 -11.35
N GLU J 321 1.64 26.35 -11.11
CA GLU J 321 1.78 25.36 -12.17
C GLU J 321 0.43 24.79 -12.56
N GLY J 322 -0.52 24.74 -11.64
CA GLY J 322 -1.88 24.36 -11.93
C GLY J 322 -2.33 23.16 -11.14
N LEU J 323 -3.64 22.97 -11.14
CA LEU J 323 -4.28 21.79 -10.59
C LEU J 323 -5.38 21.41 -11.55
N GLU J 324 -5.74 20.15 -11.54
CA GLU J 324 -6.83 19.64 -12.36
C GLU J 324 -7.62 18.71 -11.48
N TYR J 325 -8.91 18.98 -11.33
CA TYR J 325 -9.78 18.17 -10.50
C TYR J 325 -10.97 17.69 -11.31
N THR J 326 -11.27 16.42 -11.15
CA THR J 326 -12.43 15.77 -11.74
C THR J 326 -13.36 15.38 -10.61
N TRP J 327 -14.62 15.80 -10.72
CA TRP J 327 -15.65 15.52 -9.75
C TRP J 327 -16.70 14.66 -10.40
N GLY J 328 -16.68 13.37 -10.11
CA GLY J 328 -17.67 12.48 -10.67
C GLY J 328 -17.50 12.35 -12.16
N ASN J 329 -18.61 12.25 -12.86
CA ASN J 329 -18.61 12.20 -14.31
C ASN J 329 -18.57 13.57 -14.96
N HIS J 330 -18.33 14.63 -14.20
CA HIS J 330 -18.15 15.94 -14.79
C HIS J 330 -16.82 15.99 -15.52
N PRO J 331 -16.70 16.81 -16.56
CA PRO J 331 -15.43 16.89 -17.25
C PRO J 331 -14.36 17.44 -16.34
N PRO J 332 -13.11 17.03 -16.51
CA PRO J 332 -12.04 17.59 -15.68
C PRO J 332 -11.90 19.09 -15.81
N LYS J 333 -11.67 19.75 -14.69
CA LYS J 333 -11.60 21.21 -14.61
C LYS J 333 -10.24 21.62 -14.10
N ARG J 334 -9.58 22.53 -14.82
CA ARG J 334 -8.23 22.95 -14.52
C ARG J 334 -8.24 24.36 -13.97
N VAL J 335 -7.49 24.58 -12.91
CA VAL J 335 -7.39 25.87 -12.26
C VAL J 335 -5.93 26.22 -12.07
N TRP J 336 -5.65 27.51 -11.98
CA TRP J 336 -4.32 28.04 -11.71
C TRP J 336 -4.41 29.14 -10.68
N ALA J 337 -3.43 29.20 -9.79
CA ALA J 337 -3.39 30.18 -8.72
C ALA J 337 -2.53 31.36 -9.12
N GLN J 338 -3.05 32.56 -8.91
CA GLN J 338 -2.31 33.75 -9.26
C GLN J 338 -1.51 34.20 -8.07
N GLU J 339 -0.66 35.19 -8.30
CA GLU J 339 0.22 35.72 -7.27
C GLU J 339 -0.49 36.78 -6.42
N SER J 340 -1.63 36.39 -5.86
CA SER J 340 -2.54 37.32 -5.23
C SER J 340 -2.38 37.37 -3.72
N GLY J 341 -1.19 37.14 -3.22
CA GLY J 341 -1.01 37.06 -1.79
C GLY J 341 -1.08 38.41 -1.14
N GLU J 342 -0.95 38.41 0.17
CA GLU J 342 -1.19 39.60 0.98
C GLU J 342 0.11 40.26 1.37
N GLY J 343 0.06 41.58 1.50
CA GLY J 343 1.16 42.41 1.97
C GLY J 343 1.48 43.52 0.98
N ASN J 344 2.30 44.45 1.47
CA ASN J 344 2.61 45.71 0.80
C ASN J 344 4.06 45.84 0.40
N PRO J 345 4.46 45.26 -0.73
CA PRO J 345 5.71 45.68 -1.35
C PRO J 345 5.56 47.16 -1.65
N HIS J 346 6.68 47.86 -1.67
CA HIS J 346 6.76 49.31 -1.73
C HIS J 346 6.50 49.97 -0.38
N GLY J 347 6.41 49.23 0.73
CA GLY J 347 6.15 49.87 2.00
C GLY J 347 6.96 49.32 3.14
N TRP J 348 6.43 49.33 4.35
CA TRP J 348 7.29 49.23 5.53
C TRP J 348 7.94 47.86 5.59
N PRO J 349 9.08 47.73 6.28
CA PRO J 349 9.84 46.48 6.21
C PRO J 349 9.06 45.26 6.68
N HIS J 350 8.17 45.41 7.66
CA HIS J 350 7.39 44.26 8.11
C HIS J 350 6.42 43.84 7.03
N GLU J 351 5.87 44.82 6.32
CA GLU J 351 4.95 44.52 5.23
C GLU J 351 5.67 43.78 4.11
N VAL J 352 6.90 44.18 3.81
CA VAL J 352 7.70 43.50 2.81
C VAL J 352 7.92 42.04 3.22
N VAL J 353 8.23 41.80 4.49
CA VAL J 353 8.45 40.42 4.93
C VAL J 353 7.17 39.59 4.77
N VAL J 354 6.02 40.13 5.17
CA VAL J 354 4.83 39.29 5.08
C VAL J 354 4.47 39.04 3.63
N TYR J 355 4.69 40.00 2.74
CA TYR J 355 4.44 39.71 1.33
C TYR J 355 5.31 38.59 0.82
N TYR J 356 6.60 38.64 1.12
CA TYR J 356 7.46 37.63 0.55
C TYR J 356 7.34 36.31 1.28
N TYR J 357 6.71 36.29 2.45
CA TYR J 357 6.39 35.04 3.10
C TYR J 357 5.12 34.43 2.54
N ASN J 358 4.20 35.25 2.09
CA ASN J 358 3.03 34.70 1.43
C ASN J 358 3.40 34.22 0.02
N ARG J 359 4.21 34.99 -0.70
CA ARG J 359 4.62 34.60 -2.04
C ARG J 359 5.55 33.40 -2.03
N TYR J 360 6.51 33.36 -1.11
CA TYR J 360 7.57 32.36 -1.10
C TYR J 360 7.81 31.97 0.35
N PRO J 361 7.11 30.95 0.85
CA PRO J 361 7.22 30.65 2.28
C PRO J 361 8.59 30.19 2.74
N LEU J 362 9.37 29.52 1.89
CA LEU J 362 10.61 28.86 2.33
C LEU J 362 11.79 29.26 1.45
N THR J 363 11.76 30.47 0.93
CA THR J 363 12.95 31.14 0.46
C THR J 363 13.02 32.54 1.04
N THR J 364 12.13 32.86 1.96
CA THR J 364 12.26 34.01 2.84
C THR J 364 12.81 33.59 4.19
N ILE J 365 12.24 32.57 4.82
CA ILE J 365 12.85 32.00 6.01
C ILE J 365 14.34 31.76 5.76
N ILE J 366 14.67 31.06 4.68
CA ILE J 366 16.07 30.83 4.32
C ILE J 366 16.77 32.14 4.07
N GLY J 367 16.07 33.13 3.54
CA GLY J 367 16.69 34.33 3.06
C GLY J 367 17.05 35.22 4.22
N LEU J 368 16.05 35.61 4.99
CA LEU J 368 16.26 36.20 6.31
C LEU J 368 17.31 35.45 7.12
N CYS J 369 17.21 34.12 7.23
CA CYS J 369 18.11 33.43 8.15
C CYS J 369 19.55 33.47 7.66
N THR J 370 19.76 33.57 6.35
CA THR J 370 21.09 33.52 5.79
C THR J 370 21.57 34.89 5.33
N CYS J 371 20.73 35.90 5.46
CA CYS J 371 21.09 37.31 5.42
C CYS J 371 21.19 37.92 6.80
N VAL J 372 20.79 37.18 7.83
CA VAL J 372 20.91 37.61 9.22
C VAL J 372 22.07 36.91 9.89
N ALA J 373 22.22 35.60 9.70
CA ALA J 373 23.44 34.97 10.16
C ALA J 373 24.65 35.56 9.44
N ILE J 374 24.53 35.80 8.13
CA ILE J 374 25.64 36.36 7.39
C ILE J 374 25.96 37.78 7.86
N ILE J 375 24.95 38.63 8.04
CA ILE J 375 25.28 39.99 8.47
C ILE J 375 25.85 39.97 9.88
N MET J 376 25.38 39.06 10.73
CA MET J 376 25.94 38.93 12.06
C MET J 376 27.41 38.51 11.99
N VAL J 377 27.72 37.52 11.14
CA VAL J 377 29.10 37.05 11.04
C VAL J 377 30.01 38.15 10.54
N SER J 378 29.57 38.88 9.52
CA SER J 378 30.37 39.99 9.04
C SER J 378 30.54 41.04 10.10
N CYS J 379 29.47 41.32 10.85
CA CYS J 379 29.54 42.33 11.89
C CYS J 379 30.56 41.95 12.94
N VAL J 380 30.53 40.71 13.40
CA VAL J 380 31.45 40.35 14.46
C VAL J 380 32.88 40.28 13.95
N THR J 381 33.11 39.84 12.71
CA THR J 381 34.49 39.87 12.23
C THR J 381 34.98 41.29 12.07
N SER J 382 34.15 42.17 11.53
CA SER J 382 34.65 43.52 11.36
C SER J 382 34.83 44.19 12.70
N VAL J 383 33.96 43.92 13.67
CA VAL J 383 34.13 44.50 14.99
C VAL J 383 35.40 43.99 15.63
N TRP J 384 35.69 42.69 15.49
CA TRP J 384 36.92 42.15 16.07
C TRP J 384 38.12 42.78 15.42
N LEU J 385 38.09 42.94 14.11
CA LEU J 385 39.18 43.59 13.43
C LEU J 385 39.32 45.04 13.88
N LEU J 386 38.21 45.68 14.22
CA LEU J 386 38.30 47.05 14.66
C LEU J 386 38.81 47.14 16.09
N CYS J 387 38.47 46.15 16.91
CA CYS J 387 39.03 46.10 18.24
C CYS J 387 40.52 45.88 18.18
N ARG J 388 40.97 44.99 17.31
CA ARG J 388 42.39 44.70 17.20
C ARG J 388 43.15 45.92 16.76
N THR J 389 42.67 46.61 15.71
CA THR J 389 43.36 47.83 15.31
C THR J 389 43.36 48.85 16.42
N ARG J 390 42.33 48.87 17.27
CA ARG J 390 42.35 49.85 18.35
C ARG J 390 43.43 49.48 19.37
N ASN J 391 43.46 48.22 19.75
CA ASN J 391 44.48 47.76 20.69
C ASN J 391 45.84 48.10 20.14
N LEU J 392 46.07 47.82 18.87
CA LEU J 392 47.36 48.11 18.28
C LEU J 392 47.64 49.59 18.24
N CYS J 393 46.61 50.41 17.99
CA CYS J 393 46.87 51.84 17.94
C CYS J 393 47.24 52.38 19.30
N ILE J 394 46.56 51.93 20.34
CA ILE J 394 46.74 52.54 21.65
C ILE J 394 47.84 51.91 22.48
N THR J 395 48.15 50.63 22.26
CA THR J 395 49.11 49.95 23.10
C THR J 395 50.47 50.62 23.13
N PRO J 396 51.01 51.12 22.03
CA PRO J 396 52.25 51.87 22.16
C PRO J 396 52.13 53.07 23.05
N TYR J 397 51.15 53.92 22.82
CA TYR J 397 51.01 55.08 23.67
C TYR J 397 50.70 54.71 25.09
N LYS J 398 49.98 53.63 25.29
CA LYS J 398 49.80 53.13 26.64
C LYS J 398 51.14 52.77 27.22
N LEU J 399 52.01 52.21 26.42
CA LEU J 399 53.24 51.69 26.96
C LEU J 399 54.24 52.80 27.22
N ALA J 400 54.00 53.99 26.73
CA ALA J 400 54.78 55.18 27.04
C ALA J 400 53.97 56.03 27.99
N PRO J 401 54.18 55.95 29.30
CA PRO J 401 53.43 56.82 30.19
C PRO J 401 53.61 58.27 29.88
N ASN J 402 54.72 58.67 29.29
CA ASN J 402 54.88 60.04 28.84
C ASN J 402 54.94 60.05 27.33
N ALA J 403 54.14 60.92 26.74
CA ALA J 403 54.22 61.20 25.33
C ALA J 403 53.34 62.40 25.10
N GLN J 404 53.61 63.12 24.03
CA GLN J 404 52.58 63.98 23.50
C GLN J 404 51.82 63.08 22.54
N VAL J 405 50.51 63.26 22.50
CA VAL J 405 49.67 62.22 21.94
C VAL J 405 49.19 62.71 20.59
N PRO J 406 49.15 61.90 19.58
CA PRO J 406 48.80 62.40 18.26
C PRO J 406 47.33 62.73 18.21
N ILE J 407 46.95 63.86 18.80
CA ILE J 407 45.64 64.16 19.39
C ILE J 407 44.53 63.68 18.48
N LEU J 408 44.64 63.92 17.17
CA LEU J 408 43.65 63.39 16.26
C LEU J 408 43.54 61.88 16.40
N LEU J 409 44.67 61.20 16.59
CA LEU J 409 44.60 59.77 16.90
C LEU J 409 44.11 59.55 18.31
N ALA J 410 44.38 60.48 19.21
CA ALA J 410 43.88 60.35 20.56
C ALA J 410 42.38 60.26 20.56
N LEU J 411 41.75 61.00 19.66
CA LEU J 411 40.31 60.92 19.47
C LEU J 411 39.93 59.65 18.71
N LEU J 412 40.48 59.47 17.50
CA LEU J 412 40.02 58.41 16.60
C LEU J 412 40.05 57.02 17.24
N CYS J 413 40.97 56.75 18.15
CA CYS J 413 40.82 55.70 19.12
C CYS J 413 40.42 56.33 20.45
N CYS J 414 39.93 55.53 21.38
CA CYS J 414 39.72 56.09 22.71
C CYS J 414 41.08 56.13 23.40
N ILE J 415 41.51 57.34 23.78
CA ILE J 415 42.85 57.58 24.33
C ILE J 415 42.75 58.79 25.21
N LYS J 416 43.37 58.72 26.38
CA LYS J 416 43.10 59.66 27.46
C LYS J 416 44.34 60.52 27.54
N PRO J 417 44.44 61.57 26.74
CA PRO J 417 45.76 62.12 26.42
C PRO J 417 46.44 62.83 27.58
N THR J 418 47.62 63.35 27.31
CA THR J 418 48.41 64.06 28.31
C THR J 418 47.90 65.49 28.44
N THR K 1 -15.74 -20.30 -53.29
CA THR K 1 -16.85 -20.97 -52.64
C THR K 1 -16.35 -22.09 -51.75
N VAL K 2 -16.96 -22.24 -50.58
CA VAL K 2 -16.52 -23.18 -49.56
C VAL K 2 -17.26 -24.50 -49.73
N MET K 3 -16.55 -25.59 -49.53
CA MET K 3 -17.10 -26.93 -49.70
C MET K 3 -17.29 -27.55 -48.32
N CYS K 4 -18.37 -28.34 -48.17
CA CYS K 4 -18.60 -29.10 -46.95
C CYS K 4 -19.04 -30.51 -47.31
N VAL K 5 -18.79 -31.42 -46.37
CA VAL K 5 -18.74 -32.86 -46.63
C VAL K 5 -19.82 -33.53 -45.82
N LEU K 6 -20.60 -34.37 -46.48
CA LEU K 6 -21.66 -35.16 -45.88
C LEU K 6 -21.46 -36.58 -46.36
N ALA K 7 -21.01 -37.45 -45.48
CA ALA K 7 -20.55 -38.79 -45.85
C ALA K 7 -19.44 -38.58 -46.89
N ASN K 8 -19.50 -39.20 -48.07
CA ASN K 8 -18.54 -38.94 -49.13
C ASN K 8 -18.97 -37.83 -50.08
N ILE K 9 -20.22 -37.36 -49.97
CA ILE K 9 -20.69 -36.25 -50.81
C ILE K 9 -20.02 -34.97 -50.37
N THR K 10 -19.63 -34.14 -51.34
CA THR K 10 -19.06 -32.83 -51.08
C THR K 10 -19.86 -31.83 -51.88
N PHE K 11 -20.29 -30.74 -51.25
CA PHE K 11 -21.13 -29.74 -51.91
C PHE K 11 -20.80 -28.32 -51.49
N PRO K 12 -21.12 -27.33 -52.32
CA PRO K 12 -21.04 -25.93 -51.88
C PRO K 12 -22.02 -25.64 -50.75
N CYS K 13 -21.54 -24.89 -49.76
CA CYS K 13 -22.24 -24.80 -48.48
C CYS K 13 -23.59 -24.12 -48.61
N ASP K 14 -23.70 -23.10 -49.46
CA ASP K 14 -24.97 -22.41 -49.54
C ASP K 14 -26.08 -23.27 -50.15
N GLN K 15 -25.73 -24.35 -50.83
CA GLN K 15 -26.68 -25.15 -51.62
C GLN K 15 -26.60 -26.62 -51.24
N PRO K 16 -27.10 -27.00 -50.06
CA PRO K 16 -27.14 -28.43 -49.74
C PRO K 16 -28.09 -29.15 -50.67
N PRO K 17 -28.10 -30.48 -50.68
CA PRO K 17 -28.83 -31.19 -51.75
C PRO K 17 -30.30 -30.82 -51.81
N CYS K 18 -31.01 -30.97 -50.70
CA CYS K 18 -32.27 -30.25 -50.52
C CYS K 18 -32.04 -28.76 -50.64
N MET K 19 -32.73 -28.04 -51.53
CA MET K 19 -33.19 -26.71 -51.14
C MET K 19 -34.44 -26.61 -50.25
N PRO K 20 -35.57 -27.30 -50.63
CA PRO K 20 -36.90 -26.84 -50.14
C PRO K 20 -37.13 -26.77 -48.63
N CYS K 21 -36.94 -27.91 -47.98
CA CYS K 21 -36.81 -28.07 -46.54
C CYS K 21 -35.89 -29.27 -46.41
N CYS K 22 -34.87 -29.20 -45.57
CA CYS K 22 -34.07 -30.38 -45.32
C CYS K 22 -33.98 -30.70 -43.83
N TYR K 23 -35.00 -30.31 -43.09
CA TYR K 23 -35.20 -30.76 -41.72
C TYR K 23 -36.48 -31.51 -41.56
N GLU K 24 -37.52 -31.13 -42.29
CA GLU K 24 -38.76 -31.88 -42.20
C GLU K 24 -38.63 -33.20 -42.94
N LYS K 25 -37.94 -33.20 -44.07
CA LYS K 25 -37.75 -34.44 -44.82
C LYS K 25 -37.00 -35.48 -43.98
N ASN K 26 -35.77 -35.16 -43.58
CA ASN K 26 -34.97 -36.09 -42.78
C ASN K 26 -34.24 -35.29 -41.70
N PRO K 27 -34.85 -35.13 -40.52
CA PRO K 27 -34.17 -34.38 -39.45
C PRO K 27 -32.84 -34.95 -39.02
N HIS K 28 -32.72 -36.28 -38.93
CA HIS K 28 -31.46 -36.85 -38.45
C HIS K 28 -30.34 -36.56 -39.44
N GLU K 29 -30.64 -36.67 -40.73
CA GLU K 29 -29.63 -36.43 -41.75
C GLU K 29 -29.18 -34.98 -41.71
N THR K 30 -30.12 -34.05 -41.53
CA THR K 30 -29.78 -32.64 -41.43
C THR K 30 -28.85 -32.39 -40.25
N LEU K 31 -29.19 -32.98 -39.11
CA LEU K 31 -28.36 -32.77 -37.93
C LEU K 31 -26.98 -33.36 -38.15
N THR K 32 -26.91 -34.58 -38.70
CA THR K 32 -25.62 -35.21 -38.92
C THR K 32 -24.78 -34.39 -39.89
N MET K 33 -25.41 -33.87 -40.94
CA MET K 33 -24.70 -33.04 -41.88
C MET K 33 -24.14 -31.81 -41.19
N LEU K 34 -24.91 -31.21 -40.29
CA LEU K 34 -24.39 -30.01 -39.63
C LEU K 34 -23.31 -30.36 -38.63
N GLU K 35 -23.33 -31.58 -38.11
CA GLU K 35 -22.30 -31.98 -37.17
C GLU K 35 -20.99 -32.27 -37.90
N GLN K 36 -21.07 -32.88 -39.08
CA GLN K 36 -19.86 -33.19 -39.84
C GLN K 36 -19.12 -31.94 -40.31
N ASN K 37 -19.81 -30.80 -40.41
CA ASN K 37 -19.26 -29.60 -41.03
C ASN K 37 -19.04 -28.54 -39.96
N TYR K 38 -18.61 -28.98 -38.78
CA TYR K 38 -18.52 -28.08 -37.64
C TYR K 38 -17.45 -27.03 -37.86
N ASP K 39 -16.29 -27.44 -38.35
CA ASP K 39 -15.14 -26.56 -38.47
C ASP K 39 -15.12 -25.82 -39.80
N SER K 40 -16.24 -25.72 -40.48
CA SER K 40 -16.28 -25.06 -41.77
C SER K 40 -16.32 -23.55 -41.56
N ARG K 41 -15.45 -22.85 -42.27
CA ARG K 41 -15.41 -21.40 -42.15
C ARG K 41 -16.72 -20.77 -42.60
N ALA K 42 -17.50 -21.46 -43.43
CA ALA K 42 -18.75 -20.94 -43.97
C ALA K 42 -19.95 -21.67 -43.37
N TYR K 43 -19.85 -22.01 -42.09
CA TYR K 43 -20.91 -22.77 -41.44
C TYR K 43 -22.24 -22.00 -41.37
N ASP K 44 -22.18 -20.68 -41.25
CA ASP K 44 -23.41 -19.93 -41.04
C ASP K 44 -24.35 -20.07 -42.22
N GLN K 45 -23.80 -20.08 -43.44
CA GLN K 45 -24.62 -20.27 -44.63
C GLN K 45 -25.25 -21.63 -44.65
N LEU K 46 -24.50 -22.66 -44.25
CA LEU K 46 -25.07 -23.99 -44.21
C LEU K 46 -26.24 -24.05 -43.23
N LEU K 47 -26.04 -23.51 -42.03
CA LEU K 47 -27.13 -23.54 -41.06
C LEU K 47 -28.34 -22.76 -41.58
N ASP K 48 -28.09 -21.66 -42.29
CA ASP K 48 -29.18 -20.88 -42.86
C ASP K 48 -29.92 -21.65 -43.92
N ALA K 49 -29.17 -22.33 -44.78
CA ALA K 49 -29.79 -23.06 -45.87
C ALA K 49 -30.61 -24.22 -45.34
N ALA K 50 -30.04 -25.00 -44.43
CA ALA K 50 -30.78 -26.13 -43.90
C ALA K 50 -32.05 -25.68 -43.19
N VAL K 51 -31.95 -24.66 -42.35
CA VAL K 51 -33.13 -24.28 -41.60
C VAL K 51 -34.17 -23.53 -42.41
N LYS K 52 -33.80 -23.05 -43.61
CA LYS K 52 -34.79 -22.36 -44.44
C LYS K 52 -35.81 -23.37 -44.90
N CYS K 53 -37.07 -23.21 -44.51
CA CYS K 53 -38.10 -24.07 -45.06
C CYS K 53 -39.41 -23.32 -45.01
N ASN K 54 -39.87 -22.85 -46.16
CA ASN K 54 -41.14 -22.13 -46.25
C ASN K 54 -42.30 -23.09 -46.36
N ASP L 110 66.38 44.06 45.14
CA ASP L 110 66.37 44.47 43.74
C ASP L 110 64.93 44.57 43.23
N LYS L 111 64.72 45.41 42.23
CA LYS L 111 63.40 45.68 41.68
C LYS L 111 63.11 44.94 40.39
N THR L 112 64.05 44.14 39.89
CA THR L 112 63.80 43.23 38.80
C THR L 112 63.76 41.85 39.39
N PHE L 113 62.80 41.05 38.96
CA PHE L 113 62.52 39.82 39.64
C PHE L 113 62.79 38.65 38.70
N PRO L 114 63.46 37.60 39.15
CA PRO L 114 63.73 36.49 38.24
C PRO L 114 62.52 35.59 38.15
N ILE L 115 61.94 35.47 36.96
CA ILE L 115 60.90 34.46 36.80
C ILE L 115 61.51 33.08 36.97
N MET L 116 60.81 32.23 37.71
CA MET L 116 61.29 30.90 38.06
C MET L 116 60.47 29.84 37.34
N LEU L 117 61.16 28.81 36.85
CA LEU L 117 60.53 27.66 36.21
C LEU L 117 61.21 26.42 36.78
N ASN L 118 60.46 25.66 37.57
CA ASN L 118 60.94 24.42 38.14
C ASN L 118 62.20 24.64 38.95
N GLY L 119 62.28 25.78 39.63
CA GLY L 119 63.42 26.09 40.46
C GLY L 119 64.59 26.78 39.77
N GLN L 120 64.48 27.18 38.50
CA GLN L 120 65.59 27.85 37.83
C GLN L 120 65.10 29.09 37.11
N VAL L 121 65.98 30.06 36.99
CA VAL L 121 65.61 31.38 36.48
C VAL L 121 65.59 31.33 34.96
N ASN L 122 64.50 31.83 34.35
CA ASN L 122 64.42 31.92 32.91
C ASN L 122 64.34 33.33 32.37
N GLY L 123 64.03 34.32 33.19
CA GLY L 123 64.05 35.68 32.72
C GLY L 123 63.77 36.61 33.88
N TYR L 124 63.80 37.90 33.57
CA TYR L 124 63.62 38.93 34.57
C TYR L 124 62.43 39.77 34.15
N ALA L 125 61.60 40.12 35.13
CA ALA L 125 60.45 40.99 34.97
C ALA L 125 60.76 42.33 35.60
N CYS L 126 60.63 43.41 34.85
CA CYS L 126 61.00 44.72 35.37
C CYS L 126 59.77 45.59 35.52
N VAL L 127 59.72 46.33 36.61
CA VAL L 127 58.65 47.30 36.85
C VAL L 127 59.11 48.65 36.35
N VAL L 128 58.36 49.20 35.41
CA VAL L 128 58.68 50.48 34.77
C VAL L 128 57.42 51.31 34.68
N GLY L 129 57.46 52.50 35.24
CA GLY L 129 56.42 53.49 35.05
C GLY L 129 55.04 52.93 35.26
N GLY L 130 54.89 52.17 36.31
CA GLY L 130 53.63 51.73 36.81
C GLY L 130 53.18 50.39 36.32
N ARG L 131 53.80 49.84 35.27
CA ARG L 131 53.44 48.51 34.81
C ARG L 131 54.57 47.51 35.01
N VAL L 132 54.19 46.25 35.14
CA VAL L 132 55.12 45.14 35.11
C VAL L 132 55.31 44.75 33.66
N PHE L 133 56.54 44.89 33.20
CA PHE L 133 56.95 44.52 31.86
C PHE L 133 57.58 43.15 31.99
N LYS L 134 57.16 42.20 31.16
CA LYS L 134 57.86 40.94 31.11
C LYS L 134 57.96 40.52 29.65
N PRO L 135 59.11 39.99 29.21
CA PRO L 135 59.18 39.43 27.85
C PRO L 135 58.20 38.27 27.69
N LEU L 136 57.39 38.32 26.63
CA LEU L 136 56.32 37.36 26.44
C LEU L 136 56.75 35.90 26.61
N HIS L 137 57.82 35.50 25.92
CA HIS L 137 58.16 34.07 25.87
C HIS L 137 58.52 33.49 27.22
N VAL L 138 59.24 34.23 28.05
CA VAL L 138 59.68 33.73 29.35
C VAL L 138 58.48 33.25 30.14
N GLU L 139 58.55 32.02 30.63
CA GLU L 139 57.45 31.40 31.36
C GLU L 139 57.88 31.12 32.78
N GLY L 140 56.92 31.09 33.68
CA GLY L 140 57.15 30.67 35.06
C GLY L 140 56.23 31.40 36.02
N ARG L 141 56.74 31.56 37.24
CA ARG L 141 56.11 32.33 38.31
C ARG L 141 57.09 33.42 38.72
N ILE L 142 56.58 34.64 38.90
CA ILE L 142 57.44 35.73 39.36
C ILE L 142 57.90 35.42 40.79
N ASP L 143 59.16 35.76 41.11
CA ASP L 143 59.70 35.25 42.36
C ASP L 143 59.22 35.98 43.61
N ASN L 144 58.52 37.11 43.49
CA ASN L 144 57.89 37.76 44.63
C ASN L 144 56.39 37.71 44.44
N GLU L 145 55.72 36.96 45.32
CA GLU L 145 54.30 36.65 45.19
C GLU L 145 53.45 37.87 44.82
N GLN L 146 53.66 38.99 45.51
CA GLN L 146 52.82 40.18 45.36
C GLN L 146 52.65 40.63 43.92
N LEU L 147 53.64 40.36 43.06
CA LEU L 147 53.48 40.54 41.62
C LEU L 147 53.04 39.28 40.94
N ALA L 148 53.32 38.11 41.52
CA ALA L 148 52.97 36.85 40.91
C ALA L 148 51.48 36.67 40.66
N ALA L 149 50.62 37.52 41.20
CA ALA L 149 49.18 37.26 41.19
C ALA L 149 48.45 38.01 40.10
N ILE L 150 48.89 39.21 39.73
CA ILE L 150 48.16 40.02 38.76
C ILE L 150 48.05 39.27 37.45
N LYS L 151 46.82 39.12 36.94
CA LYS L 151 46.62 38.42 35.69
C LYS L 151 47.22 39.28 34.58
N LEU L 152 48.29 38.80 33.98
CA LEU L 152 49.01 39.59 32.99
C LEU L 152 48.20 39.68 31.71
N LYS L 153 48.04 40.90 31.19
CA LYS L 153 47.39 41.11 29.90
C LYS L 153 48.44 41.34 28.82
N LYS L 154 48.51 40.42 27.86
CA LYS L 154 49.61 40.35 26.92
C LYS L 154 49.47 41.38 25.79
N ALA L 155 50.58 41.59 25.08
CA ALA L 155 50.58 42.43 23.88
C ALA L 155 51.72 41.94 22.99
N SER L 156 51.38 41.18 21.94
CA SER L 156 52.38 40.43 21.20
C SER L 156 53.25 41.28 20.28
N ILE L 157 52.74 42.40 19.78
CA ILE L 157 53.45 43.22 18.80
C ILE L 157 54.87 43.58 19.21
N TYR L 158 55.14 43.58 20.51
CA TYR L 158 56.45 43.90 21.07
C TYR L 158 56.96 42.79 21.96
N ASP L 159 56.24 41.69 22.10
CA ASP L 159 56.65 40.55 22.90
C ASP L 159 56.75 40.86 24.38
N LEU L 160 55.79 41.62 24.90
CA LEU L 160 55.72 41.84 26.34
C LEU L 160 54.38 41.36 26.92
N GLU L 161 54.34 41.26 28.26
CA GLU L 161 53.15 40.88 29.01
C GLU L 161 52.95 41.88 30.14
N TYR L 162 51.76 42.46 30.20
CA TYR L 162 51.54 43.66 31.00
C TYR L 162 50.77 43.43 32.28
N GLY L 163 50.53 44.56 32.95
CA GLY L 163 49.70 44.69 34.14
C GLY L 163 50.22 45.70 35.15
N ASP L 164 49.29 46.53 35.60
CA ASP L 164 49.52 47.57 36.60
C ASP L 164 49.84 46.96 37.95
N VAL L 165 51.07 47.16 38.43
CA VAL L 165 51.50 46.59 39.70
C VAL L 165 50.67 47.23 40.80
N PRO L 166 50.37 46.55 41.91
CA PRO L 166 49.46 47.13 42.91
C PRO L 166 49.96 48.44 43.49
N GLN L 167 49.01 49.17 44.07
CA GLN L 167 49.30 50.50 44.60
C GLN L 167 50.42 50.47 45.64
N CYS L 168 50.44 49.43 46.48
CA CYS L 168 51.39 49.37 47.60
C CYS L 168 52.86 49.52 47.16
N MET L 169 53.15 49.30 45.88
CA MET L 169 54.49 49.51 45.33
C MET L 169 54.48 50.54 44.21
N LYS L 170 53.39 51.27 44.04
CA LYS L 170 53.29 52.27 42.97
C LYS L 170 54.36 53.33 43.07
N SER L 171 54.91 53.57 44.25
CA SER L 171 55.94 54.58 44.45
C SER L 171 57.34 53.99 44.46
N ASP L 172 57.49 52.69 44.23
CA ASP L 172 58.77 52.00 44.21
C ASP L 172 59.00 51.35 42.86
N THR L 173 58.68 52.09 41.80
CA THR L 173 58.74 51.60 40.43
C THR L 173 59.72 52.45 39.62
N LEU L 174 60.57 51.78 38.85
CA LEU L 174 61.59 52.46 38.08
C LEU L 174 60.99 53.44 37.09
N GLN L 175 61.75 54.46 36.80
CA GLN L 175 61.39 55.54 35.91
C GLN L 175 61.78 55.13 34.50
N TYR L 176 61.53 55.98 33.52
CA TYR L 176 62.15 55.79 32.22
C TYR L 176 62.30 57.11 31.52
N THR L 177 63.05 57.09 30.44
CA THR L 177 63.30 58.29 29.66
C THR L 177 63.55 57.90 28.24
N SER L 178 63.17 58.78 27.33
CA SER L 178 63.37 58.58 25.92
C SER L 178 64.51 59.38 25.36
N ASP L 179 65.20 60.15 26.19
CA ASP L 179 66.31 60.96 25.74
C ASP L 179 67.59 60.17 25.97
N LYS L 180 68.19 59.66 24.88
CA LYS L 180 69.32 58.75 24.96
C LYS L 180 70.40 59.28 24.01
N PRO L 181 71.32 60.11 24.51
CA PRO L 181 72.47 60.46 23.70
C PRO L 181 73.29 59.22 23.41
N PRO L 182 73.92 59.14 22.23
CA PRO L 182 74.81 58.01 21.98
C PRO L 182 75.96 58.01 22.97
N GLY L 183 76.35 56.83 23.41
CA GLY L 183 77.33 56.76 24.48
C GLY L 183 77.21 55.47 25.26
N PHE L 184 77.81 55.49 26.45
CA PHE L 184 77.85 54.33 27.32
C PHE L 184 76.65 54.35 28.24
N TYR L 185 75.93 53.23 28.30
CA TYR L 185 74.82 53.06 29.23
C TYR L 185 75.07 51.81 30.04
N ASN L 186 74.98 51.92 31.36
CA ASN L 186 75.27 50.78 32.22
C ASN L 186 74.17 49.75 32.08
N TRP L 187 74.40 48.59 32.67
CA TRP L 187 73.49 47.48 32.55
C TRP L 187 73.97 46.45 33.55
N HIS L 188 73.08 45.54 33.94
CA HIS L 188 73.38 44.61 35.03
C HIS L 188 74.70 43.91 34.83
N HIS L 189 74.89 43.31 33.67
CA HIS L 189 76.07 42.51 33.40
C HIS L 189 77.21 43.30 32.80
N GLY L 190 77.08 44.59 32.63
CA GLY L 190 78.22 45.39 32.25
C GLY L 190 77.78 46.60 31.49
N ALA L 191 78.73 47.23 30.80
CA ALA L 191 78.45 48.45 30.08
C ALA L 191 77.98 48.14 28.68
N VAL L 192 77.03 48.93 28.19
CA VAL L 192 76.43 48.81 26.88
C VAL L 192 76.80 50.05 26.11
N GLN L 193 76.82 49.94 24.80
CA GLN L 193 77.12 51.05 23.93
C GLN L 193 75.91 51.30 23.06
N TYR L 194 75.59 52.57 22.88
CA TYR L 194 74.60 53.05 21.92
C TYR L 194 75.28 53.94 20.90
N GLU L 195 75.46 53.39 19.71
CA GLU L 195 76.10 54.11 18.62
C GLU L 195 75.34 53.78 17.36
N ASN L 196 75.16 54.77 16.49
CA ASN L 196 74.55 54.54 15.18
C ASN L 196 73.18 53.88 15.26
N ASN L 197 72.42 54.22 16.29
CA ASN L 197 71.11 53.61 16.51
C ASN L 197 71.22 52.11 16.63
N ARG L 198 72.20 51.65 17.38
CA ARG L 198 72.38 50.25 17.68
C ARG L 198 72.90 50.13 19.10
N PHE L 199 72.41 49.11 19.81
CA PHE L 199 72.89 48.73 21.13
C PHE L 199 73.83 47.54 21.02
N THR L 200 75.02 47.65 21.63
CA THR L 200 75.99 46.56 21.65
C THR L 200 76.53 46.31 23.06
N VAL L 201 76.89 45.05 23.30
CA VAL L 201 77.55 44.60 24.54
C VAL L 201 78.75 43.72 24.17
N PRO L 202 79.85 43.77 24.91
CA PRO L 202 81.04 43.06 24.47
C PRO L 202 80.82 41.57 24.53
N ARG L 203 81.57 40.87 23.68
CA ARG L 203 81.20 39.57 23.18
C ARG L 203 81.00 38.55 24.28
N GLY L 204 80.10 37.60 24.03
CA GLY L 204 79.91 36.46 24.87
C GLY L 204 79.18 36.71 26.17
N VAL L 205 78.96 37.96 26.55
CA VAL L 205 78.35 38.29 27.84
C VAL L 205 76.83 38.38 27.66
N GLY L 206 76.12 37.50 28.34
CA GLY L 206 74.67 37.46 28.22
C GLY L 206 74.20 36.23 27.46
N GLY L 207 72.94 35.88 27.71
CA GLY L 207 72.37 34.68 27.11
C GLY L 207 71.04 34.37 27.73
N LYS L 208 70.70 33.09 27.72
CA LYS L 208 69.38 32.67 28.15
C LYS L 208 69.17 33.05 29.60
N GLY L 209 68.21 33.96 29.82
CA GLY L 209 67.88 34.53 31.11
C GLY L 209 68.05 36.04 31.14
N ASP L 210 68.92 36.56 30.30
CA ASP L 210 69.27 37.97 30.25
C ASP L 210 68.25 38.79 29.46
N SER L 211 67.24 38.15 28.88
CA SER L 211 66.13 38.88 28.31
C SER L 211 65.38 39.60 29.42
N GLY L 212 64.98 40.83 29.16
CA GLY L 212 64.11 41.44 30.12
C GLY L 212 64.78 41.99 31.34
N ARG L 213 66.07 42.00 31.38
CA ARG L 213 66.75 42.85 32.32
C ARG L 213 66.73 44.29 31.82
N PRO L 214 66.55 45.27 32.68
CA PRO L 214 66.56 46.65 32.22
C PRO L 214 67.93 47.09 31.77
N ILE L 215 67.95 48.05 30.88
CA ILE L 215 69.13 48.82 30.54
C ILE L 215 68.94 50.20 31.09
N LEU L 216 69.91 50.64 31.89
CA LEU L 216 69.81 51.85 32.66
C LEU L 216 70.80 52.86 32.10
N ASP L 217 70.48 54.12 32.28
CA ASP L 217 71.36 55.19 31.86
C ASP L 217 72.28 55.55 33.03
N ASN L 218 73.02 56.64 32.89
CA ASN L 218 73.87 57.07 33.99
C ASN L 218 73.05 57.62 35.14
N LYS L 219 71.92 58.24 34.85
CA LYS L 219 71.09 58.79 35.91
C LYS L 219 70.15 57.78 36.53
N GLY L 220 70.17 56.53 36.08
CA GLY L 220 69.47 55.46 36.75
C GLY L 220 68.15 55.11 36.13
N ARG L 221 67.77 55.76 35.03
CA ARG L 221 66.47 55.56 34.41
C ARG L 221 66.53 54.49 33.32
N VAL L 222 65.48 53.68 33.20
CA VAL L 222 65.51 52.64 32.19
C VAL L 222 65.33 53.28 30.83
N VAL L 223 66.21 52.95 29.91
CA VAL L 223 66.15 53.44 28.54
C VAL L 223 65.81 52.32 27.59
N ALA L 224 65.85 51.07 28.02
CA ALA L 224 65.54 49.99 27.11
C ALA L 224 65.39 48.72 27.92
N ILE L 225 64.63 47.78 27.40
CA ILE L 225 64.45 46.48 28.02
C ILE L 225 64.72 45.43 26.95
N VAL L 226 65.81 44.66 27.13
CA VAL L 226 66.35 43.79 26.08
C VAL L 226 65.60 42.49 25.99
N LEU L 227 65.52 41.99 24.76
CA LEU L 227 64.85 40.75 24.44
C LEU L 227 65.71 39.77 23.66
N GLY L 228 66.89 40.16 23.17
CA GLY L 228 67.73 39.17 22.50
C GLY L 228 68.99 39.81 21.97
N GLY L 229 69.81 39.01 21.28
CA GLY L 229 71.05 39.53 20.72
C GLY L 229 71.68 38.70 19.61
N VAL L 230 72.61 39.32 18.89
CA VAL L 230 73.30 38.69 17.76
C VAL L 230 74.78 39.00 17.87
N ASN L 231 75.61 38.00 17.62
CA ASN L 231 77.04 38.26 17.67
C ASN L 231 77.44 39.02 16.42
N GLU L 232 78.07 40.18 16.61
CA GLU L 232 78.59 40.97 15.50
C GLU L 232 80.02 41.34 15.86
N GLY L 233 80.97 40.65 15.24
CA GLY L 233 82.37 40.91 15.50
C GLY L 233 82.65 40.82 16.97
N SER L 234 83.36 41.80 17.49
CA SER L 234 83.80 41.74 18.86
C SER L 234 82.71 42.09 19.86
N ARG L 235 81.46 42.22 19.43
CA ARG L 235 80.38 42.66 20.31
C ARG L 235 79.14 41.86 19.97
N THR L 236 78.02 42.29 20.53
CA THR L 236 76.76 41.60 20.28
C THR L 236 75.68 42.66 20.30
N ALA L 237 74.94 42.72 19.19
CA ALA L 237 73.93 43.73 18.95
C ALA L 237 72.60 43.27 19.53
N LEU L 238 71.92 44.17 20.22
CA LEU L 238 70.82 43.84 21.11
C LEU L 238 69.46 44.10 20.47
N SER L 239 68.58 43.10 20.56
CA SER L 239 67.17 43.29 20.32
C SER L 239 66.53 43.81 21.59
N VAL L 240 65.94 45.00 21.51
CA VAL L 240 65.53 45.75 22.69
C VAL L 240 64.26 46.52 22.36
N VAL L 241 63.62 47.10 23.39
CA VAL L 241 62.44 47.96 23.27
C VAL L 241 62.80 49.39 23.69
N THR L 242 62.84 50.31 22.74
CA THR L 242 63.20 51.70 22.96
C THR L 242 62.03 52.64 22.68
N TRP L 243 62.01 53.74 23.38
CA TRP L 243 60.98 54.75 23.23
C TRP L 243 61.53 55.81 22.28
N ASN L 244 61.03 55.86 21.05
CA ASN L 244 61.72 56.55 19.97
C ASN L 244 61.74 58.06 20.18
N GLN L 245 62.40 58.74 19.23
CA GLN L 245 62.68 60.18 19.30
C GLN L 245 61.46 61.07 19.48
N LYS L 246 60.26 60.58 19.23
CA LYS L 246 59.03 61.24 19.62
C LYS L 246 58.39 60.56 20.81
N GLY L 247 58.99 59.51 21.33
CA GLY L 247 58.57 58.84 22.52
C GLY L 247 57.69 57.64 22.33
N VAL L 248 57.24 57.35 21.12
CA VAL L 248 56.41 56.17 20.93
C VAL L 248 57.26 54.92 21.15
N THR L 249 56.74 53.99 21.93
CA THR L 249 57.46 52.75 22.20
C THR L 249 57.59 51.90 20.94
N VAL L 250 58.75 51.26 20.76
CA VAL L 250 59.06 50.58 19.52
C VAL L 250 60.08 49.51 19.82
N LYS L 251 59.90 48.36 19.19
CA LYS L 251 60.90 47.32 19.25
C LYS L 251 61.94 47.60 18.18
N ASP L 252 63.19 47.70 18.58
CA ASP L 252 64.33 47.80 17.69
C ASP L 252 65.14 46.53 17.82
N THR L 253 65.21 45.76 16.74
CA THR L 253 65.89 44.49 16.71
C THR L 253 66.79 44.35 15.49
N PRO L 254 68.07 44.05 15.68
CA PRO L 254 68.91 43.68 14.54
C PRO L 254 68.58 42.37 13.85
N GLU L 255 69.14 42.21 12.66
CA GLU L 255 68.77 41.11 11.80
C GLU L 255 69.24 39.79 12.39
N GLY L 256 68.40 38.77 12.33
CA GLY L 256 68.84 37.48 12.82
C GLY L 256 68.80 37.27 14.31
N SER L 257 68.20 38.15 15.09
CA SER L 257 68.32 38.00 16.53
C SER L 257 67.37 36.93 17.03
N GLU L 258 67.75 36.31 18.13
CA GLU L 258 67.01 35.23 18.75
C GLU L 258 66.57 35.67 20.12
N PRO L 259 65.50 35.07 20.66
CA PRO L 259 65.11 35.45 22.02
C PRO L 259 66.00 34.74 23.02
N TRP L 260 66.72 35.51 23.82
CA TRP L 260 67.36 34.94 24.99
C TRP L 260 66.30 34.43 25.95
N TYR M 1 10.69 -32.91 -11.02
CA TYR M 1 11.85 -32.54 -10.18
C TYR M 1 12.71 -31.48 -10.85
N GLU M 2 12.88 -30.36 -10.19
CA GLU M 2 13.56 -29.24 -10.82
C GLU M 2 15.06 -29.50 -10.92
N HIS M 3 15.66 -28.91 -11.94
CA HIS M 3 17.11 -28.94 -12.09
C HIS M 3 17.52 -27.67 -12.83
N THR M 4 18.24 -26.80 -12.13
CA THR M 4 18.70 -25.54 -12.67
C THR M 4 20.13 -25.66 -13.12
N ALA M 5 20.50 -24.87 -14.11
CA ALA M 5 21.86 -24.88 -14.61
C ALA M 5 22.03 -23.66 -15.51
N VAL M 6 23.23 -23.54 -16.08
CA VAL M 6 23.56 -22.51 -17.04
C VAL M 6 24.32 -23.19 -18.16
N MET M 7 23.94 -22.92 -19.41
CA MET M 7 24.55 -23.58 -20.55
C MET M 7 25.03 -22.53 -21.53
N PRO M 8 26.05 -22.82 -22.32
CA PRO M 8 26.50 -21.85 -23.31
C PRO M 8 25.46 -21.65 -24.39
N ASN M 9 25.54 -20.50 -25.03
CA ASN M 9 24.62 -20.10 -26.09
C ASN M 9 24.99 -20.68 -27.44
N LYS M 10 25.85 -21.69 -27.47
CA LYS M 10 26.25 -22.28 -28.73
C LYS M 10 25.14 -23.18 -29.25
N VAL M 11 24.91 -23.12 -30.55
CA VAL M 11 23.91 -23.93 -31.21
C VAL M 11 24.60 -25.17 -31.76
N GLY M 12 24.04 -26.34 -31.45
CA GLY M 12 24.58 -27.60 -31.92
C GLY M 12 25.43 -28.34 -30.92
N ILE M 13 25.93 -27.67 -29.88
CA ILE M 13 26.72 -28.32 -28.83
C ILE M 13 25.76 -28.73 -27.73
N PRO M 14 25.55 -30.03 -27.48
CA PRO M 14 24.59 -30.42 -26.44
C PRO M 14 25.11 -30.16 -25.05
N TYR M 15 24.26 -29.60 -24.21
CA TYR M 15 24.54 -29.47 -22.79
C TYR M 15 24.08 -30.74 -22.11
N LYS M 16 25.00 -31.43 -21.45
CA LYS M 16 24.73 -32.70 -20.81
C LYS M 16 24.80 -32.52 -19.31
N ALA M 17 24.00 -33.31 -18.59
CA ALA M 17 23.97 -33.22 -17.14
C ALA M 17 23.45 -34.53 -16.57
N LEU M 18 23.70 -34.73 -15.29
CA LEU M 18 23.12 -35.82 -14.52
C LEU M 18 22.22 -35.20 -13.47
N VAL M 19 20.91 -35.28 -13.70
CA VAL M 19 19.95 -34.81 -12.73
C VAL M 19 19.89 -35.85 -11.63
N GLU M 20 20.34 -35.47 -10.45
CA GLU M 20 20.38 -36.34 -9.29
C GLU M 20 19.26 -35.95 -8.34
N ARG M 21 18.46 -36.93 -7.95
CA ARG M 21 17.36 -36.76 -7.04
C ARG M 21 17.64 -37.65 -5.85
N PRO M 22 17.62 -37.15 -4.61
CA PRO M 22 17.94 -38.00 -3.47
C PRO M 22 17.01 -39.20 -3.38
N GLY M 23 17.59 -40.39 -3.33
CA GLY M 23 16.81 -41.59 -3.27
C GLY M 23 16.47 -42.23 -4.59
N TYR M 24 16.77 -41.59 -5.70
CA TYR M 24 16.42 -42.09 -7.01
C TYR M 24 17.67 -42.13 -7.86
N ALA M 25 17.71 -43.03 -8.84
CA ALA M 25 18.88 -43.14 -9.69
C ALA M 25 19.03 -41.87 -10.52
N PRO M 26 20.26 -41.48 -10.86
CA PRO M 26 20.42 -40.28 -11.68
C PRO M 26 19.83 -40.46 -13.06
N VAL M 27 19.38 -39.36 -13.63
CA VAL M 27 18.81 -39.34 -14.98
C VAL M 27 19.72 -38.49 -15.85
N HIS M 28 20.08 -39.00 -17.02
CA HIS M 28 20.89 -38.23 -17.94
C HIS M 28 20.02 -37.24 -18.68
N LEU M 29 20.43 -35.97 -18.68
CA LEU M 29 19.70 -34.90 -19.34
C LEU M 29 20.56 -34.32 -20.44
N GLN M 30 19.95 -34.09 -21.60
CA GLN M 30 20.62 -33.56 -22.76
C GLN M 30 19.73 -32.46 -23.33
N ILE M 31 20.15 -31.21 -23.21
CA ILE M 31 19.44 -30.05 -23.76
C ILE M 31 20.29 -29.47 -24.86
N GLN M 32 19.74 -29.35 -26.05
CA GLN M 32 20.44 -28.84 -27.22
C GLN M 32 19.61 -27.75 -27.87
N LEU M 33 20.29 -26.76 -28.40
CA LEU M 33 19.66 -25.62 -29.04
C LEU M 33 19.71 -25.84 -30.54
N VAL M 34 18.55 -26.03 -31.15
CA VAL M 34 18.51 -26.14 -32.59
C VAL M 34 18.79 -24.79 -33.22
N ASN M 35 18.17 -23.72 -32.71
CA ASN M 35 18.44 -22.38 -33.18
C ASN M 35 18.03 -21.38 -32.13
N THR M 36 18.56 -20.16 -32.24
CA THR M 36 18.21 -19.08 -31.32
C THR M 36 18.01 -17.81 -32.13
N ARG M 37 16.81 -17.25 -32.05
CA ARG M 37 16.38 -16.11 -32.85
C ARG M 37 16.23 -14.88 -31.97
N ILE M 38 16.96 -13.82 -32.29
CA ILE M 38 16.76 -12.50 -31.71
C ILE M 38 15.83 -11.74 -32.64
N ILE M 39 14.55 -11.61 -32.26
CA ILE M 39 13.54 -11.05 -33.16
C ILE M 39 13.15 -9.65 -32.71
N PRO M 40 13.74 -8.58 -33.24
CA PRO M 40 13.37 -7.23 -32.82
C PRO M 40 11.97 -6.83 -33.25
N SER M 41 11.49 -5.78 -32.59
CA SER M 41 10.22 -5.15 -32.92
C SER M 41 10.50 -3.98 -33.85
N THR M 42 10.16 -4.14 -35.11
CA THR M 42 10.38 -3.16 -36.14
C THR M 42 9.13 -2.31 -36.34
N ASN M 43 9.34 -1.08 -36.81
CA ASN M 43 8.22 -0.25 -37.26
C ASN M 43 8.67 0.50 -38.52
N LEU M 44 7.94 0.23 -39.59
CA LEU M 44 8.23 0.78 -40.91
C LEU M 44 8.14 2.29 -40.90
N GLU M 45 9.21 2.93 -41.34
CA GLU M 45 9.24 4.38 -41.49
C GLU M 45 8.80 4.75 -42.89
N TYR M 46 9.48 4.24 -43.90
CA TYR M 46 9.08 4.52 -45.27
C TYR M 46 9.62 3.45 -46.21
N ILE M 47 9.32 3.65 -47.49
CA ILE M 47 9.66 2.75 -48.58
C ILE M 47 10.30 3.60 -49.65
N THR M 48 11.40 3.11 -50.21
CA THR M 48 12.11 3.75 -51.30
C THR M 48 12.09 2.85 -52.52
N CYS M 49 11.91 3.45 -53.68
CA CYS M 49 12.04 2.71 -54.92
C CYS M 49 12.41 3.67 -56.04
N LYS M 50 12.55 3.14 -57.24
CA LYS M 50 12.88 3.95 -58.39
C LYS M 50 11.68 4.82 -58.74
N TYR M 51 11.93 5.97 -59.32
CA TYR M 51 10.87 6.89 -59.65
C TYR M 51 10.49 6.77 -61.11
N LYS M 52 9.30 7.26 -61.42
CA LYS M 52 8.80 7.32 -62.78
C LYS M 52 8.31 8.73 -63.02
N THR M 53 8.99 9.46 -63.90
CA THR M 53 8.60 10.82 -64.22
C THR M 53 7.43 10.76 -65.18
N LYS M 54 6.22 10.94 -64.66
CA LYS M 54 5.07 11.12 -65.52
C LYS M 54 5.10 12.45 -66.20
N VAL M 55 4.92 12.40 -67.51
CA VAL M 55 4.96 13.55 -68.39
C VAL M 55 3.63 13.61 -69.13
N PRO M 56 2.61 14.24 -68.57
CA PRO M 56 1.35 14.38 -69.29
C PRO M 56 1.47 15.23 -70.54
N SER M 57 0.47 15.10 -71.39
CA SER M 57 0.46 15.74 -72.70
C SER M 57 0.66 17.25 -72.60
N PRO M 58 1.59 17.84 -73.36
CA PRO M 58 1.67 19.29 -73.40
C PRO M 58 0.39 19.93 -73.90
N VAL M 59 0.03 21.04 -73.27
CA VAL M 59 -1.11 21.85 -73.72
C VAL M 59 -0.56 22.90 -74.65
N VAL M 60 -0.86 22.80 -75.94
CA VAL M 60 -0.41 23.79 -76.91
C VAL M 60 -1.55 24.73 -77.20
N LYS M 61 -1.44 25.98 -76.77
CA LYS M 61 -2.38 27.05 -77.12
C LYS M 61 -1.87 27.80 -78.33
N CYS M 62 -2.66 27.75 -79.40
CA CYS M 62 -2.24 28.31 -80.67
C CYS M 62 -1.99 29.80 -80.60
N CYS M 63 -3.01 30.60 -80.29
CA CYS M 63 -2.90 32.05 -80.34
C CYS M 63 -3.16 32.68 -78.98
N GLY M 64 -2.81 31.98 -77.92
CA GLY M 64 -3.02 32.48 -76.57
C GLY M 64 -1.81 32.19 -75.70
N ALA M 65 -1.86 32.78 -74.53
CA ALA M 65 -0.91 32.54 -73.46
C ALA M 65 -1.67 31.90 -72.31
N THR M 66 -1.47 30.60 -72.11
CA THR M 66 -2.03 29.88 -70.98
C THR M 66 -0.99 29.85 -69.88
N GLN M 67 -1.41 30.00 -68.62
CA GLN M 67 -0.43 30.11 -67.55
C GLN M 67 -0.56 28.99 -66.51
N CYS M 68 0.57 28.80 -65.83
CA CYS M 68 0.85 27.72 -64.90
C CYS M 68 -0.05 27.74 -63.68
N THR M 69 -0.35 26.56 -63.16
CA THR M 69 -1.16 26.42 -61.95
C THR M 69 -0.66 25.26 -61.12
N SER M 70 -0.04 25.58 -59.98
CA SER M 70 0.57 24.58 -59.11
C SER M 70 -0.46 23.59 -58.58
N LYS M 71 -0.15 22.30 -58.73
CA LYS M 71 -0.98 21.16 -58.37
C LYS M 71 -0.31 20.33 -57.28
N PRO M 72 -1.09 19.68 -56.42
CA PRO M 72 -0.53 19.00 -55.25
C PRO M 72 0.19 17.69 -55.53
N HIS M 73 1.18 17.68 -56.41
CA HIS M 73 1.81 16.45 -56.87
C HIS M 73 3.29 16.40 -56.48
N PRO M 74 3.85 15.21 -56.27
CA PRO M 74 5.28 15.12 -55.96
C PRO M 74 6.18 15.71 -57.02
N ASP M 75 6.96 16.69 -56.62
CA ASP M 75 7.93 17.34 -57.47
C ASP M 75 7.28 17.83 -58.75
N TYR M 76 6.10 18.43 -58.60
CA TYR M 76 5.36 18.97 -59.72
C TYR M 76 6.06 20.18 -60.29
N GLN M 77 6.30 20.16 -61.58
CA GLN M 77 6.89 21.28 -62.28
C GLN M 77 6.12 21.51 -63.56
N CYS M 78 5.65 22.75 -63.72
CA CYS M 78 4.91 23.19 -64.89
C CYS M 78 5.51 24.48 -65.38
N GLN M 79 5.93 24.51 -66.64
CA GLN M 79 6.32 25.77 -67.25
C GLN M 79 5.52 26.04 -68.52
N VAL M 80 5.58 27.30 -68.92
CA VAL M 80 4.97 27.84 -70.12
C VAL M 80 6.07 28.35 -71.03
N PHE M 81 6.15 27.85 -72.25
CA PHE M 81 7.19 28.23 -73.19
C PHE M 81 6.53 28.88 -74.40
N SER M 82 6.94 30.11 -74.67
CA SER M 82 6.38 30.90 -75.74
C SER M 82 7.16 30.68 -77.04
N GLY M 83 6.64 31.24 -78.12
CA GLY M 83 7.25 31.19 -79.43
C GLY M 83 7.58 29.80 -79.90
N VAL M 84 6.74 28.85 -79.54
CA VAL M 84 6.84 27.48 -80.02
C VAL M 84 5.96 27.35 -81.25
N TYR M 85 6.54 26.92 -82.35
CA TYR M 85 5.77 26.67 -83.56
C TYR M 85 5.75 25.17 -83.79
N PRO M 86 4.86 24.42 -83.14
CA PRO M 86 4.85 22.97 -83.29
C PRO M 86 4.63 22.53 -84.72
N PHE M 87 5.46 21.60 -85.16
CA PHE M 87 5.41 20.99 -86.47
C PHE M 87 5.07 19.52 -86.25
N MET M 88 3.97 19.06 -86.84
CA MET M 88 3.68 17.62 -86.82
C MET M 88 3.42 17.10 -88.22
N TRP M 89 3.01 15.83 -88.33
CA TRP M 89 2.68 15.24 -89.62
C TRP M 89 1.56 15.97 -90.35
N GLY M 90 0.78 16.78 -89.64
CA GLY M 90 -0.13 17.73 -90.26
C GLY M 90 0.57 18.94 -90.80
N GLY M 91 1.84 19.09 -90.47
CA GLY M 91 2.65 20.21 -90.80
C GLY M 91 2.61 21.32 -89.79
N ALA M 92 1.53 22.02 -89.63
CA ALA M 92 1.63 23.44 -89.35
C ALA M 92 0.85 23.81 -88.13
N TYR M 93 0.98 23.04 -87.05
CA TYR M 93 -0.03 22.89 -86.01
C TYR M 93 -0.72 24.16 -85.57
N CYS M 94 -0.01 25.27 -85.46
CA CYS M 94 -0.63 26.57 -85.22
C CYS M 94 -0.28 27.55 -86.35
N PHE M 95 -0.85 28.76 -86.28
CA PHE M 95 -0.57 29.79 -87.28
C PHE M 95 0.53 30.75 -86.88
N CYS M 96 0.42 31.38 -85.73
CA CYS M 96 1.30 32.50 -85.44
C CYS M 96 2.71 32.01 -85.31
N ASP M 97 3.65 32.83 -85.75
CA ASP M 97 5.03 32.38 -85.73
C ASP M 97 5.58 32.45 -84.32
N THR M 98 5.50 33.61 -83.67
CA THR M 98 6.08 33.77 -82.34
C THR M 98 5.05 33.79 -81.22
N GLU M 99 3.81 34.15 -81.48
CA GLU M 99 2.79 34.13 -80.42
C GLU M 99 2.00 32.82 -80.37
N ASN M 100 2.72 31.72 -80.19
CA ASN M 100 2.17 30.41 -79.84
C ASN M 100 2.80 29.96 -78.54
N THR M 101 2.04 29.28 -77.67
CA THR M 101 2.60 28.84 -76.40
C THR M 101 2.29 27.38 -76.13
N GLN M 102 3.17 26.75 -75.37
CA GLN M 102 3.02 25.36 -74.94
C GLN M 102 3.26 25.31 -73.45
N MET M 103 2.42 24.56 -72.74
CA MET M 103 2.58 24.34 -71.32
C MET M 103 2.97 22.89 -71.13
N SER M 104 4.08 22.71 -70.43
CA SER M 104 4.69 21.43 -70.14
C SER M 104 4.54 21.17 -68.67
N GLU M 105 4.06 20.00 -68.30
CA GLU M 105 4.02 19.63 -66.90
C GLU M 105 4.51 18.21 -66.69
N ALA M 106 5.13 18.01 -65.53
CA ALA M 106 5.82 16.79 -65.20
C ALA M 106 5.77 16.58 -63.69
N TYR M 107 5.57 15.35 -63.27
CA TYR M 107 5.67 15.03 -61.85
C TYR M 107 6.06 13.58 -61.67
N VAL M 108 6.75 13.27 -60.58
CA VAL M 108 7.29 11.94 -60.33
C VAL M 108 6.33 11.14 -59.49
N GLU M 109 6.14 9.88 -59.87
CA GLU M 109 5.37 8.90 -59.12
C GLU M 109 6.21 7.66 -58.84
N ARG M 110 5.66 6.77 -58.05
CA ARG M 110 6.33 5.49 -57.80
C ARG M 110 6.35 4.66 -59.06
N SER M 111 7.46 3.99 -59.30
CA SER M 111 7.61 3.15 -60.46
C SER M 111 6.77 1.89 -60.31
N GLU M 112 6.52 1.25 -61.44
CA GLU M 112 5.76 0.01 -61.43
C GLU M 112 6.45 -1.07 -60.61
N GLU M 113 7.77 -1.03 -60.52
CA GLU M 113 8.52 -2.03 -59.82
C GLU M 113 8.58 -1.81 -58.32
N CYS M 114 8.00 -0.74 -57.80
CA CYS M 114 8.08 -0.50 -56.36
C CYS M 114 7.37 -1.56 -55.56
N SER M 115 6.41 -2.25 -56.13
CA SER M 115 5.71 -3.29 -55.40
C SER M 115 6.47 -4.61 -55.36
N ILE M 116 7.51 -4.74 -56.16
CA ILE M 116 8.28 -5.95 -56.31
C ILE M 116 9.67 -5.78 -55.73
N ASP M 117 10.37 -4.73 -56.14
CA ASP M 117 11.64 -4.34 -55.53
C ASP M 117 11.45 -3.00 -54.84
N HIS M 118 11.86 -2.94 -53.58
CA HIS M 118 11.86 -1.70 -52.84
C HIS M 118 12.66 -1.92 -51.56
N ALA M 119 13.13 -0.82 -51.00
CA ALA M 119 13.87 -0.83 -49.76
C ALA M 119 12.98 -0.31 -48.65
N LYS M 120 12.85 -1.10 -47.59
CA LYS M 120 12.05 -0.72 -46.44
C LYS M 120 12.94 -0.18 -45.34
N ALA M 121 12.69 1.07 -44.94
CA ALA M 121 13.37 1.67 -43.81
C ALA M 121 12.64 1.34 -42.53
N TYR M 122 13.36 0.80 -41.55
CA TYR M 122 12.79 0.27 -40.33
C TYR M 122 13.52 0.85 -39.14
N LYS M 123 12.77 1.15 -38.09
CA LYS M 123 13.34 1.41 -36.77
C LYS M 123 13.08 0.20 -35.89
N VAL M 124 14.15 -0.47 -35.46
CA VAL M 124 14.08 -1.54 -34.47
C VAL M 124 14.56 -0.97 -33.15
N HIS M 125 13.91 -1.34 -32.02
CA HIS M 125 14.59 -1.13 -30.73
C HIS M 125 14.94 -2.39 -29.95
N THR M 126 13.97 -3.25 -29.67
CA THR M 126 14.22 -4.43 -28.86
C THR M 126 13.03 -5.37 -28.98
N GLY M 127 13.27 -6.63 -29.25
CA GLY M 127 12.19 -7.59 -29.30
C GLY M 127 12.39 -8.77 -28.40
N THR M 128 11.68 -9.85 -28.73
CA THR M 128 11.78 -11.09 -28.01
C THR M 128 13.02 -11.86 -28.44
N VAL M 129 13.39 -12.83 -27.62
CA VAL M 129 14.39 -13.84 -27.96
C VAL M 129 13.73 -15.20 -27.85
N GLN M 130 13.73 -15.94 -28.95
CA GLN M 130 13.08 -17.23 -29.08
C GLN M 130 14.11 -18.28 -29.47
N ALA M 131 13.80 -19.55 -29.18
CA ALA M 131 14.75 -20.62 -29.44
C ALA M 131 13.99 -21.92 -29.58
N MET M 132 14.50 -22.80 -30.43
CA MET M 132 14.02 -24.18 -30.51
C MET M 132 14.96 -25.08 -29.73
N VAL M 133 14.42 -25.99 -28.91
CA VAL M 133 15.25 -26.83 -28.05
C VAL M 133 14.87 -28.29 -28.21
N ASN M 134 15.88 -29.14 -28.34
CA ASN M 134 15.79 -30.59 -28.28
C ASN M 134 16.19 -31.07 -26.89
N ILE M 135 15.34 -31.84 -26.24
CA ILE M 135 15.67 -32.40 -24.93
C ILE M 135 15.47 -33.90 -24.94
N THR M 136 16.38 -34.59 -24.26
CA THR M 136 16.20 -35.99 -23.88
C THR M 136 16.51 -36.16 -22.42
N TYR M 137 15.76 -37.04 -21.80
CA TYR M 137 15.97 -37.42 -20.42
C TYR M 137 15.60 -38.87 -20.26
N GLY M 138 16.53 -39.66 -19.73
CA GLY M 138 16.30 -41.07 -19.56
C GLY M 138 15.99 -41.75 -20.88
N SER M 139 15.00 -42.62 -20.86
CA SER M 139 14.61 -43.35 -22.06
C SER M 139 13.72 -42.54 -22.99
N VAL M 140 13.24 -41.37 -22.57
CA VAL M 140 12.44 -40.54 -23.46
C VAL M 140 13.32 -40.03 -24.59
N SER M 141 12.79 -40.10 -25.80
CA SER M 141 13.51 -39.69 -27.00
C SER M 141 13.43 -38.17 -27.14
N TRP M 142 13.95 -37.66 -28.24
CA TRP M 142 14.00 -36.23 -28.49
C TRP M 142 12.59 -35.66 -28.62
N ARG M 143 12.43 -34.44 -28.13
CA ARG M 143 11.13 -33.77 -28.08
C ARG M 143 11.04 -32.51 -28.93
N SER M 144 12.09 -31.70 -29.00
CA SER M 144 12.23 -30.70 -30.07
C SER M 144 11.08 -29.70 -30.14
N ALA M 145 10.89 -28.93 -29.08
CA ALA M 145 9.81 -27.95 -29.01
C ALA M 145 10.37 -26.53 -28.86
N ASP M 146 9.53 -25.57 -29.20
CA ASP M 146 9.95 -24.17 -29.34
C ASP M 146 9.58 -23.38 -28.09
N VAL M 147 10.47 -22.48 -27.68
CA VAL M 147 10.41 -21.79 -26.41
C VAL M 147 10.71 -20.32 -26.62
N TYR M 148 10.31 -19.51 -25.64
CA TYR M 148 10.67 -18.10 -25.59
C TYR M 148 11.73 -17.94 -24.53
N VAL M 149 12.84 -17.28 -24.88
CA VAL M 149 13.95 -17.09 -23.97
C VAL M 149 13.71 -15.79 -23.22
N ASN M 150 12.96 -15.88 -22.12
CA ASN M 150 12.81 -14.75 -21.22
C ASN M 150 13.03 -15.08 -19.75
N GLY M 151 13.16 -16.36 -19.40
CA GLY M 151 13.41 -16.73 -18.04
C GLY M 151 12.19 -16.80 -17.16
N GLU M 152 11.00 -16.57 -17.71
CA GLU M 152 9.77 -16.72 -16.95
C GLU M 152 8.68 -17.50 -17.67
N THR M 153 8.84 -17.82 -18.95
CA THR M 153 7.74 -18.39 -19.70
C THR M 153 7.97 -19.88 -19.84
N PRO M 154 7.21 -20.74 -19.15
CA PRO M 154 7.39 -22.18 -19.32
C PRO M 154 7.07 -22.65 -20.73
N ALA M 155 7.80 -23.68 -21.14
CA ALA M 155 7.51 -24.39 -22.38
C ALA M 155 7.42 -25.88 -22.08
N LYS M 156 6.32 -26.47 -22.49
CA LYS M 156 5.96 -27.87 -22.19
C LYS M 156 6.54 -28.73 -23.30
N ILE M 157 7.75 -29.22 -23.07
CA ILE M 157 8.48 -30.03 -24.04
C ILE M 157 8.24 -31.49 -23.70
N GLY M 158 7.42 -32.17 -24.47
CA GLY M 158 7.09 -33.53 -24.09
C GLY M 158 6.36 -33.52 -22.77
N ASP M 159 6.99 -34.01 -21.71
CA ASP M 159 6.44 -33.96 -20.37
C ASP M 159 7.31 -33.18 -19.40
N ALA M 160 8.30 -32.44 -19.88
CA ALA M 160 9.14 -31.61 -19.04
C ALA M 160 8.80 -30.15 -19.26
N LYS M 161 8.89 -29.36 -18.19
CA LYS M 161 8.68 -27.93 -18.24
C LYS M 161 10.04 -27.25 -18.24
N LEU M 162 10.32 -26.50 -19.30
CA LEU M 162 11.57 -25.77 -19.47
C LEU M 162 11.31 -24.28 -19.31
N ILE M 163 12.01 -23.65 -18.38
CA ILE M 163 12.01 -22.19 -18.28
C ILE M 163 13.41 -21.77 -18.65
N ILE M 164 13.60 -21.46 -19.91
CA ILE M 164 14.90 -21.13 -20.45
C ILE M 164 15.10 -19.62 -20.34
N GLY M 165 16.34 -19.18 -20.37
CA GLY M 165 16.63 -17.78 -20.50
C GLY M 165 16.71 -17.09 -19.16
N PRO M 166 16.92 -15.78 -19.15
CA PRO M 166 17.20 -14.88 -20.27
C PRO M 166 18.64 -14.89 -20.74
N LEU M 167 18.90 -14.44 -21.94
CA LEU M 167 20.27 -14.32 -22.42
C LEU M 167 21.04 -13.35 -21.55
N SER M 168 22.26 -13.71 -21.22
CA SER M 168 23.07 -12.88 -20.35
C SER M 168 23.37 -11.55 -21.01
N SER M 169 23.62 -11.56 -22.31
CA SER M 169 24.02 -10.40 -23.07
C SER M 169 22.85 -9.91 -23.90
N ALA M 170 22.59 -8.61 -23.83
CA ALA M 170 21.51 -7.96 -24.58
C ALA M 170 21.97 -7.50 -25.95
N TRP M 171 23.05 -8.08 -26.46
CA TRP M 171 23.61 -7.69 -27.73
C TRP M 171 22.71 -8.14 -28.88
N SER M 172 22.57 -7.27 -29.88
CA SER M 172 21.76 -7.49 -31.05
C SER M 172 22.53 -6.92 -32.23
N PRO M 173 22.60 -7.63 -33.36
CA PRO M 173 23.38 -7.11 -34.48
C PRO M 173 22.80 -5.88 -35.10
N PHE M 174 21.54 -5.61 -34.91
CA PHE M 174 20.85 -4.53 -35.58
C PHE M 174 21.03 -3.25 -34.82
N ASP M 175 21.25 -2.17 -35.54
CA ASP M 175 21.35 -0.87 -34.92
C ASP M 175 19.95 -0.28 -34.87
N ASN M 176 19.82 0.98 -34.51
CA ASN M 176 18.50 1.56 -34.33
C ASN M 176 17.72 1.58 -35.63
N LYS M 177 18.39 1.94 -36.72
CA LYS M 177 17.79 2.09 -38.04
C LYS M 177 18.39 1.06 -38.99
N VAL M 178 17.54 0.28 -39.66
CA VAL M 178 17.98 -0.69 -40.64
C VAL M 178 17.19 -0.54 -41.93
N VAL M 179 17.74 -1.06 -43.00
CA VAL M 179 17.13 -1.02 -44.33
C VAL M 179 17.09 -2.44 -44.85
N VAL M 180 15.90 -2.89 -45.23
CA VAL M 180 15.69 -4.23 -45.75
C VAL M 180 15.50 -4.13 -47.24
N TYR M 181 16.32 -4.83 -48.00
CA TYR M 181 16.20 -4.91 -49.45
C TYR M 181 16.28 -6.36 -49.86
N GLY M 182 15.17 -6.89 -50.33
CA GLY M 182 15.15 -8.29 -50.69
C GLY M 182 15.40 -9.11 -49.47
N HIS M 183 16.46 -9.90 -49.51
CA HIS M 183 16.86 -10.74 -48.39
C HIS M 183 18.03 -10.17 -47.63
N GLU M 184 18.52 -8.99 -48.00
CA GLU M 184 19.61 -8.34 -47.31
C GLU M 184 19.10 -7.32 -46.32
N VAL M 185 19.88 -7.12 -45.27
CA VAL M 185 19.63 -6.14 -44.23
C VAL M 185 20.87 -5.30 -44.08
N TYR M 186 20.71 -4.00 -43.98
CA TYR M 186 21.83 -3.08 -43.87
C TYR M 186 21.62 -2.19 -42.67
N ASN M 187 22.71 -1.82 -42.02
CA ASN M 187 22.68 -0.90 -40.89
C ASN M 187 22.93 0.48 -41.47
N TYR M 188 21.87 1.06 -42.00
CA TYR M 188 21.92 2.33 -42.70
C TYR M 188 21.24 3.36 -41.84
N ASP M 189 21.91 4.49 -41.64
CA ASP M 189 21.34 5.63 -40.95
C ASP M 189 20.51 6.40 -41.96
N PHE M 190 19.34 5.87 -42.26
CA PHE M 190 18.60 6.37 -43.40
C PHE M 190 18.07 7.75 -43.11
N PRO M 191 17.91 8.60 -44.14
CA PRO M 191 17.40 9.94 -43.87
C PRO M 191 15.97 9.88 -43.39
N GLU M 192 15.63 10.80 -42.51
CA GLU M 192 14.30 10.78 -41.96
C GLU M 192 13.31 11.18 -43.06
N TYR M 193 12.04 10.87 -42.82
CA TYR M 193 11.03 11.12 -43.83
C TYR M 193 10.95 12.60 -44.14
N GLY M 194 10.93 12.93 -45.42
CA GLY M 194 10.92 14.31 -45.83
C GLY M 194 12.27 14.98 -45.89
N THR M 195 13.36 14.25 -45.71
CA THR M 195 14.70 14.82 -45.67
C THR M 195 15.55 14.44 -46.87
N GLY M 196 15.19 13.38 -47.59
CA GLY M 196 16.05 12.79 -48.58
C GLY M 196 16.62 13.70 -49.64
N LYS M 197 17.92 13.59 -49.88
CA LYS M 197 18.56 14.44 -50.86
C LYS M 197 18.19 13.97 -52.26
N ALA M 198 18.70 14.64 -53.26
CA ALA M 198 18.31 14.39 -54.64
C ALA M 198 19.35 13.45 -55.20
N GLY M 199 19.13 12.16 -55.00
CA GLY M 199 19.91 11.15 -55.67
C GLY M 199 20.73 10.29 -54.76
N SER M 200 20.70 10.44 -53.44
CA SER M 200 21.53 9.57 -52.62
C SER M 200 20.82 8.30 -52.14
N PHE M 201 19.72 8.45 -51.42
CA PHE M 201 18.86 7.36 -51.00
C PHE M 201 17.65 8.02 -50.40
N GLY M 202 16.51 7.39 -50.53
CA GLY M 202 15.31 8.01 -50.01
C GLY M 202 15.05 9.32 -50.70
N ASP M 203 15.45 9.44 -51.95
CA ASP M 203 15.09 10.61 -52.70
C ASP M 203 13.60 10.59 -52.97
N LEU M 204 13.05 9.41 -53.12
CA LEU M 204 11.62 9.15 -53.25
C LEU M 204 11.21 8.31 -52.06
N GLN M 205 10.38 8.87 -51.18
CA GLN M 205 9.98 8.22 -49.96
C GLN M 205 8.47 8.15 -49.88
N SER M 206 7.95 6.96 -49.68
CA SER M 206 6.54 6.71 -49.45
C SER M 206 6.36 5.95 -48.16
N ARG M 207 5.41 6.36 -47.35
CA ARG M 207 5.23 5.74 -46.04
C ARG M 207 4.88 4.27 -46.15
N THR M 208 4.01 3.94 -47.08
CA THR M 208 3.60 2.57 -47.33
C THR M 208 3.74 2.28 -48.80
N SER M 209 3.54 1.03 -49.18
CA SER M 209 3.65 0.65 -50.58
C SER M 209 2.47 1.15 -51.40
N THR M 210 1.39 1.60 -50.77
CA THR M 210 0.27 2.22 -51.46
C THR M 210 -0.02 3.65 -51.02
N SER M 211 0.95 4.31 -50.40
CA SER M 211 0.71 5.65 -49.88
C SER M 211 0.63 6.65 -51.02
N ASN M 212 0.16 7.86 -50.69
CA ASN M 212 -0.10 8.92 -51.65
C ASN M 212 0.71 10.18 -51.42
N ASP M 213 1.37 10.35 -50.28
CA ASP M 213 2.18 11.54 -50.07
C ASP M 213 3.37 11.51 -51.02
N LEU M 214 4.20 10.48 -50.94
CA LEU M 214 5.24 10.24 -51.91
C LEU M 214 6.18 11.43 -52.03
N TYR M 215 6.85 11.75 -50.94
CA TYR M 215 7.85 12.80 -51.00
C TYR M 215 8.89 12.39 -52.00
N ALA M 216 9.25 13.31 -52.89
CA ALA M 216 10.19 12.99 -53.94
C ALA M 216 10.92 14.25 -54.33
N ASN M 217 12.24 14.24 -54.15
CA ASN M 217 13.09 15.36 -54.48
C ASN M 217 13.98 14.81 -55.59
N THR M 218 13.50 14.95 -56.82
CA THR M 218 14.24 14.60 -58.02
C THR M 218 14.97 15.76 -58.64
N ASN M 219 14.60 17.00 -58.32
CA ASN M 219 15.28 18.16 -58.87
C ASN M 219 15.08 18.28 -60.37
N LEU M 220 13.84 18.11 -60.82
CA LEU M 220 13.54 18.07 -62.25
C LEU M 220 13.14 19.45 -62.75
N LYS M 221 13.92 19.96 -63.69
CA LYS M 221 13.70 21.22 -64.37
C LYS M 221 13.21 20.90 -65.76
N LEU M 222 12.01 21.35 -66.10
CA LEU M 222 11.57 21.22 -67.48
C LEU M 222 12.40 22.13 -68.36
N GLN M 223 12.63 21.69 -69.59
CA GLN M 223 13.44 22.40 -70.54
C GLN M 223 12.61 22.75 -71.76
N ARG M 224 13.11 23.72 -72.49
CA ARG M 224 12.44 24.24 -73.66
C ARG M 224 12.36 23.17 -74.74
N PRO M 225 11.22 22.98 -75.41
CA PRO M 225 11.20 22.07 -76.54
C PRO M 225 12.13 22.51 -77.65
N GLN M 226 12.40 21.59 -78.56
CA GLN M 226 13.45 21.75 -79.55
C GLN M 226 12.82 22.14 -80.87
N ALA M 227 13.04 23.40 -81.27
CA ALA M 227 12.61 23.94 -82.56
C ALA M 227 11.13 23.63 -82.73
N GLY M 228 10.69 23.13 -83.87
CA GLY M 228 9.27 22.92 -84.05
C GLY M 228 8.72 21.62 -83.53
N ILE M 229 9.50 20.85 -82.81
CA ILE M 229 9.05 19.57 -82.30
C ILE M 229 8.09 19.79 -81.13
N VAL M 230 7.35 18.77 -80.75
CA VAL M 230 6.35 18.82 -79.70
C VAL M 230 6.64 17.69 -78.72
N HIS M 231 7.33 18.00 -77.64
CA HIS M 231 7.68 17.06 -76.59
C HIS M 231 7.88 17.83 -75.30
N THR M 232 7.98 17.11 -74.23
CA THR M 232 8.26 17.68 -72.92
C THR M 232 9.63 17.26 -72.42
N PRO M 233 10.71 17.87 -72.88
CA PRO M 233 12.01 17.50 -72.36
C PRO M 233 12.14 17.90 -70.91
N PHE M 234 12.95 17.15 -70.18
CA PHE M 234 13.26 17.48 -68.81
C PHE M 234 14.61 16.92 -68.45
N THR M 235 15.17 17.43 -67.37
CA THR M 235 16.43 16.99 -66.82
C THR M 235 16.17 16.64 -65.38
N GLN M 236 16.80 15.59 -64.90
CA GLN M 236 16.49 15.00 -63.61
C GLN M 236 17.75 14.36 -63.06
N VAL M 237 17.85 14.32 -61.74
CA VAL M 237 18.96 13.58 -61.14
C VAL M 237 18.63 12.09 -61.22
N PRO M 238 19.54 11.23 -61.64
CA PRO M 238 19.24 9.81 -61.64
C PRO M 238 18.89 9.30 -60.27
N SER M 239 18.08 8.26 -60.24
CA SER M 239 17.48 7.75 -59.01
C SER M 239 18.54 7.36 -58.00
N GLY M 240 18.34 7.83 -56.78
CA GLY M 240 19.24 7.49 -55.71
C GLY M 240 19.05 6.09 -55.22
N PHE M 241 17.93 5.47 -55.55
CA PHE M 241 17.78 4.06 -55.29
C PHE M 241 18.79 3.25 -56.08
N GLU M 242 18.94 3.55 -57.36
CA GLU M 242 19.90 2.77 -58.13
C GLU M 242 21.34 3.11 -57.77
N ARG M 243 21.60 4.35 -57.39
CA ARG M 243 22.93 4.69 -56.93
C ARG M 243 23.24 3.96 -55.64
N TRP M 244 22.25 3.85 -54.77
CA TRP M 244 22.44 3.08 -53.55
C TRP M 244 22.64 1.62 -53.86
N LYS M 245 21.88 1.11 -54.82
CA LYS M 245 21.93 -0.31 -55.11
C LYS M 245 23.29 -0.71 -55.58
N LYS M 246 23.96 0.14 -56.36
CA LYS M 246 25.29 -0.21 -56.80
C LYS M 246 26.40 0.39 -55.96
N ASP M 247 26.09 1.12 -54.89
CA ASP M 247 27.09 1.55 -53.91
C ASP M 247 26.91 0.98 -52.52
N LYS M 248 25.88 0.16 -52.26
CA LYS M 248 25.71 -0.34 -50.92
C LYS M 248 26.83 -1.30 -50.59
N GLY M 249 27.52 -1.05 -49.48
CA GLY M 249 28.78 -1.71 -49.26
C GLY M 249 28.76 -3.20 -49.03
N ALA M 250 28.18 -3.60 -47.92
CA ALA M 250 28.20 -4.99 -47.50
C ALA M 250 27.03 -5.22 -46.57
N PRO M 251 26.19 -6.23 -46.76
CA PRO M 251 25.00 -6.34 -45.92
C PRO M 251 25.34 -6.75 -44.51
N LEU M 252 24.34 -6.69 -43.65
CA LEU M 252 24.51 -7.18 -42.30
C LEU M 252 24.56 -8.69 -42.24
N ASN M 253 24.23 -9.38 -43.32
CA ASN M 253 24.36 -10.82 -43.34
C ASN M 253 25.81 -11.25 -43.34
N ASP M 254 26.73 -10.39 -43.79
CA ASP M 254 28.14 -10.73 -43.86
C ASP M 254 28.98 -10.08 -42.77
N VAL M 255 28.80 -8.81 -42.48
CA VAL M 255 29.56 -8.16 -41.43
C VAL M 255 29.27 -8.77 -40.06
N ALA M 256 28.02 -9.16 -39.79
CA ALA M 256 27.50 -9.48 -38.46
C ALA M 256 28.40 -10.31 -37.55
N PRO M 257 28.78 -9.82 -36.37
CA PRO M 257 29.61 -10.63 -35.47
C PRO M 257 28.90 -11.85 -34.92
N PHE M 258 29.71 -12.79 -34.44
CA PHE M 258 29.29 -14.00 -33.76
C PHE M 258 28.57 -14.99 -34.65
N GLY M 259 28.54 -14.78 -35.95
CA GLY M 259 27.84 -15.71 -36.80
C GLY M 259 26.35 -15.58 -36.67
N CYS M 260 25.83 -14.36 -36.55
CA CYS M 260 24.41 -14.18 -36.66
C CYS M 260 24.09 -14.40 -38.12
N SER M 261 23.10 -15.24 -38.39
CA SER M 261 22.57 -15.42 -39.73
C SER M 261 21.24 -14.70 -39.78
N ILE M 262 21.10 -13.74 -40.67
CA ILE M 262 19.94 -12.86 -40.67
C ILE M 262 18.88 -13.40 -41.61
N ALA M 263 17.69 -13.68 -41.07
CA ALA M 263 16.51 -14.04 -41.83
C ALA M 263 15.49 -12.92 -41.75
N LEU M 264 14.54 -12.90 -42.70
CA LEU M 264 13.78 -11.69 -42.96
C LEU M 264 12.25 -11.77 -42.94
N GLU M 265 11.64 -12.84 -42.44
CA GLU M 265 10.19 -12.86 -42.23
C GLU M 265 9.85 -13.70 -41.03
N PRO M 266 9.94 -13.13 -39.83
CA PRO M 266 10.23 -11.76 -39.43
C PRO M 266 11.70 -11.45 -39.48
N LEU M 267 12.06 -10.21 -39.28
CA LEU M 267 13.45 -9.83 -39.20
C LEU M 267 14.04 -10.46 -37.95
N ARG M 268 15.03 -11.31 -38.12
CA ARG M 268 15.66 -11.92 -36.97
C ARG M 268 17.10 -12.25 -37.26
N ALA M 269 17.84 -12.42 -36.18
CA ALA M 269 19.24 -12.82 -36.18
C ALA M 269 19.33 -14.17 -35.50
N GLU M 270 19.85 -15.16 -36.21
CA GLU M 270 19.81 -16.52 -35.73
C GLU M 270 21.21 -17.05 -35.44
N ASN M 271 21.26 -17.97 -34.50
CA ASN M 271 22.40 -18.81 -34.19
C ASN M 271 23.66 -17.99 -34.00
N CYS M 272 23.61 -17.03 -33.10
CA CYS M 272 24.78 -16.26 -32.69
C CYS M 272 25.21 -16.44 -31.24
N ALA M 273 26.36 -17.08 -31.07
CA ALA M 273 26.83 -17.70 -29.86
C ALA M 273 27.50 -16.67 -28.95
N VAL M 274 26.68 -15.89 -28.27
CA VAL M 274 27.14 -14.82 -27.41
C VAL M 274 26.42 -14.96 -26.06
N GLY M 275 27.20 -14.94 -24.99
CA GLY M 275 26.69 -15.11 -23.65
C GLY M 275 26.28 -16.53 -23.34
N SER M 276 25.54 -16.67 -22.23
CA SER M 276 25.05 -17.95 -21.76
C SER M 276 23.59 -17.86 -21.39
N ILE M 277 22.95 -19.02 -21.33
CA ILE M 277 21.51 -19.17 -21.12
C ILE M 277 21.30 -19.92 -19.82
N PRO M 278 20.70 -19.33 -18.80
CA PRO M 278 20.18 -20.16 -17.71
C PRO M 278 19.06 -21.06 -18.18
N ILE M 279 18.95 -22.23 -17.57
CA ILE M 279 17.87 -23.17 -17.82
C ILE M 279 17.40 -23.73 -16.50
N SER M 280 16.12 -24.10 -16.45
CA SER M 280 15.55 -24.72 -15.26
C SER M 280 14.49 -25.70 -15.75
N ILE M 281 14.86 -26.96 -15.81
CA ILE M 281 14.00 -27.99 -16.34
C ILE M 281 13.30 -28.69 -15.19
N ASP M 282 12.14 -29.28 -15.46
CA ASP M 282 11.31 -29.94 -14.46
C ASP M 282 11.00 -31.31 -15.00
N ILE M 283 11.86 -32.28 -14.69
CA ILE M 283 11.67 -33.67 -15.13
C ILE M 283 10.49 -34.27 -14.40
N PRO M 284 9.60 -35.03 -15.05
CA PRO M 284 8.50 -35.64 -14.31
C PRO M 284 9.00 -36.73 -13.38
N ASP M 285 8.22 -36.98 -12.33
CA ASP M 285 8.65 -37.95 -11.33
C ASP M 285 8.55 -39.38 -11.83
N ALA M 286 7.84 -39.61 -12.92
CA ALA M 286 7.84 -40.92 -13.53
C ALA M 286 9.18 -41.24 -14.16
N ALA M 287 9.93 -40.22 -14.58
CA ALA M 287 11.15 -40.46 -15.32
C ALA M 287 12.19 -41.17 -14.46
N PHE M 288 12.33 -40.73 -13.23
CA PHE M 288 13.29 -41.33 -12.31
C PHE M 288 12.86 -42.75 -11.97
N THR M 289 13.86 -43.62 -11.76
CA THR M 289 13.57 -44.97 -11.28
C THR M 289 14.29 -45.17 -9.96
N ARG M 290 13.65 -45.93 -9.08
CA ARG M 290 14.11 -46.04 -7.71
C ARG M 290 15.48 -46.68 -7.66
N ILE M 291 16.28 -46.18 -6.73
CA ILE M 291 17.70 -46.53 -6.66
C ILE M 291 17.90 -48.00 -6.34
N SER M 292 16.93 -48.67 -5.75
CA SER M 292 17.11 -50.08 -5.46
C SER M 292 17.00 -50.93 -6.69
N GLU M 293 16.22 -50.51 -7.68
CA GLU M 293 16.01 -51.30 -8.88
C GLU M 293 17.04 -51.04 -9.95
N THR M 294 18.19 -50.47 -9.60
CA THR M 294 19.20 -50.06 -10.55
C THR M 294 20.55 -50.68 -10.22
N PRO M 295 21.37 -50.98 -11.21
CA PRO M 295 22.63 -51.68 -10.90
C PRO M 295 23.56 -50.78 -10.12
N THR M 296 24.35 -51.40 -9.27
CA THR M 296 25.45 -50.72 -8.60
C THR M 296 26.73 -51.18 -9.25
N VAL M 297 27.53 -50.23 -9.70
CA VAL M 297 28.78 -50.50 -10.38
C VAL M 297 29.89 -50.21 -9.40
N SER M 298 30.79 -51.17 -9.25
CA SER M 298 31.86 -51.07 -8.27
C SER M 298 33.16 -51.49 -8.94
N ASP M 299 34.25 -51.28 -8.22
CA ASP M 299 35.58 -51.65 -8.67
C ASP M 299 35.90 -51.04 -10.04
N LEU M 300 35.50 -49.78 -10.22
CA LEU M 300 35.70 -49.11 -11.50
C LEU M 300 37.17 -48.77 -11.68
N GLU M 301 37.74 -49.14 -12.82
CA GLU M 301 39.13 -48.78 -13.10
C GLU M 301 39.27 -48.36 -14.56
N CYS M 302 39.55 -47.07 -14.79
CA CYS M 302 39.60 -46.51 -16.13
C CYS M 302 41.01 -46.30 -16.64
N LYS M 303 41.22 -46.61 -17.91
CA LYS M 303 42.48 -46.42 -18.61
C LYS M 303 42.23 -45.64 -19.88
N ILE M 304 42.92 -44.52 -20.08
CA ILE M 304 42.80 -43.80 -21.33
C ILE M 304 43.72 -44.44 -22.34
N THR M 305 43.16 -44.99 -23.39
CA THR M 305 43.87 -45.46 -24.56
C THR M 305 43.99 -44.25 -25.48
N GLU M 306 44.42 -44.47 -26.72
CA GLU M 306 44.84 -43.42 -27.65
C GLU M 306 43.93 -42.21 -27.63
N CYS M 307 44.54 -41.04 -27.42
CA CYS M 307 43.81 -39.79 -27.31
C CYS M 307 44.58 -38.68 -27.99
N THR M 308 43.81 -37.68 -28.44
CA THR M 308 44.35 -36.51 -29.12
C THR M 308 43.34 -35.40 -29.00
N TYR M 309 43.80 -34.23 -28.63
CA TYR M 309 42.91 -33.10 -28.35
C TYR M 309 42.44 -32.43 -29.63
N ALA M 310 41.70 -33.20 -30.43
CA ALA M 310 41.07 -32.68 -31.61
C ALA M 310 39.70 -32.15 -31.26
N PHE M 311 39.09 -31.43 -32.19
CA PHE M 311 37.80 -30.84 -31.92
C PHE M 311 36.72 -31.89 -31.81
N ASP M 312 36.85 -32.99 -32.52
CA ASP M 312 35.89 -34.05 -32.42
C ASP M 312 36.31 -34.96 -31.28
N PHE M 313 35.59 -36.06 -31.12
CA PHE M 313 35.79 -36.97 -29.99
C PHE M 313 37.03 -37.79 -30.28
N GLY M 314 38.18 -37.18 -30.01
CA GLY M 314 39.45 -37.75 -30.34
C GLY M 314 40.13 -38.47 -29.21
N GLY M 315 39.35 -39.15 -28.39
CA GLY M 315 39.89 -39.85 -27.25
C GLY M 315 39.09 -41.10 -26.96
N ILE M 316 39.73 -42.23 -26.69
CA ILE M 316 39.05 -43.45 -26.35
C ILE M 316 39.61 -43.92 -25.02
N ALA M 317 38.71 -44.29 -24.10
CA ALA M 317 39.08 -44.83 -22.81
C ALA M 317 38.25 -46.07 -22.53
N THR M 318 38.79 -46.96 -21.68
CA THR M 318 38.08 -48.17 -21.26
C THR M 318 38.06 -48.32 -19.75
N VAL M 319 36.91 -48.66 -19.20
CA VAL M 319 36.74 -48.82 -17.75
C VAL M 319 36.27 -50.25 -17.46
N ALA M 320 36.96 -50.92 -16.52
CA ALA M 320 36.50 -52.21 -16.02
C ALA M 320 35.51 -52.00 -14.88
N TYR M 321 34.37 -52.71 -14.96
CA TYR M 321 33.12 -52.22 -14.36
C TYR M 321 32.35 -53.26 -13.51
N LYS M 322 32.98 -54.05 -12.62
CA LYS M 322 32.21 -55.06 -11.87
C LYS M 322 30.94 -54.53 -11.23
N SER M 323 29.80 -55.09 -11.66
CA SER M 323 28.46 -54.65 -11.35
C SER M 323 27.76 -55.65 -10.46
N SER M 324 26.48 -55.39 -10.17
CA SER M 324 25.62 -56.31 -9.44
C SER M 324 24.69 -57.03 -10.39
N LYS M 325 23.96 -56.28 -11.21
CA LYS M 325 23.06 -56.82 -12.20
C LYS M 325 23.43 -56.19 -13.52
N ALA M 326 22.81 -56.67 -14.59
CA ALA M 326 23.09 -56.18 -15.93
C ALA M 326 21.99 -55.21 -16.33
N GLY M 327 22.38 -54.12 -16.98
CA GLY M 327 21.39 -53.15 -17.40
C GLY M 327 22.06 -51.89 -17.91
N ASN M 328 21.24 -50.89 -18.14
CA ASN M 328 21.69 -49.62 -18.69
C ASN M 328 22.18 -48.73 -17.57
N CYS M 329 23.19 -47.91 -17.86
CA CYS M 329 23.70 -46.97 -16.88
C CYS M 329 24.22 -45.68 -17.51
N PRO M 330 23.85 -44.50 -17.01
CA PRO M 330 24.39 -43.28 -17.59
C PRO M 330 25.86 -43.06 -17.24
N ILE M 331 26.53 -42.25 -18.05
CA ILE M 331 27.88 -41.81 -17.76
C ILE M 331 28.01 -40.32 -18.05
N HIS M 332 28.74 -39.61 -17.21
CA HIS M 332 28.88 -38.17 -17.33
C HIS M 332 30.22 -37.76 -16.76
N SER M 333 30.78 -36.70 -17.32
CA SER M 333 32.01 -36.07 -16.84
C SER M 333 31.75 -34.65 -16.40
N PRO M 334 31.55 -34.37 -15.11
CA PRO M 334 31.10 -33.03 -14.75
C PRO M 334 32.20 -32.01 -14.75
N SER M 335 33.45 -32.44 -14.85
CA SER M 335 34.58 -31.54 -14.67
C SER M 335 34.62 -30.44 -15.70
N GLY M 336 34.11 -30.69 -16.90
CA GLY M 336 34.22 -29.74 -17.98
C GLY M 336 35.50 -29.83 -18.77
N VAL M 337 36.42 -30.72 -18.40
CA VAL M 337 37.64 -30.91 -19.17
C VAL M 337 37.50 -32.00 -20.24
N ALA M 338 36.47 -32.84 -20.16
CA ALA M 338 36.21 -33.84 -21.17
C ALA M 338 34.73 -33.82 -21.49
N VAL M 339 34.38 -34.03 -22.74
CA VAL M 339 32.99 -34.20 -23.14
C VAL M 339 32.85 -35.62 -23.66
N ILE M 340 32.01 -36.39 -23.01
CA ILE M 340 31.76 -37.78 -23.37
C ILE M 340 30.73 -37.82 -24.48
N LYS M 341 30.97 -38.66 -25.47
CA LYS M 341 30.03 -38.72 -26.57
C LYS M 341 28.76 -39.43 -26.14
N GLU M 342 28.89 -40.58 -25.49
CA GLU M 342 27.72 -41.41 -25.24
C GLU M 342 27.13 -41.14 -23.87
N ASN M 343 25.84 -41.33 -23.78
CA ASN M 343 25.08 -40.98 -22.61
C ASN M 343 24.99 -42.16 -21.67
N ASP M 344 24.69 -43.32 -22.21
CA ASP M 344 24.54 -44.53 -21.44
C ASP M 344 25.43 -45.62 -21.99
N VAL M 345 25.71 -46.60 -21.14
CA VAL M 345 26.40 -47.82 -21.51
C VAL M 345 25.62 -49.00 -20.97
N THR M 346 25.58 -50.08 -21.75
CA THR M 346 24.95 -51.32 -21.33
C THR M 346 25.99 -52.15 -20.61
N LEU M 347 25.65 -52.62 -19.42
CA LEU M 347 26.60 -53.24 -18.52
C LEU M 347 26.18 -54.69 -18.32
N ALA M 348 27.15 -55.58 -18.44
CA ALA M 348 26.99 -56.98 -18.08
C ALA M 348 27.51 -57.16 -16.66
N GLU M 349 27.58 -58.41 -16.22
CA GLU M 349 27.95 -58.67 -14.83
C GLU M 349 29.37 -58.19 -14.56
N SER M 350 30.28 -58.41 -15.49
CA SER M 350 31.62 -57.85 -15.38
C SER M 350 32.24 -57.80 -16.76
N GLY M 351 33.32 -57.05 -16.86
CA GLY M 351 34.02 -56.86 -18.11
C GLY M 351 34.63 -55.47 -18.17
N SER M 352 34.53 -54.85 -19.35
CA SER M 352 35.00 -53.48 -19.54
C SER M 352 34.21 -52.85 -20.67
N PHE M 353 34.02 -51.53 -20.59
CA PHE M 353 33.32 -50.78 -21.62
C PHE M 353 34.15 -49.59 -22.06
N THR M 354 33.99 -49.24 -23.34
CA THR M 354 34.78 -48.20 -23.98
C THR M 354 33.91 -46.99 -24.29
N PHE M 355 34.46 -45.81 -24.03
CA PHE M 355 33.76 -44.57 -24.29
C PHE M 355 34.68 -43.59 -24.99
N HIS M 356 34.10 -42.83 -25.92
CA HIS M 356 34.80 -41.77 -26.61
C HIS M 356 34.61 -40.44 -25.91
N PHE M 357 35.58 -39.56 -26.07
CA PHE M 357 35.53 -38.25 -25.44
C PHE M 357 36.38 -37.27 -26.24
N SER M 358 36.09 -36.00 -26.04
CA SER M 358 36.83 -34.90 -26.65
C SER M 358 37.39 -34.02 -25.55
N THR M 359 38.59 -33.50 -25.76
CA THR M 359 39.19 -32.64 -24.76
C THR M 359 40.19 -31.70 -25.40
N ALA M 360 40.52 -30.65 -24.67
CA ALA M 360 41.48 -29.66 -25.08
C ALA M 360 42.73 -29.66 -24.23
N ASN M 361 42.71 -30.35 -23.09
CA ASN M 361 43.88 -30.46 -22.25
C ASN M 361 44.87 -31.43 -22.86
N ILE M 362 46.15 -31.14 -22.71
CA ILE M 362 47.15 -32.15 -23.05
C ILE M 362 47.01 -33.36 -22.16
N HIS M 363 46.79 -33.15 -20.86
CA HIS M 363 46.51 -34.21 -19.90
C HIS M 363 45.10 -34.08 -19.38
N PRO M 364 44.15 -34.80 -19.92
CA PRO M 364 42.79 -34.72 -19.39
C PRO M 364 42.67 -35.55 -18.12
N ALA M 365 42.49 -34.88 -17.00
CA ALA M 365 42.27 -35.54 -15.72
C ALA M 365 40.85 -35.19 -15.32
N PHE M 366 39.95 -36.13 -15.54
CA PHE M 366 38.53 -35.88 -15.43
C PHE M 366 37.86 -37.03 -14.71
N LYS M 367 36.78 -36.72 -14.00
CA LYS M 367 36.02 -37.70 -13.27
C LYS M 367 34.85 -38.12 -14.14
N LEU M 368 34.67 -39.43 -14.32
CA LEU M 368 33.56 -40.01 -15.05
C LEU M 368 32.63 -40.68 -14.06
N GLN M 369 31.36 -40.30 -14.08
CA GLN M 369 30.37 -40.82 -13.15
C GLN M 369 29.55 -41.93 -13.80
N VAL M 370 29.80 -43.17 -13.43
CA VAL M 370 29.00 -44.30 -13.91
C VAL M 370 27.97 -44.64 -12.85
N CYS M 371 26.71 -44.69 -13.26
CA CYS M 371 25.57 -44.91 -12.37
C CYS M 371 25.69 -43.95 -11.19
N THR M 372 26.20 -44.44 -10.07
CA THR M 372 26.36 -43.69 -8.86
C THR M 372 27.82 -43.43 -8.57
N SER M 373 28.67 -44.42 -8.71
CA SER M 373 30.07 -44.25 -8.41
C SER M 373 30.77 -43.47 -9.52
N ALA M 374 31.96 -42.98 -9.21
CA ALA M 374 32.78 -42.22 -10.14
C ALA M 374 34.20 -42.75 -10.16
N VAL M 375 34.83 -42.64 -11.32
CA VAL M 375 36.20 -43.07 -11.54
C VAL M 375 36.97 -41.98 -12.26
N THR M 376 38.19 -41.73 -11.82
CA THR M 376 39.00 -40.67 -12.39
C THR M 376 39.87 -41.22 -13.50
N CYS M 377 39.82 -40.57 -14.66
CA CYS M 377 40.59 -40.95 -15.82
C CYS M 377 41.62 -39.86 -16.08
N LYS M 378 42.87 -40.27 -16.23
CA LYS M 378 43.98 -39.36 -16.49
C LYS M 378 44.81 -39.97 -17.59
N GLY M 379 45.49 -39.12 -18.34
CA GLY M 379 46.31 -39.61 -19.44
C GLY M 379 47.05 -38.48 -20.10
N ASP M 380 47.63 -38.79 -21.25
CA ASP M 380 48.34 -37.84 -22.09
C ASP M 380 47.72 -37.85 -23.47
N CYS M 381 47.70 -36.69 -24.14
CA CYS M 381 47.07 -36.56 -25.44
C CYS M 381 47.97 -35.82 -26.42
N LYS M 382 47.91 -36.24 -27.68
CA LYS M 382 48.76 -35.88 -28.79
C LYS M 382 48.11 -34.79 -29.63
N PRO M 383 48.88 -33.96 -30.34
CA PRO M 383 48.28 -32.92 -31.13
C PRO M 383 47.46 -33.50 -32.27
N PRO M 384 46.40 -32.82 -32.69
CA PRO M 384 45.63 -33.27 -33.85
C PRO M 384 46.35 -32.99 -35.16
N LYS M 385 46.26 -33.92 -36.10
CA LYS M 385 47.02 -33.78 -37.33
C LYS M 385 46.38 -32.76 -38.27
N ASP M 386 45.05 -32.72 -38.29
CA ASP M 386 44.30 -31.81 -39.14
C ASP M 386 44.44 -30.36 -38.71
N HIS M 387 44.73 -29.47 -39.66
CA HIS M 387 44.86 -28.06 -39.35
C HIS M 387 43.50 -27.38 -39.25
N ILE M 388 42.67 -27.50 -40.28
CA ILE M 388 41.38 -26.83 -40.34
C ILE M 388 40.29 -27.87 -40.48
N VAL M 389 39.29 -27.80 -39.61
CA VAL M 389 38.14 -28.69 -39.62
C VAL M 389 36.88 -27.89 -39.90
N ASP M 390 35.81 -28.60 -40.24
CA ASP M 390 34.56 -27.98 -40.63
C ASP M 390 33.48 -28.01 -39.55
N TYR M 391 33.82 -28.34 -38.32
CA TYR M 391 32.89 -28.45 -37.21
C TYR M 391 33.44 -27.69 -36.02
N PRO M 392 32.59 -27.14 -35.16
CA PRO M 392 33.10 -26.41 -34.02
C PRO M 392 33.60 -27.36 -32.95
N ALA M 393 34.35 -26.80 -32.02
CA ALA M 393 34.93 -27.59 -30.95
C ALA M 393 33.84 -28.06 -30.01
N GLN M 394 33.98 -29.29 -29.54
CA GLN M 394 33.00 -29.92 -28.67
C GLN M 394 33.34 -29.70 -27.21
N HIS M 395 34.36 -28.91 -26.91
CA HIS M 395 34.89 -28.71 -25.58
C HIS M 395 35.16 -27.23 -25.44
N THR M 396 35.60 -26.82 -24.27
CA THR M 396 36.02 -25.46 -24.05
C THR M 396 37.42 -25.47 -23.46
N GLU M 397 38.31 -24.66 -24.01
CA GLU M 397 39.63 -24.53 -23.44
C GLU M 397 39.54 -23.75 -22.14
N SER M 398 40.56 -23.88 -21.29
CA SER M 398 40.45 -23.38 -19.93
C SER M 398 41.68 -22.66 -19.41
N PHE M 399 42.62 -22.26 -20.28
CA PHE M 399 43.80 -21.45 -19.97
C PHE M 399 44.88 -22.25 -19.23
N THR M 400 44.61 -23.50 -18.90
CA THR M 400 45.60 -24.45 -18.43
C THR M 400 45.76 -25.59 -19.42
N SER M 401 44.96 -25.58 -20.47
CA SER M 401 44.78 -26.74 -21.33
C SER M 401 45.98 -27.08 -22.17
N ALA M 402 46.99 -26.22 -22.21
CA ALA M 402 48.19 -26.52 -22.97
C ALA M 402 49.43 -26.63 -22.13
N ILE M 403 49.36 -26.23 -20.84
CA ILE M 403 50.56 -26.07 -20.03
C ILE M 403 51.44 -27.32 -20.07
N SER M 404 50.85 -28.48 -19.81
CA SER M 404 51.56 -29.75 -19.82
C SER M 404 52.53 -29.90 -18.66
N ALA M 405 52.81 -31.15 -18.31
CA ALA M 405 53.62 -31.46 -17.15
C ALA M 405 55.00 -30.85 -17.26
N THR M 406 55.60 -30.91 -18.45
CA THR M 406 56.97 -30.42 -18.61
C THR M 406 57.07 -28.93 -18.37
N ALA M 407 56.17 -28.16 -18.96
CA ALA M 407 56.22 -26.72 -18.75
C ALA M 407 55.79 -26.38 -17.33
N TRP M 408 54.97 -27.24 -16.72
CA TRP M 408 54.62 -27.00 -15.34
C TRP M 408 55.84 -27.17 -14.48
N SER M 409 56.56 -28.27 -14.67
CA SER M 409 57.79 -28.47 -13.92
C SER M 409 58.78 -27.36 -14.17
N TRP M 410 58.83 -26.82 -15.39
CA TRP M 410 59.74 -25.71 -15.63
C TRP M 410 59.37 -24.49 -14.83
N ILE M 411 58.11 -24.09 -14.91
CA ILE M 411 57.65 -22.94 -14.15
C ILE M 411 57.82 -23.20 -12.65
N LYS M 412 57.53 -24.43 -12.22
CA LYS M 412 57.69 -24.81 -10.83
C LYS M 412 59.12 -24.61 -10.37
N VAL M 413 60.05 -25.31 -11.02
CA VAL M 413 61.44 -25.28 -10.59
C VAL M 413 61.98 -23.88 -10.64
N LEU M 414 61.61 -23.11 -11.67
CA LEU M 414 62.06 -21.73 -11.75
C LEU M 414 61.59 -20.89 -10.57
N VAL M 415 60.27 -20.82 -10.36
CA VAL M 415 59.75 -20.03 -9.25
C VAL M 415 60.30 -20.52 -7.92
N GLY M 416 60.34 -21.84 -7.75
CA GLY M 416 60.87 -22.41 -6.51
C GLY M 416 62.33 -22.05 -6.30
N GLY M 417 63.11 -22.04 -7.38
CA GLY M 417 64.50 -21.68 -7.28
C GLY M 417 64.66 -20.23 -6.86
N THR M 418 63.91 -19.34 -7.50
CA THR M 418 63.96 -17.94 -7.11
C THR M 418 63.48 -17.73 -5.67
N SER M 419 62.41 -18.40 -5.28
CA SER M 419 61.89 -18.23 -3.93
C SER M 419 62.91 -18.71 -2.90
N ALA M 420 63.52 -19.87 -3.15
CA ALA M 420 64.55 -20.38 -2.27
C ALA M 420 65.75 -19.44 -2.24
N PHE M 421 66.14 -18.91 -3.40
CA PHE M 421 67.32 -18.08 -3.48
C PHE M 421 67.12 -16.78 -2.69
N ILE M 422 65.96 -16.13 -2.83
CA ILE M 422 65.64 -14.99 -1.98
C ILE M 422 65.59 -15.42 -0.52
N VAL M 423 65.10 -16.62 -0.23
CA VAL M 423 65.00 -17.03 1.16
C VAL M 423 66.39 -17.17 1.72
N LEU M 424 67.32 -17.66 0.91
CA LEU M 424 68.72 -17.67 1.28
C LEU M 424 69.20 -16.27 1.63
N GLY M 425 69.02 -15.33 0.71
CA GLY M 425 69.46 -13.96 0.99
C GLY M 425 68.89 -13.39 2.28
N LEU M 426 67.59 -13.54 2.49
CA LEU M 426 66.95 -13.10 3.72
C LEU M 426 67.51 -13.83 4.94
N ILE M 427 67.81 -15.11 4.79
CA ILE M 427 68.29 -15.88 5.93
C ILE M 427 69.66 -15.41 6.33
N ALA M 428 70.55 -15.24 5.34
CA ALA M 428 71.87 -14.73 5.65
C ALA M 428 71.81 -13.33 6.25
N THR M 429 70.79 -12.55 5.90
CA THR M 429 70.72 -11.20 6.44
C THR M 429 70.26 -11.20 7.89
N ALA M 430 69.21 -11.94 8.17
CA ALA M 430 68.75 -12.04 9.55
C ALA M 430 69.83 -12.68 10.41
N VAL M 431 70.52 -13.67 9.87
CA VAL M 431 71.56 -14.34 10.64
C VAL M 431 72.69 -13.37 10.94
N VAL M 432 72.99 -12.46 10.03
CA VAL M 432 74.04 -11.49 10.32
C VAL M 432 73.58 -10.52 11.41
N ALA M 433 72.31 -10.10 11.38
CA ALA M 433 71.83 -9.22 12.43
C ALA M 433 71.89 -9.89 13.80
N LEU M 434 71.45 -11.14 13.88
CA LEU M 434 71.48 -11.83 15.17
C LEU M 434 72.92 -12.06 15.60
N VAL M 435 73.79 -12.35 14.63
CA VAL M 435 75.18 -12.58 14.97
C VAL M 435 75.79 -11.31 15.53
N LEU M 436 75.45 -10.17 14.95
CA LEU M 436 75.99 -8.93 15.48
C LEU M 436 75.44 -8.57 16.85
N PHE M 437 74.17 -8.90 17.13
CA PHE M 437 73.66 -8.60 18.46
C PHE M 437 74.35 -9.43 19.51
N PHE M 438 74.63 -10.69 19.21
CA PHE M 438 75.43 -11.48 20.14
C PHE M 438 76.89 -11.03 20.10
N HIS M 439 77.29 -10.30 19.06
CA HIS M 439 78.67 -9.89 18.90
C HIS M 439 78.96 -8.72 19.83
N ARG M 440 78.07 -7.73 19.82
CA ARG M 440 78.07 -6.72 20.89
C ARG M 440 77.87 -7.38 22.24
N HIS M 441 76.74 -8.04 22.42
CA HIS M 441 76.38 -8.62 23.71
C HIS M 441 76.76 -10.08 23.81
N ASP N 1 -6.69 -15.20 -70.31
CA ASP N 1 -6.84 -13.72 -70.39
C ASP N 1 -6.71 -13.21 -71.82
N LEU N 2 -6.95 -14.09 -72.80
CA LEU N 2 -6.88 -13.73 -74.20
C LEU N 2 -8.23 -13.26 -74.75
N ASP N 3 -9.29 -13.32 -73.95
CA ASP N 3 -10.57 -12.70 -74.25
C ASP N 3 -10.72 -11.34 -73.59
N THR N 4 -10.39 -11.25 -72.30
CA THR N 4 -10.62 -10.03 -71.54
C THR N 4 -9.63 -8.94 -71.93
N HIS N 5 -8.34 -9.28 -72.00
CA HIS N 5 -7.30 -8.26 -72.06
C HIS N 5 -6.88 -7.88 -73.46
N PHE N 6 -6.98 -8.79 -74.44
CA PHE N 6 -6.63 -8.42 -75.80
C PHE N 6 -7.76 -7.68 -76.48
N THR N 7 -9.00 -8.05 -76.16
CA THR N 7 -10.17 -7.37 -76.69
C THR N 7 -10.50 -6.11 -75.91
N GLN N 8 -9.76 -5.83 -74.85
CA GLN N 8 -9.91 -4.58 -74.12
C GLN N 8 -9.09 -3.45 -74.71
N TYR N 9 -8.26 -3.74 -75.70
CA TYR N 9 -7.49 -2.72 -76.39
C TYR N 9 -8.17 -2.22 -77.66
N LYS N 10 -9.46 -2.51 -77.88
CA LYS N 10 -10.12 -1.89 -79.03
C LYS N 10 -10.64 -0.51 -78.73
N LEU N 11 -10.42 0.01 -77.53
CA LEU N 11 -10.75 1.38 -77.23
C LEU N 11 -9.61 2.33 -77.53
N ALA N 12 -8.44 1.81 -77.86
CA ALA N 12 -7.23 2.56 -78.14
C ALA N 12 -6.89 2.48 -79.61
N ARG N 13 -6.12 3.46 -80.07
CA ARG N 13 -5.62 3.49 -81.42
C ARG N 13 -4.16 3.92 -81.40
N PRO N 14 -3.37 3.48 -82.38
CA PRO N 14 -2.00 3.99 -82.48
C PRO N 14 -1.98 5.49 -82.75
N TYR N 15 -0.78 6.06 -82.68
CA TYR N 15 -0.62 7.47 -82.99
C TYR N 15 0.75 7.72 -83.58
N ILE N 16 0.88 8.84 -84.25
CA ILE N 16 2.12 9.27 -84.85
C ILE N 16 2.76 10.30 -83.96
N ALA N 17 3.91 9.95 -83.41
CA ALA N 17 4.62 10.73 -82.41
C ALA N 17 6.03 11.05 -82.89
N ASP N 18 6.56 12.14 -82.37
CA ASP N 18 7.92 12.55 -82.71
C ASP N 18 8.91 11.51 -82.24
N CYS N 19 9.93 11.24 -83.05
CA CYS N 19 11.00 10.32 -82.69
C CYS N 19 12.36 10.89 -83.05
N PRO N 20 13.35 10.80 -82.15
CA PRO N 20 14.64 11.45 -82.38
C PRO N 20 15.36 11.02 -83.62
N ASN N 21 15.40 9.73 -83.91
CA ASN N 21 16.11 9.22 -85.07
C ASN N 21 15.21 8.21 -85.76
N CYS N 22 14.92 8.48 -87.02
CA CYS N 22 14.07 7.66 -87.86
C CYS N 22 14.92 6.91 -88.87
N GLY N 23 16.23 6.94 -88.71
CA GLY N 23 17.15 6.75 -89.81
C GLY N 23 17.77 8.06 -90.21
N HIS N 24 17.35 8.62 -91.34
CA HIS N 24 17.96 9.84 -91.85
C HIS N 24 18.05 10.93 -90.79
N SER N 25 16.91 11.35 -90.22
CA SER N 25 16.90 12.46 -89.28
C SER N 25 15.69 12.35 -88.37
N ARG N 26 15.53 13.34 -87.50
CA ARG N 26 14.43 13.38 -86.54
C ARG N 26 13.12 13.51 -87.26
N CYS N 27 12.19 12.59 -86.98
CA CYS N 27 10.99 12.52 -87.80
C CYS N 27 9.80 12.03 -86.98
N ASP N 28 8.60 12.40 -87.42
CA ASP N 28 7.42 11.80 -86.84
C ASP N 28 7.28 10.38 -87.33
N SER N 29 6.88 9.47 -86.46
CA SER N 29 6.87 8.06 -86.82
C SER N 29 5.64 7.41 -86.22
N PRO N 30 5.26 6.24 -86.72
CA PRO N 30 4.18 5.47 -86.09
C PRO N 30 4.61 4.45 -85.06
N ILE N 31 5.91 4.32 -84.81
CA ILE N 31 6.44 3.33 -83.88
C ILE N 31 7.29 4.03 -82.84
N ALA N 32 7.03 5.30 -82.60
CA ALA N 32 7.83 6.11 -81.69
C ALA N 32 7.95 5.46 -80.33
N ILE N 33 9.19 5.32 -79.86
CA ILE N 33 9.44 4.65 -78.60
C ILE N 33 9.13 5.65 -77.51
N GLU N 34 8.15 5.34 -76.70
CA GLU N 34 7.72 6.24 -75.65
C GLU N 34 8.53 6.01 -74.41
N GLU N 35 8.71 4.75 -74.02
CA GLU N 35 9.45 4.50 -72.79
C GLU N 35 10.09 3.14 -72.89
N VAL N 36 11.27 3.02 -72.30
CA VAL N 36 11.93 1.74 -72.14
C VAL N 36 12.12 1.55 -70.66
N ARG N 37 11.69 0.41 -70.16
CA ARG N 37 11.92 0.01 -68.78
C ARG N 37 12.87 -1.15 -68.82
N GLY N 38 14.03 -0.98 -68.21
CA GLY N 38 15.05 -2.00 -68.20
C GLY N 38 15.57 -2.32 -66.83
N ASP N 39 14.72 -2.27 -65.82
CA ASP N 39 15.15 -2.51 -64.45
C ASP N 39 14.87 -3.93 -63.97
N ALA N 40 14.56 -4.84 -64.88
CA ALA N 40 14.46 -6.25 -64.54
C ALA N 40 15.82 -6.92 -64.71
N HIS N 41 15.89 -8.17 -64.33
CA HIS N 41 17.11 -8.94 -64.42
C HIS N 41 17.15 -9.70 -65.74
N ALA N 42 18.32 -10.25 -66.03
CA ALA N 42 18.53 -11.08 -67.21
C ALA N 42 18.27 -10.34 -68.51
N GLY N 43 18.41 -9.03 -68.50
CA GLY N 43 18.37 -8.29 -69.74
C GLY N 43 17.05 -8.33 -70.45
N VAL N 44 15.95 -8.26 -69.72
CA VAL N 44 14.61 -8.19 -70.28
C VAL N 44 14.12 -6.78 -70.14
N ILE N 45 13.63 -6.20 -71.22
CA ILE N 45 13.18 -4.82 -71.23
C ILE N 45 11.79 -4.78 -71.81
N ARG N 46 11.08 -3.72 -71.46
CA ARG N 46 9.73 -3.46 -71.93
C ARG N 46 9.72 -2.13 -72.63
N ILE N 47 9.35 -2.14 -73.90
CA ILE N 47 9.34 -0.96 -74.75
C ILE N 47 7.90 -0.60 -75.00
N GLN N 48 7.50 0.59 -74.59
CA GLN N 48 6.21 1.12 -74.93
C GLN N 48 6.41 1.99 -76.15
N THR N 49 5.70 1.65 -77.21
CA THR N 49 5.73 2.27 -78.50
C THR N 49 4.37 2.86 -78.80
N SER N 50 4.28 3.49 -79.95
CA SER N 50 3.07 4.14 -80.41
C SER N 50 2.21 3.26 -81.30
N ALA N 51 2.57 2.00 -81.50
CA ALA N 51 1.81 1.10 -82.35
C ALA N 51 1.22 -0.01 -81.52
N MET N 52 -0.04 -0.33 -81.78
CA MET N 52 -0.69 -1.45 -81.12
C MET N 52 -0.17 -2.74 -81.73
N PHE N 53 0.05 -3.73 -80.89
CA PHE N 53 0.53 -5.03 -81.29
C PHE N 53 -0.49 -6.10 -80.97
N GLY N 54 -0.69 -7.02 -81.90
CA GLY N 54 -1.61 -8.09 -81.65
C GLY N 54 -3.05 -7.77 -81.93
N LEU N 55 -3.35 -6.62 -82.53
CA LEU N 55 -4.71 -6.21 -82.82
C LEU N 55 -4.87 -5.91 -84.29
N LYS N 56 -6.10 -6.13 -84.77
CA LYS N 56 -6.55 -5.82 -86.11
C LYS N 56 -7.63 -4.75 -86.01
N THR N 57 -7.70 -3.90 -87.05
CA THR N 57 -8.70 -2.82 -87.05
C THR N 57 -10.12 -3.32 -86.76
N ASP N 58 -10.42 -4.58 -87.07
CA ASP N 58 -11.74 -5.16 -86.80
C ASP N 58 -11.77 -6.08 -85.59
N GLY N 59 -10.64 -6.67 -85.22
CA GLY N 59 -10.62 -7.64 -84.15
C GLY N 59 -9.23 -7.82 -83.60
N VAL N 60 -9.07 -8.83 -82.74
CA VAL N 60 -7.75 -9.24 -82.27
C VAL N 60 -7.32 -10.47 -83.04
N ASP N 61 -6.04 -10.52 -83.39
CA ASP N 61 -5.40 -11.75 -83.84
C ASP N 61 -3.91 -11.54 -83.70
N LEU N 62 -3.22 -12.41 -82.95
CA LEU N 62 -1.85 -12.08 -82.58
C LEU N 62 -0.87 -12.43 -83.68
N ALA N 63 -1.10 -11.94 -84.87
CA ALA N 63 -0.02 -11.76 -85.84
C ALA N 63 -0.16 -10.43 -86.56
N TYR N 64 -1.10 -9.59 -86.18
CA TYR N 64 -1.37 -8.33 -86.85
C TYR N 64 -1.15 -7.18 -85.89
N MET N 65 -0.38 -6.20 -86.34
CA MET N 65 -0.20 -4.91 -85.70
C MET N 65 -0.88 -3.80 -86.50
N SER N 66 -1.25 -2.76 -85.80
CA SER N 66 -1.96 -1.63 -86.36
C SER N 66 -1.16 -0.35 -86.14
N PHE N 67 -1.06 0.47 -87.18
CA PHE N 67 -0.37 1.74 -87.06
C PHE N 67 -0.94 2.70 -88.09
N MET N 68 -0.76 3.99 -87.84
CA MET N 68 -1.28 5.01 -88.73
C MET N 68 -0.29 5.28 -89.86
N ASN N 69 -0.74 5.11 -91.09
CA ASN N 69 -0.06 5.67 -92.26
C ASN N 69 -0.69 7.03 -92.59
N GLY N 70 -0.63 7.92 -91.62
CA GLY N 70 -1.39 9.17 -91.72
C GLY N 70 -2.50 9.16 -90.71
N LYS N 71 -3.72 9.07 -91.20
CA LYS N 71 -4.92 8.92 -90.36
C LYS N 71 -5.65 7.63 -90.68
N THR N 72 -5.01 6.72 -91.39
CA THR N 72 -5.69 5.55 -91.90
C THR N 72 -5.88 4.47 -90.83
N GLN N 73 -4.98 4.36 -89.86
CA GLN N 73 -4.98 3.26 -88.90
C GLN N 73 -5.03 1.91 -89.59
N LYS N 74 -4.01 1.62 -90.38
CA LYS N 74 -4.05 0.37 -91.13
C LYS N 74 -3.28 -0.70 -90.39
N SER N 75 -3.66 -1.95 -90.66
CA SER N 75 -3.14 -3.13 -89.99
C SER N 75 -2.37 -3.99 -90.96
N ILE N 76 -1.23 -4.49 -90.53
CA ILE N 76 -0.41 -5.39 -91.31
C ILE N 76 0.02 -6.56 -90.44
N LYS N 77 0.59 -7.57 -91.10
CA LYS N 77 1.09 -8.72 -90.37
C LYS N 77 2.36 -8.32 -89.65
N ILE N 78 2.64 -8.96 -88.52
CA ILE N 78 3.94 -8.69 -87.94
C ILE N 78 4.96 -9.23 -88.93
N ASP N 79 5.76 -8.33 -89.49
CA ASP N 79 6.65 -8.68 -90.58
C ASP N 79 7.95 -7.99 -90.26
N ASN N 80 8.94 -8.76 -89.85
CA ASN N 80 10.24 -8.24 -89.51
C ASN N 80 10.13 -7.16 -88.44
N LEU N 81 9.46 -7.49 -87.35
CA LEU N 81 9.54 -6.66 -86.16
C LEU N 81 10.91 -6.79 -85.52
N HIS N 82 11.54 -5.66 -85.28
CA HIS N 82 12.91 -5.53 -84.85
C HIS N 82 12.94 -4.84 -83.51
N VAL N 83 13.71 -5.40 -82.59
CA VAL N 83 14.08 -4.68 -81.39
C VAL N 83 15.56 -4.96 -81.17
N ARG N 84 16.42 -4.01 -81.51
CA ARG N 84 17.86 -4.19 -81.39
C ARG N 84 18.47 -3.17 -80.45
N THR N 85 19.25 -3.64 -79.49
CA THR N 85 19.94 -2.76 -78.56
C THR N 85 21.41 -2.49 -78.91
N SER N 86 22.21 -3.52 -79.08
CA SER N 86 23.38 -3.43 -79.95
C SER N 86 23.51 -4.61 -80.88
N ALA N 87 22.79 -5.68 -80.65
CA ALA N 87 22.64 -6.78 -81.56
C ALA N 87 21.18 -7.13 -81.45
N PRO N 88 20.61 -7.92 -82.34
CA PRO N 88 19.17 -8.15 -82.28
C PRO N 88 18.75 -8.78 -80.98
N CYS N 89 17.58 -8.36 -80.50
CA CYS N 89 16.97 -8.90 -79.30
C CYS N 89 15.86 -9.85 -79.67
N SER N 90 15.49 -10.67 -78.70
CA SER N 90 14.53 -11.73 -78.90
C SER N 90 13.17 -11.27 -78.41
N LEU N 91 12.21 -11.16 -79.31
CA LEU N 91 10.92 -10.62 -78.95
C LEU N 91 10.18 -11.64 -78.12
N VAL N 92 10.18 -11.47 -76.81
CA VAL N 92 9.48 -12.42 -75.96
C VAL N 92 7.98 -12.32 -76.16
N SER N 93 7.44 -11.12 -76.22
CA SER N 93 6.01 -10.97 -76.43
C SER N 93 5.69 -9.58 -76.93
N HIS N 94 4.48 -9.41 -77.45
CA HIS N 94 4.01 -8.10 -77.87
C HIS N 94 2.51 -8.01 -77.65
N HIS N 95 2.09 -7.00 -76.91
CA HIS N 95 0.71 -6.89 -76.47
C HIS N 95 0.34 -5.43 -76.37
N GLY N 96 -0.72 -5.01 -77.03
CA GLY N 96 -1.14 -3.62 -76.94
C GLY N 96 -0.04 -2.74 -77.46
N TYR N 97 0.25 -1.66 -76.73
CA TYR N 97 1.31 -0.76 -77.15
C TYR N 97 2.69 -1.32 -76.88
N TYR N 98 2.79 -2.37 -76.08
CA TYR N 98 4.04 -2.78 -75.48
C TYR N 98 4.67 -3.94 -76.23
N ILE N 99 5.99 -4.02 -76.15
CA ILE N 99 6.70 -5.22 -76.55
C ILE N 99 7.77 -5.53 -75.53
N LEU N 100 7.89 -6.81 -75.22
CA LEU N 100 8.76 -7.34 -74.18
C LEU N 100 9.85 -8.10 -74.89
N ALA N 101 11.10 -7.70 -74.71
CA ALA N 101 12.19 -8.34 -75.42
C ALA N 101 13.37 -8.54 -74.52
N GLN N 102 14.12 -9.62 -74.78
CA GLN N 102 15.37 -9.91 -74.09
C GLN N 102 16.51 -9.36 -74.92
N CYS N 103 17.28 -8.46 -74.35
CA CYS N 103 18.22 -7.67 -75.13
C CYS N 103 19.61 -7.75 -74.55
N PRO N 104 20.65 -7.69 -75.39
CA PRO N 104 21.98 -7.55 -74.88
C PRO N 104 22.21 -6.16 -74.35
N PRO N 105 23.25 -5.95 -73.54
CA PRO N 105 23.60 -4.60 -73.11
C PRO N 105 23.88 -3.70 -74.29
N GLY N 106 23.45 -2.46 -74.19
CA GLY N 106 23.65 -1.55 -75.28
C GLY N 106 23.42 -0.12 -74.85
N ASP N 107 23.69 0.79 -75.78
CA ASP N 107 23.61 2.22 -75.58
C ASP N 107 22.50 2.85 -76.40
N THR N 108 21.74 2.09 -77.16
CA THR N 108 20.61 2.55 -77.93
C THR N 108 19.51 1.53 -77.78
N VAL N 109 18.31 1.90 -78.19
CA VAL N 109 17.21 0.95 -78.28
C VAL N 109 16.45 1.31 -79.54
N THR N 110 16.52 0.46 -80.54
CA THR N 110 15.83 0.67 -81.80
C THR N 110 14.70 -0.32 -81.95
N VAL N 111 13.58 0.15 -82.48
CA VAL N 111 12.42 -0.64 -82.77
C VAL N 111 12.01 -0.37 -84.20
N GLY N 112 11.73 -1.43 -84.97
CA GLY N 112 11.41 -1.23 -86.36
C GLY N 112 10.53 -2.29 -86.98
N PHE N 113 10.02 -1.98 -88.17
CA PHE N 113 9.16 -2.89 -88.90
C PHE N 113 9.14 -2.55 -90.38
N HIS N 114 8.67 -3.51 -91.17
CA HIS N 114 8.48 -3.35 -92.60
C HIS N 114 6.99 -3.40 -92.93
N ASP N 115 6.54 -2.40 -93.67
CA ASP N 115 5.24 -2.41 -94.33
C ASP N 115 5.54 -2.45 -95.82
N GLY N 116 5.63 -3.65 -96.36
CA GLY N 116 6.01 -3.86 -97.73
C GLY N 116 7.33 -3.18 -98.04
N PRO N 117 7.39 -2.29 -99.02
CA PRO N 117 8.67 -1.64 -99.32
C PRO N 117 9.15 -0.72 -98.22
N ASN N 118 8.26 -0.19 -97.39
CA ASN N 118 8.59 0.89 -96.48
C ASN N 118 9.14 0.33 -95.18
N ARG N 119 10.14 1.01 -94.64
CA ARG N 119 10.82 0.58 -93.44
C ARG N 119 10.72 1.69 -92.40
N HIS N 120 10.10 1.36 -91.28
CA HIS N 120 9.81 2.29 -90.20
C HIS N 120 10.62 1.94 -88.97
N THR N 121 11.48 2.85 -88.53
CA THR N 121 12.52 2.59 -87.54
C THR N 121 12.60 3.75 -86.58
N CYS N 122 12.74 3.48 -85.29
CA CYS N 122 12.91 4.53 -84.29
C CYS N 122 13.88 4.09 -83.22
N THR N 123 14.93 4.89 -83.01
CA THR N 123 15.96 4.68 -82.01
C THR N 123 15.87 5.73 -80.91
N VAL N 124 15.93 5.32 -79.65
CA VAL N 124 16.14 6.25 -78.55
C VAL N 124 17.41 5.87 -77.80
N ALA N 125 17.85 6.74 -76.90
CA ALA N 125 19.21 6.55 -76.41
C ALA N 125 19.34 5.50 -75.30
N HIS N 126 18.71 5.71 -74.16
CA HIS N 126 18.27 4.67 -73.22
C HIS N 126 19.24 3.53 -72.96
N LYS N 127 20.44 3.81 -72.46
CA LYS N 127 21.40 2.74 -72.24
C LYS N 127 20.81 1.61 -71.40
N VAL N 128 20.96 0.39 -71.92
CA VAL N 128 20.39 -0.83 -71.36
C VAL N 128 21.52 -1.64 -70.74
N GLU N 129 21.37 -1.95 -69.46
CA GLU N 129 22.38 -2.64 -68.69
C GLU N 129 21.91 -4.06 -68.44
N PHE N 130 22.78 -5.04 -68.65
CA PHE N 130 22.45 -6.38 -68.21
C PHE N 130 22.64 -6.43 -66.71
N ARG N 131 21.62 -6.90 -66.02
CA ARG N 131 21.53 -6.89 -64.57
C ARG N 131 21.65 -8.30 -64.03
N PRO N 132 22.84 -8.83 -63.82
CA PRO N 132 22.94 -10.18 -63.29
C PRO N 132 22.33 -10.27 -61.91
N VAL N 133 21.80 -11.42 -61.59
CA VAL N 133 21.27 -11.69 -60.27
C VAL N 133 22.25 -12.59 -59.55
N GLY N 134 22.66 -12.17 -58.37
CA GLY N 134 23.51 -12.96 -57.53
C GLY N 134 24.82 -12.28 -57.27
N ARG N 135 25.84 -13.09 -56.97
CA ARG N 135 27.16 -12.62 -56.61
C ARG N 135 28.19 -12.98 -57.66
N GLU N 136 27.77 -13.17 -58.91
CA GLU N 136 28.68 -13.35 -60.03
C GLU N 136 28.18 -12.47 -61.16
N LYS N 137 29.08 -11.64 -61.68
CA LYS N 137 28.75 -10.73 -62.76
C LYS N 137 28.89 -11.48 -64.08
N TYR N 138 27.85 -12.21 -64.43
CA TYR N 138 27.79 -12.92 -65.69
C TYR N 138 27.07 -12.10 -66.73
N ARG N 139 27.41 -12.34 -67.98
CA ARG N 139 26.89 -11.53 -69.06
C ARG N 139 25.71 -12.13 -69.82
N HIS N 140 25.46 -13.42 -69.71
CA HIS N 140 24.32 -14.07 -70.36
C HIS N 140 23.78 -15.09 -69.40
N PRO N 141 22.47 -15.32 -69.31
CA PRO N 141 21.98 -16.27 -68.34
C PRO N 141 22.55 -17.65 -68.57
N PRO N 142 23.11 -18.27 -67.53
CA PRO N 142 23.75 -19.57 -67.68
C PRO N 142 22.75 -20.62 -68.11
N GLU N 143 23.27 -21.77 -68.49
CA GLU N 143 22.42 -22.90 -68.81
C GLU N 143 22.07 -23.67 -67.57
N HIS N 144 22.91 -23.60 -66.55
CA HIS N 144 22.63 -24.22 -65.28
C HIS N 144 23.27 -23.39 -64.19
N GLY N 145 23.04 -23.77 -62.97
CA GLY N 145 23.61 -23.07 -61.85
C GLY N 145 22.69 -23.16 -60.67
N VAL N 146 22.38 -22.03 -60.05
CA VAL N 146 21.54 -22.00 -58.88
C VAL N 146 20.40 -21.02 -59.09
N GLU N 147 19.23 -21.40 -58.63
CA GLU N 147 18.00 -20.66 -58.89
C GLU N 147 17.79 -19.61 -57.82
N LEU N 148 17.92 -18.33 -58.19
CA LEU N 148 17.81 -17.22 -57.25
C LEU N 148 16.60 -16.34 -57.55
N PRO N 149 15.99 -15.72 -56.54
CA PRO N 149 14.93 -14.74 -56.78
C PRO N 149 15.41 -13.56 -57.62
N CYS N 150 14.53 -13.08 -58.48
CA CYS N 150 14.87 -12.02 -59.41
C CYS N 150 13.62 -11.33 -59.86
N ASN N 151 13.82 -10.17 -60.48
CA ASN N 151 12.75 -9.32 -60.97
C ASN N 151 12.63 -9.54 -62.47
N ARG N 152 11.44 -9.92 -62.92
CA ARG N 152 11.19 -10.09 -64.34
C ARG N 152 9.85 -9.50 -64.67
N TYR N 153 9.66 -9.12 -65.92
CA TYR N 153 8.36 -8.68 -66.36
C TYR N 153 7.56 -9.91 -66.74
N THR N 154 6.35 -10.02 -66.20
CA THR N 154 5.54 -11.20 -66.44
C THR N 154 5.14 -11.24 -67.90
N HIS N 155 4.80 -12.44 -68.38
CA HIS N 155 4.63 -12.61 -69.81
C HIS N 155 3.19 -12.68 -70.27
N LYS N 156 2.23 -12.97 -69.41
CA LYS N 156 0.83 -12.77 -69.75
C LYS N 156 0.13 -11.72 -68.92
N ARG N 157 0.18 -11.86 -67.61
CA ARG N 157 -0.63 -11.01 -66.74
C ARG N 157 -0.23 -11.25 -65.30
N ALA N 158 -0.35 -10.20 -64.49
CA ALA N 158 -0.61 -10.29 -63.06
C ALA N 158 -2.02 -9.80 -62.82
N ASP N 159 -2.79 -10.51 -61.99
CA ASP N 159 -4.16 -10.10 -61.68
C ASP N 159 -4.13 -8.95 -60.66
N GLN N 160 -3.50 -7.87 -61.12
CA GLN N 160 -2.99 -6.74 -60.36
C GLN N 160 -3.56 -5.48 -60.98
N GLY N 161 -3.08 -4.33 -60.54
CA GLY N 161 -3.79 -3.07 -60.70
C GLY N 161 -2.89 -2.00 -61.28
N HIS N 162 -1.93 -2.39 -62.11
CA HIS N 162 -1.08 -1.41 -62.78
C HIS N 162 -1.77 -0.97 -64.05
N TYR N 163 -1.90 0.34 -64.24
CA TYR N 163 -2.71 0.92 -65.28
C TYR N 163 -1.94 1.98 -66.05
N VAL N 164 -2.28 2.14 -67.33
CA VAL N 164 -1.73 3.18 -68.18
C VAL N 164 -2.82 4.18 -68.50
N GLU N 165 -2.51 5.46 -68.34
CA GLU N 165 -3.44 6.54 -68.60
C GLU N 165 -3.58 6.81 -70.11
N MET N 166 -4.82 6.89 -70.58
CA MET N 166 -5.18 7.28 -71.94
C MET N 166 -6.21 8.40 -71.90
N HIS N 167 -6.22 9.20 -72.96
CA HIS N 167 -7.21 10.24 -73.15
C HIS N 167 -7.61 10.27 -74.62
N GLN N 168 -8.70 10.94 -74.91
CA GLN N 168 -9.11 11.06 -76.29
C GLN N 168 -8.11 11.95 -77.01
N PRO N 169 -7.69 11.60 -78.23
CA PRO N 169 -6.75 12.46 -78.94
C PRO N 169 -7.32 13.84 -79.12
N GLY N 170 -6.45 14.82 -79.06
CA GLY N 170 -6.89 16.18 -79.21
C GLY N 170 -7.05 16.51 -80.67
N LEU N 171 -6.57 17.68 -81.05
CA LEU N 171 -6.82 18.23 -82.37
C LEU N 171 -5.73 17.71 -83.30
N VAL N 172 -5.97 16.54 -83.88
CA VAL N 172 -5.03 16.01 -84.85
C VAL N 172 -5.02 16.92 -86.07
N ALA N 173 -3.87 17.49 -86.37
CA ALA N 173 -3.75 18.46 -87.44
C ALA N 173 -3.50 17.75 -88.75
N ASP N 174 -4.15 18.22 -89.81
CA ASP N 174 -3.95 17.66 -91.13
C ASP N 174 -4.23 18.74 -92.17
N HIS N 175 -3.34 18.84 -93.16
CA HIS N 175 -3.47 19.76 -94.26
C HIS N 175 -3.84 19.09 -95.56
N SER N 176 -3.92 17.76 -95.58
CA SER N 176 -4.62 17.07 -96.65
C SER N 176 -6.14 17.19 -96.50
N LEU N 177 -6.61 17.77 -95.39
CA LEU N 177 -8.01 18.06 -95.17
C LEU N 177 -8.43 19.39 -95.77
N LEU N 178 -7.49 20.22 -96.16
CA LEU N 178 -7.71 21.46 -96.88
C LEU N 178 -7.41 21.25 -98.35
N SER N 179 -8.25 21.84 -99.20
CA SER N 179 -8.10 21.65 -100.64
C SER N 179 -8.53 22.92 -101.31
N ILE N 180 -8.15 23.09 -102.57
CA ILE N 180 -8.52 24.25 -103.36
C ILE N 180 -9.57 23.80 -104.35
N HIS N 181 -10.60 24.63 -104.48
CA HIS N 181 -11.64 24.41 -105.46
C HIS N 181 -12.36 25.74 -105.63
N SER N 182 -12.64 26.10 -106.88
CA SER N 182 -13.26 27.38 -107.23
C SER N 182 -12.67 28.53 -106.42
N ALA N 183 -11.34 28.65 -106.46
CA ALA N 183 -10.67 29.84 -105.92
C ALA N 183 -10.66 29.77 -104.40
N LYS N 184 -11.84 29.83 -103.78
CA LYS N 184 -11.92 29.68 -102.34
C LYS N 184 -11.38 28.31 -101.92
N VAL N 185 -11.16 28.16 -100.62
CA VAL N 185 -10.54 26.95 -100.07
C VAL N 185 -11.60 26.13 -99.37
N LYS N 186 -11.42 24.81 -99.43
CA LYS N 186 -12.41 23.82 -99.09
C LYS N 186 -11.95 23.02 -97.89
N ILE N 187 -12.87 22.80 -96.94
CA ILE N 187 -12.66 21.96 -95.77
C ILE N 187 -13.47 20.69 -95.97
N THR N 188 -12.78 19.56 -96.00
CA THR N 188 -13.33 18.25 -96.31
C THR N 188 -13.37 17.41 -95.04
N VAL N 189 -14.55 16.92 -94.67
CA VAL N 189 -14.60 15.90 -93.61
C VAL N 189 -14.33 14.54 -94.24
N PRO N 190 -13.35 13.76 -93.74
CA PRO N 190 -13.08 12.48 -94.41
C PRO N 190 -14.25 11.52 -94.40
N SER N 191 -14.79 11.22 -93.22
CA SER N 191 -16.07 10.55 -93.07
C SER N 191 -16.53 10.73 -91.64
N GLY N 192 -17.74 11.23 -91.43
CA GLY N 192 -18.37 11.23 -90.13
C GLY N 192 -17.51 11.71 -88.96
N ALA N 193 -16.52 12.55 -89.23
CA ALA N 193 -15.59 13.05 -88.22
C ALA N 193 -15.48 14.56 -88.31
N GLN N 194 -15.61 15.23 -87.17
CA GLN N 194 -15.65 16.68 -87.21
C GLN N 194 -14.27 17.27 -87.44
N VAL N 195 -14.27 18.51 -87.87
CA VAL N 195 -13.04 19.24 -88.20
C VAL N 195 -13.18 20.64 -87.63
N LYS N 196 -12.14 21.10 -86.95
CA LYS N 196 -12.06 22.46 -86.47
C LYS N 196 -11.16 23.24 -87.40
N TYR N 197 -11.69 24.28 -88.00
CA TYR N 197 -10.96 25.13 -88.91
C TYR N 197 -10.65 26.44 -88.23
N TYR N 198 -9.52 27.01 -88.62
CA TYR N 198 -9.09 28.33 -88.17
C TYR N 198 -8.49 28.99 -89.41
N CYS N 199 -9.32 29.79 -90.06
CA CYS N 199 -8.99 30.53 -91.26
C CYS N 199 -8.70 31.97 -90.91
N LYS N 200 -7.50 32.42 -91.22
CA LYS N 200 -7.00 33.76 -90.95
C LYS N 200 -7.18 34.69 -92.13
N CYS N 201 -8.18 34.47 -93.00
CA CYS N 201 -8.56 35.54 -93.89
C CYS N 201 -8.78 36.75 -92.98
N PRO N 202 -8.28 37.91 -93.30
CA PRO N 202 -7.72 38.72 -92.19
C PRO N 202 -8.75 39.41 -91.30
N ASP N 203 -9.71 38.61 -90.85
CA ASP N 203 -10.51 38.75 -89.65
C ASP N 203 -10.66 37.31 -89.17
N VAL N 204 -10.21 37.03 -87.95
CA VAL N 204 -10.02 35.66 -87.49
C VAL N 204 -11.34 34.91 -87.55
N ARG N 205 -11.36 33.84 -88.35
CA ARG N 205 -12.52 33.02 -88.60
C ARG N 205 -12.23 31.61 -88.12
N LYS N 206 -13.20 30.99 -87.46
CA LYS N 206 -12.94 29.70 -86.86
C LYS N 206 -14.27 28.99 -86.64
N GLY N 207 -14.19 27.70 -86.38
CA GLY N 207 -15.40 26.96 -86.10
C GLY N 207 -15.18 25.47 -86.21
N ILE N 208 -16.26 24.74 -85.90
CA ILE N 208 -16.30 23.29 -85.88
C ILE N 208 -17.38 22.82 -86.82
N THR N 209 -17.02 21.96 -87.77
CA THR N 209 -17.91 21.51 -88.80
C THR N 209 -17.97 20.00 -88.81
N SER N 210 -19.14 19.45 -89.09
CA SER N 210 -19.31 18.02 -89.29
C SER N 210 -19.57 17.65 -90.73
N SER N 211 -19.49 18.61 -91.65
CA SER N 211 -19.73 18.38 -93.06
C SER N 211 -18.85 19.33 -93.85
N ASP N 212 -18.76 19.10 -95.15
CA ASP N 212 -17.94 19.95 -96.02
C ASP N 212 -18.32 21.41 -95.85
N HIS N 213 -17.32 22.27 -95.75
CA HIS N 213 -17.54 23.70 -95.52
C HIS N 213 -16.53 24.46 -96.35
N THR N 214 -16.94 24.97 -97.50
CA THR N 214 -16.05 25.88 -98.21
C THR N 214 -15.98 27.19 -97.45
N THR N 215 -14.77 27.67 -97.20
CA THR N 215 -14.52 28.88 -96.44
C THR N 215 -13.92 29.97 -97.32
N THR N 216 -13.91 31.18 -96.77
CA THR N 216 -13.66 32.39 -97.54
C THR N 216 -12.29 32.42 -98.21
N CYS N 217 -11.25 31.91 -97.53
CA CYS N 217 -9.89 32.30 -97.85
C CYS N 217 -9.48 31.90 -99.26
N THR N 218 -8.34 32.46 -99.69
CA THR N 218 -7.86 32.24 -101.04
C THR N 218 -6.87 31.09 -101.11
N ASP N 219 -5.78 31.16 -100.35
CA ASP N 219 -4.70 30.19 -100.48
C ASP N 219 -4.84 29.20 -99.34
N VAL N 220 -4.22 28.03 -99.52
CA VAL N 220 -4.35 26.98 -98.51
C VAL N 220 -3.71 27.40 -97.20
N LYS N 221 -2.57 28.08 -97.26
CA LYS N 221 -1.87 28.43 -96.03
C LYS N 221 -2.46 29.68 -95.39
N GLN N 222 -3.75 29.65 -95.12
CA GLN N 222 -4.31 30.46 -94.06
C GLN N 222 -5.32 29.72 -93.22
N CYS N 223 -5.54 28.43 -93.44
CA CYS N 223 -6.79 27.78 -93.10
C CYS N 223 -6.58 26.53 -92.24
N ARG N 224 -5.74 26.63 -91.22
CA ARG N 224 -5.28 25.45 -90.50
C ARG N 224 -6.44 24.65 -89.94
N ALA N 225 -6.54 23.40 -90.36
CA ALA N 225 -7.65 22.54 -90.00
C ALA N 225 -7.15 21.41 -89.14
N TYR N 226 -7.98 21.00 -88.20
CA TYR N 226 -7.64 19.95 -87.27
C TYR N 226 -8.73 18.91 -87.34
N LEU N 227 -8.34 17.68 -87.59
CA LEU N 227 -9.29 16.60 -87.47
C LEU N 227 -9.51 16.40 -86.00
N ILE N 228 -10.76 16.36 -85.59
CA ILE N 228 -11.11 15.98 -84.23
C ILE N 228 -11.85 14.67 -84.37
N ASP N 229 -11.18 13.60 -83.97
CA ASP N 229 -11.79 12.29 -83.85
C ASP N 229 -11.67 11.90 -82.40
N ASN N 230 -12.80 11.55 -81.82
CA ASN N 230 -12.93 11.25 -80.42
C ASN N 230 -13.69 9.96 -80.24
N LYS N 231 -13.41 8.99 -81.09
CA LYS N 231 -13.97 7.66 -80.98
C LYS N 231 -13.00 6.68 -80.36
N LYS N 232 -11.72 7.02 -80.33
CA LYS N 232 -10.66 6.17 -79.83
C LYS N 232 -9.95 6.89 -78.70
N TRP N 233 -8.97 6.21 -78.14
CA TRP N 233 -8.12 6.72 -77.09
C TRP N 233 -6.69 6.67 -77.58
N VAL N 234 -5.87 7.53 -77.01
CA VAL N 234 -4.45 7.50 -77.22
C VAL N 234 -3.77 7.67 -75.88
N TYR N 235 -2.57 7.12 -75.78
CA TYR N 235 -1.80 7.15 -74.56
C TYR N 235 -1.48 8.60 -74.18
N ASN N 236 -1.46 8.87 -72.89
CA ASN N 236 -1.23 10.21 -72.37
C ASN N 236 0.26 10.50 -72.50
N SER N 237 0.65 10.73 -73.75
CA SER N 237 2.04 10.86 -74.13
C SER N 237 2.46 12.30 -74.12
N GLY N 238 3.71 12.53 -73.75
CA GLY N 238 4.21 13.89 -73.78
C GLY N 238 4.50 14.39 -75.16
N ARG N 239 4.41 13.53 -76.16
CA ARG N 239 4.69 13.88 -77.54
C ARG N 239 3.44 14.16 -78.35
N LEU N 240 2.25 14.17 -77.73
CA LEU N 240 0.98 14.44 -78.38
C LEU N 240 0.37 15.67 -77.75
N PRO N 241 0.00 16.73 -78.49
CA PRO N 241 -0.61 17.88 -77.83
C PRO N 241 -1.93 17.52 -77.20
N ARG N 242 -2.45 18.43 -76.39
CA ARG N 242 -3.80 18.27 -75.88
C ARG N 242 -4.45 19.65 -75.77
N GLY N 243 -5.77 19.66 -75.76
CA GLY N 243 -6.53 20.90 -75.67
C GLY N 243 -6.72 21.34 -74.23
N GLU N 244 -6.85 22.65 -74.05
CA GLU N 244 -6.87 23.18 -72.69
C GLU N 244 -8.03 22.63 -71.86
N GLY N 245 -9.20 22.42 -72.46
CA GLY N 245 -10.25 21.65 -71.81
C GLY N 245 -10.27 20.17 -72.12
N ASP N 246 -9.23 19.42 -71.78
CA ASP N 246 -9.19 17.98 -72.02
C ASP N 246 -8.69 17.21 -70.79
N THR N 247 -9.18 17.54 -69.60
CA THR N 247 -8.73 16.83 -68.41
C THR N 247 -8.95 15.32 -68.45
N PHE N 248 -9.84 14.84 -69.31
CA PHE N 248 -10.41 13.50 -69.17
C PHE N 248 -9.39 12.36 -69.24
N LYS N 249 -9.58 11.41 -68.32
CA LYS N 249 -8.61 10.46 -67.81
C LYS N 249 -8.70 9.06 -68.44
N GLY N 250 -7.83 8.16 -67.95
CA GLY N 250 -7.40 6.89 -68.53
C GLY N 250 -7.79 5.54 -67.93
N LYS N 251 -6.84 4.93 -67.23
CA LYS N 251 -7.01 3.61 -66.62
C LYS N 251 -7.31 2.51 -67.64
N LEU N 252 -6.38 2.32 -68.54
CA LEU N 252 -6.34 1.09 -69.31
C LEU N 252 -5.23 0.17 -68.80
N HIS N 253 -5.46 -1.14 -68.87
CA HIS N 253 -4.58 -2.12 -68.24
C HIS N 253 -3.22 -2.14 -68.91
N VAL N 254 -2.18 -2.37 -68.12
CA VAL N 254 -0.82 -2.47 -68.62
C VAL N 254 -0.44 -3.95 -68.71
N PRO N 255 -0.13 -4.48 -69.89
CA PRO N 255 0.45 -5.81 -69.95
C PRO N 255 1.86 -5.81 -69.38
N PHE N 256 2.33 -7.00 -69.08
CA PHE N 256 3.73 -7.23 -68.75
C PHE N 256 4.18 -6.39 -67.56
N VAL N 257 3.49 -6.58 -66.44
CA VAL N 257 3.81 -5.90 -65.21
C VAL N 257 4.99 -6.58 -64.55
N PRO N 258 5.77 -5.89 -63.72
CA PRO N 258 6.83 -6.58 -62.96
C PRO N 258 6.30 -7.65 -62.02
N VAL N 259 7.11 -8.67 -61.82
CA VAL N 259 6.78 -9.83 -61.00
C VAL N 259 8.09 -10.40 -60.47
N LYS N 260 7.99 -11.20 -59.41
CA LYS N 260 9.15 -11.85 -58.81
C LYS N 260 9.19 -13.28 -59.29
N ALA N 261 10.29 -13.67 -59.91
CA ALA N 261 10.47 -14.99 -60.47
C ALA N 261 11.82 -15.52 -60.08
N LYS N 262 12.20 -16.67 -60.63
CA LYS N 262 13.44 -17.36 -60.28
C LYS N 262 14.31 -17.51 -61.52
N CYS N 263 15.48 -16.90 -61.50
CA CYS N 263 16.45 -17.01 -62.59
C CYS N 263 17.64 -17.85 -62.18
N ILE N 264 18.25 -18.52 -63.14
CA ILE N 264 19.45 -19.32 -62.90
C ILE N 264 20.66 -18.39 -62.93
N ALA N 265 21.49 -18.47 -61.90
CA ALA N 265 22.73 -17.74 -61.81
C ALA N 265 23.91 -18.71 -61.80
N THR N 266 25.05 -18.24 -62.28
CA THR N 266 26.19 -19.11 -62.41
C THR N 266 26.69 -19.55 -61.05
N LEU N 267 27.37 -20.68 -61.03
CA LEU N 267 28.01 -21.22 -59.85
C LEU N 267 29.48 -21.34 -60.18
N ALA N 268 30.29 -20.54 -59.50
CA ALA N 268 31.71 -20.50 -59.80
C ALA N 268 32.37 -21.84 -59.48
N PRO N 269 33.47 -22.17 -60.15
CA PRO N 269 34.15 -23.42 -59.83
C PRO N 269 34.63 -23.43 -58.40
N GLU N 270 34.58 -24.61 -57.81
CA GLU N 270 34.89 -24.74 -56.41
C GLU N 270 36.34 -24.36 -56.18
N PRO N 271 36.65 -23.56 -55.15
CA PRO N 271 38.05 -23.22 -54.89
C PRO N 271 38.84 -24.43 -54.47
N LEU N 272 40.14 -24.41 -54.72
CA LEU N 272 41.02 -25.39 -54.11
C LEU N 272 41.43 -24.86 -52.76
N VAL N 273 41.20 -25.64 -51.73
CA VAL N 273 41.46 -25.27 -50.34
C VAL N 273 42.67 -26.04 -49.85
N GLU N 274 43.64 -25.32 -49.35
CA GLU N 274 44.80 -25.86 -48.66
C GLU N 274 44.83 -25.26 -47.26
N HIS N 275 45.32 -26.04 -46.32
CA HIS N 275 45.31 -25.67 -44.92
C HIS N 275 46.73 -25.55 -44.42
N LYS N 276 47.05 -24.40 -43.85
CA LYS N 276 48.25 -24.21 -43.06
C LYS N 276 47.83 -23.90 -41.64
N HIS N 277 48.79 -23.87 -40.73
CA HIS N 277 48.48 -23.66 -39.31
C HIS N 277 47.77 -22.34 -39.14
N ARG N 278 46.51 -22.41 -38.72
CA ARG N 278 45.66 -21.25 -38.50
C ARG N 278 45.49 -20.42 -39.75
N THR N 279 45.52 -21.05 -40.92
CA THR N 279 45.47 -20.32 -42.18
C THR N 279 44.75 -21.16 -43.23
N LEU N 280 43.91 -20.48 -44.02
CA LEU N 280 43.14 -21.09 -45.10
C LEU N 280 43.60 -20.47 -46.41
N ILE N 281 44.18 -21.29 -47.27
CA ILE N 281 44.68 -20.90 -48.57
C ILE N 281 43.65 -21.32 -49.60
N LEU N 282 43.05 -20.35 -50.27
CA LEU N 282 42.08 -20.65 -51.32
C LEU N 282 42.64 -20.18 -52.63
N HIS N 283 42.70 -21.09 -53.59
CA HIS N 283 43.01 -20.77 -54.97
C HIS N 283 41.69 -20.72 -55.71
N LEU N 284 41.42 -19.59 -56.32
CA LEU N 284 40.13 -19.22 -56.88
C LEU N 284 40.30 -19.02 -58.37
N HIS N 285 39.47 -19.69 -59.16
CA HIS N 285 39.54 -19.66 -60.62
C HIS N 285 38.19 -19.30 -61.21
N PRO N 286 37.81 -18.04 -61.19
CA PRO N 286 36.50 -17.65 -61.70
C PRO N 286 36.41 -17.60 -63.21
N ASP N 287 35.23 -17.96 -63.71
CA ASP N 287 34.85 -17.64 -65.09
C ASP N 287 34.47 -16.18 -65.25
N HIS N 288 33.74 -15.62 -64.31
CA HIS N 288 33.27 -14.25 -64.34
C HIS N 288 33.65 -13.59 -63.04
N PRO N 289 33.66 -12.26 -62.97
CA PRO N 289 33.89 -11.62 -61.67
C PRO N 289 32.98 -12.15 -60.60
N THR N 290 33.59 -12.74 -59.58
CA THR N 290 32.88 -13.42 -58.52
C THR N 290 33.24 -12.79 -57.19
N LEU N 291 32.25 -12.66 -56.33
CA LEU N 291 32.40 -12.00 -55.05
C LEU N 291 32.80 -13.03 -54.00
N LEU N 292 33.82 -12.69 -53.23
CA LEU N 292 34.28 -13.50 -52.11
C LEU N 292 34.16 -12.66 -50.87
N THR N 293 33.44 -13.16 -49.88
CA THR N 293 33.25 -12.45 -48.63
C THR N 293 33.56 -13.37 -47.48
N THR N 294 34.28 -12.86 -46.50
CA THR N 294 34.67 -13.62 -45.34
C THR N 294 34.40 -12.84 -44.09
N ARG N 295 34.10 -13.55 -43.01
CA ARG N 295 33.96 -12.93 -41.71
C ARG N 295 34.32 -13.93 -40.63
N SER N 296 34.90 -13.44 -39.56
CA SER N 296 35.24 -14.28 -38.43
C SER N 296 34.05 -14.37 -37.51
N LEU N 297 33.87 -15.54 -36.90
CA LEU N 297 32.70 -15.82 -36.12
C LEU N 297 32.84 -15.42 -34.66
N GLY N 298 33.76 -14.52 -34.33
CA GLY N 298 33.94 -14.06 -32.99
C GLY N 298 33.41 -12.66 -32.77
N SER N 299 33.90 -12.01 -31.73
CA SER N 299 33.36 -10.72 -31.36
C SER N 299 33.61 -9.66 -32.41
N ASP N 300 34.80 -9.66 -33.00
CA ASP N 300 35.12 -8.76 -34.09
C ASP N 300 35.04 -9.55 -35.39
N ALA N 301 34.18 -9.11 -36.29
CA ALA N 301 34.00 -9.80 -37.55
C ALA N 301 35.26 -9.80 -38.38
N ASN N 302 35.92 -8.66 -38.48
CA ASN N 302 36.99 -8.44 -39.44
C ASN N 302 36.52 -8.82 -40.85
N PRO N 303 35.42 -8.24 -41.32
CA PRO N 303 34.89 -8.66 -42.60
C PRO N 303 35.77 -8.23 -43.75
N THR N 304 35.79 -9.05 -44.78
CA THR N 304 36.48 -8.77 -46.03
C THR N 304 35.53 -9.08 -47.18
N ARG N 305 35.40 -8.15 -48.13
CA ARG N 305 34.62 -8.35 -49.34
C ARG N 305 35.50 -8.00 -50.53
N GLN N 306 35.49 -8.84 -51.55
CA GLN N 306 36.45 -8.76 -52.63
C GLN N 306 35.82 -9.25 -53.92
N TRP N 307 36.12 -8.60 -55.04
CA TRP N 307 35.67 -9.06 -56.34
C TRP N 307 36.86 -9.67 -57.06
N ILE N 308 36.87 -10.99 -57.21
CA ILE N 308 37.93 -11.69 -57.92
C ILE N 308 37.53 -11.82 -59.37
N GLU N 309 38.37 -11.31 -60.26
CA GLU N 309 38.17 -11.42 -61.69
C GLU N 309 39.24 -12.26 -62.39
N ARG N 310 40.37 -12.49 -61.74
CA ARG N 310 41.49 -13.22 -62.27
C ARG N 310 41.82 -14.36 -61.31
N PRO N 311 42.45 -15.43 -61.77
CA PRO N 311 42.78 -16.50 -60.84
C PRO N 311 43.73 -16.02 -59.76
N THR N 312 43.32 -16.21 -58.50
CA THR N 312 43.94 -15.55 -57.36
C THR N 312 44.13 -16.57 -56.25
N THR N 313 45.09 -16.30 -55.39
CA THR N 313 45.29 -16.99 -54.12
C THR N 313 45.02 -16.04 -52.98
N VAL N 314 44.08 -16.36 -52.12
CA VAL N 314 43.80 -15.58 -50.92
C VAL N 314 44.09 -16.41 -49.69
N ASN N 315 44.66 -15.76 -48.69
CA ASN N 315 45.08 -16.36 -47.43
C ASN N 315 44.27 -15.74 -46.29
N PHE N 316 43.45 -16.54 -45.64
CA PHE N 316 42.53 -16.07 -44.61
C PHE N 316 42.95 -16.64 -43.26
N THR N 317 43.37 -15.77 -42.34
CA THR N 317 43.68 -16.26 -41.00
C THR N 317 42.44 -16.81 -40.33
N VAL N 318 42.43 -18.11 -40.12
CA VAL N 318 41.39 -18.81 -39.37
C VAL N 318 41.84 -18.99 -37.94
N THR N 319 41.03 -18.56 -37.00
CA THR N 319 41.27 -18.76 -35.58
C THR N 319 40.38 -19.90 -35.09
N GLY N 320 40.43 -20.15 -33.80
CA GLY N 320 39.59 -21.15 -33.17
C GLY N 320 38.15 -20.74 -33.11
N GLU N 321 37.89 -19.44 -33.13
CA GLU N 321 36.53 -18.95 -33.09
C GLU N 321 35.79 -19.23 -34.37
N GLY N 322 36.51 -19.30 -35.48
CA GLY N 322 35.94 -19.70 -36.75
C GLY N 322 36.09 -18.63 -37.82
N LEU N 323 35.85 -19.06 -39.05
CA LEU N 323 35.73 -18.18 -40.19
C LEU N 323 34.60 -18.70 -41.03
N GLU N 324 33.99 -17.81 -41.80
CA GLU N 324 32.90 -18.15 -42.71
C GLU N 324 33.17 -17.42 -43.99
N TYR N 325 33.27 -18.15 -45.08
CA TYR N 325 33.51 -17.57 -46.39
C TYR N 325 32.45 -18.00 -47.37
N THR N 326 32.01 -17.03 -48.16
CA THR N 326 31.05 -17.22 -49.22
C THR N 326 31.76 -16.88 -50.51
N TRP N 327 31.75 -17.81 -51.45
CA TRP N 327 32.39 -17.65 -52.75
C TRP N 327 31.33 -17.66 -53.83
N GLY N 328 31.01 -16.50 -54.34
CA GLY N 328 30.04 -16.42 -55.40
C GLY N 328 28.70 -16.86 -54.87
N ASN N 329 28.00 -17.65 -55.66
CA ASN N 329 26.67 -18.09 -55.27
C ASN N 329 26.67 -19.37 -54.47
N HIS N 330 27.81 -19.86 -54.06
CA HIS N 330 27.85 -21.05 -53.23
C HIS N 330 27.31 -20.76 -51.83
N PRO N 331 26.76 -21.77 -51.15
CA PRO N 331 26.41 -21.60 -49.75
C PRO N 331 27.61 -21.18 -48.92
N PRO N 332 27.41 -20.36 -47.90
CA PRO N 332 28.52 -20.01 -47.01
C PRO N 332 29.09 -21.22 -46.29
N LYS N 333 30.41 -21.30 -46.25
CA LYS N 333 31.14 -22.42 -45.68
C LYS N 333 31.96 -21.95 -44.49
N ARG N 334 31.82 -22.64 -43.37
CA ARG N 334 32.50 -22.28 -42.13
C ARG N 334 33.59 -23.26 -41.82
N VAL N 335 34.74 -22.74 -41.44
CA VAL N 335 35.91 -23.53 -41.11
C VAL N 335 36.41 -23.07 -39.75
N TRP N 336 37.10 -23.96 -39.05
CA TRP N 336 37.65 -23.70 -37.73
C TRP N 336 39.07 -24.20 -37.68
N ALA N 337 39.93 -23.48 -36.99
CA ALA N 337 41.34 -23.81 -36.93
C ALA N 337 41.62 -24.58 -35.66
N GLN N 338 42.31 -25.70 -35.78
CA GLN N 338 42.60 -26.52 -34.62
C GLN N 338 43.93 -26.10 -34.03
N GLU N 339 44.26 -26.66 -32.88
CA GLU N 339 45.51 -26.40 -32.19
C GLU N 339 46.62 -27.32 -32.70
N SER N 340 46.84 -27.29 -34.01
CA SER N 340 47.78 -28.18 -34.66
C SER N 340 49.16 -27.59 -34.81
N GLY N 341 49.53 -26.65 -33.95
CA GLY N 341 50.76 -25.92 -34.16
C GLY N 341 51.98 -26.81 -34.04
N GLU N 342 53.03 -26.44 -34.76
CA GLU N 342 54.25 -27.20 -34.77
C GLU N 342 54.93 -27.03 -33.43
N GLY N 343 55.89 -27.90 -33.15
CA GLY N 343 56.63 -27.89 -31.91
C GLY N 343 56.30 -29.09 -31.05
N ASN N 344 57.24 -29.45 -30.18
CA ASN N 344 57.14 -30.64 -29.35
C ASN N 344 57.26 -30.20 -27.90
N PRO N 345 56.17 -30.01 -27.18
CA PRO N 345 56.26 -30.01 -25.72
C PRO N 345 56.67 -31.40 -25.28
N HIS N 346 57.02 -31.54 -24.00
CA HIS N 346 57.59 -32.75 -23.44
C HIS N 346 59.04 -32.95 -23.86
N GLY N 347 59.73 -31.89 -24.23
CA GLY N 347 61.11 -32.00 -24.63
C GLY N 347 61.93 -30.78 -24.26
N TRP N 348 63.05 -30.60 -24.93
CA TRP N 348 64.06 -29.65 -24.48
C TRP N 348 63.50 -28.24 -24.49
N PRO N 349 64.09 -27.33 -23.69
CA PRO N 349 63.43 -26.03 -23.46
C PRO N 349 63.13 -25.24 -24.71
N HIS N 350 64.00 -25.27 -25.71
CA HIS N 350 63.69 -24.57 -26.95
C HIS N 350 62.59 -25.25 -27.74
N GLU N 351 62.36 -26.55 -27.54
CA GLU N 351 61.21 -27.17 -28.18
C GLU N 351 59.92 -26.72 -27.52
N VAL N 352 59.92 -26.62 -26.20
CA VAL N 352 58.74 -26.14 -25.49
C VAL N 352 58.46 -24.70 -25.89
N VAL N 353 59.50 -23.90 -26.00
CA VAL N 353 59.29 -22.49 -26.30
C VAL N 353 58.73 -22.32 -27.70
N VAL N 354 59.18 -23.13 -28.66
CA VAL N 354 58.65 -22.95 -30.00
C VAL N 354 57.21 -23.42 -30.05
N TYR N 355 56.88 -24.53 -29.39
CA TYR N 355 55.48 -24.94 -29.37
C TYR N 355 54.60 -23.85 -28.78
N TYR N 356 55.00 -23.27 -27.66
CA TYR N 356 54.16 -22.28 -27.02
C TYR N 356 54.21 -20.93 -27.70
N TYR N 357 55.11 -20.74 -28.65
CA TYR N 357 55.12 -19.53 -29.44
C TYR N 357 54.27 -19.68 -30.67
N ASN N 358 54.19 -20.88 -31.20
CA ASN N 358 53.31 -21.09 -32.33
C ASN N 358 51.87 -21.11 -31.85
N ARG N 359 51.62 -21.76 -30.72
CA ARG N 359 50.25 -21.81 -30.20
C ARG N 359 49.77 -20.44 -29.75
N TYR N 360 50.59 -19.71 -28.98
CA TYR N 360 50.17 -18.50 -28.29
C TYR N 360 51.21 -17.41 -28.54
N PRO N 361 51.20 -16.77 -29.71
CA PRO N 361 52.35 -15.94 -30.10
C PRO N 361 52.68 -14.80 -29.17
N LEU N 362 51.70 -14.14 -28.54
CA LEU N 362 51.98 -12.93 -27.77
C LEU N 362 52.11 -13.19 -26.29
N THR N 363 51.23 -14.04 -25.75
CA THR N 363 51.39 -14.48 -24.36
C THR N 363 52.77 -15.01 -24.09
N THR N 364 53.39 -15.71 -25.04
CA THR N 364 54.69 -16.29 -24.75
C THR N 364 55.75 -15.21 -24.64
N ILE N 365 55.81 -14.29 -25.60
CA ILE N 365 56.77 -13.20 -25.55
C ILE N 365 56.61 -12.43 -24.25
N ILE N 366 55.39 -11.95 -23.97
CA ILE N 366 55.18 -11.22 -22.72
C ILE N 366 55.61 -12.06 -21.53
N GLY N 367 55.27 -13.35 -21.55
CA GLY N 367 55.65 -14.23 -20.45
C GLY N 367 57.15 -14.37 -20.29
N LEU N 368 57.85 -14.50 -21.40
CA LEU N 368 59.28 -14.72 -21.31
C LEU N 368 59.99 -13.46 -20.89
N CYS N 369 59.56 -12.30 -21.40
CA CYS N 369 60.18 -11.08 -20.95
C CYS N 369 59.91 -10.82 -19.48
N THR N 370 58.73 -11.17 -18.98
CA THR N 370 58.49 -11.01 -17.55
C THR N 370 59.18 -12.09 -16.73
N CYS N 371 59.49 -13.23 -17.33
CA CYS N 371 60.22 -14.26 -16.63
C CYS N 371 61.69 -13.91 -16.54
N VAL N 372 62.22 -13.30 -17.59
CA VAL N 372 63.60 -12.85 -17.58
C VAL N 372 63.72 -11.66 -16.65
N ALA N 373 62.69 -10.83 -16.60
CA ALA N 373 62.73 -9.65 -15.74
C ALA N 373 62.63 -10.05 -14.29
N ILE N 374 61.65 -10.90 -13.95
CA ILE N 374 61.47 -11.23 -12.54
C ILE N 374 62.62 -12.10 -12.05
N ILE N 375 63.23 -12.92 -12.91
CA ILE N 375 64.37 -13.69 -12.45
C ILE N 375 65.57 -12.78 -12.28
N MET N 376 65.85 -11.91 -13.24
CA MET N 376 67.01 -11.05 -13.12
C MET N 376 66.90 -10.12 -11.93
N VAL N 377 65.79 -9.38 -11.82
CA VAL N 377 65.58 -8.52 -10.66
C VAL N 377 65.76 -9.31 -9.36
N SER N 378 65.12 -10.48 -9.23
CA SER N 378 65.29 -11.24 -7.99
C SER N 378 66.72 -11.66 -7.78
N CYS N 379 67.39 -12.09 -8.85
CA CYS N 379 68.76 -12.56 -8.72
C CYS N 379 69.66 -11.43 -8.29
N VAL N 380 69.55 -10.28 -8.93
CA VAL N 380 70.49 -9.21 -8.62
C VAL N 380 70.20 -8.60 -7.27
N THR N 381 68.92 -8.49 -6.87
CA THR N 381 68.66 -7.98 -5.53
C THR N 381 69.17 -8.95 -4.49
N SER N 382 68.99 -10.24 -4.71
CA SER N 382 69.52 -11.21 -3.78
C SER N 382 71.03 -11.20 -3.73
N VAL N 383 71.70 -11.16 -4.87
CA VAL N 383 73.15 -11.21 -4.84
C VAL N 383 73.72 -9.92 -4.30
N TRP N 384 72.97 -8.83 -4.34
CA TRP N 384 73.44 -7.61 -3.70
C TRP N 384 73.25 -7.72 -2.20
N LEU N 385 72.19 -8.38 -1.77
CA LEU N 385 72.05 -8.62 -0.35
C LEU N 385 73.13 -9.55 0.15
N LEU N 386 73.48 -10.56 -0.63
CA LEU N 386 74.51 -11.47 -0.21
C LEU N 386 75.85 -10.76 -0.12
N CYS N 387 76.13 -9.86 -1.05
CA CYS N 387 77.38 -9.10 -0.95
C CYS N 387 77.34 -8.15 0.24
N ARG N 388 76.20 -7.53 0.48
CA ARG N 388 76.10 -6.60 1.60
C ARG N 388 76.33 -7.32 2.92
N THR N 389 75.77 -8.51 3.08
CA THR N 389 76.04 -9.23 4.32
C THR N 389 77.47 -9.70 4.37
N ARG N 390 78.09 -9.97 3.24
CA ARG N 390 79.45 -10.47 3.35
C ARG N 390 80.36 -9.36 3.81
N ASN N 391 80.20 -8.15 3.26
CA ASN N 391 81.04 -7.09 3.78
C ASN N 391 80.62 -6.62 5.16
N LEU N 392 79.39 -6.92 5.61
CA LEU N 392 79.01 -6.58 6.96
C LEU N 392 79.48 -7.61 7.97
N CYS N 393 79.68 -8.83 7.53
CA CYS N 393 80.38 -9.78 8.36
C CYS N 393 81.80 -9.32 8.51
N ILE N 394 82.42 -9.02 7.39
CA ILE N 394 83.86 -8.98 7.36
C ILE N 394 84.40 -7.67 7.89
N THR N 395 83.68 -6.57 7.70
CA THR N 395 84.20 -5.26 8.07
C THR N 395 84.69 -5.14 9.51
N PRO N 396 84.07 -5.73 10.54
CA PRO N 396 84.71 -5.66 11.84
C PRO N 396 86.08 -6.31 11.87
N TYR N 397 86.19 -7.55 11.44
CA TYR N 397 87.49 -8.20 11.47
C TYR N 397 88.50 -7.48 10.60
N LYS N 398 88.05 -6.90 9.49
CA LYS N 398 88.92 -6.08 8.69
C LYS N 398 89.42 -4.88 9.48
N LEU N 399 88.53 -4.26 10.25
CA LEU N 399 88.90 -3.02 10.92
C LEU N 399 89.71 -3.25 12.17
N ALA N 400 89.62 -4.42 12.76
CA ALA N 400 90.47 -4.83 13.87
C ALA N 400 91.57 -5.70 13.33
N PRO N 401 92.79 -5.20 13.14
CA PRO N 401 93.80 -5.98 12.41
C PRO N 401 94.11 -7.33 13.00
N ASN N 402 94.02 -7.51 14.33
CA ASN N 402 94.29 -8.81 14.94
C ASN N 402 93.13 -9.24 15.83
N ALA N 403 92.23 -10.02 15.25
CA ALA N 403 91.36 -10.93 15.97
C ALA N 403 91.64 -12.30 15.41
N GLN N 404 91.99 -13.27 16.27
CA GLN N 404 92.37 -14.58 15.78
C GLN N 404 91.28 -15.13 14.88
N VAL N 405 91.63 -15.31 13.61
CA VAL N 405 90.71 -15.57 12.51
C VAL N 405 89.75 -16.71 12.89
N PRO N 406 88.42 -16.54 12.71
CA PRO N 406 87.51 -17.69 12.83
C PRO N 406 87.72 -18.70 11.72
N ILE N 407 86.99 -19.81 11.75
CA ILE N 407 87.07 -20.79 10.67
C ILE N 407 85.69 -21.15 10.14
N LEU N 408 84.63 -20.77 10.84
CA LEU N 408 83.29 -20.82 10.27
C LEU N 408 82.84 -19.49 9.67
N LEU N 409 83.18 -18.36 10.29
CA LEU N 409 83.04 -17.07 9.63
C LEU N 409 84.04 -16.93 8.50
N ALA N 410 85.29 -17.27 8.77
CA ALA N 410 86.36 -16.99 7.81
C ALA N 410 86.27 -17.91 6.61
N LEU N 411 85.89 -19.15 6.81
CA LEU N 411 85.60 -19.97 5.64
C LEU N 411 84.45 -19.40 4.83
N LEU N 412 83.26 -19.31 5.45
CA LEU N 412 82.03 -18.96 4.74
C LEU N 412 82.12 -17.69 3.91
N CYS N 413 82.43 -16.58 4.56
CA CYS N 413 82.81 -15.36 3.88
C CYS N 413 84.28 -15.47 3.52
N CYS N 414 84.68 -14.90 2.40
CA CYS N 414 86.05 -15.10 1.92
C CYS N 414 87.06 -14.19 2.63
N ILE N 415 88.19 -14.77 3.02
CA ILE N 415 89.37 -14.07 3.56
C ILE N 415 90.59 -14.96 3.38
N LYS N 416 91.74 -14.33 3.17
CA LYS N 416 93.06 -14.93 3.38
C LYS N 416 93.31 -15.10 4.88
N PRO N 417 93.35 -16.32 5.43
CA PRO N 417 93.41 -16.42 6.90
C PRO N 417 94.76 -15.97 7.46
N THR N 418 94.89 -15.99 8.78
CA THR N 418 96.10 -15.51 9.44
C THR N 418 97.21 -16.56 9.34
N THR O 1 -22.31 -4.22 -53.39
CA THR O 1 -22.13 -3.95 -54.81
C THR O 1 -21.67 -2.50 -55.01
N VAL O 2 -20.89 -2.29 -56.06
CA VAL O 2 -20.30 -0.99 -56.37
C VAL O 2 -21.23 -0.25 -57.32
N MET O 3 -21.35 1.05 -57.12
CA MET O 3 -22.20 1.92 -57.90
C MET O 3 -21.32 2.78 -58.81
N CYS O 4 -21.82 3.07 -60.01
CA CYS O 4 -21.09 3.80 -61.02
C CYS O 4 -22.01 4.85 -61.62
N VAL O 5 -21.40 5.93 -62.11
CA VAL O 5 -22.09 7.11 -62.58
C VAL O 5 -21.78 7.32 -64.05
N LEU O 6 -22.82 7.54 -64.84
CA LEU O 6 -22.70 8.03 -66.21
C LEU O 6 -23.68 9.18 -66.34
N ALA O 7 -23.16 10.41 -66.39
CA ALA O 7 -23.99 11.62 -66.41
C ALA O 7 -24.84 11.57 -65.14
N ASN O 8 -26.17 11.68 -65.23
CA ASN O 8 -27.03 11.52 -64.07
C ASN O 8 -27.50 10.09 -63.85
N ILE O 9 -27.24 9.20 -64.79
CA ILE O 9 -27.57 7.79 -64.59
C ILE O 9 -26.62 7.19 -63.57
N THR O 10 -27.15 6.37 -62.68
CA THR O 10 -26.35 5.60 -61.74
C THR O 10 -26.75 4.14 -61.86
N PHE O 11 -25.76 3.27 -62.00
CA PHE O 11 -26.03 1.85 -62.22
C PHE O 11 -25.01 0.98 -61.49
N PRO O 12 -25.35 -0.28 -61.20
CA PRO O 12 -24.33 -1.23 -60.74
C PRO O 12 -23.23 -1.39 -61.78
N CYS O 13 -21.98 -1.41 -61.30
CA CYS O 13 -20.83 -1.31 -62.18
C CYS O 13 -20.72 -2.49 -63.14
N ASP O 14 -21.01 -3.69 -62.66
CA ASP O 14 -20.83 -4.85 -63.52
C ASP O 14 -21.81 -4.91 -64.68
N GLN O 15 -22.91 -4.16 -64.61
CA GLN O 15 -24.01 -4.23 -65.57
C GLN O 15 -24.32 -2.84 -66.11
N PRO O 16 -23.41 -2.27 -66.91
CA PRO O 16 -23.72 -0.99 -67.57
C PRO O 16 -24.86 -1.14 -68.55
N PRO O 17 -25.38 -0.02 -69.11
CA PRO O 17 -26.66 -0.09 -69.84
C PRO O 17 -26.71 -1.06 -71.01
N CYS O 18 -25.82 -0.96 -71.99
CA CYS O 18 -25.66 -2.08 -72.91
C CYS O 18 -25.01 -3.23 -72.15
N MET O 19 -25.67 -4.36 -72.06
CA MET O 19 -24.89 -5.59 -71.90
C MET O 19 -24.24 -6.14 -73.17
N PRO O 20 -24.97 -6.26 -74.32
CA PRO O 20 -24.40 -7.05 -75.45
C PRO O 20 -23.07 -6.56 -75.99
N CYS O 21 -23.06 -5.29 -76.38
CA CYS O 21 -21.86 -4.57 -76.75
C CYS O 21 -22.12 -3.12 -76.39
N CYS O 22 -21.17 -2.45 -75.77
CA CYS O 22 -21.28 -1.00 -75.61
C CYS O 22 -20.10 -0.27 -76.24
N TYR O 23 -19.45 -0.86 -77.23
CA TYR O 23 -18.45 -0.13 -78.00
C TYR O 23 -18.78 -0.02 -79.47
N GLU O 24 -19.36 -1.05 -80.06
CA GLU O 24 -19.64 -0.98 -81.49
C GLU O 24 -20.87 -0.12 -81.74
N LYS O 25 -21.86 -0.21 -80.86
CA LYS O 25 -23.07 0.57 -81.04
C LYS O 25 -22.76 2.07 -81.03
N ASN O 26 -22.24 2.57 -79.91
CA ASN O 26 -21.84 3.97 -79.81
C ASN O 26 -20.52 4.05 -79.03
N PRO O 27 -19.36 4.09 -79.72
CA PRO O 27 -18.09 4.07 -78.98
C PRO O 27 -17.95 5.23 -78.01
N HIS O 28 -18.38 6.42 -78.40
CA HIS O 28 -18.10 7.60 -77.58
C HIS O 28 -18.67 7.47 -76.17
N GLU O 29 -19.88 6.93 -76.01
CA GLU O 29 -20.46 6.86 -74.66
C GLU O 29 -19.65 5.94 -73.77
N THR O 30 -19.15 4.83 -74.30
CA THR O 30 -18.35 3.97 -73.44
C THR O 30 -17.10 4.68 -73.03
N LEU O 31 -16.45 5.42 -73.94
CA LEU O 31 -15.28 6.15 -73.50
C LEU O 31 -15.62 7.19 -72.43
N THR O 32 -16.74 7.90 -72.57
CA THR O 32 -17.07 8.89 -71.55
C THR O 32 -17.46 8.24 -70.22
N MET O 33 -18.22 7.15 -70.24
CA MET O 33 -18.55 6.51 -68.97
C MET O 33 -17.30 5.96 -68.31
N LEU O 34 -16.38 5.40 -69.08
CA LEU O 34 -15.16 4.88 -68.48
C LEU O 34 -14.32 6.00 -67.91
N GLU O 35 -14.41 7.18 -68.50
CA GLU O 35 -13.68 8.31 -67.95
C GLU O 35 -14.34 8.83 -66.69
N GLN O 36 -15.67 8.84 -66.63
CA GLN O 36 -16.35 9.32 -65.44
C GLN O 36 -16.18 8.40 -64.24
N ASN O 37 -15.89 7.11 -64.45
CA ASN O 37 -15.66 6.17 -63.36
C ASN O 37 -14.18 5.82 -63.22
N TYR O 38 -13.31 6.78 -63.51
CA TYR O 38 -11.87 6.58 -63.44
C TYR O 38 -11.45 6.13 -62.05
N ASP O 39 -11.85 6.87 -61.03
CA ASP O 39 -11.41 6.60 -59.67
C ASP O 39 -12.25 5.55 -58.96
N SER O 40 -13.19 4.91 -59.64
CA SER O 40 -14.07 3.99 -58.93
C SER O 40 -13.29 2.76 -58.50
N ARG O 41 -13.66 2.21 -57.36
CA ARG O 41 -12.96 1.04 -56.84
C ARG O 41 -13.34 -0.24 -57.54
N ALA O 42 -14.14 -0.19 -58.61
CA ALA O 42 -14.34 -1.34 -59.46
C ALA O 42 -14.28 -0.95 -60.91
N TYR O 43 -13.32 -0.10 -61.28
CA TYR O 43 -13.15 0.24 -62.69
C TYR O 43 -12.96 -1.02 -63.51
N ASP O 44 -12.23 -2.00 -62.98
CA ASP O 44 -11.88 -3.16 -63.79
C ASP O 44 -13.11 -3.89 -64.26
N GLN O 45 -14.12 -4.01 -63.38
CA GLN O 45 -15.37 -4.69 -63.72
C GLN O 45 -16.05 -3.99 -64.87
N LEU O 46 -16.08 -2.67 -64.80
CA LEU O 46 -16.69 -1.88 -65.85
C LEU O 46 -15.96 -2.13 -67.16
N LEU O 47 -14.63 -2.12 -67.14
CA LEU O 47 -13.90 -2.36 -68.38
C LEU O 47 -14.19 -3.75 -68.97
N ASP O 48 -14.39 -4.79 -68.14
CA ASP O 48 -14.82 -6.06 -68.77
C ASP O 48 -16.20 -5.90 -69.37
N ALA O 49 -17.10 -5.20 -68.69
CA ALA O 49 -18.47 -5.12 -69.17
C ALA O 49 -18.52 -4.34 -70.48
N ALA O 50 -17.84 -3.20 -70.53
CA ALA O 50 -17.76 -2.41 -71.74
C ALA O 50 -17.12 -3.20 -72.86
N VAL O 51 -16.03 -3.91 -72.56
CA VAL O 51 -15.28 -4.62 -73.59
C VAL O 51 -15.97 -5.87 -74.09
N LYS O 52 -17.00 -6.36 -73.41
CA LYS O 52 -17.68 -7.57 -73.83
C LYS O 52 -18.41 -7.33 -75.14
N CYS O 53 -18.01 -8.02 -76.20
CA CYS O 53 -18.77 -8.01 -77.44
C CYS O 53 -18.51 -9.34 -78.17
N ASN O 54 -19.49 -10.22 -78.13
CA ASN O 54 -19.41 -11.51 -78.81
C ASN O 54 -20.19 -11.47 -80.13
N ASP P 110 101.77 15.81 14.01
CA ASP P 110 101.35 14.94 15.11
C ASP P 110 100.64 13.72 14.56
N LYS P 111 100.43 12.74 15.42
CA LYS P 111 99.88 11.44 15.05
C LYS P 111 98.35 11.36 15.11
N THR P 112 97.64 12.48 15.06
CA THR P 112 96.22 12.54 14.74
C THR P 112 95.98 13.89 14.11
N PHE P 113 95.14 13.96 13.07
CA PHE P 113 95.09 15.14 12.23
C PHE P 113 93.73 15.81 12.24
N PRO P 114 93.65 17.11 12.38
CA PRO P 114 92.35 17.78 12.32
C PRO P 114 91.74 17.82 10.96
N ILE P 115 90.63 17.15 10.63
CA ILE P 115 90.04 17.45 9.34
C ILE P 115 89.39 18.83 9.45
N MET P 116 89.39 19.57 8.35
CA MET P 116 89.08 20.99 8.33
C MET P 116 87.79 21.23 7.57
N LEU P 117 86.95 22.12 8.07
CA LEU P 117 85.90 22.67 7.23
C LEU P 117 85.69 24.12 7.62
N ASN P 118 85.52 24.95 6.59
CA ASN P 118 85.47 26.40 6.70
C ASN P 118 86.58 26.91 7.62
N GLY P 119 87.76 26.29 7.57
CA GLY P 119 88.87 26.74 8.36
C GLY P 119 88.87 26.22 9.78
N GLN P 120 87.73 25.77 10.28
CA GLN P 120 87.47 25.61 11.71
C GLN P 120 87.31 24.13 11.98
N VAL P 121 88.30 23.54 12.65
CA VAL P 121 88.44 22.08 12.67
C VAL P 121 87.15 21.46 13.14
N ASN P 122 86.56 20.64 12.30
CA ASN P 122 85.27 20.06 12.59
C ASN P 122 85.43 18.82 13.44
N GLY P 123 86.43 18.03 13.14
CA GLY P 123 86.66 16.79 13.82
C GLY P 123 88.10 16.38 13.68
N TYR P 124 88.72 16.02 14.77
CA TYR P 124 90.04 15.42 14.68
C TYR P 124 89.88 13.98 14.24
N ALA P 125 90.37 13.63 13.04
CA ALA P 125 90.39 12.23 12.67
C ALA P 125 91.75 11.67 13.02
N CYS P 126 91.98 10.39 12.70
CA CYS P 126 93.05 9.71 13.43
C CYS P 126 93.55 8.50 12.67
N VAL P 127 94.67 7.97 13.14
CA VAL P 127 95.46 6.96 12.44
C VAL P 127 95.71 5.81 13.38
N VAL P 128 94.96 4.73 13.24
CA VAL P 128 94.96 3.68 14.24
C VAL P 128 95.40 2.39 13.58
N GLY P 129 96.49 1.85 14.07
CA GLY P 129 96.88 0.47 13.84
C GLY P 129 97.12 -0.01 12.43
N GLY P 130 97.04 0.87 11.45
CA GLY P 130 97.22 0.46 10.08
C GLY P 130 96.27 1.18 9.15
N ARG P 131 95.24 1.80 9.70
CA ARG P 131 94.22 2.45 8.91
C ARG P 131 93.90 3.82 9.49
N VAL P 132 93.96 4.85 8.66
CA VAL P 132 93.31 6.07 9.09
C VAL P 132 91.84 5.79 9.24
N PHE P 133 91.27 6.26 10.34
CA PHE P 133 89.85 6.27 10.56
C PHE P 133 89.34 7.70 10.70
N LYS P 134 88.13 7.91 10.21
CA LYS P 134 87.44 9.15 10.45
C LYS P 134 85.94 8.96 10.51
N PRO P 135 85.22 9.66 11.40
CA PRO P 135 83.76 9.49 11.47
C PRO P 135 83.05 9.95 10.21
N LEU P 136 81.95 9.27 9.88
CA LEU P 136 81.26 9.67 8.66
C LEU P 136 80.60 11.01 8.80
N HIS P 137 80.08 11.32 9.97
CA HIS P 137 79.32 12.56 10.07
C HIS P 137 80.20 13.78 9.93
N VAL P 138 81.43 13.72 10.42
CA VAL P 138 82.35 14.83 10.21
C VAL P 138 82.68 14.92 8.73
N GLU P 139 82.54 16.12 8.16
CA GLU P 139 82.73 16.38 6.73
C GLU P 139 83.89 17.35 6.57
N GLY P 140 85.02 16.88 6.07
CA GLY P 140 86.15 17.75 5.97
C GLY P 140 87.36 17.22 5.23
N ARG P 141 88.12 18.14 4.68
CA ARG P 141 89.46 17.84 4.22
C ARG P 141 90.31 17.47 5.42
N ILE P 142 90.97 16.31 5.36
CA ILE P 142 92.05 16.08 6.28
C ILE P 142 93.05 17.19 6.04
N ASP P 143 93.85 17.48 7.07
CA ASP P 143 94.85 18.53 6.99
C ASP P 143 96.24 17.96 6.83
N ASN P 144 96.36 16.82 6.19
CA ASN P 144 97.64 16.20 5.90
C ASN P 144 97.52 15.67 4.48
N GLU P 145 98.14 16.40 3.55
CA GLU P 145 98.15 16.05 2.13
C GLU P 145 98.40 14.58 1.92
N GLN P 146 99.30 13.96 2.68
CA GLN P 146 99.60 12.55 2.46
C GLN P 146 98.47 11.62 2.86
N LEU P 147 97.35 12.15 3.30
CA LEU P 147 96.15 11.41 3.57
C LEU P 147 94.95 12.04 2.89
N ALA P 148 95.02 13.31 2.53
CA ALA P 148 93.85 14.10 2.21
C ALA P 148 93.10 13.61 0.98
N ALA P 149 93.62 12.59 0.30
CA ALA P 149 93.02 12.08 -0.92
C ALA P 149 92.87 10.57 -0.94
N ILE P 150 93.47 9.85 0.00
CA ILE P 150 93.33 8.39 -0.03
C ILE P 150 91.88 8.01 0.20
N LYS P 151 91.29 7.42 -0.84
CA LYS P 151 89.89 6.98 -0.84
C LYS P 151 89.52 6.26 0.44
N LEU P 152 88.33 6.56 0.94
CA LEU P 152 87.85 6.05 2.20
C LEU P 152 86.73 5.06 2.00
N LYS P 153 86.80 3.94 2.70
CA LYS P 153 85.86 2.85 2.63
C LYS P 153 84.90 3.00 3.79
N LYS P 154 83.69 3.44 3.52
CA LYS P 154 82.82 3.81 4.60
C LYS P 154 82.10 2.57 5.13
N ALA P 155 81.66 2.66 6.40
CA ALA P 155 80.83 1.60 6.98
C ALA P 155 79.93 2.25 8.02
N SER P 156 78.65 2.39 7.70
CA SER P 156 77.79 3.20 8.54
C SER P 156 77.40 2.53 9.84
N ILE P 157 77.47 1.21 9.90
CA ILE P 157 77.21 0.46 11.13
C ILE P 157 78.14 0.85 12.28
N TYR P 158 79.22 1.55 11.98
CA TYR P 158 80.20 1.98 12.95
C TYR P 158 80.50 3.45 12.81
N ASP P 159 79.85 4.15 11.89
CA ASP P 159 79.94 5.59 11.76
C ASP P 159 81.39 5.99 11.64
N LEU P 160 82.02 5.48 10.59
CA LEU P 160 83.44 5.60 10.40
C LEU P 160 83.76 5.24 8.96
N GLU P 161 84.98 5.58 8.58
CA GLU P 161 85.50 5.50 7.23
C GLU P 161 86.93 5.07 7.43
N TYR P 162 87.40 4.09 6.68
CA TYR P 162 88.73 3.56 6.92
C TYR P 162 89.53 3.52 5.65
N GLY P 163 90.83 3.65 5.79
CA GLY P 163 91.70 3.75 4.63
C GLY P 163 93.13 3.47 5.00
N ASP P 164 93.85 2.86 4.08
CA ASP P 164 95.22 2.46 4.32
C ASP P 164 96.13 3.67 4.22
N VAL P 165 97.14 3.72 5.10
CA VAL P 165 98.03 4.87 5.15
C VAL P 165 99.16 4.60 4.17
N PRO P 166 99.83 5.62 3.64
CA PRO P 166 100.90 5.37 2.67
C PRO P 166 101.99 4.49 3.25
N GLN P 167 102.59 3.68 2.37
CA GLN P 167 103.60 2.72 2.80
C GLN P 167 104.79 3.37 3.48
N CYS P 168 104.98 4.67 3.31
CA CYS P 168 106.02 5.40 4.04
C CYS P 168 105.50 5.83 5.41
N MET P 169 104.32 6.44 5.42
CA MET P 169 103.61 6.76 6.65
C MET P 169 103.51 5.60 7.61
N LYS P 170 103.46 4.37 7.08
CA LYS P 170 103.09 3.16 7.82
C LYS P 170 103.65 3.05 9.23
N SER P 171 104.95 3.30 9.42
CA SER P 171 105.57 3.10 10.73
C SER P 171 105.52 4.38 11.56
N ASP P 172 104.30 4.88 11.75
CA ASP P 172 104.01 5.90 12.76
C ASP P 172 102.72 5.57 13.50
N THR P 173 102.13 4.43 13.21
CA THR P 173 100.70 4.20 13.31
C THR P 173 100.33 3.67 14.69
N LEU P 174 99.55 4.47 15.43
CA LEU P 174 99.14 4.15 16.80
C LEU P 174 98.77 2.69 16.96
N GLN P 175 99.35 2.05 17.95
CA GLN P 175 98.97 0.69 18.27
C GLN P 175 97.62 0.67 18.94
N TYR P 176 97.03 -0.51 19.05
CA TYR P 176 95.76 -0.69 19.73
C TYR P 176 95.73 -2.02 20.46
N THR P 177 94.74 -2.20 21.34
CA THR P 177 94.46 -3.54 21.84
C THR P 177 93.13 -3.59 22.56
N SER P 178 92.43 -4.70 22.34
CA SER P 178 91.11 -5.00 22.85
C SER P 178 91.06 -5.28 24.34
N ASP P 179 92.20 -5.41 25.02
CA ASP P 179 92.18 -5.70 26.46
C ASP P 179 92.29 -4.38 27.20
N LYS P 180 91.19 -3.97 27.84
CA LYS P 180 91.12 -2.69 28.52
C LYS P 180 90.48 -2.85 29.91
N PRO P 181 91.27 -3.21 30.93
CA PRO P 181 90.69 -3.36 32.26
C PRO P 181 90.25 -2.02 32.83
N PRO P 182 89.21 -2.00 33.66
CA PRO P 182 88.68 -0.73 34.16
C PRO P 182 89.72 0.05 34.92
N GLY P 183 89.71 1.37 34.74
CA GLY P 183 90.78 2.18 35.28
C GLY P 183 90.89 3.50 34.54
N PHE P 184 92.04 4.13 34.72
CA PHE P 184 92.35 5.43 34.12
C PHE P 184 93.01 5.30 32.76
N TYR P 185 92.49 6.03 31.77
CA TYR P 185 93.08 6.14 30.47
C TYR P 185 93.19 7.62 30.14
N ASN P 186 94.21 7.99 29.36
CA ASN P 186 94.41 9.39 29.04
C ASN P 186 93.62 9.79 27.81
N TRP P 187 93.66 11.08 27.51
CA TRP P 187 92.89 11.68 26.45
C TRP P 187 93.40 13.10 26.34
N HIS P 188 93.37 13.66 25.13
CA HIS P 188 93.83 15.02 24.93
C HIS P 188 93.27 15.97 25.97
N HIS P 189 91.97 15.95 26.16
CA HIS P 189 91.34 16.89 27.05
C HIS P 189 91.36 16.44 28.50
N GLY P 190 92.13 15.41 28.81
CA GLY P 190 92.39 15.04 30.18
C GLY P 190 92.23 13.57 30.39
N ALA P 191 91.81 13.15 31.57
CA ALA P 191 91.68 11.75 31.87
C ALA P 191 90.27 11.30 31.53
N VAL P 192 90.17 10.07 31.03
CA VAL P 192 88.90 9.36 30.93
C VAL P 192 89.01 8.16 31.84
N GLN P 193 87.86 7.75 32.37
CA GLN P 193 87.75 6.68 33.34
C GLN P 193 86.88 5.58 32.77
N TYR P 194 87.27 4.33 32.98
CA TYR P 194 86.59 3.18 32.40
C TYR P 194 86.04 2.38 33.56
N GLU P 195 84.74 2.47 33.77
CA GLU P 195 84.08 1.71 34.81
C GLU P 195 82.77 1.19 34.25
N ASN P 196 82.42 -0.04 34.61
CA ASN P 196 81.09 -0.58 34.40
C ASN P 196 80.82 -0.54 32.88
N ASN P 197 81.86 -0.86 32.11
CA ASN P 197 81.80 -0.97 30.65
C ASN P 197 81.23 0.28 29.99
N ARG P 198 81.93 1.38 30.21
CA ARG P 198 81.59 2.70 29.73
C ARG P 198 82.81 3.57 29.97
N PHE P 199 83.02 4.51 29.07
CA PHE P 199 84.06 5.50 29.25
C PHE P 199 83.41 6.81 29.60
N THR P 200 83.91 7.43 30.67
CA THR P 200 83.36 8.66 31.20
C THR P 200 84.43 9.72 31.42
N VAL P 201 84.02 10.96 31.24
CA VAL P 201 84.85 12.16 31.17
C VAL P 201 84.23 13.24 32.05
N PRO P 202 84.99 14.00 32.84
CA PRO P 202 84.37 15.04 33.65
C PRO P 202 83.64 16.08 32.81
N ARG P 203 82.62 16.68 33.40
CA ARG P 203 81.59 17.40 32.66
C ARG P 203 82.17 18.59 31.93
N GLY P 204 81.50 18.96 30.84
CA GLY P 204 81.75 20.17 30.12
C GLY P 204 82.97 20.16 29.22
N VAL P 205 83.87 19.21 29.38
CA VAL P 205 85.00 19.09 28.47
C VAL P 205 84.62 18.15 27.34
N GLY P 206 84.65 18.66 26.14
CA GLY P 206 84.37 17.99 24.89
C GLY P 206 83.06 18.45 24.28
N GLY P 207 82.96 18.28 22.96
CA GLY P 207 81.80 18.79 22.24
C GLY P 207 82.03 18.73 20.73
N LYS P 208 81.34 19.63 20.04
CA LYS P 208 81.52 19.76 18.60
C LYS P 208 82.96 20.13 18.33
N GLY P 209 83.68 19.23 17.68
CA GLY P 209 85.10 19.39 17.40
C GLY P 209 85.92 18.26 17.99
N ASP P 210 85.42 17.66 19.05
CA ASP P 210 86.07 16.55 19.71
C ASP P 210 85.81 15.21 19.05
N SER P 211 85.06 15.12 17.97
CA SER P 211 84.79 13.82 17.38
C SER P 211 86.07 13.20 16.84
N GLY P 212 86.19 11.90 17.07
CA GLY P 212 87.20 11.08 16.46
C GLY P 212 88.59 11.14 17.05
N ARG P 213 88.78 11.81 18.13
CA ARG P 213 90.10 11.76 18.74
C ARG P 213 90.30 10.45 19.50
N PRO P 214 91.47 9.86 19.46
CA PRO P 214 91.70 8.59 20.14
C PRO P 214 91.69 8.68 21.66
N ILE P 215 91.39 7.56 22.29
CA ILE P 215 91.54 7.36 23.73
C ILE P 215 92.60 6.30 23.95
N LEU P 216 93.70 6.68 24.59
CA LEU P 216 94.90 5.85 24.68
C LEU P 216 95.03 5.28 26.09
N ASP P 217 95.73 4.16 26.22
CA ASP P 217 96.07 3.59 27.51
C ASP P 217 97.43 4.10 28.00
N ASN P 218 97.90 3.47 29.08
CA ASN P 218 99.07 3.92 29.80
C ASN P 218 100.35 3.52 29.09
N LYS P 219 100.31 2.46 28.30
CA LYS P 219 101.39 2.12 27.39
C LYS P 219 101.24 2.84 26.06
N GLY P 220 100.23 3.71 25.91
CA GLY P 220 100.13 4.62 24.78
C GLY P 220 99.32 4.16 23.60
N ARG P 221 98.66 3.02 23.68
CA ARG P 221 97.93 2.43 22.57
C ARG P 221 96.46 2.80 22.61
N VAL P 222 95.88 3.02 21.42
CA VAL P 222 94.50 3.44 21.32
C VAL P 222 93.60 2.27 21.69
N VAL P 223 92.68 2.53 22.60
CA VAL P 223 91.61 1.60 22.94
C VAL P 223 90.27 2.06 22.41
N ALA P 224 90.14 3.29 21.96
CA ALA P 224 88.83 3.74 21.55
C ALA P 224 88.93 5.07 20.83
N ILE P 225 87.94 5.32 19.99
CA ILE P 225 87.85 6.52 19.17
C ILE P 225 86.47 7.09 19.39
N VAL P 226 86.39 8.31 19.83
CA VAL P 226 85.12 8.79 20.34
C VAL P 226 84.27 9.27 19.18
N LEU P 227 82.96 9.10 19.29
CA LEU P 227 82.05 9.66 18.33
C LEU P 227 80.96 10.52 18.93
N GLY P 228 80.86 10.63 20.24
CA GLY P 228 79.78 11.43 20.76
C GLY P 228 79.68 11.32 22.27
N GLY P 229 78.66 11.97 22.81
CA GLY P 229 78.61 12.12 24.25
C GLY P 229 77.23 12.42 24.76
N VAL P 230 77.04 12.19 26.05
CA VAL P 230 76.06 12.95 26.80
C VAL P 230 76.67 13.33 28.14
N ASN P 231 76.47 14.58 28.50
CA ASN P 231 76.71 15.01 29.87
C ASN P 231 75.61 14.47 30.75
N GLU P 232 76.01 13.76 31.79
CA GLU P 232 75.13 13.09 32.72
C GLU P 232 75.66 13.51 34.08
N GLY P 233 74.96 14.45 34.72
CA GLY P 233 75.38 14.93 36.02
C GLY P 233 76.79 15.44 36.02
N SER P 234 77.54 15.01 37.01
CA SER P 234 78.90 15.47 37.18
C SER P 234 79.87 14.78 36.25
N ARG P 235 79.41 14.00 35.28
CA ARG P 235 80.32 13.37 34.35
C ARG P 235 79.70 13.40 32.97
N THR P 236 80.31 12.67 32.02
CA THR P 236 79.90 12.62 30.63
C THR P 236 80.22 11.23 30.15
N ALA P 237 79.22 10.51 29.66
CA ALA P 237 79.44 9.22 29.00
C ALA P 237 79.73 9.45 27.53
N LEU P 238 80.77 8.80 27.02
CA LEU P 238 81.16 8.93 25.61
C LEU P 238 80.68 7.74 24.79
N SER P 239 80.04 8.03 23.66
CA SER P 239 79.73 7.03 22.65
C SER P 239 80.94 6.83 21.77
N VAL P 240 81.42 5.60 21.69
CA VAL P 240 82.79 5.28 21.32
C VAL P 240 82.77 3.99 20.50
N VAL P 241 83.90 3.69 19.84
CA VAL P 241 84.10 2.46 19.09
C VAL P 241 85.24 1.66 19.69
N THR P 242 84.90 0.51 20.23
CA THR P 242 85.77 -0.30 21.05
C THR P 242 86.06 -1.59 20.31
N TRP P 243 87.15 -2.23 20.67
CA TRP P 243 87.46 -3.56 20.19
C TRP P 243 87.08 -4.57 21.27
N ASN P 244 85.98 -5.27 21.05
CA ASN P 244 85.36 -6.14 22.03
C ASN P 244 86.29 -7.26 22.42
N GLN P 245 85.89 -7.98 23.45
CA GLN P 245 86.76 -8.93 24.16
C GLN P 245 87.40 -9.96 23.24
N LYS P 246 86.87 -10.16 22.04
CA LYS P 246 87.50 -10.99 21.03
C LYS P 246 88.35 -10.20 20.05
N GLY P 247 88.44 -8.89 20.20
CA GLY P 247 89.03 -7.98 19.24
C GLY P 247 88.15 -7.50 18.12
N VAL P 248 86.92 -7.96 18.02
CA VAL P 248 85.98 -7.38 17.06
C VAL P 248 85.57 -5.98 17.45
N THR P 249 85.55 -5.09 16.48
CA THR P 249 85.08 -3.74 16.70
C THR P 249 83.58 -3.71 16.96
N VAL P 250 83.17 -2.84 17.87
CA VAL P 250 81.77 -2.67 18.22
C VAL P 250 81.57 -1.23 18.66
N LYS P 251 80.45 -0.66 18.27
CA LYS P 251 80.08 0.69 18.64
C LYS P 251 79.26 0.62 19.92
N ASP P 252 79.78 1.21 20.99
CA ASP P 252 79.12 1.29 22.29
C ASP P 252 78.60 2.70 22.48
N THR P 253 77.31 2.85 22.69
CA THR P 253 76.73 4.18 22.77
C THR P 253 75.74 4.26 23.93
N PRO P 254 75.90 5.21 24.85
CA PRO P 254 74.83 5.49 25.79
C PRO P 254 73.62 6.09 25.08
N GLU P 255 72.50 5.96 25.75
CA GLU P 255 71.23 6.38 25.21
C GLU P 255 71.19 7.89 25.04
N GLY P 256 70.62 8.34 23.94
CA GLY P 256 70.54 9.76 23.73
C GLY P 256 71.81 10.43 23.31
N SER P 257 72.85 9.68 22.96
CA SER P 257 74.11 10.33 22.68
C SER P 257 74.08 10.94 21.31
N GLU P 258 74.86 12.00 21.15
CA GLU P 258 74.74 12.91 20.05
C GLU P 258 76.00 12.88 19.22
N PRO P 259 75.93 13.23 17.95
CA PRO P 259 77.15 13.17 17.15
C PRO P 259 77.95 14.41 17.47
N TRP P 260 79.15 14.23 17.99
CA TRP P 260 79.90 15.40 18.43
C TRP P 260 80.44 16.17 17.23
C1 NAG Q . -49.01 20.54 46.45
C2 NAG Q . -49.89 19.52 47.14
C3 NAG Q . -50.39 18.48 46.14
C4 NAG Q . -50.94 19.13 44.88
C5 NAG Q . -49.93 20.13 44.34
C6 NAG Q . -50.44 20.89 43.13
C7 NAG Q . -49.69 18.03 49.06
C8 NAG Q . -48.78 17.44 50.08
N2 NAG Q . -49.14 18.87 48.20
O3 NAG Q . -51.42 17.71 46.75
O4 NAG Q . -51.19 18.14 43.89
O5 NAG Q . -49.69 21.10 45.37
O6 NAG Q . -49.70 22.09 42.94
O7 NAG Q . -50.88 17.73 49.01
C1 NAG R . -18.03 -2.26 34.62
C2 NAG R . -16.94 -2.69 33.65
C3 NAG R . -16.94 -4.21 33.51
C4 NAG R . -16.82 -4.86 34.88
C5 NAG R . -17.90 -4.31 35.82
C6 NAG R . -17.75 -4.81 37.24
C7 NAG R . -16.61 -0.85 32.08
C8 NAG R . -16.87 -0.34 30.69
N2 NAG R . -17.11 -2.06 32.36
O3 NAG R . -15.85 -4.61 32.69
O4 NAG R . -16.99 -6.27 34.76
O5 NAG R . -17.81 -2.88 35.87
O6 NAG R . -16.78 -4.06 37.95
O7 NAG R . -15.98 -0.21 32.90
C1 NAG S . -2.39 -52.31 11.94
C2 NAG S . -2.09 -52.93 10.58
C3 NAG S . -3.16 -52.53 9.56
C4 NAG S . -4.57 -52.66 10.14
C5 NAG S . -4.62 -52.02 11.51
C6 NAG S . -5.95 -52.18 12.21
C7 NAG S . -0.25 -52.93 8.98
C8 NAG S . 1.09 -52.37 8.64
N2 NAG S . -0.79 -52.50 10.11
O3 NAG S . -3.06 -53.36 8.42
O4 NAG S . -5.50 -52.02 9.29
O5 NAG S . -3.65 -52.66 12.34
O6 NAG S . -5.97 -51.48 13.43
O7 NAG S . -0.84 -53.71 8.24
C1 NAG T . 4.14 -13.69 2.94
C2 NAG T . 3.99 -12.18 3.05
C3 NAG T . 4.04 -11.55 1.67
C4 NAG T . 5.30 -11.99 0.93
C5 NAG T . 5.38 -13.51 0.92
C6 NAG T . 6.67 -14.02 0.32
C7 NAG T . 2.67 -11.69 5.06
C8 NAG T . 1.33 -11.31 5.59
N2 NAG T . 2.76 -11.83 3.74
O3 NAG T . 4.03 -10.13 1.81
O4 NAG T . 5.26 -11.51 -0.41
O5 NAG T . 5.34 -14.00 2.27
O6 NAG T . 7.69 -14.13 1.29
O7 NAG T . 3.64 -11.86 5.79
C1 NAG U . -71.04 -42.79 37.61
C2 NAG U . -71.95 -42.10 36.60
C3 NAG U . -73.29 -42.83 36.52
C4 NAG U . -73.06 -44.32 36.24
C5 NAG U . -72.07 -44.90 37.24
C6 NAG U . -71.70 -46.33 36.95
C7 NAG U . -71.76 -39.67 36.20
C8 NAG U . -72.06 -38.31 36.73
N2 NAG U . -72.16 -40.70 36.96
O3 NAG U . -74.07 -42.26 35.48
O4 NAG U . -74.29 -45.01 36.34
O5 NAG U . -70.85 -44.14 37.22
O6 NAG U . -71.26 -46.50 35.62
O7 NAG U . -71.19 -39.83 35.12
C1 NAG V . -5.53 27.97 -34.94
C2 NAG V . -6.46 29.10 -35.37
C3 NAG V . -7.93 28.67 -35.28
C4 NAG V . -8.16 27.29 -35.86
C5 NAG V . -7.14 26.32 -35.30
C6 NAG V . -7.26 24.93 -35.85
C7 NAG V . -6.89 31.41 -34.67
C8 NAG V . -6.51 32.50 -33.72
N2 NAG V . -6.23 30.26 -34.55
O3 NAG V . -8.72 29.61 -35.99
O4 NAG V . -9.47 26.84 -35.54
O5 NAG V . -5.85 26.80 -35.63
O6 NAG V . -6.18 24.10 -35.43
O7 NAG V . -7.75 31.57 -35.52
C1 NAG W . -10.79 23.80 4.68
C2 NAG W . -10.88 23.08 6.02
C3 NAG W . -12.14 23.51 6.75
C4 NAG W . -12.18 25.03 6.87
C5 NAG W . -11.99 25.67 5.50
C6 NAG W . -11.87 27.17 5.55
C7 NAG W . -9.75 20.92 5.73
C8 NAG W . -9.92 19.45 5.55
N2 NAG W . -10.87 21.63 5.83
O3 NAG W . -12.15 22.93 8.05
O4 NAG W . -13.44 25.44 7.40
O5 NAG W . -10.78 25.18 4.90
O6 NAG W . -10.51 27.58 5.65
O7 NAG W . -8.64 21.45 5.78
C1 NAG X . 16.34 -32.38 -32.82
C2 NAG X . 16.41 -33.83 -33.20
C3 NAG X . 16.12 -34.03 -34.68
C4 NAG X . 14.87 -33.27 -35.09
C5 NAG X . 14.94 -31.84 -34.60
C6 NAG X . 13.70 -31.04 -34.88
C7 NAG X . 18.05 -35.64 -32.97
C8 NAG X . 19.45 -35.99 -32.58
N2 NAG X . 17.73 -34.35 -32.87
O3 NAG X . 15.94 -35.42 -34.92
O4 NAG X . 14.73 -33.28 -36.51
O5 NAG X . 15.12 -31.86 -33.19
O6 NAG X . 13.62 -29.89 -34.06
O7 NAG X . 17.25 -36.47 -33.35
C1 NAG Y . 49.51 -17.01 -49.32
C2 NAG Y . 50.39 -15.97 -49.99
C3 NAG Y . 51.24 -16.61 -51.07
C4 NAG Y . 52.00 -17.81 -50.51
C5 NAG Y . 51.02 -18.76 -49.83
C6 NAG Y . 51.70 -19.93 -49.16
C7 NAG Y . 49.32 -13.76 -49.90
C8 NAG Y . 48.46 -12.78 -50.65
N2 NAG Y . 49.59 -14.90 -50.55
O3 NAG Y . 52.17 -15.66 -51.58
O4 NAG Y . 52.66 -18.50 -51.55
O5 NAG Y . 50.30 -18.06 -48.81
O6 NAG Y . 52.40 -19.53 -47.98
O7 NAG Y . 49.75 -13.52 -48.78
#